data_9NVL
#
_entry.id   9NVL
#
_cell.length_a   1.00
_cell.length_b   1.00
_cell.length_c   1.00
_cell.angle_alpha   90.00
_cell.angle_beta   90.00
_cell.angle_gamma   90.00
#
_symmetry.space_group_name_H-M   'P 1'
#
loop_
_entity.id
_entity.type
_entity.pdbx_description
1 polymer 'ATPase Hybrid F1 with the ancestral core domains Chain A'
2 polymer 'ATPase Hybrid F1 with the ancestral core domains Chain D'
3 polymer 'ATP synthase gamma chain'
4 non-polymer 'MAGNESIUM ION'
5 non-polymer "ADENOSINE-5'-TRIPHOSPHATE"
6 non-polymer 'PHOSPHATE ION'
7 non-polymer "ADENOSINE-5'-DIPHOSPHATE"
#
loop_
_entity_poly.entity_id
_entity_poly.type
_entity_poly.pdbx_seq_one_letter_code
_entity_poly.pdbx_strand_id
1 'polypeptide(L)'
;MSHHHHHHGSIRAEEISALIKQQIENYESQIQVSDVGTVIQVGDGIARAHGLDNVMSGELVEFANGVMGMALNLEENNVG
IVILGPYTGIKEGDEVRRTGRIMEVPVGEELIGRVVNALGQPIDGKGPINAKEFRPVERKAPGVVDRQPVKEPLQTGIKA
IDAMIPIGRGQRELIIGDRQTGKTAIAIDTIINQKGQDVICIYVAIGQKQSTVAQVVKTLEEHGAMEYTIVVAATASDPA
ALQYIAPYAGCAMGEYFRDKGKHALVVYDDLSKHAVAYRQISLLLRRPPGREAYPGDVFYLHSRLLERAAKLSDEKGGGS
LTALPIIETQAGDVSAYIPTNVISITDGQIYLESDLFYSGIRPAINVGLSVSRVGGAAQIKAMKQVAGKLRLDLAQYREL
QAFAQFASDLDEATRAQLERGQRMTEILKQPQYSPMPVEKQVVIIYAGTNGYLDDIPVEKVKEFEDGFLEYIESKHPDIL
EEIREKKALDDELEEKLKKAIKEFKATFK
;
A,B,C
2 'polypeptide(L)'
;MHHHHHHHHHHMTRGRVIQVMGPVVDVKFENGHLPAIYNALKIQHKARNENEVDIDLTLEVALHLGDDTVRTIAMASTDG
LIRGMEVIDTGAPISVPVGPETLGRMFDVLGEPIDEKGPVKAKKRWPIHRPPPSLSEQSTEDEILETGIKVIDLLAPIPK
GGKIGLFGGAGVGKTVLIMELIRNIAYEHKGFSVFAGVGERSREGNELWLEMKESGVLDNTVLVFGQMNEPPGARFRVAL
TGLTMAEYFRDEEGKDVLLFIDNIFRFAQAGSEVSALLGRMPSEVGYQPTLATEMAELQERITSTRRGSITSVQAIYVPA
DDLTDPAPATTFAHLDATIVLSRELAEKGIYPAVDPLQSTSRIMDPRIVSEEHYEVARRVREILQRYKDLQDIIAILGME
ELSEEDKLIVQRARKIQRFLSQPFHVAEHFTGRPGKYVPIEDTIRGFKEILDGKLDDVPEQAFYMVGTIEEAVEKAKKMK
KE
;
D,E,F
3 'polypeptide(L)'
;MASLRDIKTRINATKKTSQITKAMEMVSTSKLNRAEQNAKSFVPYMEKIQEVVANVALGAGGASHPMLVSRPVKKTGYLV
ITSDRGLAGAYNSNVLRLVYQTIQKRHACPDEYAIIVIGRVGLSFFRKRNMPVILDITRLPDQPSFADIKEIARKTVGLF
ADGTFDELYMYYNHYVSAIQQEVTERKLLPLTDLAENKQRTVYEFEPSQEECLDVLLPQYAESLIYGALLDAKASEHAAR
MTAMKNATDNANELIRTLTLSYNRARQAAITQEITEIVAGANALQ
;
G
#
loop_
_chem_comp.id
_chem_comp.type
_chem_comp.name
_chem_comp.formula
ADP non-polymer ADENOSINE-5'-DIPHOSPHATE 'C10 H15 N5 O10 P2'
ATP non-polymer ADENOSINE-5'-TRIPHOSPHATE 'C10 H16 N5 O13 P3'
MG non-polymer 'MAGNESIUM ION' 'Mg 2'
PO4 non-polymer 'PHOSPHATE ION' 'O4 P -3'
#
# COMPACT_ATOMS: atom_id res chain seq x y z
N SER A 34 29.95 34.06 29.96
CA SER A 34 30.46 33.22 31.07
C SER A 34 30.37 31.73 30.75
N ASP A 35 31.10 30.92 31.53
CA ASP A 35 31.20 29.46 31.50
C ASP A 35 29.95 28.67 31.97
N VAL A 36 29.07 29.31 32.73
CA VAL A 36 27.88 28.70 33.35
C VAL A 36 26.54 29.24 32.86
N GLY A 37 25.53 28.38 32.83
CA GLY A 37 24.17 28.67 32.42
C GLY A 37 23.16 28.02 33.35
N THR A 38 21.87 28.31 33.14
CA THR A 38 20.78 27.79 33.96
C THR A 38 19.68 27.13 33.15
N VAL A 39 19.17 25.99 33.60
CA VAL A 39 18.11 25.26 32.89
C VAL A 39 16.79 26.03 32.90
N ILE A 40 16.12 26.12 31.74
CA ILE A 40 14.83 26.80 31.55
C ILE A 40 13.68 25.87 31.13
N GLN A 41 13.94 24.64 30.72
CA GLN A 41 12.92 23.66 30.34
C GLN A 41 13.55 22.27 30.29
N VAL A 42 12.80 21.23 30.68
CA VAL A 42 13.27 19.82 30.69
C VAL A 42 12.13 18.91 30.25
N GLY A 43 12.40 18.10 29.23
CA GLY A 43 11.47 17.13 28.67
C GLY A 43 12.03 15.73 28.84
N ASP A 44 11.78 14.83 27.89
CA ASP A 44 12.29 13.46 28.00
C ASP A 44 13.74 13.39 27.49
N GLY A 45 14.72 13.76 28.32
CA GLY A 45 16.13 13.62 27.92
C GLY A 45 16.69 14.78 27.10
N ILE A 46 15.88 15.80 26.83
CA ILE A 46 16.24 17.01 26.10
C ILE A 46 16.02 18.17 27.07
N ALA A 47 16.90 19.16 27.09
CA ALA A 47 16.79 20.32 27.95
C ALA A 47 17.17 21.59 27.18
N ARG A 48 16.78 22.73 27.73
CA ARG A 48 17.10 24.06 27.20
C ARG A 48 17.64 24.90 28.32
N ALA A 49 18.68 25.66 28.06
CA ALA A 49 19.33 26.49 29.07
C ALA A 49 19.63 27.90 28.59
N HIS A 50 19.58 28.85 29.52
CA HIS A 50 19.95 30.24 29.34
C HIS A 50 21.45 30.39 29.68
N GLY A 51 22.12 31.45 29.23
CA GLY A 51 23.56 31.64 29.49
C GLY A 51 24.40 30.80 28.52
N LEU A 52 25.53 30.23 29.00
CA LEU A 52 26.49 29.43 28.19
C LEU A 52 27.01 30.18 26.95
N ASP A 53 27.25 31.49 27.08
CA ASP A 53 27.64 32.38 25.97
C ASP A 53 28.77 31.86 25.08
N ASN A 54 29.85 31.34 25.69
CA ASN A 54 31.03 30.88 24.98
C ASN A 54 31.05 29.36 24.67
N VAL A 55 29.96 28.61 24.88
CA VAL A 55 29.94 27.17 24.54
C VAL A 55 30.11 26.98 23.03
N MET A 56 30.65 25.86 22.59
CA MET A 56 30.85 25.58 21.16
C MET A 56 29.99 24.42 20.66
N SER A 57 29.60 24.43 19.39
CA SER A 57 28.77 23.38 18.81
C SER A 57 29.41 21.99 19.00
N GLY A 58 28.71 21.04 19.61
CA GLY A 58 29.19 19.67 19.88
C GLY A 58 29.96 19.51 21.21
N GLU A 59 30.10 20.55 22.01
CA GLU A 59 30.81 20.52 23.31
C GLU A 59 30.09 19.69 24.39
N LEU A 60 30.86 19.06 25.29
CA LEU A 60 30.30 18.35 26.44
C LEU A 60 30.04 19.39 27.53
N VAL A 61 28.89 19.29 28.17
CA VAL A 61 28.41 20.18 29.23
C VAL A 61 28.06 19.34 30.46
N GLU A 62 28.28 19.87 31.66
CA GLU A 62 28.04 19.04 32.88
C GLU A 62 26.91 19.61 33.74
N PHE A 63 26.06 18.74 34.29
CA PHE A 63 24.94 19.19 35.16
C PHE A 63 25.40 19.18 36.61
N ALA A 64 24.74 19.95 37.48
CA ALA A 64 25.13 20.04 38.91
C ALA A 64 25.07 18.66 39.56
N ASN A 65 24.09 17.85 39.18
CA ASN A 65 23.96 16.47 39.72
C ASN A 65 25.21 15.67 39.37
N GLY A 66 25.75 15.86 38.16
CA GLY A 66 26.93 15.10 37.72
C GLY A 66 26.70 14.46 36.36
N VAL A 67 25.44 14.42 35.93
CA VAL A 67 25.10 13.84 34.60
C VAL A 67 25.67 14.76 33.51
N MET A 68 25.81 14.26 32.28
CA MET A 68 26.46 15.06 31.22
C MET A 68 25.52 15.22 30.02
N GLY A 69 25.75 16.25 29.19
CA GLY A 69 24.96 16.47 27.99
C GLY A 69 25.73 17.14 26.86
N MET A 70 25.24 16.96 25.63
CA MET A 70 25.80 17.54 24.40
C MET A 70 25.12 18.86 24.07
N ALA A 71 25.86 19.94 23.81
CA ALA A 71 25.29 21.19 23.33
C ALA A 71 25.04 21.07 21.80
N LEU A 72 23.84 20.67 21.36
CA LEU A 72 23.50 20.52 19.94
C LEU A 72 23.15 21.83 19.19
N ASN A 73 22.14 22.56 19.67
CA ASN A 73 21.63 23.76 19.00
C ASN A 73 21.96 25.03 19.75
N LEU A 74 22.56 26.02 19.08
CA LEU A 74 22.88 27.31 19.69
C LEU A 74 21.92 28.34 19.08
N GLU A 75 21.07 28.98 19.89
CA GLU A 75 20.06 29.98 19.48
C GLU A 75 20.49 31.38 19.95
N GLU A 76 19.69 32.44 19.77
CA GLU A 76 20.13 33.77 20.25
C GLU A 76 20.20 33.82 21.78
N ASN A 77 19.25 33.19 22.47
CA ASN A 77 19.08 33.31 23.93
C ASN A 77 19.02 31.97 24.68
N ASN A 78 19.14 30.82 24.00
CA ASN A 78 19.12 29.52 24.66
C ASN A 78 19.96 28.46 23.94
N VAL A 79 20.35 27.40 24.66
CA VAL A 79 21.13 26.27 24.14
C VAL A 79 20.33 25.00 24.34
N GLY A 80 20.16 24.20 23.28
CA GLY A 80 19.48 22.92 23.31
C GLY A 80 20.48 21.82 23.66
N ILE A 81 20.28 21.14 24.79
CA ILE A 81 21.18 20.12 25.33
C ILE A 81 20.55 18.72 25.32
N VAL A 82 21.28 17.71 24.84
CA VAL A 82 20.82 16.32 24.85
C VAL A 82 21.49 15.62 26.04
N ILE A 83 20.71 15.03 26.96
CA ILE A 83 21.22 14.40 28.18
C ILE A 83 21.72 12.96 27.96
N LEU A 84 22.92 12.68 28.47
CA LEU A 84 23.67 11.42 28.37
C LEU A 84 23.58 10.54 29.63
N GLY A 85 22.45 10.58 30.34
CA GLY A 85 22.21 9.82 31.56
C GLY A 85 20.77 9.98 32.04
N PRO A 86 20.47 9.66 33.31
CA PRO A 86 19.13 9.79 33.87
C PRO A 86 18.75 11.28 34.01
N TYR A 87 17.72 11.69 33.28
CA TYR A 87 17.26 13.09 33.28
C TYR A 87 16.33 13.45 34.44
N THR A 88 15.72 12.48 35.11
CA THR A 88 14.73 12.71 36.18
C THR A 88 15.25 13.49 37.40
N GLY A 89 16.56 13.63 37.57
CA GLY A 89 17.17 14.41 38.64
C GLY A 89 17.42 15.88 38.27
N ILE A 90 17.16 16.27 37.02
CA ILE A 90 17.37 17.62 36.49
C ILE A 90 16.04 18.41 36.54
N LYS A 91 16.09 19.65 37.02
CA LYS A 91 14.96 20.57 37.18
C LYS A 91 15.25 21.95 36.59
N GLU A 92 14.19 22.71 36.35
CA GLU A 92 14.31 24.09 35.90
C GLU A 92 14.99 24.90 37.01
N GLY A 93 15.97 25.75 36.67
CA GLY A 93 16.75 26.52 37.63
C GLY A 93 18.08 25.86 38.04
N ASP A 94 18.37 24.62 37.62
CA ASP A 94 19.61 23.95 37.94
C ASP A 94 20.77 24.56 37.17
N GLU A 95 21.93 24.61 37.81
CA GLU A 95 23.13 25.14 37.19
C GLU A 95 23.74 24.12 36.23
N VAL A 96 24.21 24.58 35.07
CA VAL A 96 24.87 23.74 34.07
C VAL A 96 26.15 24.43 33.62
N ARG A 97 27.29 23.72 33.59
CA ARG A 97 28.62 24.30 33.28
C ARG A 97 29.28 23.68 32.06
N ARG A 98 30.01 24.48 31.28
CA ARG A 98 30.73 23.97 30.09
C ARG A 98 32.02 23.25 30.49
N THR A 99 32.35 22.15 29.83
CA THR A 99 33.61 21.41 30.13
C THR A 99 34.83 21.93 29.38
N GLY A 100 34.65 22.76 28.34
CA GLY A 100 35.70 23.32 27.50
C GLY A 100 36.30 22.32 26.52
N ARG A 101 35.60 21.21 26.22
CA ARG A 101 36.07 20.15 25.32
C ARG A 101 34.97 19.59 24.41
N ILE A 102 35.32 19.30 23.15
CA ILE A 102 34.40 18.64 22.22
C ILE A 102 34.27 17.20 22.73
N MET A 103 33.10 16.61 22.50
CA MET A 103 32.78 15.25 22.90
C MET A 103 33.83 14.25 22.39
N GLU A 104 34.58 13.72 23.35
CA GLU A 104 35.71 12.83 23.23
C GLU A 104 35.57 11.65 24.16
N VAL A 105 36.21 10.56 23.75
CA VAL A 105 36.24 9.29 24.45
C VAL A 105 37.71 8.89 24.67
N PRO A 106 38.08 8.31 25.83
CA PRO A 106 39.44 7.82 26.10
C PRO A 106 39.77 6.65 25.20
N VAL A 107 41.04 6.60 24.79
CA VAL A 107 41.64 5.59 23.91
C VAL A 107 43.05 5.27 24.38
N GLY A 108 43.52 4.11 23.95
CA GLY A 108 44.85 3.67 24.29
C GLY A 108 44.86 2.18 24.58
N GLU A 109 46.02 1.68 25.01
CA GLU A 109 46.23 0.28 25.37
C GLU A 109 45.54 -0.11 26.65
N GLU A 110 45.31 0.86 27.55
CA GLU A 110 44.67 0.63 28.85
C GLU A 110 43.22 0.14 28.78
N LEU A 111 42.53 0.30 27.65
CA LEU A 111 41.16 -0.14 27.48
C LEU A 111 40.99 -1.63 27.17
N ILE A 112 42.06 -2.33 26.75
CA ILE A 112 41.96 -3.75 26.37
C ILE A 112 41.58 -4.62 27.57
N GLY A 113 40.62 -5.51 27.38
CA GLY A 113 40.14 -6.38 28.43
C GLY A 113 39.22 -5.75 29.41
N ARG A 114 38.44 -4.76 29.00
CA ARG A 114 37.52 -4.05 29.87
C ARG A 114 36.15 -3.87 29.23
N VAL A 115 35.15 -3.63 30.08
CA VAL A 115 33.79 -3.36 29.64
C VAL A 115 33.49 -1.93 30.06
N VAL A 116 33.05 -1.11 29.09
CA VAL A 116 32.79 0.31 29.29
C VAL A 116 31.47 0.76 28.70
N ASN A 117 30.98 1.91 29.20
CA ASN A 117 29.76 2.49 28.63
C ASN A 117 30.11 3.33 27.40
N ALA A 118 29.13 3.91 26.70
CA ALA A 118 29.36 4.71 25.49
C ALA A 118 30.23 5.96 25.70
N LEU A 119 30.37 6.45 26.92
CA LEU A 119 31.24 7.59 27.26
C LEU A 119 32.63 7.10 27.73
N GLY A 120 32.91 5.80 27.67
CA GLY A 120 34.21 5.21 28.05
C GLY A 120 34.28 4.86 29.52
N GLN A 121 33.27 5.26 30.32
CA GLN A 121 33.26 4.98 31.78
C GLN A 121 33.20 3.47 32.02
N PRO A 122 33.95 2.92 33.01
CA PRO A 122 33.99 1.47 33.24
C PRO A 122 32.68 0.91 33.83
N ILE A 123 32.29 -0.29 33.41
CA ILE A 123 31.04 -0.92 33.92
C ILE A 123 31.32 -2.39 34.26
N ASP A 124 32.59 -2.73 34.52
CA ASP A 124 32.97 -4.13 34.82
C ASP A 124 33.34 -4.25 36.31
N GLY A 125 33.50 -3.11 37.00
CA GLY A 125 33.85 -3.11 38.43
C GLY A 125 35.31 -3.39 38.67
N LYS A 126 36.10 -3.49 37.58
CA LYS A 126 37.55 -3.81 37.71
C LYS A 126 38.33 -2.52 37.93
N GLY A 127 37.72 -1.52 38.59
CA GLY A 127 38.41 -0.28 38.88
C GLY A 127 38.49 0.76 37.75
N PRO A 128 39.22 1.86 38.02
CA PRO A 128 39.37 2.94 37.02
C PRO A 128 40.28 2.63 35.83
N ILE A 129 40.17 3.46 34.80
CA ILE A 129 41.03 3.31 33.58
C ILE A 129 41.89 4.57 33.49
N ASN A 130 43.19 4.43 33.18
CA ASN A 130 44.08 5.62 33.15
C ASN A 130 44.52 5.92 31.71
N ALA A 131 43.58 5.92 30.76
CA ALA A 131 43.91 6.24 29.35
C ALA A 131 44.53 7.64 29.30
N LYS A 132 45.59 7.81 28.50
CA LYS A 132 46.29 9.12 28.43
C LYS A 132 45.89 9.85 27.16
N GLU A 133 45.16 9.18 26.27
CA GLU A 133 44.78 9.80 24.97
C GLU A 133 43.26 9.85 24.82
N PHE A 134 42.72 10.97 24.34
CA PHE A 134 41.25 11.10 24.11
C PHE A 134 41.01 11.61 22.69
N ARG A 135 40.14 10.94 21.94
CA ARG A 135 39.90 11.32 20.52
C ARG A 135 38.41 11.62 20.32
N PRO A 136 38.02 12.64 19.53
CA PRO A 136 36.60 12.86 19.24
C PRO A 136 35.92 11.63 18.63
N VAL A 137 34.61 11.51 18.83
CA VAL A 137 33.81 10.44 18.22
C VAL A 137 33.40 10.84 16.79
N GLU A 138 33.57 12.12 16.44
CA GLU A 138 33.36 12.73 15.12
C GLU A 138 34.72 13.11 14.51
N ARG A 139 35.11 12.35 13.49
CA ARG A 139 36.33 12.49 12.66
C ARG A 139 35.95 12.32 11.19
N LYS A 140 36.64 13.00 10.27
CA LYS A 140 36.40 12.75 8.83
C LYS A 140 37.12 11.47 8.44
N ALA A 141 36.52 10.63 7.61
CA ALA A 141 37.13 9.35 7.18
C ALA A 141 38.39 9.61 6.36
N PRO A 142 39.21 8.58 6.07
CA PRO A 142 40.36 8.76 5.19
C PRO A 142 39.99 9.19 3.76
N GLY A 143 40.77 10.09 3.16
CA GLY A 143 40.55 10.57 1.79
C GLY A 143 40.84 9.53 0.69
N VAL A 144 40.66 9.91 -0.57
CA VAL A 144 40.87 9.03 -1.74
C VAL A 144 42.32 8.54 -1.85
N VAL A 145 43.32 9.38 -1.57
CA VAL A 145 44.75 9.06 -1.67
C VAL A 145 45.37 8.47 -0.40
N ASP A 146 44.73 8.63 0.76
CA ASP A 146 45.12 8.01 2.04
C ASP A 146 44.87 6.49 2.07
N ARG A 147 44.15 5.94 1.11
CA ARG A 147 43.75 4.52 1.05
C ARG A 147 44.53 3.71 0.01
N GLN A 148 44.31 2.39 0.02
CA GLN A 148 44.83 1.42 -0.95
C GLN A 148 43.85 0.23 -0.99
N PRO A 149 43.78 -0.58 -2.04
CA PRO A 149 42.88 -1.72 -2.06
C PRO A 149 43.33 -2.76 -1.02
N VAL A 150 42.39 -3.53 -0.47
CA VAL A 150 42.71 -4.54 0.56
C VAL A 150 43.34 -5.79 -0.08
N LYS A 151 44.54 -6.19 0.38
CA LYS A 151 45.31 -7.34 -0.11
C LYS A 151 45.61 -8.47 0.89
N GLU A 152 45.27 -8.30 2.17
CA GLU A 152 45.51 -9.31 3.23
C GLU A 152 44.17 -9.71 3.89
N PRO A 153 43.94 -11.01 4.17
CA PRO A 153 42.67 -11.50 4.69
C PRO A 153 42.44 -11.34 6.21
N LEU A 154 41.18 -11.46 6.61
CA LEU A 154 40.72 -11.49 8.00
C LEU A 154 40.07 -12.86 8.17
N GLN A 155 40.70 -13.78 8.90
CA GLN A 155 40.19 -15.14 9.07
C GLN A 155 39.08 -15.18 10.13
N THR A 156 37.84 -15.57 9.77
CA THR A 156 36.70 -15.64 10.72
C THR A 156 36.62 -16.96 11.47
N GLY A 157 37.16 -18.03 10.90
CA GLY A 157 37.20 -19.37 11.42
C GLY A 157 36.00 -20.21 11.03
N ILE A 158 35.11 -19.64 10.23
CA ILE A 158 33.89 -20.28 9.77
C ILE A 158 34.10 -20.80 8.37
N LYS A 159 33.98 -22.12 8.17
CA LYS A 159 34.21 -22.83 6.89
C LYS A 159 33.35 -22.36 5.71
N ALA A 160 32.16 -21.83 5.98
CA ALA A 160 31.29 -21.30 4.93
C ALA A 160 31.72 -19.88 4.55
N ILE A 161 32.14 -19.06 5.52
CA ILE A 161 32.55 -17.67 5.23
C ILE A 161 33.94 -17.59 4.61
N ASP A 162 34.97 -18.11 5.27
CA ASP A 162 36.36 -18.04 4.78
C ASP A 162 36.60 -18.67 3.39
N ALA A 163 35.76 -19.62 2.96
CA ALA A 163 35.83 -20.26 1.64
C ALA A 163 34.94 -19.60 0.56
N MET A 164 33.68 -19.24 0.86
CA MET A 164 32.72 -18.68 -0.10
C MET A 164 32.47 -17.18 -0.03
N ILE A 165 32.70 -16.54 1.11
CA ILE A 165 32.45 -15.12 1.32
C ILE A 165 33.70 -14.49 1.95
N PRO A 166 34.86 -14.46 1.27
CA PRO A 166 36.09 -13.95 1.84
C PRO A 166 35.96 -12.55 2.40
N ILE A 167 36.74 -12.24 3.43
CA ILE A 167 36.76 -10.95 4.09
C ILE A 167 38.20 -10.44 4.15
N GLY A 168 38.42 -9.19 3.76
CA GLY A 168 39.70 -8.50 3.81
C GLY A 168 39.91 -7.82 5.15
N ARG A 169 41.05 -7.17 5.38
CA ARG A 169 41.36 -6.59 6.72
C ARG A 169 40.84 -5.16 6.79
N GLY A 170 40.33 -4.55 5.72
CA GLY A 170 39.78 -3.18 5.71
C GLY A 170 38.40 -3.08 5.08
N GLN A 171 37.68 -4.20 4.95
CA GLN A 171 36.35 -4.32 4.36
C GLN A 171 35.20 -4.09 5.35
N ARG A 172 34.01 -3.72 4.83
CA ARG A 172 32.77 -3.54 5.60
C ARG A 172 31.75 -4.55 5.11
N GLU A 173 31.58 -5.64 5.85
CA GLU A 173 30.64 -6.72 5.53
C GLU A 173 29.42 -6.66 6.48
N LEU A 174 28.21 -6.83 5.97
CA LEU A 174 26.97 -6.79 6.76
C LEU A 174 26.47 -8.19 7.11
N ILE A 175 26.08 -8.44 8.36
CA ILE A 175 25.46 -9.71 8.76
C ILE A 175 23.97 -9.39 8.86
N ILE A 176 23.12 -10.06 8.09
CA ILE A 176 21.69 -9.74 8.03
C ILE A 176 20.75 -10.96 8.07
N GLY A 177 19.65 -10.85 8.80
CA GLY A 177 18.66 -11.92 8.93
C GLY A 177 17.61 -11.67 10.01
N ASP A 178 16.72 -12.64 10.20
CA ASP A 178 15.64 -12.56 11.20
C ASP A 178 16.19 -12.62 12.64
N ARG A 179 15.42 -12.18 13.65
CA ARG A 179 15.82 -12.28 15.08
C ARG A 179 16.01 -13.74 15.46
N GLN A 180 16.96 -14.03 16.37
CA GLN A 180 17.26 -15.38 16.85
C GLN A 180 17.61 -16.36 15.71
N THR A 181 18.66 -16.03 14.94
CA THR A 181 19.19 -16.83 13.81
C THR A 181 20.71 -17.03 13.83
N GLY A 182 21.43 -16.48 14.82
CA GLY A 182 22.88 -16.62 14.96
C GLY A 182 23.76 -15.41 14.61
N LYS A 183 23.21 -14.21 14.41
CA LYS A 183 23.97 -13.01 14.02
C LYS A 183 25.10 -12.62 14.97
N THR A 184 24.88 -12.64 16.30
CA THR A 184 25.98 -12.35 17.23
C THR A 184 26.91 -13.55 17.37
N ALA A 185 26.42 -14.79 17.30
CA ALA A 185 27.28 -15.97 17.38
C ALA A 185 28.38 -15.94 16.28
N ILE A 186 28.07 -15.53 15.05
CA ILE A 186 29.07 -15.41 13.97
C ILE A 186 30.12 -14.35 14.32
N ALA A 187 29.71 -13.21 14.88
CA ALA A 187 30.62 -12.16 15.30
C ALA A 187 31.52 -12.61 16.48
N ILE A 188 30.97 -13.31 17.49
CA ILE A 188 31.75 -13.83 18.61
C ILE A 188 32.70 -14.94 18.13
N ASP A 189 32.28 -15.82 17.23
CA ASP A 189 33.16 -16.87 16.67
C ASP A 189 34.35 -16.24 15.92
N THR A 190 34.12 -15.11 15.23
CA THR A 190 35.15 -14.36 14.53
C THR A 190 36.15 -13.80 15.53
N ILE A 191 35.70 -13.16 16.61
CA ILE A 191 36.59 -12.59 17.62
C ILE A 191 37.43 -13.69 18.30
N ILE A 192 36.83 -14.85 18.60
CA ILE A 192 37.55 -15.97 19.24
C ILE A 192 38.63 -16.55 18.30
N ASN A 193 38.42 -16.51 16.98
CA ASN A 193 39.41 -16.98 15.99
C ASN A 193 40.65 -16.10 15.86
N GLN A 194 40.55 -14.83 16.24
CA GLN A 194 41.61 -13.82 16.20
C GLN A 194 42.69 -13.94 17.31
N LYS A 195 42.75 -15.06 18.04
CA LYS A 195 43.68 -15.26 19.16
C LYS A 195 45.15 -15.21 18.75
N GLY A 196 45.51 -15.77 17.60
CA GLY A 196 46.89 -15.76 17.15
C GLY A 196 47.29 -14.54 16.35
N GLN A 197 46.38 -13.97 15.55
CA GLN A 197 46.64 -12.79 14.72
C GLN A 197 46.74 -11.51 15.56
N ASP A 198 47.48 -10.51 15.08
CA ASP A 198 47.67 -9.22 15.77
C ASP A 198 46.49 -8.24 15.54
N VAL A 199 45.24 -8.69 15.72
CA VAL A 199 44.01 -7.90 15.54
C VAL A 199 43.38 -7.59 16.91
N ILE A 200 43.12 -6.32 17.20
CA ILE A 200 42.45 -5.89 18.43
C ILE A 200 40.96 -5.85 18.04
N CYS A 201 40.11 -6.54 18.78
CA CYS A 201 38.68 -6.64 18.50
C CYS A 201 37.86 -5.72 19.39
N ILE A 202 36.94 -4.96 18.80
CA ILE A 202 36.03 -4.11 19.59
C ILE A 202 34.58 -4.50 19.30
N TYR A 203 33.84 -4.79 20.36
CA TYR A 203 32.44 -5.18 20.31
C TYR A 203 31.58 -4.07 20.92
N VAL A 204 30.63 -3.53 20.14
CA VAL A 204 29.74 -2.46 20.56
C VAL A 204 28.31 -2.99 20.64
N ALA A 205 27.76 -3.00 21.84
CA ALA A 205 26.38 -3.41 22.11
C ALA A 205 25.46 -2.17 22.12
N ILE A 206 24.52 -2.08 21.16
CA ILE A 206 23.54 -0.97 21.06
C ILE A 206 22.13 -1.49 21.35
N GLY A 207 21.50 -1.00 22.42
CA GLY A 207 20.15 -1.39 22.83
C GLY A 207 19.99 -2.88 23.16
N GLN A 208 21.02 -3.56 23.70
CA GLN A 208 20.93 -5.02 23.99
C GLN A 208 20.54 -5.21 25.46
N LYS A 209 19.95 -6.36 25.80
CA LYS A 209 19.56 -6.69 27.19
C LYS A 209 20.80 -6.90 28.03
N GLN A 210 20.88 -6.38 29.26
CA GLN A 210 22.10 -6.49 30.11
C GLN A 210 22.46 -7.96 30.29
N SER A 211 21.46 -8.84 30.36
CA SER A 211 21.70 -10.29 30.56
C SER A 211 22.52 -10.86 29.39
N THR A 212 22.11 -10.60 28.15
CA THR A 212 22.83 -11.07 26.94
C THR A 212 24.23 -10.46 26.90
N VAL A 213 24.37 -9.22 27.37
CA VAL A 213 25.67 -8.52 27.42
C VAL A 213 26.61 -9.26 28.39
N ALA A 214 26.08 -9.63 29.56
CA ALA A 214 26.79 -10.40 30.58
C ALA A 214 27.18 -11.79 30.03
N GLN A 215 26.30 -12.44 29.28
CA GLN A 215 26.57 -13.73 28.66
C GLN A 215 27.70 -13.65 27.62
N VAL A 216 27.76 -12.55 26.85
CA VAL A 216 28.82 -12.27 25.88
C VAL A 216 30.14 -12.05 26.60
N VAL A 217 30.18 -11.20 27.63
CA VAL A 217 31.43 -10.95 28.38
C VAL A 217 31.97 -12.25 28.99
N LYS A 218 31.13 -13.10 29.56
CA LYS A 218 31.59 -14.39 30.12
C LYS A 218 32.05 -15.37 29.04
N THR A 219 31.40 -15.42 27.88
CA THR A 219 31.85 -16.30 26.78
C THR A 219 33.23 -15.85 26.29
N LEU A 220 33.46 -14.54 26.17
CA LEU A 220 34.76 -14.02 25.75
C LEU A 220 35.84 -14.34 26.78
N GLU A 221 35.56 -14.25 28.09
CA GLU A 221 36.52 -14.61 29.15
C GLU A 221 36.79 -16.12 29.19
N GLU A 222 35.79 -16.98 28.98
CA GLU A 222 35.94 -18.43 28.98
C GLU A 222 36.91 -18.90 27.87
N HIS A 223 36.88 -18.22 26.71
CA HIS A 223 37.73 -18.51 25.55
C HIS A 223 39.02 -17.68 25.51
N GLY A 224 39.27 -16.81 26.50
CA GLY A 224 40.44 -15.94 26.58
C GLY A 224 40.45 -14.72 25.64
N ALA A 225 39.37 -14.48 24.89
CA ALA A 225 39.28 -13.37 23.95
C ALA A 225 39.43 -11.99 24.59
N MET A 226 39.12 -11.85 25.89
CA MET A 226 39.27 -10.59 26.62
C MET A 226 40.73 -10.13 26.76
N GLU A 227 41.73 -10.95 26.42
CA GLU A 227 43.14 -10.50 26.46
C GLU A 227 43.47 -9.54 25.31
N TYR A 228 42.62 -9.50 24.27
CA TYR A 228 42.76 -8.67 23.06
C TYR A 228 41.42 -8.05 22.60
N THR A 229 40.41 -7.98 23.48
CA THR A 229 39.08 -7.43 23.16
C THR A 229 38.70 -6.28 24.08
N ILE A 230 37.89 -5.36 23.61
CA ILE A 230 37.28 -4.22 24.29
C ILE A 230 35.78 -4.34 24.04
N VAL A 231 34.97 -4.22 25.10
CA VAL A 231 33.50 -4.26 25.03
C VAL A 231 32.92 -2.91 25.42
N VAL A 232 32.14 -2.31 24.52
CA VAL A 232 31.46 -1.01 24.69
C VAL A 232 29.95 -1.28 24.76
N ALA A 233 29.25 -0.79 25.79
CA ALA A 233 27.83 -1.04 25.96
C ALA A 233 26.92 0.18 26.25
N ALA A 234 25.76 0.15 25.60
CA ALA A 234 24.64 1.07 25.72
C ALA A 234 23.44 0.13 25.61
N THR A 235 22.99 -0.36 26.75
CA THR A 235 21.91 -1.37 26.91
C THR A 235 20.50 -0.80 26.74
N ALA A 236 19.49 -1.66 26.57
CA ALA A 236 18.09 -1.28 26.36
C ALA A 236 17.51 -0.25 27.37
N SER A 237 17.97 -0.21 28.62
CA SER A 237 17.52 0.78 29.63
C SER A 237 18.29 2.11 29.58
N ASP A 238 19.41 2.20 28.87
CA ASP A 238 20.16 3.45 28.75
C ASP A 238 19.44 4.45 27.84
N PRO A 239 19.60 5.77 28.06
CA PRO A 239 18.93 6.79 27.25
C PRO A 239 19.27 6.66 25.76
N ALA A 240 18.33 7.02 24.88
CA ALA A 240 18.50 6.94 23.43
C ALA A 240 19.72 7.70 22.92
N ALA A 241 20.17 8.76 23.60
CA ALA A 241 21.36 9.51 23.23
C ALA A 241 22.64 8.64 23.32
N LEU A 242 22.77 7.78 24.35
CA LEU A 242 23.93 6.89 24.51
C LEU A 242 23.90 5.79 23.46
N GLN A 243 22.72 5.30 23.08
CA GLN A 243 22.57 4.31 22.02
C GLN A 243 22.92 4.90 20.64
N TYR A 244 22.82 6.22 20.49
CA TYR A 244 23.18 6.96 19.28
C TYR A 244 24.71 7.17 19.25
N ILE A 245 25.33 7.56 20.37
CA ILE A 245 26.78 7.77 20.46
C ILE A 245 27.61 6.47 20.47
N ALA A 246 27.09 5.33 20.94
CA ALA A 246 27.83 4.07 21.04
C ALA A 246 28.67 3.65 19.81
N PRO A 247 28.14 3.50 18.59
CA PRO A 247 28.96 3.10 17.44
C PRO A 247 30.10 4.08 17.12
N TYR A 248 29.91 5.39 17.30
CA TYR A 248 30.94 6.40 17.04
C TYR A 248 32.09 6.29 18.03
N ALA A 249 31.79 6.05 19.31
CA ALA A 249 32.81 5.86 20.36
C ALA A 249 33.59 4.58 20.11
N GLY A 250 32.92 3.48 19.76
CA GLY A 250 33.57 2.22 19.43
C GLY A 250 34.44 2.32 18.17
N CYS A 251 34.07 3.18 17.22
CA CYS A 251 34.82 3.42 16.00
C CYS A 251 36.06 4.26 16.33
N ALA A 252 35.95 5.27 17.20
CA ALA A 252 37.08 6.09 17.63
C ALA A 252 38.15 5.25 18.37
N MET A 253 37.76 4.21 19.13
CA MET A 253 38.73 3.32 19.78
C MET A 253 39.42 2.44 18.73
N GLY A 254 38.69 2.00 17.69
CA GLY A 254 39.22 1.22 16.58
C GLY A 254 40.21 2.02 15.72
N GLU A 255 40.03 3.34 15.59
CA GLU A 255 40.90 4.18 14.77
C GLU A 255 42.30 4.38 15.36
N TYR A 256 42.45 4.40 16.69
CA TYR A 256 43.79 4.56 17.30
C TYR A 256 44.82 3.50 16.87
N PHE A 257 44.38 2.25 16.72
CA PHE A 257 45.22 1.15 16.28
C PHE A 257 45.58 1.32 14.79
N ARG A 258 44.62 1.73 13.95
CA ARG A 258 44.82 2.03 12.52
C ARG A 258 45.79 3.22 12.34
N ASP A 259 45.71 4.27 13.14
CA ASP A 259 46.58 5.44 13.07
C ASP A 259 48.04 5.13 13.48
N LYS A 260 48.30 4.03 14.22
CA LYS A 260 49.60 3.55 14.62
C LYS A 260 50.07 2.38 13.77
N GLY A 261 49.39 2.03 12.67
CA GLY A 261 49.84 0.96 11.78
C GLY A 261 49.40 -0.46 12.15
N LYS A 262 48.67 -0.65 13.25
CA LYS A 262 48.14 -1.96 13.63
C LYS A 262 46.78 -2.22 12.98
N HIS A 263 46.26 -3.42 13.17
CA HIS A 263 44.97 -3.86 12.62
C HIS A 263 43.90 -3.92 13.71
N ALA A 264 42.68 -3.48 13.40
CA ALA A 264 41.55 -3.53 14.34
C ALA A 264 40.25 -3.99 13.68
N LEU A 265 39.39 -4.66 14.45
CA LEU A 265 38.09 -5.18 14.02
C LEU A 265 37.01 -4.55 14.91
N VAL A 266 35.93 -4.00 14.33
CA VAL A 266 34.82 -3.40 15.07
C VAL A 266 33.50 -4.08 14.71
N VAL A 267 32.77 -4.51 15.74
CA VAL A 267 31.45 -5.13 15.59
C VAL A 267 30.38 -4.21 16.22
N TYR A 268 29.31 -3.99 15.46
CA TYR A 268 28.14 -3.22 15.87
C TYR A 268 26.96 -4.20 15.95
N ASP A 269 26.59 -4.59 17.17
CA ASP A 269 25.58 -5.64 17.42
C ASP A 269 24.23 -5.49 16.71
N ASP A 270 23.75 -4.27 16.46
CA ASP A 270 22.51 -4.12 15.65
C ASP A 270 22.40 -2.67 15.16
N LEU A 271 22.49 -2.40 13.87
CA LEU A 271 22.29 -1.03 13.37
C LEU A 271 20.78 -0.67 13.34
N SER A 272 19.90 -1.67 13.42
CA SER A 272 18.45 -1.48 13.45
C SER A 272 17.95 -0.75 14.71
N LYS A 273 18.57 -1.01 15.87
CA LYS A 273 18.23 -0.36 17.15
C LYS A 273 18.87 1.01 17.23
N HIS A 274 20.04 1.18 16.60
CA HIS A 274 20.73 2.46 16.52
C HIS A 274 19.93 3.49 15.69
N ALA A 275 19.32 3.05 14.59
CA ALA A 275 18.42 3.87 13.78
C ALA A 275 17.17 4.26 14.59
N VAL A 276 16.58 3.31 15.34
CA VAL A 276 15.41 3.58 16.20
C VAL A 276 15.73 4.64 17.27
N ALA A 277 16.93 4.57 17.88
CA ALA A 277 17.38 5.53 18.87
C ALA A 277 17.51 6.94 18.29
N TYR A 278 18.05 7.07 17.07
CA TYR A 278 18.15 8.38 16.40
C TYR A 278 16.78 8.93 16.00
N ARG A 279 15.88 8.05 15.54
CA ARG A 279 14.49 8.41 15.21
C ARG A 279 13.81 9.02 16.44
N GLN A 280 14.04 8.46 17.63
CA GLN A 280 13.50 9.00 18.86
C GLN A 280 14.03 10.41 19.15
N ILE A 281 15.34 10.64 19.15
CA ILE A 281 15.90 11.96 19.44
C ILE A 281 15.44 13.00 18.41
N SER A 282 15.43 12.64 17.12
CA SER A 282 15.00 13.56 16.07
C SER A 282 13.52 13.97 16.19
N LEU A 283 12.61 13.03 16.46
CA LEU A 283 11.18 13.32 16.63
C LEU A 283 10.95 14.17 17.88
N LEU A 284 11.70 13.92 18.95
CA LEU A 284 11.63 14.71 20.18
C LEU A 284 12.27 16.10 20.02
N LEU A 285 13.13 16.32 19.02
CA LEU A 285 13.64 17.65 18.67
C LEU A 285 12.71 18.36 17.65
N ARG A 286 11.56 17.74 17.36
CA ARG A 286 10.48 18.15 16.44
C ARG A 286 10.84 18.22 14.96
N ARG A 287 11.78 17.40 14.49
CA ARG A 287 12.19 17.34 13.07
C ARG A 287 11.14 16.58 12.25
N PRO A 288 10.79 17.03 11.03
CA PRO A 288 9.78 16.37 10.22
C PRO A 288 10.29 15.01 9.74
N PRO A 289 9.48 13.95 9.80
CA PRO A 289 9.86 12.63 9.35
C PRO A 289 9.89 12.52 7.82
N GLY A 290 10.38 11.38 7.33
CA GLY A 290 10.44 10.99 5.93
C GLY A 290 9.94 9.56 5.79
N ARG A 291 10.50 8.81 4.84
CA ARG A 291 10.16 7.40 4.58
C ARG A 291 10.18 6.57 5.87
N GLU A 292 9.13 5.79 6.10
CA GLU A 292 8.95 4.90 7.27
C GLU A 292 9.16 5.60 8.63
N ALA A 293 8.79 6.87 8.71
CA ALA A 293 8.89 7.78 9.85
C ALA A 293 10.33 8.12 10.33
N TYR A 294 11.38 7.57 9.72
CA TYR A 294 12.76 7.94 10.01
C TYR A 294 13.06 9.30 9.37
N PRO A 295 14.00 10.10 9.92
CA PRO A 295 14.34 11.39 9.31
C PRO A 295 15.17 11.17 8.02
N GLY A 296 15.25 12.15 7.13
CA GLY A 296 16.04 12.05 5.89
C GLY A 296 17.54 11.84 6.13
N ASP A 297 18.02 12.33 7.28
CA ASP A 297 19.38 12.32 7.78
C ASP A 297 19.90 10.92 8.22
N VAL A 298 19.01 9.91 8.16
CA VAL A 298 19.38 8.53 8.60
C VAL A 298 20.52 7.99 7.73
N PHE A 299 20.46 8.18 6.40
CA PHE A 299 21.49 7.58 5.50
C PHE A 299 22.88 8.14 5.86
N TYR A 300 22.96 9.44 6.12
CA TYR A 300 24.16 10.13 6.51
C TYR A 300 24.69 9.63 7.87
N LEU A 301 23.81 9.26 8.81
CA LEU A 301 24.17 8.70 10.12
C LEU A 301 25.01 7.42 9.96
N HIS A 302 24.61 6.52 9.05
CA HIS A 302 25.27 5.25 8.80
C HIS A 302 26.40 5.29 7.75
N SER A 303 26.34 6.16 6.73
CA SER A 303 27.43 6.32 5.74
C SER A 303 28.65 6.99 6.41
N ARG A 304 28.40 7.99 7.27
CA ARG A 304 29.44 8.71 8.01
C ARG A 304 30.20 7.74 8.92
N LEU A 305 29.50 6.79 9.57
CA LEU A 305 30.08 5.76 10.43
C LEU A 305 30.90 4.72 9.63
N LEU A 306 30.27 4.05 8.67
CA LEU A 306 30.88 2.93 7.93
C LEU A 306 31.99 3.29 6.95
N GLU A 307 32.09 4.54 6.51
CA GLU A 307 33.15 4.98 5.58
C GLU A 307 34.51 5.19 6.28
N ARG A 308 34.54 5.20 7.63
CA ARG A 308 35.74 5.35 8.46
C ARG A 308 36.55 4.06 8.59
N ALA A 309 35.98 2.90 8.29
CA ALA A 309 36.68 1.62 8.29
C ALA A 309 37.40 1.43 6.94
N ALA A 310 38.73 1.39 6.92
CA ALA A 310 39.52 1.26 5.68
C ALA A 310 40.96 0.82 5.91
N LYS A 311 41.63 0.33 4.85
CA LYS A 311 43.06 0.01 4.87
C LYS A 311 43.81 1.22 4.32
N LEU A 312 44.69 1.80 5.11
CA LEU A 312 45.47 2.98 4.73
C LEU A 312 46.62 2.63 3.77
N SER A 313 47.09 3.62 3.01
CA SER A 313 48.21 3.47 2.07
C SER A 313 49.53 3.27 2.82
N ASP A 314 50.55 2.73 2.15
CA ASP A 314 51.86 2.49 2.79
C ASP A 314 52.52 3.78 3.30
N GLU A 315 52.23 4.94 2.70
CA GLU A 315 52.75 6.25 3.14
C GLU A 315 52.12 6.71 4.46
N LYS A 316 50.84 6.39 4.68
CA LYS A 316 50.09 6.74 5.90
C LYS A 316 50.43 5.80 7.08
N GLY A 317 51.10 4.68 6.80
CA GLY A 317 51.52 3.66 7.76
C GLY A 317 51.02 2.24 7.49
N GLY A 318 50.14 2.03 6.52
CA GLY A 318 49.62 0.70 6.18
C GLY A 318 48.62 0.07 7.16
N GLY A 319 48.16 0.80 8.19
CA GLY A 319 47.20 0.33 9.20
C GLY A 319 45.83 -0.05 8.62
N SER A 320 45.00 -0.74 9.40
CA SER A 320 43.67 -1.17 8.91
C SER A 320 42.60 -1.22 10.00
N LEU A 321 41.33 -1.07 9.60
CA LEU A 321 40.15 -1.14 10.46
C LEU A 321 39.03 -1.77 9.64
N THR A 322 38.53 -2.93 10.04
CA THR A 322 37.43 -3.63 9.37
C THR A 322 36.19 -3.61 10.25
N ALA A 323 35.01 -3.47 9.63
CA ALA A 323 33.73 -3.39 10.32
C ALA A 323 32.77 -4.52 9.93
N LEU A 324 32.07 -5.06 10.93
CA LEU A 324 31.04 -6.09 10.80
C LEU A 324 29.73 -5.58 11.42
N PRO A 325 28.98 -4.69 10.75
CA PRO A 325 27.66 -4.29 11.22
C PRO A 325 26.67 -5.46 11.10
N ILE A 326 25.63 -5.46 11.94
CA ILE A 326 24.56 -6.46 11.96
C ILE A 326 23.20 -5.77 11.79
N ILE A 327 22.25 -6.36 11.05
CA ILE A 327 20.89 -5.84 10.83
C ILE A 327 19.81 -6.93 10.94
N GLU A 328 18.68 -6.58 11.54
CA GLU A 328 17.51 -7.46 11.69
C GLU A 328 16.40 -7.12 10.69
N THR A 329 15.92 -8.12 9.94
CA THR A 329 14.84 -7.96 8.97
C THR A 329 13.54 -8.58 9.49
N GLN A 330 12.40 -7.89 9.36
CA GLN A 330 11.10 -8.44 9.76
C GLN A 330 10.66 -9.48 8.73
N ALA A 331 10.31 -10.70 9.14
CA ALA A 331 9.82 -11.76 8.23
C ALA A 331 10.68 -12.01 6.97
N GLY A 332 11.99 -11.76 7.02
CA GLY A 332 12.89 -11.92 5.87
C GLY A 332 12.84 -10.81 4.83
N ASP A 333 12.18 -9.68 5.09
CA ASP A 333 12.07 -8.56 4.14
C ASP A 333 13.37 -7.74 4.05
N VAL A 334 14.19 -8.03 3.04
CA VAL A 334 15.45 -7.32 2.74
C VAL A 334 15.20 -5.98 2.02
N SER A 335 13.99 -5.76 1.49
CA SER A 335 13.61 -4.54 0.74
C SER A 335 13.24 -3.33 1.60
N ALA A 336 13.20 -3.45 2.93
CA ALA A 336 12.85 -2.35 3.83
C ALA A 336 13.84 -1.18 3.75
N TYR A 337 13.46 -0.02 4.27
CA TYR A 337 14.26 1.19 4.19
C TYR A 337 15.67 1.06 4.81
N ILE A 338 15.80 0.80 6.12
CA ILE A 338 17.13 0.69 6.77
C ILE A 338 18.00 -0.45 6.20
N PRO A 339 17.49 -1.67 5.92
CA PRO A 339 18.29 -2.72 5.30
C PRO A 339 18.88 -2.30 3.95
N THR A 340 18.08 -1.75 3.03
CA THR A 340 18.60 -1.32 1.71
C THR A 340 19.54 -0.12 1.83
N ASN A 341 19.30 0.77 2.79
CA ASN A 341 20.13 1.92 3.06
C ASN A 341 21.57 1.48 3.42
N VAL A 342 21.75 0.44 4.25
CA VAL A 342 23.08 -0.08 4.63
C VAL A 342 23.66 -0.98 3.54
N ILE A 343 22.86 -1.69 2.75
CA ILE A 343 23.33 -2.52 1.61
C ILE A 343 24.00 -1.63 0.55
N SER A 344 23.60 -0.36 0.44
CA SER A 344 24.17 0.62 -0.49
C SER A 344 25.50 1.23 -0.01
N ILE A 345 25.82 1.14 1.28
CA ILE A 345 27.04 1.68 1.90
C ILE A 345 28.15 0.63 1.97
N THR A 346 27.82 -0.59 2.41
CA THR A 346 28.74 -1.74 2.61
C THR A 346 29.31 -2.38 1.34
N ASP A 347 30.21 -3.35 1.51
CA ASP A 347 30.94 -4.08 0.46
C ASP A 347 30.48 -5.53 0.25
N GLY A 348 29.41 -5.98 0.89
CA GLY A 348 28.92 -7.36 0.79
C GLY A 348 28.03 -7.75 1.98
N GLN A 349 27.34 -8.87 1.85
CA GLN A 349 26.42 -9.34 2.90
C GLN A 349 26.44 -10.86 3.12
N ILE A 350 26.19 -11.24 4.38
CA ILE A 350 26.05 -12.61 4.86
C ILE A 350 24.58 -12.73 5.27
N TYR A 351 23.80 -13.52 4.53
CA TYR A 351 22.36 -13.69 4.73
C TYR A 351 22.04 -14.94 5.54
N LEU A 352 21.32 -14.79 6.66
CA LEU A 352 20.95 -15.87 7.58
C LEU A 352 19.46 -16.19 7.49
N GLU A 353 19.08 -17.48 7.48
CA GLU A 353 17.69 -17.93 7.34
C GLU A 353 17.06 -18.54 8.60
N SER A 354 15.87 -18.07 8.98
CA SER A 354 15.12 -18.60 10.13
C SER A 354 14.79 -20.09 9.93
N ASP A 355 14.41 -20.46 8.70
CA ASP A 355 14.08 -21.84 8.35
C ASP A 355 15.26 -22.82 8.53
N LEU A 356 16.48 -22.42 8.14
CA LEU A 356 17.67 -23.27 8.30
C LEU A 356 18.03 -23.42 9.79
N PHE A 357 17.93 -22.36 10.58
CA PHE A 357 18.23 -22.39 12.01
C PHE A 357 17.34 -23.41 12.74
N TYR A 358 16.07 -23.49 12.38
CA TYR A 358 15.13 -24.47 12.96
C TYR A 358 15.22 -25.85 12.30
N SER A 359 15.92 -25.99 11.17
CA SER A 359 16.14 -27.25 10.45
C SER A 359 17.44 -27.97 10.92
N GLY A 360 17.97 -27.59 12.10
CA GLY A 360 19.18 -28.20 12.69
C GLY A 360 20.52 -27.79 12.07
N ILE A 361 20.56 -26.70 11.30
CA ILE A 361 21.76 -26.21 10.59
C ILE A 361 22.36 -24.99 11.29
N ARG A 362 23.69 -24.99 11.46
CA ARG A 362 24.53 -23.92 12.03
C ARG A 362 25.82 -23.79 11.17
N PRO A 363 26.30 -22.57 10.87
CA PRO A 363 25.75 -21.25 11.24
C PRO A 363 24.49 -20.76 10.51
N ALA A 364 23.88 -21.54 9.61
CA ALA A 364 22.66 -21.20 8.84
C ALA A 364 22.79 -20.06 7.80
N ILE A 365 23.96 -19.94 7.15
CA ILE A 365 24.28 -18.93 6.12
C ILE A 365 23.76 -19.37 4.74
N ASN A 366 23.11 -18.44 4.01
CA ASN A 366 22.60 -18.65 2.66
C ASN A 366 23.66 -18.36 1.58
N VAL A 367 24.46 -19.38 1.27
CA VAL A 367 25.63 -19.34 0.38
C VAL A 367 25.28 -19.09 -1.10
N GLY A 368 24.02 -19.26 -1.50
CA GLY A 368 23.58 -18.97 -2.88
C GLY A 368 23.27 -17.48 -3.12
N LEU A 369 23.14 -16.69 -2.06
CA LEU A 369 22.82 -15.25 -2.10
C LEU A 369 23.94 -14.39 -1.50
N SER A 370 24.66 -14.90 -0.50
CA SER A 370 25.72 -14.17 0.17
C SER A 370 26.94 -14.01 -0.74
N VAL A 371 27.52 -12.81 -0.81
CA VAL A 371 28.70 -12.51 -1.62
C VAL A 371 29.50 -11.34 -1.05
N SER A 372 30.78 -11.24 -1.40
CA SER A 372 31.68 -10.15 -1.00
C SER A 372 32.38 -9.57 -2.23
N ARG A 373 32.32 -8.24 -2.39
CA ARG A 373 32.88 -7.54 -3.56
C ARG A 373 34.38 -7.25 -3.46
N VAL A 374 34.80 -6.82 -2.28
CA VAL A 374 36.19 -6.48 -1.94
C VAL A 374 37.05 -7.70 -1.60
N GLY A 375 36.40 -8.81 -1.23
CA GLY A 375 37.08 -10.09 -0.93
C GLY A 375 37.62 -10.76 -2.20
N GLY A 376 38.22 -11.95 -2.05
CA GLY A 376 38.81 -12.72 -3.16
C GLY A 376 40.20 -12.23 -3.53
N ALA A 377 40.41 -10.92 -3.60
CA ALA A 377 41.72 -10.32 -3.86
C ALA A 377 42.68 -10.55 -2.67
N ALA A 378 42.14 -10.52 -1.45
CA ALA A 378 42.85 -10.71 -0.19
C ALA A 378 43.00 -12.18 0.28
N GLN A 379 42.15 -13.09 -0.18
CA GLN A 379 42.15 -14.52 0.19
C GLN A 379 43.50 -15.22 -0.09
N ILE A 380 43.90 -16.22 0.71
CA ILE A 380 45.18 -16.91 0.46
C ILE A 380 45.08 -17.85 -0.76
N LYS A 381 46.21 -18.08 -1.43
CA LYS A 381 46.31 -18.91 -2.63
C LYS A 381 45.78 -20.34 -2.45
N ALA A 382 46.09 -20.96 -1.29
CA ALA A 382 45.67 -22.32 -0.90
C ALA A 382 44.17 -22.49 -0.81
N MET A 383 43.45 -21.46 -0.34
CA MET A 383 41.98 -21.53 -0.28
C MET A 383 41.40 -21.33 -1.68
N LYS A 384 41.97 -20.44 -2.52
CA LYS A 384 41.51 -20.23 -3.91
C LYS A 384 41.59 -21.50 -4.74
N GLN A 385 42.62 -22.33 -4.56
CA GLN A 385 42.78 -23.58 -5.33
C GLN A 385 41.67 -24.61 -5.08
N VAL A 386 40.86 -24.47 -4.02
CA VAL A 386 39.81 -25.43 -3.72
C VAL A 386 38.44 -24.75 -3.67
N ALA A 387 38.38 -23.42 -3.36
CA ALA A 387 37.11 -22.69 -3.27
C ALA A 387 36.35 -22.63 -4.59
N GLY A 388 37.11 -22.62 -5.72
CA GLY A 388 36.51 -22.59 -7.05
C GLY A 388 35.65 -23.81 -7.35
N LYS A 389 36.13 -24.99 -6.90
CA LYS A 389 35.44 -26.25 -7.04
C LYS A 389 34.19 -26.30 -6.16
N LEU A 390 34.28 -25.78 -4.93
CA LEU A 390 33.19 -25.75 -3.96
C LEU A 390 32.02 -24.94 -4.51
N ARG A 391 32.30 -23.75 -5.05
CA ARG A 391 31.28 -22.86 -5.62
C ARG A 391 30.60 -23.46 -6.83
N LEU A 392 31.35 -24.11 -7.73
CA LEU A 392 30.74 -24.75 -8.88
C LEU A 392 29.88 -25.96 -8.53
N ASP A 393 30.31 -26.80 -7.58
CA ASP A 393 29.55 -27.98 -7.12
C ASP A 393 28.25 -27.58 -6.39
N LEU A 394 28.31 -26.61 -5.49
CA LEU A 394 27.11 -26.14 -4.77
C LEU A 394 26.10 -25.46 -5.71
N ALA A 395 26.55 -24.77 -6.76
CA ALA A 395 25.67 -24.14 -7.75
C ALA A 395 24.79 -25.16 -8.44
N GLN A 396 25.43 -26.26 -8.84
CA GLN A 396 24.79 -27.40 -9.48
C GLN A 396 23.81 -28.08 -8.54
N TYR A 397 24.21 -28.32 -7.28
CA TYR A 397 23.34 -28.95 -6.28
C TYR A 397 22.12 -28.09 -5.94
N ARG A 398 22.33 -26.80 -5.63
CA ARG A 398 21.30 -25.81 -5.26
C ARG A 398 20.21 -25.63 -6.30
N GLU A 399 20.53 -25.87 -7.57
CA GLU A 399 19.55 -25.82 -8.65
C GLU A 399 18.76 -27.13 -8.78
N LEU A 400 19.48 -28.25 -8.88
CA LEU A 400 18.80 -29.56 -9.10
C LEU A 400 18.22 -30.12 -7.80
N GLN A 401 18.70 -29.65 -6.64
CA GLN A 401 18.23 -30.25 -5.37
C GLN A 401 16.70 -30.17 -5.28
N ALA A 402 16.08 -29.07 -5.72
CA ALA A 402 14.63 -28.87 -5.66
C ALA A 402 13.84 -29.88 -6.51
N PHE A 403 14.24 -30.03 -7.77
CA PHE A 403 13.60 -30.96 -8.71
C PHE A 403 13.83 -32.42 -8.27
N ALA A 404 15.02 -32.74 -7.74
CA ALA A 404 15.38 -34.12 -7.35
C ALA A 404 14.91 -34.37 -5.90
N GLN A 405 13.81 -33.77 -5.43
CA GLN A 405 13.33 -33.95 -4.04
C GLN A 405 13.02 -35.43 -3.72
N PHE A 406 12.52 -36.18 -4.71
CA PHE A 406 12.28 -37.62 -4.57
C PHE A 406 13.61 -38.40 -4.46
N ALA A 407 13.56 -39.64 -4.00
CA ALA A 407 14.74 -40.42 -3.65
C ALA A 407 15.77 -40.71 -4.74
N SER A 408 15.35 -41.34 -5.86
CA SER A 408 16.29 -41.70 -6.93
C SER A 408 15.76 -41.65 -8.37
N ASP A 409 14.77 -40.81 -8.70
CA ASP A 409 14.22 -40.72 -10.07
C ASP A 409 15.19 -40.09 -11.10
N LEU A 410 16.05 -39.15 -10.68
CA LEU A 410 17.05 -38.51 -11.56
C LEU A 410 18.14 -39.50 -11.99
N ASP A 411 18.78 -39.24 -13.13
CA ASP A 411 19.87 -40.09 -13.66
C ASP A 411 21.17 -39.86 -12.90
N GLU A 412 22.13 -40.85 -13.03
CA GLU A 412 23.47 -40.90 -12.40
C GLU A 412 24.24 -39.62 -12.59
N ALA A 413 24.10 -39.00 -13.76
CA ALA A 413 24.73 -37.74 -14.11
C ALA A 413 24.22 -36.62 -13.16
N THR A 414 22.99 -36.75 -12.56
CA THR A 414 22.50 -35.71 -11.66
C THR A 414 22.60 -36.20 -10.21
N ARG A 415 22.48 -37.53 -10.01
CA ARG A 415 22.65 -38.19 -8.70
C ARG A 415 24.01 -37.87 -8.11
N ALA A 416 25.10 -37.90 -8.93
CA ALA A 416 26.49 -37.63 -8.52
C ALA A 416 26.63 -36.19 -7.98
N GLN A 417 25.86 -35.26 -8.60
CA GLN A 417 25.81 -33.84 -8.20
C GLN A 417 25.11 -33.68 -6.86
N LEU A 418 23.97 -34.39 -6.70
CA LEU A 418 23.12 -34.39 -5.52
C LEU A 418 23.84 -34.91 -4.27
N GLU A 419 24.47 -36.08 -4.38
CA GLU A 419 25.22 -36.65 -3.26
C GLU A 419 26.41 -35.75 -2.87
N ARG A 420 27.14 -35.23 -3.87
CA ARG A 420 28.26 -34.31 -3.65
C ARG A 420 27.77 -33.06 -2.93
N GLY A 421 26.64 -32.50 -3.35
CA GLY A 421 26.06 -31.31 -2.73
C GLY A 421 25.68 -31.55 -1.27
N GLN A 422 25.02 -32.67 -0.99
CA GLN A 422 24.64 -33.08 0.36
C GLN A 422 25.89 -33.23 1.24
N ARG A 423 26.91 -33.96 0.78
CA ARG A 423 28.17 -34.16 1.51
C ARG A 423 28.92 -32.84 1.73
N MET A 424 28.99 -31.97 0.73
CA MET A 424 29.63 -30.66 0.92
C MET A 424 28.82 -29.83 1.93
N THR A 425 27.49 -29.90 1.90
CA THR A 425 26.64 -29.20 2.87
C THR A 425 26.95 -29.70 4.29
N GLU A 426 27.21 -31.00 4.49
CA GLU A 426 27.61 -31.53 5.79
C GLU A 426 28.97 -30.94 6.19
N ILE A 427 29.93 -30.86 5.26
CA ILE A 427 31.25 -30.26 5.52
C ILE A 427 31.11 -28.78 5.90
N LEU A 428 30.11 -28.06 5.40
CA LEU A 428 29.88 -26.65 5.76
C LEU A 428 29.34 -26.45 7.19
N LYS A 429 28.70 -27.45 7.81
CA LYS A 429 28.17 -27.38 9.19
C LYS A 429 29.27 -27.25 10.24
N GLN A 430 29.05 -26.43 11.27
CA GLN A 430 30.05 -26.18 12.33
C GLN A 430 29.40 -25.75 13.67
N PRO A 431 29.79 -26.33 14.82
CA PRO A 431 29.23 -25.98 16.13
C PRO A 431 29.69 -24.61 16.66
N GLN A 432 28.89 -24.03 17.56
CA GLN A 432 29.15 -22.74 18.20
C GLN A 432 30.48 -22.68 18.98
N TYR A 433 31.10 -21.50 18.99
CA TYR A 433 32.32 -21.14 19.72
C TYR A 433 33.50 -22.09 19.45
N SER A 434 33.54 -22.69 18.26
CA SER A 434 34.58 -23.64 17.86
C SER A 434 35.23 -23.28 16.51
N PRO A 435 35.98 -22.17 16.40
CA PRO A 435 36.66 -21.78 15.15
C PRO A 435 37.67 -22.82 14.66
N MET A 436 37.71 -23.06 13.35
CA MET A 436 38.64 -24.02 12.73
C MET A 436 39.75 -23.24 12.01
N PRO A 437 41.04 -23.53 12.25
CA PRO A 437 42.13 -22.79 11.62
C PRO A 437 42.23 -23.06 10.12
N VAL A 438 42.67 -22.05 9.38
CA VAL A 438 42.78 -22.02 7.91
C VAL A 438 43.47 -23.27 7.32
N GLU A 439 44.57 -23.73 7.91
CA GLU A 439 45.26 -24.91 7.38
C GLU A 439 44.34 -26.13 7.43
N LYS A 440 43.61 -26.34 8.54
CA LYS A 440 42.66 -27.46 8.69
C LYS A 440 41.45 -27.26 7.77
N GLN A 441 41.01 -26.02 7.55
CA GLN A 441 39.92 -25.72 6.62
C GLN A 441 40.32 -26.15 5.20
N VAL A 442 41.56 -25.83 4.77
CA VAL A 442 42.07 -26.22 3.46
C VAL A 442 42.05 -27.75 3.31
N VAL A 443 42.57 -28.52 4.27
CA VAL A 443 42.59 -29.99 4.10
C VAL A 443 41.18 -30.62 4.14
N ILE A 444 40.22 -30.13 4.95
CA ILE A 444 38.88 -30.72 4.93
C ILE A 444 38.13 -30.34 3.63
N ILE A 445 38.23 -29.09 3.19
CA ILE A 445 37.59 -28.67 1.93
C ILE A 445 38.24 -29.39 0.74
N TYR A 446 39.56 -29.63 0.78
CA TYR A 446 40.27 -30.38 -0.27
C TYR A 446 39.77 -31.83 -0.30
N ALA A 447 39.47 -32.41 0.87
CA ALA A 447 38.95 -33.77 0.98
C ALA A 447 37.55 -33.91 0.34
N GLY A 448 36.67 -32.93 0.54
CA GLY A 448 35.33 -32.96 -0.06
C GLY A 448 35.30 -32.69 -1.57
N THR A 449 35.97 -31.63 -2.04
CA THR A 449 35.98 -31.21 -3.46
C THR A 449 36.70 -32.13 -4.46
N ASN A 450 37.48 -33.11 -4.01
CA ASN A 450 38.15 -34.10 -4.85
C ASN A 450 37.49 -35.49 -4.80
N GLY A 451 36.30 -35.62 -4.16
CA GLY A 451 35.57 -36.88 -4.16
C GLY A 451 35.99 -38.02 -3.28
N TYR A 452 36.89 -37.80 -2.32
CA TYR A 452 37.31 -38.83 -1.36
C TYR A 452 36.20 -39.18 -0.36
N LEU A 453 35.21 -38.31 -0.15
CA LEU A 453 34.06 -38.56 0.73
C LEU A 453 32.87 -39.17 -0.04
N ASP A 454 32.97 -39.38 -1.36
CA ASP A 454 31.85 -39.87 -2.19
C ASP A 454 31.30 -41.27 -1.84
N ASP A 455 31.99 -42.07 -1.00
CA ASP A 455 31.51 -43.39 -0.55
C ASP A 455 31.16 -43.39 0.96
N ILE A 456 31.40 -42.30 1.69
CA ILE A 456 31.11 -42.18 3.13
C ILE A 456 29.61 -41.84 3.33
N PRO A 457 28.87 -42.57 4.20
CA PRO A 457 27.46 -42.25 4.44
C PRO A 457 27.30 -40.84 5.03
N VAL A 458 26.25 -40.11 4.61
CA VAL A 458 25.98 -38.72 5.01
C VAL A 458 26.02 -38.51 6.53
N GLU A 459 25.54 -39.47 7.31
CA GLU A 459 25.53 -39.38 8.78
C GLU A 459 26.93 -39.50 9.42
N LYS A 460 27.94 -40.01 8.69
CA LYS A 460 29.30 -40.23 9.22
C LYS A 460 30.28 -39.12 8.82
N VAL A 461 29.90 -38.20 7.94
CA VAL A 461 30.78 -37.11 7.47
C VAL A 461 31.32 -36.25 8.63
N LYS A 462 30.49 -35.92 9.63
CA LYS A 462 30.92 -35.15 10.79
C LYS A 462 31.94 -35.91 11.65
N GLU A 463 31.73 -37.21 11.88
CA GLU A 463 32.68 -38.04 12.63
C GLU A 463 33.99 -38.21 11.84
N PHE A 464 33.90 -38.33 10.51
CA PHE A 464 35.06 -38.44 9.65
C PHE A 464 35.90 -37.16 9.74
N GLU A 465 35.29 -35.98 9.70
CA GLU A 465 35.97 -34.68 9.80
C GLU A 465 36.78 -34.54 11.10
N ASP A 466 36.17 -34.83 12.25
CA ASP A 466 36.88 -34.76 13.54
C ASP A 466 38.04 -35.76 13.62
N GLY A 467 37.81 -37.00 13.18
CA GLY A 467 38.83 -38.05 13.19
C GLY A 467 39.99 -37.78 12.22
N PHE A 468 39.70 -37.34 10.99
CA PHE A 468 40.72 -37.04 9.99
C PHE A 468 41.60 -35.86 10.41
N LEU A 469 41.03 -34.79 10.96
CA LEU A 469 41.81 -33.63 11.39
C LEU A 469 42.72 -34.01 12.57
N GLU A 470 42.25 -34.79 13.55
CA GLU A 470 43.10 -35.25 14.65
C GLU A 470 44.19 -36.20 14.14
N TYR A 471 43.92 -37.05 13.15
CA TYR A 471 44.92 -37.95 12.57
C TYR A 471 46.04 -37.11 11.91
N ILE A 472 45.70 -36.15 11.05
CA ILE A 472 46.68 -35.29 10.38
C ILE A 472 47.49 -34.46 11.40
N GLU A 473 46.85 -33.86 12.42
CA GLU A 473 47.59 -33.06 13.39
C GLU A 473 48.48 -33.89 14.33
N SER A 474 48.03 -35.08 14.76
CA SER A 474 48.78 -35.92 15.70
C SER A 474 50.01 -36.62 15.11
N LYS A 475 50.05 -36.93 13.79
CA LYS A 475 51.22 -37.61 13.18
C LYS A 475 51.67 -37.12 11.80
N HIS A 476 51.03 -36.08 11.24
CA HIS A 476 51.41 -35.47 9.95
C HIS A 476 51.44 -33.93 10.02
N PRO A 477 52.10 -33.31 11.02
CA PRO A 477 52.18 -31.85 11.17
C PRO A 477 52.96 -31.16 10.04
N ASP A 478 53.74 -31.91 9.25
CA ASP A 478 54.49 -31.36 8.12
C ASP A 478 53.56 -30.70 7.08
N ILE A 479 52.41 -31.32 6.78
CA ILE A 479 51.42 -30.78 5.84
C ILE A 479 50.87 -29.44 6.36
N LEU A 480 50.50 -29.37 7.64
CA LEU A 480 49.95 -28.16 8.23
C LEU A 480 50.97 -27.02 8.32
N GLU A 481 52.23 -27.32 8.64
CA GLU A 481 53.29 -26.32 8.74
C GLU A 481 53.64 -25.76 7.34
N GLU A 482 53.64 -26.59 6.29
CA GLU A 482 53.90 -26.16 4.91
C GLU A 482 52.81 -25.18 4.44
N ILE A 483 51.53 -25.48 4.69
CA ILE A 483 50.42 -24.60 4.33
C ILE A 483 50.54 -23.27 5.08
N ARG A 484 50.89 -23.30 6.37
CA ARG A 484 51.05 -22.10 7.21
C ARG A 484 52.14 -21.14 6.74
N GLU A 485 53.25 -21.64 6.18
CA GLU A 485 54.36 -20.79 5.74
C GLU A 485 54.32 -20.43 4.25
N LYS A 486 53.94 -21.35 3.35
CA LYS A 486 53.87 -21.09 1.91
C LYS A 486 52.58 -20.40 1.46
N LYS A 487 51.50 -20.55 2.22
CA LYS A 487 50.13 -20.08 1.97
C LYS A 487 49.53 -20.60 0.64
N ALA A 488 50.13 -21.63 0.02
CA ALA A 488 49.74 -22.24 -1.25
C ALA A 488 50.00 -23.75 -1.22
N LEU A 489 49.36 -24.55 -2.08
CA LEU A 489 49.60 -26.00 -2.13
C LEU A 489 50.61 -26.28 -3.25
N ASP A 490 51.83 -26.75 -2.93
CA ASP A 490 52.80 -27.06 -4.01
C ASP A 490 52.62 -28.50 -4.39
N ASP A 491 53.00 -29.37 -3.46
CA ASP A 491 52.91 -30.77 -3.70
C ASP A 491 51.93 -31.21 -2.66
N GLU A 492 50.85 -31.77 -3.22
CA GLU A 492 49.69 -32.39 -2.57
C GLU A 492 49.85 -33.93 -2.43
N LEU A 493 50.80 -34.54 -3.15
CA LEU A 493 51.04 -36.00 -3.21
C LEU A 493 51.16 -36.67 -1.83
N GLU A 494 51.79 -36.00 -0.87
CA GLU A 494 51.95 -36.53 0.48
C GLU A 494 50.59 -36.63 1.17
N GLU A 495 49.74 -35.61 1.04
CA GLU A 495 48.41 -35.58 1.62
C GLU A 495 47.51 -36.66 1.02
N LYS A 496 47.58 -36.93 -0.30
CA LYS A 496 46.80 -38.01 -0.92
C LYS A 496 47.15 -39.39 -0.36
N LEU A 497 48.44 -39.67 -0.20
CA LEU A 497 48.92 -40.95 0.33
C LEU A 497 48.62 -41.07 1.84
N LYS A 498 48.88 -40.02 2.62
CA LYS A 498 48.62 -40.03 4.06
C LYS A 498 47.13 -40.15 4.38
N LYS A 499 46.25 -39.62 3.51
CA LYS A 499 44.79 -39.72 3.68
C LYS A 499 44.27 -41.11 3.34
N ALA A 500 44.78 -41.75 2.28
CA ALA A 500 44.39 -43.13 1.94
C ALA A 500 44.68 -44.08 3.12
N ILE A 501 45.80 -43.88 3.82
CA ILE A 501 46.18 -44.68 4.99
C ILE A 501 45.14 -44.55 6.11
N LYS A 502 44.56 -43.36 6.34
CA LYS A 502 43.49 -43.15 7.35
C LYS A 502 42.21 -43.88 6.93
N GLU A 503 41.81 -43.75 5.67
CA GLU A 503 40.58 -44.36 5.15
C GLU A 503 40.58 -45.90 5.21
N PHE A 504 41.72 -46.54 4.96
CA PHE A 504 41.82 -48.00 4.99
C PHE A 504 41.89 -48.56 6.43
N LYS A 505 42.41 -47.78 7.39
CA LYS A 505 42.60 -48.22 8.78
C LYS A 505 41.53 -47.81 9.79
N ALA A 506 40.88 -46.65 9.64
CA ALA A 506 39.86 -46.17 10.60
C ALA A 506 38.81 -45.25 9.95
N THR A 507 37.67 -45.80 9.56
CA THR A 507 36.56 -45.05 8.93
C THR A 507 35.98 -43.97 9.85
N SER B 34 4.10 56.71 -0.47
CA SER B 34 2.92 55.81 -0.29
C SER B 34 2.99 54.61 -1.26
N ASP B 35 3.19 54.85 -2.56
CA ASP B 35 3.30 53.84 -3.62
C ASP B 35 4.66 53.12 -3.66
N VAL B 36 5.52 53.39 -2.68
CA VAL B 36 6.84 52.79 -2.47
C VAL B 36 6.85 52.02 -1.15
N GLY B 37 7.47 50.86 -1.14
CA GLY B 37 7.64 49.99 0.03
C GLY B 37 9.11 49.59 0.20
N THR B 38 9.39 48.79 1.21
CA THR B 38 10.77 48.34 1.50
C THR B 38 10.75 46.85 1.87
N VAL B 39 11.54 46.05 1.14
CA VAL B 39 11.64 44.61 1.34
C VAL B 39 12.16 44.25 2.73
N ILE B 40 11.52 43.27 3.38
CA ILE B 40 11.82 42.74 4.73
C ILE B 40 12.32 41.29 4.77
N GLN B 41 12.10 40.48 3.74
CA GLN B 41 12.53 39.08 3.68
C GLN B 41 12.55 38.61 2.21
N VAL B 42 13.49 37.74 1.81
CA VAL B 42 13.59 37.23 0.43
C VAL B 42 14.02 35.76 0.46
N GLY B 43 13.54 34.95 -0.49
CA GLY B 43 13.83 33.52 -0.52
C GLY B 43 13.89 32.94 -1.92
N ASP B 44 13.32 31.75 -2.12
CA ASP B 44 13.33 31.06 -3.41
C ASP B 44 12.17 31.49 -4.33
N GLY B 45 12.17 32.78 -4.72
CA GLY B 45 11.15 33.38 -5.60
C GLY B 45 9.99 34.09 -4.90
N ILE B 46 10.08 34.28 -3.58
CA ILE B 46 9.06 34.93 -2.75
C ILE B 46 9.70 36.05 -1.92
N ALA B 47 8.98 37.13 -1.72
CA ALA B 47 9.41 38.28 -0.93
C ALA B 47 8.26 38.82 -0.09
N ARG B 48 8.60 39.62 0.91
CA ARG B 48 7.70 40.33 1.82
C ARG B 48 8.16 41.75 1.91
N ALA B 49 7.24 42.69 1.87
CA ALA B 49 7.57 44.10 1.96
C ALA B 49 6.62 44.87 2.87
N HIS B 50 7.17 45.90 3.49
CA HIS B 50 6.50 46.85 4.38
C HIS B 50 6.03 48.03 3.51
N GLY B 51 4.96 48.72 3.91
CA GLY B 51 4.42 49.86 3.12
C GLY B 51 3.55 49.40 1.96
N LEU B 52 3.58 50.10 0.81
CA LEU B 52 2.73 49.80 -0.35
C LEU B 52 1.24 49.88 0.10
N ASP B 53 0.86 50.89 0.89
CA ASP B 53 -0.49 50.97 1.52
C ASP B 53 -1.60 50.86 0.48
N ASN B 54 -1.56 51.63 -0.61
CA ASN B 54 -2.62 51.63 -1.60
C ASN B 54 -2.48 50.56 -2.69
N VAL B 55 -1.72 49.49 -2.48
CA VAL B 55 -1.60 48.42 -3.46
C VAL B 55 -2.90 47.64 -3.54
N MET B 56 -3.19 47.06 -4.69
CA MET B 56 -4.41 46.29 -4.88
C MET B 56 -4.08 44.82 -5.14
N SER B 57 -4.94 43.92 -4.70
CA SER B 57 -4.74 42.49 -4.85
C SER B 57 -4.56 42.12 -6.34
N GLY B 58 -3.44 41.48 -6.69
CA GLY B 58 -3.10 41.11 -8.07
C GLY B 58 -2.32 42.17 -8.89
N GLU B 59 -1.95 43.30 -8.31
CA GLU B 59 -1.19 44.35 -9.00
C GLU B 59 0.27 43.96 -9.30
N LEU B 60 0.83 44.45 -10.41
CA LEU B 60 2.24 44.25 -10.74
C LEU B 60 3.03 45.25 -9.91
N VAL B 61 4.18 44.84 -9.39
CA VAL B 61 5.05 45.65 -8.55
C VAL B 61 6.47 45.59 -9.11
N GLU B 62 7.21 46.69 -9.04
CA GLU B 62 8.57 46.86 -9.58
C GLU B 62 9.67 46.99 -8.52
N PHE B 63 10.73 46.17 -8.58
CA PHE B 63 11.88 46.25 -7.69
C PHE B 63 12.90 47.26 -8.23
N ALA B 64 13.74 47.85 -7.37
CA ALA B 64 14.77 48.83 -7.77
C ALA B 64 15.76 48.32 -8.83
N ASN B 65 15.94 47.00 -8.92
CA ASN B 65 16.81 46.30 -9.89
C ASN B 65 16.16 46.24 -11.29
N GLY B 66 14.83 46.44 -11.39
CA GLY B 66 14.03 46.39 -12.61
C GLY B 66 13.22 45.10 -12.78
N VAL B 67 13.35 44.12 -11.88
CA VAL B 67 12.57 42.88 -11.92
C VAL B 67 11.16 43.18 -11.41
N MET B 68 10.19 42.32 -11.72
CA MET B 68 8.79 42.52 -11.33
C MET B 68 8.18 41.35 -10.57
N GLY B 69 7.12 41.62 -9.81
CA GLY B 69 6.42 40.61 -9.02
C GLY B 69 4.95 40.94 -8.79
N MET B 70 4.16 39.93 -8.41
CA MET B 70 2.73 40.08 -8.11
C MET B 70 2.45 40.22 -6.61
N ALA B 71 1.66 41.21 -6.20
CA ALA B 71 1.23 41.34 -4.81
C ALA B 71 0.06 40.35 -4.58
N LEU B 72 0.30 39.20 -3.93
CA LEU B 72 -0.73 38.18 -3.69
C LEU B 72 -1.52 38.40 -2.39
N ASN B 73 -0.85 38.51 -1.25
CA ASN B 73 -1.47 38.60 0.08
C ASN B 73 -1.29 39.99 0.70
N LEU B 74 -2.37 40.58 1.19
CA LEU B 74 -2.35 41.86 1.86
C LEU B 74 -2.62 41.63 3.36
N GLU B 75 -1.62 41.83 4.21
CA GLU B 75 -1.69 41.57 5.66
C GLU B 75 -1.88 42.85 6.48
N GLU B 76 -1.86 42.76 7.81
CA GLU B 76 -2.10 43.94 8.66
C GLU B 76 -1.03 45.02 8.44
N ASN B 77 0.24 44.59 8.28
CA ASN B 77 1.43 45.45 8.15
C ASN B 77 2.41 45.07 7.01
N ASN B 78 2.15 44.05 6.19
CA ASN B 78 3.05 43.62 5.12
C ASN B 78 2.33 43.04 3.89
N VAL B 79 3.04 42.98 2.76
CA VAL B 79 2.56 42.46 1.48
C VAL B 79 3.44 41.32 1.00
N GLY B 80 2.82 40.21 0.62
CA GLY B 80 3.49 39.03 0.07
C GLY B 80 3.60 39.12 -1.45
N ILE B 81 4.81 38.99 -2.00
CA ILE B 81 5.13 39.15 -3.42
C ILE B 81 5.70 37.88 -4.07
N VAL B 82 5.24 37.52 -5.27
CA VAL B 82 5.78 36.42 -6.09
C VAL B 82 6.65 37.08 -7.16
N ILE B 83 7.95 36.77 -7.21
CA ILE B 83 8.91 37.36 -8.17
C ILE B 83 8.83 36.65 -9.52
N LEU B 84 8.70 37.41 -10.62
CA LEU B 84 8.57 36.91 -12.00
C LEU B 84 9.90 36.88 -12.78
N GLY B 85 11.02 36.61 -12.12
CA GLY B 85 12.36 36.59 -12.73
C GLY B 85 13.45 36.17 -11.75
N PRO B 86 14.73 36.43 -12.05
CA PRO B 86 15.84 36.07 -11.19
C PRO B 86 15.84 36.90 -9.90
N TYR B 87 15.64 36.24 -8.77
CA TYR B 87 15.61 36.88 -7.44
C TYR B 87 16.97 37.12 -6.78
N THR B 88 18.08 36.55 -7.28
CA THR B 88 19.41 36.66 -6.63
C THR B 88 19.97 38.08 -6.54
N GLY B 89 19.38 39.05 -7.25
CA GLY B 89 19.75 40.46 -7.20
C GLY B 89 18.95 41.29 -6.18
N ILE B 90 17.95 40.70 -5.53
CA ILE B 90 17.05 41.35 -4.56
C ILE B 90 17.57 41.11 -3.14
N LYS B 91 17.68 42.16 -2.32
CA LYS B 91 18.15 42.14 -0.93
C LYS B 91 17.18 42.84 0.03
N GLU B 92 17.25 42.52 1.30
CA GLU B 92 16.45 43.18 2.32
C GLU B 92 16.79 44.69 2.32
N GLY B 93 15.80 45.56 2.48
CA GLY B 93 16.01 47.01 2.49
C GLY B 93 15.91 47.64 1.10
N ASP B 94 15.78 46.85 0.03
CA ASP B 94 15.59 47.38 -1.32
C ASP B 94 14.23 48.08 -1.43
N GLU B 95 14.14 49.12 -2.25
CA GLU B 95 12.90 49.88 -2.45
C GLU B 95 12.08 49.25 -3.57
N VAL B 96 10.84 48.91 -3.29
CA VAL B 96 9.86 48.33 -4.23
C VAL B 96 8.79 49.38 -4.56
N ARG B 97 8.25 49.43 -5.78
CA ARG B 97 7.27 50.45 -6.21
C ARG B 97 6.05 49.89 -6.93
N ARG B 98 4.89 50.55 -6.78
CA ARG B 98 3.63 50.19 -7.45
C ARG B 98 3.66 50.60 -8.91
N THR B 99 3.13 49.75 -9.79
CA THR B 99 2.99 50.06 -11.22
C THR B 99 1.63 50.71 -11.51
N GLY B 100 0.65 50.45 -10.64
CA GLY B 100 -0.73 50.92 -10.74
C GLY B 100 -1.57 50.12 -11.74
N ARG B 101 -1.13 48.91 -12.12
CA ARG B 101 -1.82 48.07 -13.12
C ARG B 101 -1.96 46.62 -12.69
N ILE B 102 -3.11 46.03 -12.95
CA ILE B 102 -3.34 44.60 -12.69
C ILE B 102 -2.47 43.86 -13.70
N MET B 103 -1.99 42.66 -13.39
CA MET B 103 -1.13 41.90 -14.29
C MET B 103 -1.74 41.71 -15.69
N GLU B 104 -1.09 42.31 -16.69
CA GLU B 104 -1.52 42.33 -18.09
C GLU B 104 -0.40 42.03 -19.09
N VAL B 105 -0.78 41.57 -20.27
CA VAL B 105 0.13 41.18 -21.36
C VAL B 105 -0.24 41.87 -22.69
N PRO B 106 0.72 42.26 -23.54
CA PRO B 106 0.43 42.85 -24.85
C PRO B 106 -0.22 41.83 -25.79
N VAL B 107 -1.13 42.29 -26.65
CA VAL B 107 -1.86 41.46 -27.63
C VAL B 107 -2.03 42.18 -28.96
N GLY B 108 -2.30 41.44 -30.03
CA GLY B 108 -2.51 42.00 -31.37
C GLY B 108 -1.94 41.14 -32.50
N GLU B 109 -2.00 41.68 -33.71
CA GLU B 109 -1.49 41.01 -34.92
C GLU B 109 0.05 40.94 -34.92
N GLU B 110 0.71 41.85 -34.19
CA GLU B 110 2.16 41.97 -34.11
C GLU B 110 2.89 40.75 -33.52
N LEU B 111 2.20 39.88 -32.78
CA LEU B 111 2.83 38.72 -32.17
C LEU B 111 2.96 37.54 -33.17
N ILE B 112 2.26 37.56 -34.30
CA ILE B 112 2.32 36.44 -35.26
C ILE B 112 3.72 36.32 -35.86
N GLY B 113 4.27 35.10 -35.86
CA GLY B 113 5.58 34.75 -36.39
C GLY B 113 6.75 35.15 -35.49
N ARG B 114 6.52 35.21 -34.18
CA ARG B 114 7.50 35.58 -33.15
C ARG B 114 7.48 34.67 -31.93
N VAL B 115 8.58 34.66 -31.18
CA VAL B 115 8.76 33.86 -29.95
C VAL B 115 8.91 34.80 -28.77
N VAL B 116 8.11 34.60 -27.71
CA VAL B 116 8.08 35.42 -26.51
C VAL B 116 8.07 34.60 -25.23
N ASN B 117 8.42 35.22 -24.11
CA ASN B 117 8.36 34.59 -22.80
C ASN B 117 6.94 34.72 -22.19
N ALA B 118 6.70 34.19 -20.99
CA ALA B 118 5.39 34.28 -20.32
C ALA B 118 4.90 35.72 -20.03
N LEU B 119 5.77 36.72 -20.04
CA LEU B 119 5.45 38.14 -19.84
C LEU B 119 5.25 38.87 -21.20
N GLY B 120 5.29 38.15 -22.31
CA GLY B 120 5.13 38.70 -23.66
C GLY B 120 6.38 39.37 -24.24
N GLN B 121 7.52 39.36 -23.53
CA GLN B 121 8.77 39.95 -24.02
C GLN B 121 9.44 39.01 -25.03
N PRO B 122 10.06 39.53 -26.11
CA PRO B 122 10.66 38.72 -27.17
C PRO B 122 11.95 37.99 -26.79
N ILE B 123 12.14 36.81 -27.37
CA ILE B 123 13.33 35.96 -27.18
C ILE B 123 13.88 35.43 -28.51
N ASP B 124 13.26 35.77 -29.64
CA ASP B 124 13.70 35.40 -30.99
C ASP B 124 14.85 36.28 -31.51
N GLY B 125 15.18 37.39 -30.84
CA GLY B 125 16.23 38.33 -31.26
C GLY B 125 15.84 39.26 -32.42
N LYS B 126 14.57 39.30 -32.83
CA LYS B 126 14.06 40.10 -33.97
C LYS B 126 13.57 41.53 -33.65
N GLY B 127 13.97 42.09 -32.51
CA GLY B 127 13.64 43.47 -32.11
C GLY B 127 12.42 43.62 -31.19
N PRO B 128 12.03 44.86 -30.84
CA PRO B 128 10.90 45.12 -29.97
C PRO B 128 9.55 44.81 -30.64
N ILE B 129 8.49 44.73 -29.84
CA ILE B 129 7.10 44.49 -30.28
C ILE B 129 6.32 45.78 -29.99
N ASN B 130 5.69 46.36 -31.02
CA ASN B 130 4.94 47.62 -30.91
C ASN B 130 3.41 47.38 -30.87
N ALA B 131 2.98 46.42 -30.07
CA ALA B 131 1.58 46.07 -29.87
C ALA B 131 0.81 47.26 -29.30
N LYS B 132 -0.39 47.53 -29.83
CA LYS B 132 -1.24 48.67 -29.44
C LYS B 132 -2.22 48.43 -28.28
N GLU B 133 -2.49 47.17 -27.91
CA GLU B 133 -3.43 46.81 -26.85
C GLU B 133 -2.82 45.86 -25.80
N PHE B 134 -3.27 46.00 -24.55
CA PHE B 134 -2.87 45.18 -23.40
C PHE B 134 -4.13 44.60 -22.76
N ARG B 135 -4.08 43.33 -22.32
CA ARG B 135 -5.21 42.63 -21.69
C ARG B 135 -4.78 41.92 -20.39
N PRO B 136 -5.56 42.00 -19.30
CA PRO B 136 -5.27 41.26 -18.08
C PRO B 136 -5.22 39.74 -18.34
N VAL B 137 -4.30 39.00 -17.72
CA VAL B 137 -4.22 37.54 -17.93
C VAL B 137 -5.31 36.76 -17.18
N GLU B 138 -5.92 37.37 -16.17
CA GLU B 138 -7.04 36.82 -15.37
C GLU B 138 -8.35 37.52 -15.78
N ARG B 139 -9.30 36.76 -16.32
CA ARG B 139 -10.62 37.23 -16.80
C ARG B 139 -11.70 36.16 -16.62
N LYS B 140 -12.97 36.49 -16.35
CA LYS B 140 -14.02 35.46 -16.28
C LYS B 140 -14.38 34.88 -17.65
N ALA B 141 -14.75 33.62 -17.68
CA ALA B 141 -15.16 32.93 -18.89
C ALA B 141 -16.55 33.41 -19.37
N PRO B 142 -16.88 33.26 -20.67
CA PRO B 142 -18.20 33.64 -21.19
C PRO B 142 -19.33 32.81 -20.57
N GLY B 143 -20.48 33.43 -20.29
CA GLY B 143 -21.63 32.79 -19.66
C GLY B 143 -22.40 31.80 -20.55
N VAL B 144 -23.44 31.16 -20.00
CA VAL B 144 -24.27 30.16 -20.69
C VAL B 144 -24.97 30.73 -21.95
N VAL B 145 -25.41 31.99 -21.90
CA VAL B 145 -26.09 32.73 -22.98
C VAL B 145 -25.13 33.40 -23.98
N ASP B 146 -23.88 33.63 -23.60
CA ASP B 146 -22.84 34.22 -24.47
C ASP B 146 -22.27 33.22 -25.47
N ARG B 147 -22.60 31.94 -25.29
CA ARG B 147 -22.16 30.77 -26.07
C ARG B 147 -23.23 30.29 -27.05
N GLN B 148 -22.90 29.30 -27.86
CA GLN B 148 -23.78 28.60 -28.79
C GLN B 148 -23.21 27.19 -29.01
N PRO B 149 -23.99 26.21 -29.48
CA PRO B 149 -23.47 24.87 -29.71
C PRO B 149 -22.33 24.84 -30.74
N VAL B 150 -21.47 23.83 -30.67
CA VAL B 150 -20.34 23.65 -31.56
C VAL B 150 -20.74 22.64 -32.65
N LYS B 151 -20.51 22.99 -33.92
CA LYS B 151 -20.89 22.17 -35.08
C LYS B 151 -19.87 22.16 -36.23
N GLU B 152 -18.98 23.16 -36.34
CA GLU B 152 -17.94 23.24 -37.39
C GLU B 152 -16.67 22.44 -37.00
N PRO B 153 -16.33 21.34 -37.73
CA PRO B 153 -15.20 20.44 -37.47
C PRO B 153 -13.79 21.01 -37.65
N LEU B 154 -12.95 20.90 -36.62
CA LEU B 154 -11.52 21.24 -36.67
C LEU B 154 -10.76 19.97 -37.09
N GLN B 155 -10.53 19.76 -38.39
CA GLN B 155 -9.84 18.56 -38.88
C GLN B 155 -8.39 18.48 -38.40
N THR B 156 -8.00 17.37 -37.74
CA THR B 156 -6.62 17.17 -37.25
C THR B 156 -5.72 16.53 -38.30
N GLY B 157 -6.30 15.75 -39.21
CA GLY B 157 -5.60 15.00 -40.24
C GLY B 157 -5.25 13.58 -39.80
N ILE B 158 -5.58 13.19 -38.57
CA ILE B 158 -5.30 11.87 -37.99
C ILE B 158 -6.59 11.04 -37.98
N LYS B 159 -6.59 9.92 -38.70
CA LYS B 159 -7.75 9.03 -38.88
C LYS B 159 -8.40 8.47 -37.63
N ALA B 160 -7.67 8.24 -36.55
CA ALA B 160 -8.25 7.72 -35.32
C ALA B 160 -8.97 8.83 -34.53
N ILE B 161 -8.45 10.05 -34.55
CA ILE B 161 -9.02 11.22 -33.88
C ILE B 161 -10.24 11.68 -34.69
N ASP B 162 -10.07 12.05 -35.95
CA ASP B 162 -11.17 12.51 -36.81
C ASP B 162 -12.35 11.50 -36.95
N ALA B 163 -12.15 10.20 -36.76
CA ALA B 163 -13.22 9.21 -36.81
C ALA B 163 -13.82 8.92 -35.43
N MET B 164 -12.98 8.63 -34.43
CA MET B 164 -13.44 8.10 -33.15
C MET B 164 -13.56 9.17 -32.06
N ILE B 165 -12.77 10.25 -32.14
CA ILE B 165 -12.61 11.29 -31.14
C ILE B 165 -12.69 12.68 -31.82
N PRO B 166 -13.82 13.04 -32.45
CA PRO B 166 -13.94 14.29 -33.19
C PRO B 166 -13.66 15.53 -32.36
N ILE B 167 -13.10 16.54 -33.02
CA ILE B 167 -12.77 17.85 -32.47
C ILE B 167 -13.54 18.93 -33.24
N GLY B 168 -14.04 19.95 -32.57
CA GLY B 168 -14.73 21.09 -33.17
C GLY B 168 -14.22 22.40 -32.60
N ARG B 169 -14.53 23.50 -33.28
CA ARG B 169 -14.10 24.84 -32.85
C ARG B 169 -14.86 25.23 -31.58
N GLY B 170 -14.13 25.46 -30.49
CA GLY B 170 -14.75 25.73 -29.18
C GLY B 170 -14.54 24.56 -28.23
N GLN B 171 -14.26 23.34 -28.67
CA GLN B 171 -14.05 22.20 -27.79
C GLN B 171 -12.72 22.27 -27.02
N ARG B 172 -12.60 21.50 -25.93
CA ARG B 172 -11.36 21.35 -25.14
C ARG B 172 -11.02 19.86 -25.10
N GLU B 173 -10.04 19.42 -25.86
CA GLU B 173 -9.63 18.01 -25.89
C GLU B 173 -8.31 17.78 -25.17
N LEU B 174 -8.22 16.81 -24.26
CA LEU B 174 -6.98 16.48 -23.54
C LEU B 174 -6.18 15.41 -24.31
N ILE B 175 -4.87 15.61 -24.39
CA ILE B 175 -3.93 14.63 -24.95
C ILE B 175 -3.16 14.04 -23.76
N ILE B 176 -3.35 12.76 -23.47
CA ILE B 176 -2.77 12.12 -22.29
C ILE B 176 -2.02 10.82 -22.58
N GLY B 177 -0.90 10.59 -21.89
CA GLY B 177 -0.08 9.38 -22.07
C GLY B 177 1.26 9.44 -21.33
N ASP B 178 2.00 8.35 -21.33
CA ASP B 178 3.33 8.27 -20.70
C ASP B 178 4.33 9.23 -21.35
N ARG B 179 5.46 9.51 -20.68
CA ARG B 179 6.54 10.33 -21.28
C ARG B 179 7.04 9.63 -22.53
N GLN B 180 7.54 10.40 -23.51
CA GLN B 180 8.06 9.84 -24.75
C GLN B 180 7.00 8.98 -25.50
N THR B 181 5.80 9.51 -25.78
CA THR B 181 4.73 8.76 -26.50
C THR B 181 4.12 9.45 -27.73
N GLY B 182 4.51 10.69 -28.06
CA GLY B 182 4.00 11.42 -29.23
C GLY B 182 2.97 12.53 -28.96
N LYS B 183 2.76 12.95 -27.71
CA LYS B 183 1.80 14.00 -27.37
C LYS B 183 2.08 15.36 -28.03
N THR B 184 3.34 15.79 -28.10
CA THR B 184 3.71 17.02 -28.80
C THR B 184 3.58 16.86 -30.32
N ALA B 185 3.77 15.66 -30.87
CA ALA B 185 3.64 15.38 -32.30
C ALA B 185 2.20 15.56 -32.79
N ILE B 186 1.20 15.15 -31.99
CA ILE B 186 -0.23 15.33 -32.32
C ILE B 186 -0.60 16.81 -32.31
N ALA B 187 -0.08 17.58 -31.35
CA ALA B 187 -0.32 19.01 -31.29
C ALA B 187 0.33 19.75 -32.47
N ILE B 188 1.58 19.44 -32.82
CA ILE B 188 2.28 20.07 -33.94
C ILE B 188 1.66 19.62 -35.29
N ASP B 189 1.26 18.36 -35.46
CA ASP B 189 0.56 17.92 -36.68
C ASP B 189 -0.77 18.65 -36.85
N THR B 190 -1.42 19.01 -35.74
CA THR B 190 -2.67 19.76 -35.77
C THR B 190 -2.39 21.20 -36.20
N ILE B 191 -1.37 21.84 -35.63
CA ILE B 191 -1.07 23.27 -35.93
C ILE B 191 -0.60 23.43 -37.38
N ILE B 192 -0.44 22.32 -38.09
CA ILE B 192 0.09 22.38 -39.49
C ILE B 192 -1.06 22.09 -40.46
N ASN B 193 -2.03 21.26 -40.06
CA ASN B 193 -3.16 20.89 -40.94
C ASN B 193 -4.06 22.11 -41.08
N GLN B 194 -3.80 23.14 -40.28
CA GLN B 194 -4.59 24.40 -40.29
C GLN B 194 -3.95 25.35 -41.30
N LYS B 195 -3.35 24.78 -42.36
CA LYS B 195 -2.64 25.59 -43.38
C LYS B 195 -3.62 26.47 -44.19
N GLY B 196 -4.53 25.88 -44.95
CA GLY B 196 -5.45 26.67 -45.79
C GLY B 196 -6.72 27.09 -45.07
N GLN B 197 -6.64 27.44 -43.78
CA GLN B 197 -7.79 27.90 -42.98
C GLN B 197 -7.38 29.23 -42.35
N ASP B 198 -8.31 30.05 -41.89
CA ASP B 198 -7.98 31.32 -41.23
C ASP B 198 -7.95 31.15 -39.69
N VAL B 199 -7.32 30.08 -39.21
CA VAL B 199 -7.15 29.78 -37.76
C VAL B 199 -5.81 30.31 -37.29
N ILE B 200 -5.74 30.93 -36.11
CA ILE B 200 -4.47 31.44 -35.55
C ILE B 200 -4.06 30.49 -34.42
N CYS B 201 -2.83 29.99 -34.49
CA CYS B 201 -2.28 29.02 -33.54
C CYS B 201 -1.32 29.60 -32.50
N ILE B 202 -1.49 29.18 -31.24
CA ILE B 202 -0.61 29.57 -30.14
C ILE B 202 -0.08 28.30 -29.50
N TYR B 203 1.22 28.26 -29.25
CA TYR B 203 1.86 27.11 -28.61
C TYR B 203 2.50 27.60 -27.33
N VAL B 204 2.10 27.04 -26.19
CA VAL B 204 2.65 27.43 -24.91
C VAL B 204 3.49 26.27 -24.38
N ALA B 205 4.79 26.50 -24.25
CA ALA B 205 5.75 25.54 -23.72
C ALA B 205 5.91 25.82 -22.22
N ILE B 206 5.54 24.84 -21.37
CA ILE B 206 5.62 24.94 -19.90
C ILE B 206 6.57 23.88 -19.35
N GLY B 207 7.68 24.28 -18.71
CA GLY B 207 8.67 23.40 -18.10
C GLY B 207 9.47 22.51 -19.06
N GLN B 208 9.48 22.85 -20.35
CA GLN B 208 10.20 22.14 -21.42
C GLN B 208 11.68 22.55 -21.52
N LYS B 209 12.53 21.69 -22.08
CA LYS B 209 13.97 21.95 -22.27
C LYS B 209 14.17 22.97 -23.41
N GLN B 210 15.11 23.91 -23.34
CA GLN B 210 15.37 24.88 -24.43
C GLN B 210 15.63 24.18 -25.77
N SER B 211 16.26 23.01 -25.77
CA SER B 211 16.56 22.25 -26.99
C SER B 211 15.29 21.76 -27.70
N THR B 212 14.28 21.35 -26.92
CA THR B 212 13.00 20.89 -27.48
C THR B 212 12.18 22.05 -28.03
N VAL B 213 12.26 23.22 -27.39
CA VAL B 213 11.63 24.45 -27.87
C VAL B 213 12.24 24.80 -29.24
N ALA B 214 13.57 24.80 -29.37
CA ALA B 214 14.23 25.08 -30.65
C ALA B 214 13.84 24.06 -31.73
N GLN B 215 13.74 22.76 -31.41
CA GLN B 215 13.31 21.74 -32.37
C GLN B 215 11.86 21.93 -32.85
N VAL B 216 10.96 22.37 -31.97
CA VAL B 216 9.56 22.68 -32.32
C VAL B 216 9.52 23.90 -33.24
N VAL B 217 10.21 25.01 -32.90
CA VAL B 217 10.22 26.21 -33.74
C VAL B 217 10.76 25.93 -35.13
N LYS B 218 11.85 25.15 -35.27
CA LYS B 218 12.39 24.81 -36.59
C LYS B 218 11.46 23.89 -37.37
N THR B 219 10.74 22.98 -36.72
CA THR B 219 9.77 22.13 -37.40
C THR B 219 8.63 23.00 -37.95
N LEU B 220 8.16 23.99 -37.18
CA LEU B 220 7.11 24.93 -37.61
C LEU B 220 7.60 25.78 -38.80
N GLU B 221 8.85 26.25 -38.79
CA GLU B 221 9.39 27.02 -39.93
C GLU B 221 9.59 26.13 -41.17
N GLU B 222 10.02 24.88 -41.01
CA GLU B 222 10.21 23.94 -42.12
C GLU B 222 8.90 23.69 -42.88
N HIS B 223 7.77 23.62 -42.16
CA HIS B 223 6.43 23.42 -42.72
C HIS B 223 5.67 24.75 -42.96
N GLY B 224 6.26 25.91 -42.66
CA GLY B 224 5.68 27.24 -42.84
C GLY B 224 4.61 27.68 -41.82
N ALA B 225 4.35 26.90 -40.77
CA ALA B 225 3.35 27.22 -39.76
C ALA B 225 3.60 28.54 -39.01
N MET B 226 4.84 29.04 -39.02
CA MET B 226 5.18 30.32 -38.37
C MET B 226 4.54 31.55 -39.06
N GLU B 227 3.91 31.38 -40.23
CA GLU B 227 3.20 32.49 -40.89
C GLU B 227 1.89 32.85 -40.16
N TYR B 228 1.41 31.95 -39.29
CA TYR B 228 0.16 32.08 -38.52
C TYR B 228 0.26 31.59 -37.06
N THR B 229 1.49 31.48 -36.51
CA THR B 229 1.71 30.96 -35.16
C THR B 229 2.41 31.93 -34.23
N ILE B 230 2.11 31.83 -32.93
CA ILE B 230 2.73 32.58 -31.83
C ILE B 230 3.30 31.53 -30.87
N VAL B 231 4.54 31.68 -30.43
CA VAL B 231 5.17 30.75 -29.46
C VAL B 231 5.46 31.47 -28.16
N VAL B 232 4.92 30.95 -27.07
CA VAL B 232 5.11 31.46 -25.71
C VAL B 232 5.92 30.40 -24.96
N ALA B 233 7.03 30.76 -24.33
CA ALA B 233 7.89 29.81 -23.63
C ALA B 233 8.31 30.21 -22.20
N ALA B 234 8.30 29.21 -21.32
CA ALA B 234 8.74 29.23 -19.92
C ALA B 234 9.36 27.84 -19.73
N THR B 235 10.65 27.75 -20.01
CA THR B 235 11.47 26.53 -20.00
C THR B 235 11.82 26.04 -18.60
N ALA B 236 12.32 24.80 -18.49
CA ALA B 236 12.68 24.15 -17.23
C ALA B 236 13.59 24.96 -16.30
N SER B 237 14.45 25.83 -16.82
CA SER B 237 15.35 26.68 -16.03
C SER B 237 14.73 28.03 -15.62
N ASP B 238 13.59 28.44 -16.19
CA ASP B 238 12.89 29.69 -15.82
C ASP B 238 12.19 29.54 -14.46
N PRO B 239 12.02 30.61 -13.66
CA PRO B 239 11.36 30.50 -12.36
C PRO B 239 9.93 29.96 -12.48
N ALA B 240 9.51 29.19 -11.47
CA ALA B 240 8.18 28.57 -11.42
C ALA B 240 7.03 29.58 -11.57
N ALA B 241 7.22 30.84 -11.16
CA ALA B 241 6.22 31.90 -11.32
C ALA B 241 5.90 32.18 -12.80
N LEU B 242 6.88 32.08 -13.69
CA LEU B 242 6.67 32.24 -15.13
C LEU B 242 5.97 31.01 -15.71
N GLN B 243 6.31 29.81 -15.23
CA GLN B 243 5.67 28.57 -15.67
C GLN B 243 4.20 28.50 -15.20
N TYR B 244 3.85 29.33 -14.22
CA TYR B 244 2.51 29.53 -13.67
C TYR B 244 1.74 30.53 -14.55
N ILE B 245 2.33 31.66 -14.94
CA ILE B 245 1.67 32.66 -15.80
C ILE B 245 1.55 32.25 -17.27
N ALA B 246 2.40 31.34 -17.77
CA ALA B 246 2.44 30.97 -19.19
C ALA B 246 1.08 30.57 -19.82
N PRO B 247 0.31 29.59 -19.31
CA PRO B 247 -0.98 29.25 -19.93
C PRO B 247 -1.97 30.42 -19.94
N TYR B 248 -2.00 31.27 -18.91
CA TYR B 248 -2.90 32.43 -18.84
C TYR B 248 -2.53 33.51 -19.86
N ALA B 249 -1.23 33.77 -20.07
CA ALA B 249 -0.75 34.73 -21.06
C ALA B 249 -1.12 34.24 -22.47
N GLY B 250 -0.90 32.96 -22.77
CA GLY B 250 -1.25 32.37 -24.06
C GLY B 250 -2.76 32.40 -24.31
N CYS B 251 -3.57 32.21 -23.26
CA CYS B 251 -5.02 32.27 -23.36
C CYS B 251 -5.47 33.70 -23.71
N ALA B 252 -4.95 34.73 -23.04
CA ALA B 252 -5.25 36.13 -23.33
C ALA B 252 -4.97 36.51 -24.79
N MET B 253 -3.90 35.99 -25.38
CA MET B 253 -3.56 36.23 -26.78
C MET B 253 -4.55 35.53 -27.70
N GLY B 254 -5.00 34.31 -27.38
CA GLY B 254 -6.00 33.60 -28.17
C GLY B 254 -7.39 34.27 -28.11
N GLU B 255 -7.78 34.80 -26.94
CA GLU B 255 -9.06 35.48 -26.76
C GLU B 255 -9.22 36.71 -27.65
N TYR B 256 -8.15 37.40 -27.97
CA TYR B 256 -8.16 38.58 -28.84
C TYR B 256 -8.81 38.24 -30.19
N PHE B 257 -8.39 37.15 -30.83
CA PHE B 257 -8.97 36.67 -32.09
C PHE B 257 -10.45 36.32 -31.94
N ARG B 258 -10.83 35.59 -30.87
CA ARG B 258 -12.22 35.20 -30.58
C ARG B 258 -13.13 36.41 -30.32
N ASP B 259 -12.68 37.39 -29.55
CA ASP B 259 -13.40 38.64 -29.24
C ASP B 259 -13.66 39.50 -30.48
N LYS B 260 -12.90 39.29 -31.57
CA LYS B 260 -13.01 40.02 -32.86
C LYS B 260 -13.63 39.18 -33.98
N GLY B 261 -14.17 38.00 -33.68
CA GLY B 261 -14.83 37.13 -34.66
C GLY B 261 -13.95 36.14 -35.43
N LYS B 262 -12.64 36.11 -35.18
CA LYS B 262 -11.70 35.17 -35.83
C LYS B 262 -11.61 33.88 -35.01
N HIS B 263 -11.03 32.85 -35.58
CA HIS B 263 -10.86 31.55 -34.91
C HIS B 263 -9.42 31.36 -34.45
N ALA B 264 -9.24 30.79 -33.26
CA ALA B 264 -7.93 30.52 -32.71
C ALA B 264 -7.86 29.13 -32.05
N LEU B 265 -6.63 28.68 -31.85
CA LEU B 265 -6.27 27.39 -31.27
C LEU B 265 -5.09 27.59 -30.33
N VAL B 266 -5.11 26.92 -29.19
CA VAL B 266 -4.04 26.99 -28.19
C VAL B 266 -3.66 25.61 -27.69
N VAL B 267 -2.35 25.37 -27.57
CA VAL B 267 -1.74 24.14 -27.08
C VAL B 267 -1.02 24.44 -25.77
N TYR B 268 -1.13 23.56 -24.78
CA TYR B 268 -0.41 23.70 -23.51
C TYR B 268 0.46 22.43 -23.46
N ASP B 269 1.77 22.55 -23.69
CA ASP B 269 2.68 21.40 -23.82
C ASP B 269 2.71 20.36 -22.70
N ASP B 270 2.41 20.77 -21.46
CA ASP B 270 2.24 19.86 -20.34
C ASP B 270 1.66 20.57 -19.13
N LEU B 271 0.43 20.24 -18.75
CA LEU B 271 -0.24 20.77 -17.58
C LEU B 271 0.26 20.08 -16.31
N SER B 272 0.91 18.92 -16.42
CA SER B 272 1.50 18.20 -15.29
C SER B 272 2.65 19.01 -14.66
N LYS B 273 3.41 19.74 -15.48
CA LYS B 273 4.50 20.61 -15.05
C LYS B 273 3.97 21.93 -14.50
N HIS B 274 2.84 22.40 -15.04
CA HIS B 274 2.18 23.61 -14.55
C HIS B 274 1.72 23.38 -13.09
N ALA B 275 1.16 22.20 -12.80
CA ALA B 275 0.74 21.82 -11.47
C ALA B 275 1.93 21.74 -10.48
N VAL B 276 3.06 21.14 -10.88
CA VAL B 276 4.28 21.04 -10.05
C VAL B 276 4.79 22.43 -9.70
N ALA B 277 4.77 23.38 -10.63
CA ALA B 277 5.17 24.75 -10.38
C ALA B 277 4.24 25.42 -9.35
N TYR B 278 2.93 25.20 -9.42
CA TYR B 278 2.01 25.78 -8.45
C TYR B 278 2.18 25.14 -7.06
N ARG B 279 2.44 23.81 -6.99
CA ARG B 279 2.74 23.09 -5.74
C ARG B 279 3.98 23.70 -5.07
N GLN B 280 5.01 24.03 -5.85
CA GLN B 280 6.22 24.65 -5.33
C GLN B 280 5.89 26.02 -4.74
N ILE B 281 5.22 26.91 -5.47
CA ILE B 281 4.90 28.26 -4.96
C ILE B 281 4.01 28.18 -3.71
N SER B 282 2.97 27.33 -3.73
CA SER B 282 2.07 27.16 -2.59
C SER B 282 2.76 26.59 -1.33
N LEU B 283 3.64 25.58 -1.45
CA LEU B 283 4.37 25.04 -0.30
C LEU B 283 5.35 26.09 0.26
N LEU B 284 6.00 26.91 -0.58
CA LEU B 284 6.91 27.96 -0.11
C LEU B 284 6.17 29.12 0.57
N LEU B 285 4.87 29.31 0.32
CA LEU B 285 4.02 30.30 1.02
C LEU B 285 3.41 29.67 2.30
N ARG B 286 3.79 28.42 2.60
CA ARG B 286 3.36 27.58 3.73
C ARG B 286 1.87 27.25 3.79
N ARG B 287 1.21 27.10 2.64
CA ARG B 287 -0.20 26.69 2.57
C ARG B 287 -0.27 25.18 2.87
N PRO B 288 -1.25 24.69 3.65
CA PRO B 288 -1.33 23.29 4.00
C PRO B 288 -1.70 22.42 2.78
N PRO B 289 -0.97 21.33 2.53
CA PRO B 289 -1.22 20.42 1.42
C PRO B 289 -2.40 19.50 1.64
N GLY B 290 -2.79 18.81 0.57
CA GLY B 290 -3.86 17.83 0.52
C GLY B 290 -3.36 16.57 -0.17
N ARG B 291 -4.15 15.99 -1.07
CA ARG B 291 -3.79 14.77 -1.82
C ARG B 291 -2.49 14.94 -2.58
N GLU B 292 -1.58 13.96 -2.45
CA GLU B 292 -0.32 13.92 -3.21
C GLU B 292 0.51 15.21 -3.08
N ALA B 293 0.38 15.87 -1.93
CA ALA B 293 0.99 17.14 -1.52
C ALA B 293 0.59 18.38 -2.34
N TYR B 294 -0.32 18.27 -3.32
CA TYR B 294 -0.81 19.41 -4.09
C TYR B 294 -1.73 20.29 -3.22
N PRO B 295 -1.87 21.59 -3.50
CA PRO B 295 -2.73 22.49 -2.71
C PRO B 295 -4.21 22.23 -2.98
N GLY B 296 -5.11 22.63 -2.06
CA GLY B 296 -6.56 22.45 -2.25
C GLY B 296 -7.13 23.21 -3.44
N ASP B 297 -6.50 24.34 -3.76
CA ASP B 297 -6.78 25.28 -4.85
C ASP B 297 -6.46 24.72 -6.26
N VAL B 298 -5.80 23.56 -6.37
CA VAL B 298 -5.33 22.98 -7.65
C VAL B 298 -6.43 22.69 -8.69
N PHE B 299 -7.70 22.47 -8.31
CA PHE B 299 -8.77 22.29 -9.31
C PHE B 299 -9.14 23.64 -9.93
N TYR B 300 -9.27 24.69 -9.12
CA TYR B 300 -9.56 26.04 -9.55
C TYR B 300 -8.48 26.58 -10.50
N LEU B 301 -7.21 26.22 -10.29
CA LEU B 301 -6.07 26.52 -11.17
C LEU B 301 -6.35 26.13 -12.63
N HIS B 302 -6.63 24.85 -12.91
CA HIS B 302 -6.87 24.39 -14.29
C HIS B 302 -8.28 24.67 -14.79
N SER B 303 -9.32 24.61 -13.97
CA SER B 303 -10.71 24.88 -14.42
C SER B 303 -10.92 26.36 -14.76
N ARG B 304 -10.23 27.28 -14.11
CA ARG B 304 -10.33 28.71 -14.42
C ARG B 304 -9.68 29.04 -15.77
N LEU B 305 -8.72 28.22 -16.23
CA LEU B 305 -8.01 28.40 -17.48
C LEU B 305 -8.77 27.74 -18.63
N LEU B 306 -9.18 26.47 -18.48
CA LEU B 306 -9.83 25.71 -19.54
C LEU B 306 -11.29 26.09 -19.87
N GLU B 307 -12.02 26.81 -19.03
CA GLU B 307 -13.40 27.19 -19.34
C GLU B 307 -13.51 28.46 -20.20
N ARG B 308 -12.39 29.14 -20.47
CA ARG B 308 -12.26 30.32 -21.34
C ARG B 308 -12.22 29.96 -22.84
N ALA B 309 -12.06 28.69 -23.17
CA ALA B 309 -12.17 28.13 -24.51
C ALA B 309 -13.66 27.93 -24.82
N ALA B 310 -14.17 28.58 -25.86
CA ALA B 310 -15.59 28.54 -26.21
C ALA B 310 -15.91 28.99 -27.63
N LYS B 311 -17.13 28.68 -28.09
CA LYS B 311 -17.69 29.19 -29.34
C LYS B 311 -18.74 30.21 -28.93
N LEU B 312 -18.54 31.47 -29.25
CA LEU B 312 -19.46 32.54 -28.86
C LEU B 312 -20.73 32.57 -29.73
N SER B 313 -21.76 33.24 -29.24
CA SER B 313 -23.03 33.42 -29.95
C SER B 313 -22.90 34.43 -31.10
N ASP B 314 -23.84 34.41 -32.04
CA ASP B 314 -23.81 35.35 -33.17
C ASP B 314 -23.91 36.82 -32.74
N GLU B 315 -24.56 37.13 -31.60
CA GLU B 315 -24.64 38.51 -31.11
C GLU B 315 -23.28 38.99 -30.58
N LYS B 316 -22.43 38.07 -30.13
CA LYS B 316 -21.08 38.34 -29.62
C LYS B 316 -20.03 38.33 -30.74
N GLY B 317 -20.36 37.82 -31.93
CA GLY B 317 -19.49 37.77 -33.11
C GLY B 317 -19.27 36.40 -33.75
N GLY B 318 -19.71 35.31 -33.14
CA GLY B 318 -19.54 33.95 -33.68
C GLY B 318 -18.12 33.39 -33.63
N GLY B 319 -17.16 34.09 -33.03
CA GLY B 319 -15.76 33.67 -32.92
C GLY B 319 -15.53 32.40 -32.09
N SER B 320 -14.34 31.82 -32.15
CA SER B 320 -14.01 30.58 -31.44
C SER B 320 -12.56 30.47 -30.91
N LEU B 321 -12.37 29.67 -29.86
CA LEU B 321 -11.07 29.36 -29.26
C LEU B 321 -11.07 27.91 -28.79
N THR B 322 -10.32 27.06 -29.48
CA THR B 322 -10.18 25.63 -29.15
C THR B 322 -8.94 25.43 -28.27
N ALA B 323 -8.93 24.41 -27.40
CA ALA B 323 -7.78 24.13 -26.55
C ALA B 323 -7.38 22.66 -26.61
N LEU B 324 -6.06 22.42 -26.58
CA LEU B 324 -5.42 21.11 -26.62
C LEU B 324 -4.39 20.98 -25.49
N PRO B 325 -4.82 20.89 -24.21
CA PRO B 325 -3.86 20.66 -23.14
C PRO B 325 -3.23 19.27 -23.26
N ILE B 326 -2.05 19.10 -22.67
CA ILE B 326 -1.29 17.82 -22.65
C ILE B 326 -0.98 17.45 -21.21
N ILE B 327 -0.99 16.16 -20.87
CA ILE B 327 -0.65 15.63 -19.53
C ILE B 327 0.19 14.36 -19.66
N GLU B 328 1.04 14.12 -18.67
CA GLU B 328 1.95 12.96 -18.57
C GLU B 328 1.60 12.04 -17.41
N THR B 329 1.41 10.76 -17.72
CA THR B 329 1.08 9.73 -16.72
C THR B 329 2.32 8.94 -16.32
N GLN B 330 2.51 8.70 -15.02
CA GLN B 330 3.59 7.84 -14.54
C GLN B 330 3.10 6.39 -14.71
N ALA B 331 3.87 5.53 -15.37
CA ALA B 331 3.52 4.12 -15.60
C ALA B 331 2.11 3.80 -16.15
N GLY B 332 1.45 4.75 -16.83
CA GLY B 332 0.08 4.59 -17.29
C GLY B 332 -1.01 4.79 -16.23
N ASP B 333 -0.70 5.39 -15.07
CA ASP B 333 -1.66 5.67 -13.99
C ASP B 333 -2.60 6.84 -14.36
N VAL B 334 -3.57 6.61 -15.25
CA VAL B 334 -4.55 7.62 -15.68
C VAL B 334 -5.42 8.10 -14.52
N SER B 335 -5.57 7.23 -13.53
CA SER B 335 -6.31 7.38 -12.27
C SER B 335 -5.68 8.34 -11.24
N ALA B 336 -4.50 8.92 -11.48
CA ALA B 336 -3.87 9.85 -10.53
C ALA B 336 -4.66 11.15 -10.35
N TYR B 337 -4.35 11.92 -9.30
CA TYR B 337 -5.07 13.15 -8.98
C TYR B 337 -5.10 14.19 -10.11
N ILE B 338 -3.97 14.77 -10.52
CA ILE B 338 -3.94 15.80 -11.57
C ILE B 338 -4.52 15.29 -12.91
N PRO B 339 -4.23 14.07 -13.39
CA PRO B 339 -4.85 13.55 -14.61
C PRO B 339 -6.37 13.50 -14.54
N THR B 340 -6.98 12.84 -13.54
CA THR B 340 -8.45 12.74 -13.42
C THR B 340 -9.10 14.10 -13.19
N ASN B 341 -8.40 15.02 -12.52
CA ASN B 341 -8.84 16.37 -12.24
C ASN B 341 -9.04 17.16 -13.56
N VAL B 342 -8.11 17.08 -14.51
CA VAL B 342 -8.23 17.75 -15.83
C VAL B 342 -9.22 17.03 -16.74
N ILE B 343 -9.32 15.70 -16.65
CA ILE B 343 -10.30 14.91 -17.41
C ILE B 343 -11.71 15.36 -17.03
N SER B 344 -11.94 15.75 -15.77
CA SER B 344 -13.21 16.24 -15.25
C SER B 344 -13.59 17.65 -15.75
N ILE B 345 -12.67 18.38 -16.40
CA ILE B 345 -12.87 19.74 -16.95
C ILE B 345 -13.03 19.74 -18.49
N THR B 346 -12.31 18.91 -19.22
CA THR B 346 -12.28 18.88 -20.70
C THR B 346 -13.50 18.22 -21.34
N ASP B 347 -13.63 18.34 -22.65
CA ASP B 347 -14.70 17.79 -23.48
C ASP B 347 -14.33 16.47 -24.12
N GLY B 348 -13.23 15.85 -23.72
CA GLY B 348 -12.79 14.59 -24.29
C GLY B 348 -11.33 14.28 -23.99
N GLN B 349 -10.96 13.02 -24.16
CA GLN B 349 -9.62 12.49 -23.86
C GLN B 349 -9.11 11.61 -24.98
N ILE B 350 -7.83 11.79 -25.32
CA ILE B 350 -7.09 10.95 -26.27
C ILE B 350 -5.96 10.30 -25.46
N TYR B 351 -6.06 9.01 -25.17
CA TYR B 351 -5.09 8.29 -24.37
C TYR B 351 -4.10 7.50 -25.25
N LEU B 352 -2.80 7.70 -25.07
CA LEU B 352 -1.71 7.08 -25.84
C LEU B 352 -0.99 5.97 -25.04
N GLU B 353 -0.88 4.77 -25.58
CA GLU B 353 -0.24 3.63 -24.92
C GLU B 353 1.26 3.45 -25.19
N SER B 354 2.07 3.43 -24.13
CA SER B 354 3.51 3.14 -24.24
C SER B 354 3.76 1.68 -24.62
N ASP B 355 2.81 0.79 -24.31
CA ASP B 355 2.89 -0.65 -24.63
C ASP B 355 2.67 -0.87 -26.14
N LEU B 356 1.57 -0.35 -26.70
CA LEU B 356 1.28 -0.48 -28.13
C LEU B 356 2.36 0.21 -28.97
N PHE B 357 2.92 1.34 -28.52
CA PHE B 357 3.93 2.08 -29.27
C PHE B 357 5.18 1.25 -29.61
N TYR B 358 5.64 0.38 -28.70
CA TYR B 358 6.79 -0.48 -28.95
C TYR B 358 6.43 -1.73 -29.76
N SER B 359 5.14 -1.98 -30.01
CA SER B 359 4.65 -3.08 -30.86
C SER B 359 4.52 -2.63 -32.33
N GLY B 360 5.17 -1.53 -32.73
CA GLY B 360 5.13 -0.99 -34.11
C GLY B 360 3.84 -0.26 -34.48
N ILE B 361 3.02 0.15 -33.50
CA ILE B 361 1.71 0.80 -33.73
C ILE B 361 1.81 2.32 -33.48
N ARG B 362 1.26 3.12 -34.40
CA ARG B 362 1.16 4.60 -34.40
C ARG B 362 -0.21 5.00 -34.96
N PRO B 363 -0.93 6.00 -34.41
CA PRO B 363 -0.59 6.84 -33.26
C PRO B 363 -0.63 6.18 -31.86
N ALA B 364 -0.96 4.89 -31.74
CA ALA B 364 -1.07 4.16 -30.46
C ALA B 364 -2.15 4.69 -29.50
N ILE B 365 -3.28 5.16 -30.03
CA ILE B 365 -4.40 5.66 -29.23
C ILE B 365 -5.26 4.50 -28.71
N ASN B 366 -5.50 4.42 -27.40
CA ASN B 366 -6.36 3.39 -26.81
C ASN B 366 -7.81 3.87 -26.85
N VAL B 367 -8.50 3.39 -27.89
CA VAL B 367 -9.93 3.63 -28.19
C VAL B 367 -10.86 3.07 -27.13
N GLY B 368 -10.41 2.12 -26.32
CA GLY B 368 -11.22 1.55 -25.26
C GLY B 368 -11.37 2.53 -24.09
N LEU B 369 -10.51 3.55 -23.98
CA LEU B 369 -10.51 4.59 -22.92
C LEU B 369 -10.73 5.99 -23.49
N SER B 370 -10.25 6.26 -24.70
CA SER B 370 -10.37 7.56 -25.36
C SER B 370 -11.78 7.83 -25.87
N VAL B 371 -12.35 9.02 -25.59
CA VAL B 371 -13.71 9.43 -25.98
C VAL B 371 -13.92 10.95 -25.95
N SER B 372 -14.92 11.50 -26.64
CA SER B 372 -15.27 12.93 -26.59
C SER B 372 -16.76 13.18 -26.32
N ARG B 373 -17.01 14.20 -25.50
CA ARG B 373 -18.32 14.68 -25.01
C ARG B 373 -19.07 15.55 -26.02
N VAL B 374 -18.34 16.18 -26.93
CA VAL B 374 -18.82 16.98 -28.07
C VAL B 374 -18.94 16.13 -29.33
N GLY B 375 -18.36 14.93 -29.31
CA GLY B 375 -18.28 14.03 -30.45
C GLY B 375 -19.61 13.75 -31.13
N GLY B 376 -19.52 13.34 -32.39
CA GLY B 376 -20.66 13.05 -33.26
C GLY B 376 -21.31 14.30 -33.83
N ALA B 377 -21.52 15.34 -33.02
CA ALA B 377 -22.13 16.60 -33.44
C ALA B 377 -21.22 17.50 -34.27
N ALA B 378 -19.91 17.52 -33.99
CA ALA B 378 -18.94 18.38 -34.70
C ALA B 378 -18.48 17.82 -36.05
N GLN B 379 -18.48 16.50 -36.19
CA GLN B 379 -18.08 15.73 -37.37
C GLN B 379 -19.03 15.94 -38.58
N ILE B 380 -18.55 15.91 -39.83
CA ILE B 380 -19.42 16.08 -41.03
C ILE B 380 -20.36 14.88 -41.22
N LYS B 381 -21.53 15.10 -41.83
CA LYS B 381 -22.56 14.07 -42.06
C LYS B 381 -22.05 12.80 -42.76
N ALA B 382 -21.22 12.90 -43.79
CA ALA B 382 -20.66 11.71 -44.46
C ALA B 382 -19.84 10.85 -43.48
N MET B 383 -19.11 11.48 -42.56
CA MET B 383 -18.34 10.78 -41.56
C MET B 383 -19.27 10.23 -40.46
N LYS B 384 -20.33 10.96 -40.05
CA LYS B 384 -21.32 10.45 -39.06
C LYS B 384 -21.96 9.16 -39.56
N GLN B 385 -22.23 9.07 -40.87
CA GLN B 385 -22.84 7.91 -41.52
C GLN B 385 -21.96 6.64 -41.49
N VAL B 386 -20.65 6.75 -41.21
CA VAL B 386 -19.76 5.59 -41.17
C VAL B 386 -19.03 5.39 -39.85
N ALA B 387 -18.61 6.45 -39.16
CA ALA B 387 -17.92 6.42 -37.88
C ALA B 387 -18.80 6.18 -36.63
N GLY B 388 -20.10 6.48 -36.70
CA GLY B 388 -21.08 6.40 -35.60
C GLY B 388 -20.95 5.22 -34.62
N LYS B 389 -20.97 3.98 -35.11
CA LYS B 389 -20.87 2.76 -34.29
C LYS B 389 -19.44 2.24 -34.07
N LEU B 390 -18.43 2.81 -34.72
CA LEU B 390 -17.05 2.30 -34.69
C LEU B 390 -16.36 2.35 -33.32
N ARG B 391 -16.53 3.40 -32.50
CA ARG B 391 -15.88 3.47 -31.16
C ARG B 391 -16.35 2.35 -30.24
N LEU B 392 -17.65 2.13 -30.12
CA LEU B 392 -18.18 1.07 -29.26
C LEU B 392 -17.76 -0.32 -29.77
N ASP B 393 -17.63 -0.51 -31.08
CA ASP B 393 -17.16 -1.78 -31.63
C ASP B 393 -15.67 -2.02 -31.30
N LEU B 394 -14.83 -1.00 -31.44
CA LEU B 394 -13.41 -1.04 -31.09
C LEU B 394 -13.13 -1.05 -29.57
N ALA B 395 -14.16 -0.96 -28.73
CA ALA B 395 -14.09 -1.07 -27.27
C ALA B 395 -14.41 -2.55 -26.93
N GLN B 396 -15.53 -3.11 -27.41
CA GLN B 396 -15.84 -4.52 -27.19
C GLN B 396 -14.79 -5.44 -27.83
N TYR B 397 -14.10 -4.98 -28.89
CA TYR B 397 -13.03 -5.76 -29.53
C TYR B 397 -11.91 -6.10 -28.53
N ARG B 398 -11.53 -5.15 -27.68
CA ARG B 398 -10.51 -5.32 -26.62
C ARG B 398 -10.88 -6.45 -25.66
N GLU B 399 -12.15 -6.53 -25.25
CA GLU B 399 -12.67 -7.59 -24.38
C GLU B 399 -12.54 -8.95 -25.05
N LEU B 400 -13.04 -9.09 -26.28
CA LEU B 400 -13.00 -10.37 -26.99
C LEU B 400 -11.58 -10.90 -27.18
N GLN B 401 -10.61 -10.09 -27.65
CA GLN B 401 -9.23 -10.55 -27.82
C GLN B 401 -8.57 -10.88 -26.47
N ALA B 402 -8.97 -10.24 -25.36
CA ALA B 402 -8.47 -10.54 -24.02
C ALA B 402 -9.11 -11.81 -23.41
N PHE B 403 -10.40 -12.04 -23.69
CA PHE B 403 -11.17 -13.17 -23.17
C PHE B 403 -10.96 -14.49 -23.93
N ALA B 404 -10.84 -14.46 -25.26
CA ALA B 404 -10.66 -15.66 -26.07
C ALA B 404 -9.31 -16.34 -25.77
N GLN B 405 -9.35 -17.44 -25.03
CA GLN B 405 -8.17 -18.21 -24.59
C GLN B 405 -7.36 -18.84 -25.75
N PHE B 406 -8.03 -19.26 -26.83
CA PHE B 406 -7.42 -19.88 -28.02
C PHE B 406 -8.22 -19.52 -29.29
N ALA B 407 -7.66 -19.83 -30.47
CA ALA B 407 -8.33 -19.57 -31.76
C ALA B 407 -9.18 -20.75 -32.29
N SER B 408 -8.96 -21.98 -31.80
CA SER B 408 -9.65 -23.19 -32.27
C SER B 408 -10.97 -23.58 -31.56
N ASP B 409 -11.27 -23.08 -30.35
CA ASP B 409 -12.48 -23.45 -29.60
C ASP B 409 -13.71 -22.53 -29.80
N LEU B 410 -13.53 -21.27 -30.20
CA LEU B 410 -14.66 -20.35 -30.41
C LEU B 410 -15.55 -20.73 -31.61
N ASP B 411 -16.81 -20.34 -31.55
CA ASP B 411 -17.82 -20.58 -32.60
C ASP B 411 -17.75 -19.58 -33.76
N GLU B 412 -18.46 -19.88 -34.86
CA GLU B 412 -18.50 -19.04 -36.05
C GLU B 412 -18.98 -17.60 -35.76
N ALA B 413 -19.96 -17.45 -34.87
CA ALA B 413 -20.52 -16.16 -34.50
C ALA B 413 -19.48 -15.25 -33.83
N THR B 414 -18.55 -15.84 -33.06
CA THR B 414 -17.47 -15.12 -32.39
C THR B 414 -16.29 -14.87 -33.32
N ARG B 415 -15.89 -15.87 -34.14
CA ARG B 415 -14.78 -15.73 -35.11
C ARG B 415 -15.03 -14.57 -36.08
N ALA B 416 -16.26 -14.44 -36.58
CA ALA B 416 -16.65 -13.38 -37.51
C ALA B 416 -16.41 -11.97 -36.95
N GLN B 417 -16.70 -11.71 -35.66
CA GLN B 417 -16.49 -10.39 -35.05
C GLN B 417 -15.08 -10.17 -34.55
N LEU B 418 -14.34 -11.23 -34.20
CA LEU B 418 -12.95 -11.12 -33.76
C LEU B 418 -12.05 -10.66 -34.93
N GLU B 419 -12.29 -11.18 -36.15
CA GLU B 419 -11.55 -10.81 -37.36
C GLU B 419 -11.76 -9.35 -37.81
N ARG B 420 -13.00 -8.84 -37.70
CA ARG B 420 -13.34 -7.47 -38.12
C ARG B 420 -12.51 -6.42 -37.39
N GLY B 421 -12.36 -6.55 -36.08
CA GLY B 421 -11.58 -5.64 -35.25
C GLY B 421 -10.10 -5.57 -35.63
N GLN B 422 -9.51 -6.68 -36.08
CA GLN B 422 -8.13 -6.71 -36.56
C GLN B 422 -7.99 -5.82 -37.79
N ARG B 423 -8.83 -6.00 -38.80
CA ARG B 423 -8.84 -5.22 -40.06
C ARG B 423 -9.06 -3.74 -39.78
N MET B 424 -10.01 -3.38 -38.91
CA MET B 424 -10.24 -1.97 -38.56
C MET B 424 -9.02 -1.37 -37.86
N THR B 425 -8.39 -2.14 -36.96
CA THR B 425 -7.17 -1.68 -36.27
C THR B 425 -6.05 -1.37 -37.28
N GLU B 426 -5.84 -2.21 -38.31
CA GLU B 426 -4.92 -1.91 -39.42
C GLU B 426 -5.27 -0.61 -40.15
N ILE B 427 -6.50 -0.44 -40.63
CA ILE B 427 -6.97 0.82 -41.24
C ILE B 427 -6.70 2.03 -40.35
N LEU B 428 -6.82 1.95 -39.04
CA LEU B 428 -6.56 3.06 -38.13
C LEU B 428 -5.09 3.46 -37.97
N LYS B 429 -4.11 2.58 -38.32
CA LYS B 429 -2.66 2.89 -38.25
C LYS B 429 -2.28 3.97 -39.28
N GLN B 430 -1.38 4.88 -38.91
CA GLN B 430 -0.97 6.01 -39.75
C GLN B 430 0.40 6.58 -39.31
N PRO B 431 1.36 6.77 -40.23
CA PRO B 431 2.68 7.33 -39.90
C PRO B 431 2.66 8.84 -39.62
N GLN B 432 3.75 9.34 -39.04
CA GLN B 432 3.99 10.74 -38.68
C GLN B 432 4.07 11.69 -39.89
N TYR B 433 3.75 12.97 -39.71
CA TYR B 433 3.84 14.03 -40.74
C TYR B 433 3.10 13.67 -42.05
N SER B 434 2.03 12.89 -41.94
CA SER B 434 1.23 12.40 -43.08
C SER B 434 -0.27 12.66 -42.91
N PRO B 435 -0.74 13.93 -42.90
CA PRO B 435 -2.15 14.25 -42.76
C PRO B 435 -2.98 13.68 -43.92
N MET B 436 -4.14 13.08 -43.64
CA MET B 436 -5.05 12.55 -44.67
C MET B 436 -6.34 13.39 -44.69
N PRO B 437 -6.79 13.93 -45.84
CA PRO B 437 -7.98 14.77 -45.90
C PRO B 437 -9.27 13.98 -45.64
N VAL B 438 -10.27 14.66 -45.06
CA VAL B 438 -11.58 14.10 -44.65
C VAL B 438 -12.27 13.27 -45.74
N GLU B 439 -12.28 13.71 -47.00
CA GLU B 439 -12.92 12.97 -48.07
C GLU B 439 -12.24 11.60 -48.25
N LYS B 440 -10.91 11.49 -48.16
CA LYS B 440 -10.22 10.18 -48.28
C LYS B 440 -10.48 9.29 -47.06
N GLN B 441 -10.56 9.87 -45.87
CA GLN B 441 -10.85 9.11 -44.65
C GLN B 441 -12.23 8.43 -44.73
N VAL B 442 -13.25 9.15 -45.24
CA VAL B 442 -14.62 8.65 -45.39
C VAL B 442 -14.66 7.41 -46.28
N VAL B 443 -14.00 7.42 -47.45
CA VAL B 443 -14.03 6.26 -48.37
C VAL B 443 -13.41 5.01 -47.76
N ILE B 444 -12.25 5.12 -47.10
CA ILE B 444 -11.60 3.95 -46.50
C ILE B 444 -12.39 3.41 -45.29
N ILE B 445 -12.95 4.29 -44.45
CA ILE B 445 -13.77 3.84 -43.30
C ILE B 445 -15.07 3.21 -43.80
N TYR B 446 -15.66 3.70 -44.89
CA TYR B 446 -16.84 3.08 -45.49
C TYR B 446 -16.50 1.66 -45.96
N ALA B 447 -15.28 1.44 -46.49
CA ALA B 447 -14.86 0.12 -46.96
C ALA B 447 -14.73 -0.89 -45.80
N GLY B 448 -14.11 -0.50 -44.69
CA GLY B 448 -13.91 -1.35 -43.52
C GLY B 448 -15.17 -1.60 -42.71
N THR B 449 -15.93 -0.56 -42.37
CA THR B 449 -17.16 -0.70 -41.56
C THR B 449 -18.29 -1.46 -42.25
N ASN B 450 -18.19 -1.70 -43.56
CA ASN B 450 -19.17 -2.44 -44.36
C ASN B 450 -18.62 -3.80 -44.85
N GLY B 451 -17.44 -4.23 -44.39
CA GLY B 451 -16.85 -5.55 -44.70
C GLY B 451 -16.15 -5.73 -46.04
N TYR B 452 -15.82 -4.68 -46.79
CA TYR B 452 -15.15 -4.86 -48.08
C TYR B 452 -13.72 -5.40 -47.94
N LEU B 453 -13.10 -5.28 -46.75
CA LEU B 453 -11.76 -5.77 -46.42
C LEU B 453 -11.74 -7.20 -45.85
N ASP B 454 -12.89 -7.87 -45.69
CA ASP B 454 -12.97 -9.19 -45.06
C ASP B 454 -12.33 -10.38 -45.83
N ASP B 455 -12.14 -10.27 -47.14
CA ASP B 455 -11.45 -11.31 -47.91
C ASP B 455 -9.93 -11.04 -47.91
N ILE B 456 -9.51 -9.78 -47.85
CA ILE B 456 -8.07 -9.41 -47.86
C ILE B 456 -7.39 -9.89 -46.59
N PRO B 457 -6.17 -10.47 -46.66
CA PRO B 457 -5.42 -10.83 -45.46
C PRO B 457 -5.04 -9.59 -44.66
N VAL B 458 -4.81 -9.75 -43.36
CA VAL B 458 -4.49 -8.64 -42.44
C VAL B 458 -3.16 -7.94 -42.75
N GLU B 459 -2.12 -8.67 -43.17
CA GLU B 459 -0.82 -8.08 -43.50
C GLU B 459 -0.84 -7.25 -44.81
N LYS B 460 -1.84 -7.45 -45.68
CA LYS B 460 -2.00 -6.74 -46.95
C LYS B 460 -2.96 -5.56 -46.88
N VAL B 461 -3.67 -5.37 -45.77
CA VAL B 461 -4.64 -4.27 -45.59
C VAL B 461 -4.01 -2.89 -45.78
N LYS B 462 -2.78 -2.67 -45.31
CA LYS B 462 -2.13 -1.35 -45.45
C LYS B 462 -1.79 -1.03 -46.91
N GLU B 463 -1.36 -2.01 -47.68
CA GLU B 463 -1.11 -1.85 -49.12
C GLU B 463 -2.43 -1.48 -49.82
N PHE B 464 -3.53 -2.14 -49.42
CA PHE B 464 -4.86 -1.88 -49.96
C PHE B 464 -5.23 -0.41 -49.79
N GLU B 465 -5.09 0.13 -48.59
CA GLU B 465 -5.39 1.54 -48.30
C GLU B 465 -4.65 2.54 -49.20
N ASP B 466 -3.34 2.35 -49.44
CA ASP B 466 -2.58 3.24 -50.34
C ASP B 466 -2.99 3.06 -51.81
N GLY B 467 -3.14 1.81 -52.26
CA GLY B 467 -3.55 1.51 -53.63
C GLY B 467 -4.97 1.96 -53.97
N PHE B 468 -5.91 1.80 -53.03
CA PHE B 468 -7.30 2.20 -53.20
C PHE B 468 -7.47 3.73 -53.26
N LEU B 469 -6.81 4.47 -52.37
CA LEU B 469 -6.91 5.93 -52.37
C LEU B 469 -6.27 6.51 -53.65
N GLU B 470 -5.13 5.99 -54.12
CA GLU B 470 -4.51 6.49 -55.35
C GLU B 470 -5.35 6.15 -56.58
N TYR B 471 -6.03 5.00 -56.59
CA TYR B 471 -6.90 4.57 -57.69
C TYR B 471 -8.09 5.54 -57.80
N ILE B 472 -8.81 5.81 -56.71
CA ILE B 472 -9.95 6.72 -56.69
C ILE B 472 -9.52 8.14 -57.09
N GLU B 473 -8.40 8.66 -56.60
CA GLU B 473 -7.96 10.02 -56.94
C GLU B 473 -7.48 10.11 -58.40
N SER B 474 -6.82 9.07 -58.93
CA SER B 474 -6.34 9.05 -60.32
C SER B 474 -7.43 8.82 -61.38
N LYS B 475 -8.56 8.15 -61.09
CA LYS B 475 -9.61 7.94 -62.13
C LYS B 475 -11.08 8.09 -61.72
N HIS B 476 -11.39 8.41 -60.47
CA HIS B 476 -12.76 8.67 -60.00
C HIS B 476 -12.82 9.92 -59.11
N PRO B 477 -12.28 11.09 -59.53
CA PRO B 477 -12.28 12.28 -58.70
C PRO B 477 -13.69 12.80 -58.41
N ASP B 478 -14.70 12.35 -59.16
CA ASP B 478 -16.10 12.70 -58.97
C ASP B 478 -16.64 12.21 -57.61
N ILE B 479 -16.07 11.17 -56.98
CA ILE B 479 -16.52 10.71 -55.65
C ILE B 479 -15.96 11.66 -54.58
N LEU B 480 -14.65 11.96 -54.63
CA LEU B 480 -14.01 12.85 -53.67
C LEU B 480 -14.49 14.31 -53.81
N GLU B 481 -14.78 14.77 -55.03
CA GLU B 481 -15.26 16.13 -55.27
C GLU B 481 -16.71 16.29 -54.77
N GLU B 482 -17.56 15.27 -54.93
CA GLU B 482 -18.94 15.31 -54.40
C GLU B 482 -18.95 15.40 -52.88
N ILE B 483 -18.14 14.58 -52.20
CA ILE B 483 -18.03 14.60 -50.74
C ILE B 483 -17.51 15.96 -50.27
N ARG B 484 -16.54 16.56 -50.98
CA ARG B 484 -15.97 17.88 -50.65
C ARG B 484 -17.00 19.02 -50.70
N GLU B 485 -17.95 19.00 -51.63
CA GLU B 485 -18.95 20.07 -51.76
C GLU B 485 -20.24 19.78 -50.98
N LYS B 486 -20.74 18.54 -50.99
CA LYS B 486 -22.00 18.16 -50.30
C LYS B 486 -21.87 17.82 -48.81
N LYS B 487 -20.69 17.39 -48.35
CA LYS B 487 -20.39 16.98 -46.95
C LYS B 487 -21.23 15.78 -46.44
N ALA B 488 -21.93 15.06 -47.33
CA ALA B 488 -22.82 13.94 -47.01
C ALA B 488 -22.84 12.88 -48.12
N LEU B 489 -23.23 11.65 -47.79
CA LEU B 489 -23.36 10.55 -48.77
C LEU B 489 -24.81 10.44 -49.24
N ASP B 490 -25.08 10.76 -50.50
CA ASP B 490 -26.42 10.66 -51.10
C ASP B 490 -26.63 9.27 -51.71
N ASP B 491 -25.94 8.99 -52.82
CA ASP B 491 -26.00 7.71 -53.53
C ASP B 491 -24.63 7.01 -53.43
N GLU B 492 -24.64 5.81 -52.83
CA GLU B 492 -23.46 4.97 -52.64
C GLU B 492 -23.21 4.03 -53.83
N LEU B 493 -24.22 3.82 -54.68
CA LEU B 493 -24.19 2.88 -55.82
C LEU B 493 -22.98 3.07 -56.73
N GLU B 494 -22.56 4.32 -56.96
CA GLU B 494 -21.39 4.60 -57.79
C GLU B 494 -20.12 4.17 -57.07
N GLU B 495 -19.98 4.47 -55.77
CA GLU B 495 -18.82 4.07 -54.98
C GLU B 495 -18.72 2.55 -54.83
N LYS B 496 -19.83 1.82 -54.62
CA LYS B 496 -19.80 0.35 -54.55
C LYS B 496 -19.25 -0.28 -55.85
N LEU B 497 -19.71 0.19 -57.00
CA LEU B 497 -19.23 -0.31 -58.30
C LEU B 497 -17.80 0.14 -58.60
N LYS B 498 -17.49 1.42 -58.36
CA LYS B 498 -16.14 1.99 -58.60
C LYS B 498 -15.11 1.33 -57.70
N LYS B 499 -15.51 0.88 -56.50
CA LYS B 499 -14.66 0.13 -55.57
C LYS B 499 -14.49 -1.32 -56.01
N ALA B 500 -15.58 -2.00 -56.38
CA ALA B 500 -15.52 -3.40 -56.83
C ALA B 500 -14.61 -3.57 -58.05
N ILE B 501 -14.55 -2.57 -58.95
CA ILE B 501 -13.68 -2.60 -60.13
C ILE B 501 -12.21 -2.75 -59.68
N LYS B 502 -11.76 -2.01 -58.66
CA LYS B 502 -10.38 -2.13 -58.14
C LYS B 502 -10.12 -3.54 -57.61
N GLU B 503 -11.09 -4.14 -56.93
CA GLU B 503 -10.97 -5.49 -56.39
C GLU B 503 -10.76 -6.51 -57.52
N PHE B 504 -11.60 -6.49 -58.56
CA PHE B 504 -11.46 -7.39 -59.72
C PHE B 504 -10.12 -7.21 -60.48
N LYS B 505 -9.60 -5.98 -60.50
CA LYS B 505 -8.33 -5.55 -61.13
C LYS B 505 -7.07 -5.86 -60.30
N ALA B 506 -6.82 -7.16 -60.09
CA ALA B 506 -5.67 -7.73 -59.37
C ALA B 506 -5.28 -7.06 -58.03
N THR B 507 -6.21 -7.08 -57.08
CA THR B 507 -6.01 -6.57 -55.71
C THR B 507 -4.89 -7.31 -54.98
N PHE B 508 -4.47 -6.80 -53.81
CA PHE B 508 -3.38 -7.38 -53.00
C PHE B 508 -3.80 -8.66 -52.26
N SER C 34 -15.66 37.43 39.64
CA SER C 34 -17.12 37.37 39.42
C SER C 34 -17.48 36.05 38.72
N ASP C 35 -18.78 35.74 38.58
CA ASP C 35 -19.21 34.52 37.85
C ASP C 35 -19.73 34.87 36.46
N VAL C 36 -19.51 36.12 36.01
CA VAL C 36 -20.02 36.57 34.68
C VAL C 36 -18.86 36.55 33.69
N GLY C 37 -19.03 35.90 32.53
CA GLY C 37 -18.00 35.95 31.47
C GLY C 37 -18.50 36.60 30.18
N THR C 38 -17.62 37.02 29.28
CA THR C 38 -18.07 37.56 27.99
C THR C 38 -17.37 36.89 26.83
N VAL C 39 -18.09 36.75 25.73
CA VAL C 39 -17.63 36.08 24.52
C VAL C 39 -16.59 36.90 23.77
N ILE C 40 -15.50 36.26 23.35
CA ILE C 40 -14.36 36.84 22.63
C ILE C 40 -14.08 36.21 21.24
N GLN C 41 -14.81 35.19 20.81
CA GLN C 41 -14.68 34.54 19.51
C GLN C 41 -15.86 33.57 19.32
N VAL C 42 -16.42 33.44 18.10
CA VAL C 42 -17.56 32.54 17.80
C VAL C 42 -17.37 31.89 16.43
N GLY C 43 -17.41 30.56 16.38
CA GLY C 43 -17.20 29.74 15.20
C GLY C 43 -18.30 28.74 14.94
N ASP C 44 -17.99 27.57 14.40
CA ASP C 44 -19.01 26.56 14.09
C ASP C 44 -19.36 25.72 15.34
N GLY C 45 -20.22 26.25 16.21
CA GLY C 45 -20.68 25.61 17.45
C GLY C 45 -19.75 25.77 18.65
N ILE C 46 -18.64 26.48 18.48
CA ILE C 46 -17.63 26.76 19.52
C ILE C 46 -17.57 28.24 19.81
N ALA C 47 -17.45 28.60 21.07
CA ALA C 47 -17.25 29.97 21.49
C ALA C 47 -16.15 29.98 22.56
N ARG C 48 -15.49 31.12 22.74
CA ARG C 48 -14.46 31.32 23.75
C ARG C 48 -14.78 32.54 24.57
N ALA C 49 -14.56 32.47 25.87
CA ALA C 49 -14.89 33.56 26.76
C ALA C 49 -13.83 33.88 27.81
N HIS C 50 -13.83 35.14 28.20
CA HIS C 50 -13.01 35.77 29.23
C HIS C 50 -13.82 35.73 30.54
N GLY C 51 -13.19 35.89 31.70
CA GLY C 51 -13.91 35.77 32.98
C GLY C 51 -14.23 34.30 33.33
N LEU C 52 -15.34 34.04 34.01
CA LEU C 52 -15.76 32.70 34.48
C LEU C 52 -14.66 32.00 35.31
N ASP C 53 -13.97 32.76 36.16
CA ASP C 53 -12.87 32.27 37.00
C ASP C 53 -13.18 31.02 37.84
N ASN C 54 -14.38 30.89 38.40
CA ASN C 54 -14.75 29.73 39.23
C ASN C 54 -15.58 28.66 38.51
N VAL C 55 -15.51 28.53 37.19
CA VAL C 55 -16.26 27.49 36.46
C VAL C 55 -15.56 26.14 36.61
N MET C 56 -16.26 25.01 36.60
CA MET C 56 -15.59 23.73 36.75
C MET C 56 -15.63 22.93 35.45
N SER C 57 -14.67 22.03 35.27
CA SER C 57 -14.56 21.22 34.06
C SER C 57 -15.83 20.41 33.82
N GLY C 58 -16.47 20.56 32.66
CA GLY C 58 -17.72 19.87 32.28
C GLY C 58 -19.02 20.56 32.72
N GLU C 59 -18.98 21.72 33.37
CA GLU C 59 -20.15 22.47 33.81
C GLU C 59 -20.97 23.08 32.65
N LEU C 60 -22.29 23.22 32.83
CA LEU C 60 -23.15 23.87 31.85
C LEU C 60 -23.09 25.39 32.08
N VAL C 61 -23.08 26.15 30.99
CA VAL C 61 -23.00 27.61 30.97
C VAL C 61 -24.15 28.15 30.11
N GLU C 62 -24.74 29.28 30.50
CA GLU C 62 -25.87 29.91 29.80
C GLU C 62 -25.52 31.24 29.11
N PHE C 63 -25.81 31.36 27.80
CA PHE C 63 -25.59 32.58 27.02
C PHE C 63 -26.77 33.56 27.18
N ALA C 64 -26.56 34.87 26.99
CA ALA C 64 -27.62 35.89 27.12
C ALA C 64 -28.83 35.68 26.17
N ASN C 65 -28.64 34.98 25.06
CA ASN C 65 -29.67 34.65 24.06
C ASN C 65 -30.61 33.55 24.61
N GLY C 66 -30.21 32.86 25.68
CA GLY C 66 -30.94 31.76 26.32
C GLY C 66 -30.42 30.37 25.96
N VAL C 67 -29.52 30.24 24.97
CA VAL C 67 -28.93 28.97 24.53
C VAL C 67 -27.89 28.48 25.57
N MET C 68 -27.53 27.19 25.57
CA MET C 68 -26.60 26.59 26.55
C MET C 68 -25.36 25.94 25.93
N GLY C 69 -24.28 25.83 26.71
CA GLY C 69 -23.02 25.23 26.27
C GLY C 69 -22.21 24.64 27.43
N MET C 70 -21.30 23.70 27.13
CA MET C 70 -20.44 23.02 28.11
C MET C 70 -19.02 23.61 28.15
N ALA C 71 -18.50 23.93 29.33
CA ALA C 71 -17.13 24.41 29.49
C ALA C 71 -16.16 23.21 29.43
N LEU C 72 -15.58 22.93 28.26
CA LEU C 72 -14.66 21.80 28.06
C LEU C 72 -13.17 22.12 28.32
N ASN C 73 -12.62 23.22 27.79
CA ASN C 73 -11.22 23.58 28.03
C ASN C 73 -11.08 24.78 28.96
N LEU C 74 -10.26 24.66 30.00
CA LEU C 74 -9.95 25.75 30.93
C LEU C 74 -8.48 26.17 30.67
N GLU C 75 -8.24 27.39 30.19
CA GLU C 75 -6.93 27.98 29.85
C GLU C 75 -6.48 29.05 30.88
N GLU C 76 -5.30 29.67 30.72
CA GLU C 76 -4.86 30.71 31.67
C GLU C 76 -5.78 31.93 31.68
N ASN C 77 -6.26 32.35 30.50
CA ASN C 77 -7.05 33.58 30.31
C ASN C 77 -8.39 33.39 29.59
N ASN C 78 -8.77 32.17 29.19
CA ASN C 78 -10.04 31.92 28.51
C ASN C 78 -10.64 30.53 28.76
N VAL C 79 -11.93 30.39 28.47
CA VAL C 79 -12.70 29.15 28.60
C VAL C 79 -13.29 28.78 27.26
N GLY C 80 -13.07 27.56 26.80
CA GLY C 80 -13.59 27.03 25.56
C GLY C 80 -14.94 26.38 25.83
N ILE C 81 -15.99 26.92 25.23
CA ILE C 81 -17.38 26.51 25.42
C ILE C 81 -17.91 25.84 24.15
N VAL C 82 -18.56 24.70 24.29
CA VAL C 82 -19.18 23.96 23.19
C VAL C 82 -20.69 24.19 23.27
N ILE C 83 -21.30 24.78 22.25
CA ILE C 83 -22.72 25.14 22.17
C ILE C 83 -23.68 23.97 21.87
N LEU C 84 -24.77 23.86 22.64
CA LEU C 84 -25.85 22.86 22.60
C LEU C 84 -27.11 23.32 21.84
N GLY C 85 -26.95 24.16 20.82
CA GLY C 85 -28.08 24.68 20.04
C GLY C 85 -27.62 25.55 18.86
N PRO C 86 -28.50 26.41 18.29
CA PRO C 86 -28.15 27.30 17.19
C PRO C 86 -27.19 28.40 17.67
N TYR C 87 -25.96 28.41 17.15
CA TYR C 87 -24.89 29.36 17.49
C TYR C 87 -24.97 30.71 16.78
N THR C 88 -25.71 30.84 15.67
CA THR C 88 -25.81 32.08 14.88
C THR C 88 -26.36 33.31 15.60
N GLY C 89 -26.95 33.16 16.79
CA GLY C 89 -27.48 34.28 17.58
C GLY C 89 -26.51 34.86 18.60
N ILE C 90 -25.32 34.24 18.78
CA ILE C 90 -24.29 34.63 19.75
C ILE C 90 -23.27 35.51 19.05
N LYS C 91 -22.86 36.62 19.66
CA LYS C 91 -21.91 37.59 19.13
C LYS C 91 -20.81 37.95 20.12
N GLU C 92 -19.69 38.45 19.62
CA GLU C 92 -18.61 38.90 20.49
C GLU C 92 -19.13 40.02 21.40
N GLY C 93 -18.80 39.96 22.70
CA GLY C 93 -19.23 40.92 23.71
C GLY C 93 -20.49 40.48 24.47
N ASP C 94 -21.15 39.39 24.06
CA ASP C 94 -22.31 38.85 24.76
C ASP C 94 -21.91 38.31 26.14
N GLU C 95 -22.80 38.46 27.12
CA GLU C 95 -22.60 37.96 28.48
C GLU C 95 -22.84 36.45 28.53
N VAL C 96 -22.05 35.73 29.30
CA VAL C 96 -22.20 34.28 29.53
C VAL C 96 -22.10 34.05 31.03
N ARG C 97 -22.99 33.22 31.61
CA ARG C 97 -23.07 32.96 33.06
C ARG C 97 -22.95 31.48 33.41
N ARG C 98 -22.26 31.16 34.52
CA ARG C 98 -22.13 29.77 34.96
C ARG C 98 -23.41 29.35 35.69
N THR C 99 -23.86 28.13 35.45
CA THR C 99 -25.11 27.61 36.05
C THR C 99 -24.91 26.85 37.37
N GLY C 100 -23.70 26.38 37.67
CA GLY C 100 -23.42 25.59 38.87
C GLY C 100 -23.99 24.17 38.79
N ARG C 101 -24.31 23.66 37.60
CA ARG C 101 -24.93 22.34 37.41
C ARG C 101 -24.34 21.49 36.29
N ILE C 102 -24.21 20.21 36.60
CA ILE C 102 -23.79 19.17 35.67
C ILE C 102 -24.98 18.80 34.78
N MET C 103 -24.72 18.40 33.55
CA MET C 103 -25.67 17.91 32.57
C MET C 103 -26.47 16.68 33.02
N GLU C 104 -27.79 16.77 33.14
CA GLU C 104 -28.67 15.67 33.60
C GLU C 104 -29.91 15.47 32.72
N VAL C 105 -30.44 14.26 32.68
CA VAL C 105 -31.59 13.87 31.87
C VAL C 105 -32.70 13.19 32.69
N PRO C 106 -34.00 13.40 32.38
CA PRO C 106 -35.10 12.73 33.06
C PRO C 106 -35.12 11.21 32.79
N VAL C 107 -35.49 10.41 33.77
CA VAL C 107 -35.55 8.93 33.70
C VAL C 107 -36.78 8.39 34.41
N GLY C 108 -37.17 7.15 34.10
CA GLY C 108 -38.33 6.49 34.69
C GLY C 108 -39.11 5.65 33.70
N GLU C 109 -40.25 5.12 34.16
CA GLU C 109 -41.14 4.27 33.34
C GLU C 109 -41.85 5.09 32.25
N GLU C 110 -42.03 6.40 32.50
CA GLU C 110 -42.73 7.37 31.64
C GLU C 110 -42.11 7.59 30.26
N LEU C 111 -40.85 7.22 30.04
CA LEU C 111 -40.19 7.37 28.74
C LEU C 111 -40.53 6.21 27.79
N ILE C 112 -41.15 5.13 28.27
CA ILE C 112 -41.46 3.95 27.45
C ILE C 112 -42.52 4.24 26.36
N GLY C 113 -42.22 3.85 25.12
CA GLY C 113 -43.09 4.02 23.95
C GLY C 113 -43.10 5.43 23.38
N ARG C 114 -42.00 6.17 23.56
CA ARG C 114 -41.80 7.57 23.14
C ARG C 114 -40.46 7.83 22.45
N VAL C 115 -40.39 8.94 21.70
CA VAL C 115 -39.19 9.39 20.97
C VAL C 115 -38.71 10.73 21.52
N VAL C 116 -37.43 10.83 21.91
CA VAL C 116 -36.82 12.03 22.50
C VAL C 116 -35.47 12.39 21.87
N ASN C 117 -35.05 13.63 22.05
CA ASN C 117 -33.76 14.12 21.57
C ASN C 117 -32.64 13.78 22.58
N ALA C 118 -31.39 14.15 22.29
CA ALA C 118 -30.25 13.86 23.17
C ALA C 118 -30.37 14.45 24.59
N LEU C 119 -31.20 15.46 24.83
CA LEU C 119 -31.43 16.06 26.14
C LEU C 119 -32.69 15.51 26.83
N GLY C 120 -33.33 14.49 26.26
CA GLY C 120 -34.54 13.86 26.78
C GLY C 120 -35.85 14.58 26.48
N GLN C 121 -35.83 15.67 25.71
CA GLN C 121 -37.02 16.46 25.36
C GLN C 121 -37.85 15.70 24.29
N PRO C 122 -39.18 15.71 24.34
CA PRO C 122 -40.01 14.97 23.39
C PRO C 122 -40.01 15.57 21.98
N ILE C 123 -40.01 14.70 20.97
CA ILE C 123 -40.04 15.06 19.56
C ILE C 123 -41.07 14.22 18.77
N ASP C 124 -41.79 13.32 19.44
CA ASP C 124 -42.85 12.48 18.84
C ASP C 124 -44.18 13.27 18.67
N GLY C 125 -44.28 14.48 19.25
CA GLY C 125 -45.47 15.33 19.21
C GLY C 125 -46.60 14.90 20.16
N LYS C 126 -46.39 13.90 21.03
CA LYS C 126 -47.42 13.36 21.95
C LYS C 126 -47.53 14.07 23.30
N GLY C 127 -47.00 15.27 23.47
CA GLY C 127 -47.12 16.04 24.73
C GLY C 127 -45.92 15.96 25.65
N PRO C 128 -45.98 16.53 26.87
CA PRO C 128 -44.87 16.49 27.83
C PRO C 128 -44.65 15.10 28.43
N ILE C 129 -43.52 14.89 29.10
CA ILE C 129 -43.12 13.64 29.78
C ILE C 129 -43.12 13.94 31.28
N ASN C 130 -43.86 13.16 32.08
CA ASN C 130 -43.99 13.41 33.52
C ASN C 130 -43.09 12.52 34.40
N ALA C 131 -41.82 12.39 33.98
CA ALA C 131 -40.80 11.64 34.69
C ALA C 131 -40.56 12.27 36.08
N LYS C 132 -40.44 11.44 37.14
CA LYS C 132 -40.24 11.91 38.51
C LYS C 132 -38.79 12.08 38.96
N GLU C 133 -37.82 11.46 38.28
CA GLU C 133 -36.40 11.48 38.63
C GLU C 133 -35.49 11.92 37.48
N PHE C 134 -34.34 12.52 37.80
CA PHE C 134 -33.31 12.99 36.87
C PHE C 134 -31.97 12.35 37.24
N ARG C 135 -31.16 11.95 36.26
CA ARG C 135 -29.84 11.35 36.49
C ARG C 135 -28.75 12.00 35.62
N PRO C 136 -27.56 12.33 36.15
CA PRO C 136 -26.47 12.87 35.33
C PRO C 136 -26.06 11.88 34.24
N VAL C 137 -25.72 12.33 33.03
CA VAL C 137 -25.32 11.40 31.94
C VAL C 137 -23.93 10.79 32.16
N GLU C 138 -23.09 11.42 32.98
CA GLU C 138 -21.74 10.99 33.36
C GLU C 138 -21.70 10.43 34.80
N ARG C 139 -21.63 9.10 34.95
CA ARG C 139 -21.52 8.36 36.22
C ARG C 139 -20.47 7.24 36.12
N LYS C 140 -19.87 6.84 37.24
CA LYS C 140 -18.87 5.76 37.31
C LYS C 140 -19.49 4.38 37.08
N ALA C 141 -18.78 3.48 36.42
CA ALA C 141 -19.25 2.12 36.18
C ALA C 141 -19.21 1.26 37.48
N PRO C 142 -20.00 0.18 37.60
CA PRO C 142 -19.97 -0.68 38.78
C PRO C 142 -18.61 -1.40 38.91
N GLY C 143 -18.08 -1.48 40.13
CA GLY C 143 -16.77 -2.08 40.44
C GLY C 143 -16.67 -3.59 40.23
N VAL C 144 -15.48 -4.15 40.41
CA VAL C 144 -15.22 -5.59 40.24
C VAL C 144 -16.01 -6.46 41.23
N VAL C 145 -16.17 -5.98 42.47
CA VAL C 145 -16.85 -6.68 43.57
C VAL C 145 -18.38 -6.50 43.51
N ASP C 146 -18.87 -5.47 42.79
CA ASP C 146 -20.30 -5.18 42.59
C ASP C 146 -20.96 -6.05 41.50
N ARG C 147 -20.18 -6.81 40.74
CA ARG C 147 -20.61 -7.66 39.62
C ARG C 147 -20.75 -9.13 39.99
N GLN C 148 -21.25 -9.92 39.05
CA GLN C 148 -21.35 -11.38 39.14
C GLN C 148 -21.24 -11.94 37.70
N PRO C 149 -20.80 -13.20 37.50
CA PRO C 149 -20.65 -13.73 36.14
C PRO C 149 -21.97 -13.83 35.39
N VAL C 150 -21.96 -13.52 34.09
CA VAL C 150 -23.17 -13.58 33.27
C VAL C 150 -23.46 -15.05 32.90
N LYS C 151 -24.59 -15.59 33.38
CA LYS C 151 -25.05 -16.97 33.18
C LYS C 151 -26.38 -17.20 32.47
N GLU C 152 -27.11 -16.16 32.07
CA GLU C 152 -28.43 -16.28 31.42
C GLU C 152 -28.49 -15.67 30.00
N PRO C 153 -29.21 -16.28 29.04
CA PRO C 153 -29.24 -15.81 27.65
C PRO C 153 -30.12 -14.60 27.34
N LEU C 154 -29.69 -13.84 26.33
CA LEU C 154 -30.40 -12.72 25.71
C LEU C 154 -30.69 -13.19 24.28
N GLN C 155 -31.82 -13.85 24.06
CA GLN C 155 -32.17 -14.39 22.75
C GLN C 155 -32.32 -13.26 21.72
N THR C 156 -31.63 -13.39 20.58
CA THR C 156 -31.77 -12.49 19.42
C THR C 156 -32.80 -13.02 18.44
N GLY C 157 -33.08 -14.32 18.46
CA GLY C 157 -33.99 -14.99 17.55
C GLY C 157 -33.32 -15.33 16.21
N ILE C 158 -32.02 -15.07 16.07
CA ILE C 158 -31.23 -15.27 14.86
C ILE C 158 -30.33 -16.50 15.02
N LYS C 159 -30.55 -17.54 14.22
CA LYS C 159 -29.87 -18.86 14.28
C LYS C 159 -28.35 -18.82 14.20
N ALA C 160 -27.76 -17.85 13.51
CA ALA C 160 -26.31 -17.72 13.44
C ALA C 160 -25.73 -17.13 14.74
N ILE C 161 -26.43 -16.19 15.37
CA ILE C 161 -25.98 -15.54 16.61
C ILE C 161 -26.25 -16.45 17.82
N ASP C 162 -27.50 -16.86 18.05
CA ASP C 162 -27.90 -17.69 19.21
C ASP C 162 -27.21 -19.07 19.28
N ALA C 163 -26.77 -19.64 18.15
CA ALA C 163 -26.05 -20.92 18.14
C ALA C 163 -24.52 -20.80 18.22
N MET C 164 -23.93 -19.97 17.34
CA MET C 164 -22.48 -19.75 17.18
C MET C 164 -21.87 -18.49 17.81
N ILE C 165 -22.61 -17.41 18.03
CA ILE C 165 -22.06 -16.17 18.62
C ILE C 165 -22.97 -15.72 19.79
N PRO C 166 -23.19 -16.53 20.84
CA PRO C 166 -24.13 -16.22 21.93
C PRO C 166 -23.95 -14.91 22.66
N ILE C 167 -25.07 -14.33 23.10
CA ILE C 167 -25.12 -13.09 23.88
C ILE C 167 -25.76 -13.41 25.25
N GLY C 168 -25.12 -13.02 26.35
CA GLY C 168 -25.69 -13.16 27.70
C GLY C 168 -26.41 -11.88 28.09
N ARG C 169 -27.12 -11.85 29.23
CA ARG C 169 -27.91 -10.67 29.61
C ARG C 169 -27.16 -9.47 30.16
N GLY C 170 -25.84 -9.48 30.27
CA GLY C 170 -25.03 -8.33 30.75
C GLY C 170 -23.76 -8.08 29.91
N GLN C 171 -23.64 -8.71 28.75
CA GLN C 171 -22.52 -8.66 27.80
C GLN C 171 -22.58 -7.51 26.78
N ARG C 172 -21.40 -7.05 26.33
CA ARG C 172 -21.23 -6.04 25.26
C ARG C 172 -20.80 -6.73 23.97
N GLU C 173 -21.64 -6.79 22.95
CA GLU C 173 -21.32 -7.40 21.66
C GLU C 173 -21.27 -6.35 20.54
N LEU C 174 -20.23 -6.34 19.71
CA LEU C 174 -20.10 -5.37 18.62
C LEU C 174 -20.65 -5.93 17.31
N ILE C 175 -21.41 -5.11 16.58
CA ILE C 175 -21.91 -5.44 15.23
C ILE C 175 -21.01 -4.61 14.30
N ILE C 176 -20.25 -5.25 13.42
CA ILE C 176 -19.31 -4.54 12.55
C ILE C 176 -19.27 -5.08 11.12
N GLY C 177 -19.16 -4.16 10.17
CA GLY C 177 -19.11 -4.48 8.74
C GLY C 177 -19.21 -3.22 7.88
N ASP C 178 -19.18 -3.40 6.57
CA ASP C 178 -19.30 -2.31 5.58
C ASP C 178 -20.74 -1.74 5.49
N ARG C 179 -20.93 -0.59 4.83
CA ARG C 179 -22.26 0.02 4.64
C ARG C 179 -23.23 -0.88 3.85
N GLN C 180 -24.52 -0.82 4.17
CA GLN C 180 -25.61 -1.58 3.55
C GLN C 180 -25.45 -3.10 3.58
N THR C 181 -24.89 -3.66 4.67
CA THR C 181 -24.68 -5.12 4.85
C THR C 181 -25.69 -5.78 5.81
N GLY C 182 -26.54 -5.00 6.49
CA GLY C 182 -27.55 -5.50 7.43
C GLY C 182 -27.28 -5.21 8.91
N LYS C 183 -26.48 -4.20 9.26
CA LYS C 183 -26.16 -3.84 10.66
C LYS C 183 -27.38 -3.45 11.49
N THR C 184 -28.25 -2.52 11.07
CA THR C 184 -29.44 -2.17 11.87
C THR C 184 -30.46 -3.30 11.94
N ALA C 185 -30.56 -4.14 10.91
CA ALA C 185 -31.52 -5.23 10.87
C ALA C 185 -31.30 -6.22 12.01
N ILE C 186 -30.06 -6.54 12.36
CA ILE C 186 -29.76 -7.44 13.47
C ILE C 186 -30.18 -6.77 14.79
N ALA C 187 -29.93 -5.48 14.99
CA ALA C 187 -30.32 -4.77 16.20
C ALA C 187 -31.84 -4.66 16.34
N ILE C 188 -32.56 -4.32 15.27
CA ILE C 188 -34.02 -4.19 15.25
C ILE C 188 -34.69 -5.55 15.45
N ASP C 189 -34.27 -6.61 14.74
CA ASP C 189 -34.81 -7.95 14.95
C ASP C 189 -34.63 -8.41 16.40
N THR C 190 -33.48 -8.10 17.01
CA THR C 190 -33.19 -8.39 18.42
C THR C 190 -34.16 -7.64 19.34
N ILE C 191 -34.42 -6.35 19.12
CA ILE C 191 -35.38 -5.56 19.91
C ILE C 191 -36.81 -6.11 19.76
N ILE C 192 -37.22 -6.53 18.57
CA ILE C 192 -38.55 -7.10 18.33
C ILE C 192 -38.74 -8.45 19.08
N ASN C 193 -37.69 -9.25 19.23
CA ASN C 193 -37.79 -10.55 19.92
C ASN C 193 -38.00 -10.46 21.45
N GLN C 194 -37.75 -9.31 22.07
CA GLN C 194 -37.93 -9.09 23.51
C GLN C 194 -39.40 -8.91 23.98
N LYS C 195 -40.40 -9.18 23.15
CA LYS C 195 -41.83 -9.00 23.48
C LYS C 195 -42.30 -9.78 24.70
N GLY C 196 -42.10 -11.09 24.71
CA GLY C 196 -42.49 -11.96 25.83
C GLY C 196 -41.42 -12.11 26.92
N GLN C 197 -40.58 -11.09 27.13
CA GLN C 197 -39.46 -11.10 28.07
C GLN C 197 -39.38 -9.76 28.80
N ASP C 198 -38.92 -9.72 30.05
CA ASP C 198 -38.87 -8.50 30.87
C ASP C 198 -37.66 -7.57 30.59
N VAL C 199 -37.40 -7.22 29.32
CA VAL C 199 -36.26 -6.38 28.91
C VAL C 199 -36.75 -5.05 28.33
N ILE C 200 -36.33 -3.93 28.91
CA ILE C 200 -36.54 -2.60 28.33
C ILE C 200 -35.51 -2.34 27.23
N CYS C 201 -35.92 -1.92 26.04
CA CYS C 201 -35.01 -1.68 24.91
C CYS C 201 -34.81 -0.19 24.67
N ILE C 202 -33.56 0.25 24.58
CA ILE C 202 -33.23 1.64 24.29
C ILE C 202 -32.49 1.67 22.95
N TYR C 203 -33.07 2.35 21.95
CA TYR C 203 -32.44 2.50 20.64
C TYR C 203 -31.91 3.91 20.52
N VAL C 204 -30.60 4.07 20.37
CA VAL C 204 -29.96 5.38 20.26
C VAL C 204 -29.46 5.56 18.83
N ALA C 205 -30.06 6.52 18.12
CA ALA C 205 -29.70 6.87 16.75
C ALA C 205 -28.72 8.06 16.80
N ILE C 206 -27.49 7.88 16.29
CA ILE C 206 -26.46 8.93 16.29
C ILE C 206 -26.08 9.29 14.85
N GLY C 207 -26.25 10.57 14.47
CA GLY C 207 -25.95 11.08 13.13
C GLY C 207 -26.82 10.54 11.98
N GLN C 208 -27.94 9.87 12.28
CA GLN C 208 -28.94 9.38 11.32
C GLN C 208 -29.80 10.50 10.74
N LYS C 209 -30.28 10.32 9.51
CA LYS C 209 -31.25 11.18 8.79
C LYS C 209 -32.57 11.20 9.56
N GLN C 210 -33.28 12.33 9.66
CA GLN C 210 -34.61 12.31 10.30
C GLN C 210 -35.54 11.29 9.64
N SER C 211 -35.45 11.11 8.33
CA SER C 211 -36.27 10.19 7.56
C SER C 211 -36.03 8.71 7.88
N THR C 212 -34.80 8.26 8.15
CA THR C 212 -34.54 6.85 8.54
C THR C 212 -34.99 6.60 9.97
N VAL C 213 -34.86 7.58 10.88
CA VAL C 213 -35.35 7.49 12.26
C VAL C 213 -36.86 7.26 12.23
N ALA C 214 -37.60 8.09 11.49
CA ALA C 214 -39.05 7.95 11.37
C ALA C 214 -39.44 6.59 10.73
N GLN C 215 -38.68 6.09 9.77
CA GLN C 215 -38.94 4.80 9.12
C GLN C 215 -38.73 3.61 10.07
N VAL C 216 -37.72 3.69 10.95
CA VAL C 216 -37.44 2.68 11.99
C VAL C 216 -38.52 2.72 13.08
N VAL C 217 -38.93 3.90 13.56
CA VAL C 217 -40.00 4.06 14.57
C VAL C 217 -41.32 3.45 14.08
N LYS C 218 -41.72 3.63 12.81
CA LYS C 218 -42.95 2.99 12.29
C LYS C 218 -42.80 1.47 12.24
N THR C 219 -41.60 0.94 11.98
CA THR C 219 -41.36 -0.51 11.99
C THR C 219 -41.49 -1.06 13.41
N LEU C 220 -41.02 -0.32 14.42
CA LEU C 220 -41.13 -0.73 15.82
C LEU C 220 -42.60 -0.74 16.25
N GLU C 221 -43.41 0.24 15.85
CA GLU C 221 -44.86 0.27 16.14
C GLU C 221 -45.61 -0.85 15.42
N GLU C 222 -45.26 -1.14 14.16
CA GLU C 222 -45.89 -2.19 13.36
C GLU C 222 -45.78 -3.56 14.03
N HIS C 223 -44.63 -3.86 14.65
CA HIS C 223 -44.39 -5.12 15.36
C HIS C 223 -44.74 -5.06 16.86
N GLY C 224 -45.17 -3.90 17.38
CA GLY C 224 -45.54 -3.70 18.78
C GLY C 224 -44.37 -3.51 19.75
N ALA C 225 -43.14 -3.41 19.26
CA ALA C 225 -41.95 -3.22 20.09
C ALA C 225 -41.96 -1.92 20.93
N MET C 226 -42.78 -0.94 20.56
CA MET C 226 -42.91 0.33 21.29
C MET C 226 -43.60 0.17 22.66
N GLU C 227 -44.16 -1.00 22.97
CA GLU C 227 -44.75 -1.26 24.29
C GLU C 227 -43.68 -1.39 25.40
N TYR C 228 -42.39 -1.46 25.03
CA TYR C 228 -41.24 -1.60 25.94
C TYR C 228 -39.96 -0.92 25.42
N THR C 229 -40.04 -0.07 24.38
CA THR C 229 -38.89 0.59 23.76
C THR C 229 -38.86 2.10 23.96
N ILE C 230 -37.69 2.65 24.27
CA ILE C 230 -37.38 4.08 24.37
C ILE C 230 -36.49 4.42 23.17
N VAL C 231 -36.78 5.49 22.43
CA VAL C 231 -35.95 5.93 21.30
C VAL C 231 -35.33 7.29 21.59
N VAL C 232 -34.00 7.37 21.50
CA VAL C 232 -33.21 8.59 21.69
C VAL C 232 -32.57 8.90 20.34
N ALA C 233 -32.66 10.14 19.85
CA ALA C 233 -32.13 10.47 18.52
C ALA C 233 -31.46 11.84 18.36
N ALA C 234 -30.17 11.84 18.00
CA ALA C 234 -29.43 13.03 17.62
C ALA C 234 -29.29 12.93 16.08
N THR C 235 -30.06 13.74 15.35
CA THR C 235 -30.10 13.72 13.87
C THR C 235 -28.82 14.27 13.25
N ALA C 236 -28.57 14.00 11.96
CA ALA C 236 -27.40 14.55 11.27
C ALA C 236 -27.42 16.10 11.27
N SER C 237 -28.59 16.74 11.29
CA SER C 237 -28.72 18.21 11.34
C SER C 237 -28.35 18.80 12.70
N ASP C 238 -28.44 18.03 13.79
CA ASP C 238 -28.18 18.51 15.15
C ASP C 238 -26.68 18.81 15.40
N PRO C 239 -26.33 19.77 16.27
CA PRO C 239 -24.94 20.10 16.51
C PRO C 239 -24.14 18.91 17.05
N ALA C 240 -22.83 18.91 16.82
CA ALA C 240 -21.92 17.84 17.24
C ALA C 240 -21.98 17.57 18.76
N ALA C 241 -22.26 18.59 19.57
CA ALA C 241 -22.40 18.46 21.01
C ALA C 241 -23.55 17.51 21.39
N LEU C 242 -24.67 17.53 20.66
CA LEU C 242 -25.79 16.63 20.93
C LEU C 242 -25.48 15.21 20.47
N GLN C 243 -24.85 15.03 19.31
CA GLN C 243 -24.43 13.72 18.83
C GLN C 243 -23.35 13.10 19.76
N TYR C 244 -22.67 13.93 20.55
CA TYR C 244 -21.67 13.54 21.53
C TYR C 244 -22.41 13.07 22.81
N ILE C 245 -23.38 13.84 23.31
CA ILE C 245 -24.16 13.52 24.51
C ILE C 245 -25.10 12.31 24.34
N ALA C 246 -25.60 12.02 23.14
CA ALA C 246 -26.59 10.97 22.89
C ALA C 246 -26.32 9.57 23.51
N PRO C 247 -25.19 8.88 23.31
CA PRO C 247 -24.98 7.56 23.90
C PRO C 247 -25.00 7.58 25.44
N TYR C 248 -24.46 8.62 26.08
CA TYR C 248 -24.42 8.75 27.53
C TYR C 248 -25.83 8.92 28.12
N ALA C 249 -26.71 9.70 27.46
CA ALA C 249 -28.10 9.87 27.88
C ALA C 249 -28.85 8.53 27.78
N GLY C 250 -28.70 7.81 26.66
CA GLY C 250 -29.33 6.52 26.48
C GLY C 250 -28.85 5.50 27.51
N CYS C 251 -27.57 5.60 27.89
CA CYS C 251 -26.97 4.74 28.90
C CYS C 251 -27.60 5.07 30.29
N ALA C 252 -27.72 6.35 30.68
CA ALA C 252 -28.35 6.77 31.93
C ALA C 252 -29.79 6.24 32.09
N MET C 253 -30.56 6.21 31.00
CA MET C 253 -31.92 5.67 31.00
C MET C 253 -31.89 4.16 31.20
N GLY C 254 -30.92 3.44 30.61
CA GLY C 254 -30.78 2.00 30.79
C GLY C 254 -30.35 1.64 32.21
N GLU C 255 -29.49 2.46 32.83
CA GLU C 255 -29.04 2.25 34.21
C GLU C 255 -30.16 2.28 35.24
N TYR C 256 -31.18 3.14 35.08
CA TYR C 256 -32.31 3.22 36.01
C TYR C 256 -32.97 1.83 36.22
N PHE C 257 -33.24 1.12 35.13
CA PHE C 257 -33.83 -0.23 35.17
C PHE C 257 -32.90 -1.22 35.85
N ARG C 258 -31.59 -1.16 35.57
CA ARG C 258 -30.56 -2.02 36.17
C ARG C 258 -30.49 -1.79 37.69
N ASP C 259 -30.50 -0.56 38.16
CA ASP C 259 -30.43 -0.18 39.57
C ASP C 259 -31.66 -0.64 40.39
N LYS C 260 -32.78 -0.93 39.73
CA LYS C 260 -34.04 -1.40 40.34
C LYS C 260 -34.30 -2.91 40.17
N GLY C 261 -33.32 -3.67 39.71
CA GLY C 261 -33.44 -5.12 39.57
C GLY C 261 -34.03 -5.64 38.27
N LYS C 262 -34.29 -4.79 37.27
CA LYS C 262 -34.82 -5.18 35.95
C LYS C 262 -33.71 -5.31 34.92
N HIS C 263 -34.05 -5.80 33.74
CA HIS C 263 -33.12 -5.99 32.62
C HIS C 263 -33.33 -4.92 31.54
N ALA C 264 -32.25 -4.47 30.91
CA ALA C 264 -32.28 -3.48 29.85
C ALA C 264 -31.27 -3.81 28.74
N LEU C 265 -31.57 -3.40 27.52
CA LEU C 265 -30.75 -3.56 26.32
C LEU C 265 -30.54 -2.19 25.69
N VAL C 266 -29.30 -1.80 25.36
CA VAL C 266 -29.01 -0.51 24.74
C VAL C 266 -28.23 -0.67 23.43
N VAL C 267 -28.78 -0.11 22.35
CA VAL C 267 -28.22 -0.13 20.99
C VAL C 267 -27.70 1.25 20.62
N TYR C 268 -26.50 1.34 20.07
CA TYR C 268 -25.91 2.58 19.56
C TYR C 268 -25.79 2.36 18.05
N ASP C 269 -26.67 2.96 17.24
CA ASP C 269 -26.77 2.73 15.79
C ASP C 269 -25.47 2.85 15.01
N ASP C 270 -24.55 3.74 15.43
CA ASP C 270 -23.21 3.85 14.86
C ASP C 270 -22.27 4.66 15.76
N LEU C 271 -21.25 4.01 16.33
CA LEU C 271 -20.25 4.67 17.16
C LEU C 271 -19.22 5.42 16.29
N SER C 272 -19.15 5.12 14.98
CA SER C 272 -18.24 5.75 14.03
C SER C 272 -18.61 7.21 13.83
N LYS C 273 -19.91 7.53 13.75
CA LYS C 273 -20.38 8.92 13.59
C LYS C 273 -20.23 9.70 14.89
N HIS C 274 -20.22 9.01 16.02
CA HIS C 274 -20.06 9.58 17.35
C HIS C 274 -18.59 9.97 17.54
N ALA C 275 -17.65 9.16 17.06
CA ALA C 275 -16.24 9.48 17.10
C ALA C 275 -15.95 10.70 16.20
N VAL C 276 -16.52 10.74 14.98
CA VAL C 276 -16.41 11.86 14.04
C VAL C 276 -16.93 13.16 14.65
N ALA C 277 -18.03 13.10 15.40
CA ALA C 277 -18.60 14.25 16.08
C ALA C 277 -17.63 14.77 17.16
N TYR C 278 -16.90 13.88 17.84
CA TYR C 278 -15.94 14.28 18.86
C TYR C 278 -14.67 14.87 18.22
N ARG C 279 -14.22 14.29 17.10
CA ARG C 279 -13.09 14.79 16.31
C ARG C 279 -13.34 16.24 15.89
N GLN C 280 -14.55 16.55 15.47
CA GLN C 280 -14.94 17.88 15.05
C GLN C 280 -14.79 18.87 16.21
N ILE C 281 -15.38 18.57 17.36
CA ILE C 281 -15.29 19.47 18.52
C ILE C 281 -13.83 19.64 19.01
N SER C 282 -13.07 18.55 19.11
CA SER C 282 -11.68 18.60 19.58
C SER C 282 -10.75 19.38 18.67
N LEU C 283 -10.86 19.25 17.33
CA LEU C 283 -10.07 20.01 16.36
C LEU C 283 -10.44 21.50 16.38
N LEU C 284 -11.72 21.83 16.52
CA LEU C 284 -12.17 23.22 16.59
C LEU C 284 -11.77 23.87 17.92
N LEU C 285 -11.55 23.09 18.98
CA LEU C 285 -11.06 23.55 20.29
C LEU C 285 -9.51 23.58 20.36
N ARG C 286 -8.83 23.17 19.28
CA ARG C 286 -7.37 23.10 19.13
C ARG C 286 -6.60 22.10 19.99
N ARG C 287 -7.20 20.97 20.36
CA ARG C 287 -6.50 19.88 21.07
C ARG C 287 -5.60 19.14 20.04
N PRO C 288 -4.35 18.76 20.36
CA PRO C 288 -3.42 18.16 19.40
C PRO C 288 -3.85 16.80 18.85
N PRO C 289 -3.88 16.62 17.51
CA PRO C 289 -4.30 15.39 16.87
C PRO C 289 -3.29 14.24 16.99
N GLY C 290 -3.78 13.03 16.71
CA GLY C 290 -3.03 11.79 16.65
C GLY C 290 -3.40 10.96 15.43
N ARG C 291 -3.36 9.64 15.57
CA ARG C 291 -3.69 8.63 14.56
C ARG C 291 -4.98 8.94 13.80
N GLU C 292 -4.96 8.91 12.47
CA GLU C 292 -6.14 9.12 11.61
C GLU C 292 -6.91 10.42 11.93
N ALA C 293 -6.16 11.45 12.31
CA ALA C 293 -6.56 12.79 12.76
C ALA C 293 -7.36 12.89 14.09
N TYR C 294 -7.71 11.78 14.74
CA TYR C 294 -8.49 11.79 15.99
C TYR C 294 -7.70 12.26 17.22
N PRO C 295 -8.35 12.73 18.28
CA PRO C 295 -7.70 13.12 19.53
C PRO C 295 -7.23 11.89 20.32
N GLY C 296 -6.16 11.99 21.11
CA GLY C 296 -5.64 10.86 21.91
C GLY C 296 -6.65 10.33 22.93
N ASP C 297 -7.54 11.22 23.37
CA ASP C 297 -8.63 11.00 24.30
C ASP C 297 -9.73 10.02 23.80
N VAL C 298 -9.78 9.68 22.51
CA VAL C 298 -10.86 8.87 21.93
C VAL C 298 -11.03 7.42 22.44
N PHE C 299 -10.01 6.76 23.00
CA PHE C 299 -10.24 5.40 23.57
C PHE C 299 -11.03 5.54 24.87
N TYR C 300 -10.69 6.52 25.69
CA TYR C 300 -11.36 6.82 26.95
C TYR C 300 -12.82 7.23 26.72
N LEU C 301 -13.15 7.85 25.58
CA LEU C 301 -14.51 8.19 25.15
C LEU C 301 -15.43 6.95 25.08
N HIS C 302 -15.06 5.93 24.30
CA HIS C 302 -15.87 4.71 24.17
C HIS C 302 -15.73 3.75 25.36
N SER C 303 -14.56 3.62 26.00
CA SER C 303 -14.40 2.71 27.15
C SER C 303 -15.16 3.23 28.38
N ARG C 304 -15.20 4.54 28.62
CA ARG C 304 -15.99 5.13 29.72
C ARG C 304 -17.49 4.90 29.52
N LEU C 305 -17.93 4.70 28.27
CA LEU C 305 -19.30 4.40 27.87
C LEU C 305 -19.63 2.91 28.01
N LEU C 306 -18.96 2.03 27.25
CA LEU C 306 -19.25 0.59 27.18
C LEU C 306 -18.99 -0.24 28.44
N GLU C 307 -18.18 0.23 29.39
CA GLU C 307 -17.94 -0.49 30.65
C GLU C 307 -19.11 -0.37 31.65
N ARG C 308 -20.10 0.52 31.39
CA ARG C 308 -21.31 0.73 32.21
C ARG C 308 -22.35 -0.38 32.02
N ALA C 309 -22.22 -1.19 30.98
CA ALA C 309 -23.07 -2.33 30.71
C ALA C 309 -22.53 -3.50 31.57
N ALA C 310 -23.32 -4.01 32.51
CA ALA C 310 -22.91 -5.05 33.45
C ALA C 310 -24.06 -5.79 34.11
N LYS C 311 -23.77 -6.97 34.68
CA LYS C 311 -24.71 -7.76 35.51
C LYS C 311 -24.25 -7.59 36.95
N LEU C 312 -25.09 -7.01 37.79
CA LEU C 312 -24.80 -6.74 39.19
C LEU C 312 -24.92 -7.97 40.09
N SER C 313 -24.29 -7.90 41.26
CA SER C 313 -24.33 -8.94 42.28
C SER C 313 -25.67 -8.94 43.01
N ASP C 314 -25.98 -10.01 43.73
CA ASP C 314 -27.24 -10.14 44.46
C ASP C 314 -27.38 -9.08 45.58
N GLU C 315 -26.29 -8.59 46.17
CA GLU C 315 -26.35 -7.55 47.19
C GLU C 315 -26.78 -6.21 46.60
N LYS C 316 -26.42 -5.97 45.34
CA LYS C 316 -26.76 -4.78 44.57
C LYS C 316 -28.15 -4.87 43.92
N GLY C 317 -28.77 -6.04 43.88
CA GLY C 317 -30.10 -6.29 43.33
C GLY C 317 -30.22 -7.26 42.15
N GLY C 318 -29.13 -7.78 41.61
CA GLY C 318 -29.14 -8.74 40.49
C GLY C 318 -29.54 -8.19 39.11
N GLY C 319 -29.73 -6.87 38.97
CA GLY C 319 -30.13 -6.21 37.73
C GLY C 319 -29.08 -6.30 36.60
N SER C 320 -29.50 -6.02 35.37
CA SER C 320 -28.62 -6.13 34.21
C SER C 320 -28.84 -5.11 33.09
N LEU C 321 -27.79 -4.80 32.35
CA LEU C 321 -27.76 -3.90 31.19
C LEU C 321 -26.80 -4.47 30.14
N THR C 322 -27.30 -4.87 28.98
CA THR C 322 -26.49 -5.40 27.87
C THR C 322 -26.42 -4.36 26.74
N ALA C 323 -25.29 -4.27 26.03
CA ALA C 323 -25.09 -3.30 24.96
C ALA C 323 -24.75 -3.95 23.61
N LEU C 324 -25.28 -3.33 22.55
CA LEU C 324 -25.05 -3.71 21.15
C LEU C 324 -24.57 -2.50 20.33
N PRO C 325 -23.31 -2.04 20.48
CA PRO C 325 -22.79 -0.96 19.65
C PRO C 325 -22.58 -1.44 18.21
N ILE C 326 -22.64 -0.52 17.26
CA ILE C 326 -22.46 -0.78 15.83
C ILE C 326 -21.33 0.11 15.29
N ILE C 327 -20.52 -0.43 14.37
CA ILE C 327 -19.43 0.30 13.71
C ILE C 327 -19.43 0.00 12.23
N GLU C 328 -19.14 1.01 11.42
CA GLU C 328 -19.07 0.87 9.97
C GLU C 328 -17.60 0.94 9.51
N THR C 329 -17.16 -0.03 8.70
CA THR C 329 -15.79 -0.09 8.16
C THR C 329 -15.73 0.45 6.73
N GLN C 330 -14.68 1.21 6.38
CA GLN C 330 -14.50 1.70 5.01
C GLN C 330 -13.83 0.61 4.19
N ALA C 331 -14.49 0.14 3.13
CA ALA C 331 -13.97 -0.89 2.22
C ALA C 331 -13.35 -2.14 2.89
N GLY C 332 -13.88 -2.58 4.03
CA GLY C 332 -13.44 -3.76 4.79
C GLY C 332 -12.22 -3.57 5.71
N ASP C 333 -11.76 -2.35 5.94
CA ASP C 333 -10.59 -2.11 6.79
C ASP C 333 -10.87 -2.20 8.29
N VAL C 334 -10.84 -3.42 8.84
CA VAL C 334 -11.02 -3.70 10.28
C VAL C 334 -9.82 -3.20 11.11
N SER C 335 -8.65 -2.98 10.48
CA SER C 335 -7.41 -2.51 11.09
C SER C 335 -7.35 -1.01 11.39
N ALA C 336 -8.38 -0.24 11.04
CA ALA C 336 -8.47 1.21 11.25
C ALA C 336 -8.51 1.59 12.75
N TYR C 337 -8.27 2.86 13.08
CA TYR C 337 -8.20 3.30 14.48
C TYR C 337 -9.44 3.03 15.35
N ILE C 338 -10.59 3.63 15.05
CA ILE C 338 -11.82 3.45 15.85
C ILE C 338 -12.31 1.99 15.87
N PRO C 339 -12.30 1.25 14.75
CA PRO C 339 -12.65 -0.17 14.74
C PRO C 339 -11.78 -1.02 15.67
N THR C 340 -10.44 -0.95 15.61
CA THR C 340 -9.56 -1.76 16.49
C THR C 340 -9.71 -1.36 17.96
N ASN C 341 -9.93 -0.08 18.22
CA ASN C 341 -10.15 0.49 19.54
C ASN C 341 -11.39 -0.15 20.20
N VAL C 342 -12.55 -0.15 19.53
CA VAL C 342 -13.81 -0.75 20.03
C VAL C 342 -13.80 -2.28 19.97
N ILE C 343 -13.09 -2.91 19.02
CA ILE C 343 -12.94 -4.37 19.00
C ILE C 343 -12.23 -4.84 20.28
N SER C 344 -11.28 -4.07 20.80
CA SER C 344 -10.56 -4.45 22.02
C SER C 344 -11.38 -4.25 23.31
N ILE C 345 -12.39 -3.38 23.30
CA ILE C 345 -13.25 -3.07 24.47
C ILE C 345 -14.36 -4.10 24.68
N THR C 346 -15.01 -4.58 23.63
CA THR C 346 -16.15 -5.51 23.69
C THR C 346 -15.82 -6.95 24.08
N ASP C 347 -16.82 -7.75 24.46
CA ASP C 347 -16.66 -9.16 24.86
C ASP C 347 -16.87 -10.16 23.72
N GLY C 348 -17.04 -9.64 22.51
CA GLY C 348 -17.29 -10.40 21.30
C GLY C 348 -17.71 -9.50 20.15
N GLN C 349 -17.49 -9.97 18.93
CA GLN C 349 -17.78 -9.24 17.71
C GLN C 349 -18.42 -10.13 16.65
N ILE C 350 -19.42 -9.57 15.96
CA ILE C 350 -20.13 -10.18 14.85
C ILE C 350 -19.63 -9.44 13.60
N TYR C 351 -19.04 -10.16 12.65
CA TYR C 351 -18.49 -9.60 11.42
C TYR C 351 -19.42 -9.82 10.24
N LEU C 352 -19.79 -8.74 9.56
CA LEU C 352 -20.66 -8.78 8.39
C LEU C 352 -19.86 -8.55 7.10
N GLU C 353 -20.03 -9.42 6.11
CA GLU C 353 -19.29 -9.32 4.84
C GLU C 353 -20.17 -8.85 3.67
N SER C 354 -19.70 -7.85 2.93
CA SER C 354 -20.34 -7.39 1.69
C SER C 354 -20.36 -8.52 0.63
N ASP C 355 -19.42 -9.46 0.70
CA ASP C 355 -19.26 -10.58 -0.22
C ASP C 355 -20.36 -11.63 -0.01
N LEU C 356 -20.61 -12.05 1.24
CA LEU C 356 -21.65 -13.03 1.57
C LEU C 356 -23.05 -12.50 1.25
N PHE C 357 -23.28 -11.20 1.49
CA PHE C 357 -24.54 -10.51 1.27
C PHE C 357 -25.03 -10.55 -0.19
N TYR C 358 -24.16 -10.35 -1.19
CA TYR C 358 -24.55 -10.42 -2.62
C TYR C 358 -24.58 -11.87 -3.14
N SER C 359 -23.90 -12.80 -2.46
CA SER C 359 -23.82 -14.24 -2.84
C SER C 359 -25.07 -15.06 -2.43
N GLY C 360 -26.00 -14.45 -1.70
CA GLY C 360 -27.24 -15.08 -1.23
C GLY C 360 -27.20 -15.71 0.17
N ILE C 361 -26.22 -15.36 1.01
CA ILE C 361 -26.17 -15.79 2.42
C ILE C 361 -26.68 -14.52 3.09
N ARG C 362 -28.00 -14.47 3.31
CA ARG C 362 -28.66 -13.20 3.65
C ARG C 362 -28.39 -12.48 4.96
N PRO C 363 -28.38 -13.10 6.15
CA PRO C 363 -27.98 -12.39 7.36
C PRO C 363 -26.55 -11.84 7.23
N ALA C 364 -25.72 -12.49 6.41
CA ALA C 364 -24.35 -12.16 6.01
C ALA C 364 -23.37 -12.05 7.18
N ILE C 365 -23.25 -13.11 7.97
CA ILE C 365 -22.36 -13.18 9.13
C ILE C 365 -21.19 -14.11 8.84
N ASN C 366 -19.97 -13.66 9.13
CA ASN C 366 -18.75 -14.44 8.99
C ASN C 366 -18.54 -15.24 10.28
N VAL C 367 -19.14 -16.43 10.33
CA VAL C 367 -19.11 -17.35 11.47
C VAL C 367 -17.72 -17.88 11.81
N GLY C 368 -16.81 -17.94 10.84
CA GLY C 368 -15.43 -18.40 11.05
C GLY C 368 -14.50 -17.31 11.59
N LEU C 369 -14.99 -16.08 11.80
CA LEU C 369 -14.23 -14.93 12.26
C LEU C 369 -14.85 -14.28 13.49
N SER C 370 -16.19 -14.29 13.57
CA SER C 370 -16.98 -13.75 14.68
C SER C 370 -16.73 -14.55 15.96
N VAL C 371 -16.75 -13.91 17.12
CA VAL C 371 -16.47 -14.58 18.39
C VAL C 371 -17.15 -13.95 19.61
N SER C 372 -17.51 -14.76 20.60
CA SER C 372 -18.00 -14.32 21.91
C SER C 372 -17.34 -15.17 22.99
N ARG C 373 -16.73 -14.52 23.98
CA ARG C 373 -16.02 -15.19 25.10
C ARG C 373 -16.94 -15.92 26.05
N VAL C 374 -18.11 -15.33 26.24
CA VAL C 374 -19.21 -15.79 27.07
C VAL C 374 -19.90 -17.00 26.41
N GLY C 375 -19.55 -17.38 25.17
CA GLY C 375 -20.20 -18.51 24.50
C GLY C 375 -20.17 -19.73 25.39
N GLY C 376 -21.23 -20.52 25.38
CA GLY C 376 -21.38 -21.63 26.30
C GLY C 376 -22.12 -21.09 27.53
N ALA C 377 -21.50 -20.25 28.38
CA ALA C 377 -22.16 -19.74 29.58
C ALA C 377 -23.49 -19.01 29.31
N ALA C 378 -23.57 -18.21 28.24
CA ALA C 378 -24.78 -17.50 27.81
C ALA C 378 -25.94 -18.42 27.36
N GLN C 379 -25.68 -19.48 26.59
CA GLN C 379 -26.67 -20.41 26.04
C GLN C 379 -27.40 -21.30 27.06
N ILE C 380 -28.49 -21.95 26.68
CA ILE C 380 -29.18 -22.90 27.58
C ILE C 380 -28.58 -24.30 27.36
N LYS C 381 -28.82 -25.27 28.24
CA LYS C 381 -28.21 -26.62 28.10
C LYS C 381 -28.57 -27.28 26.76
N ALA C 382 -29.80 -27.13 26.28
CA ALA C 382 -30.21 -27.70 25.00
C ALA C 382 -29.47 -27.05 23.79
N MET C 383 -29.40 -25.73 23.73
CA MET C 383 -28.74 -25.01 22.63
C MET C 383 -27.24 -25.30 22.53
N LYS C 384 -26.51 -25.21 23.65
CA LYS C 384 -25.06 -25.52 23.73
C LYS C 384 -24.81 -26.89 23.08
N GLN C 385 -25.52 -27.95 23.48
CA GLN C 385 -25.22 -29.31 22.96
C GLN C 385 -25.15 -29.37 21.45
N VAL C 386 -26.19 -28.85 20.80
CA VAL C 386 -26.29 -28.81 19.34
C VAL C 386 -25.35 -27.76 18.73
N ALA C 387 -25.09 -26.60 19.37
CA ALA C 387 -24.08 -25.63 18.90
C ALA C 387 -22.72 -26.33 18.71
N GLY C 388 -22.36 -27.23 19.62
CA GLY C 388 -21.03 -27.89 19.54
C GLY C 388 -20.82 -28.60 18.21
N LYS C 389 -21.66 -29.56 17.84
CA LYS C 389 -21.46 -30.29 16.59
C LYS C 389 -21.43 -29.36 15.37
N LEU C 390 -22.28 -28.34 15.36
CA LEU C 390 -22.33 -27.34 14.29
C LEU C 390 -20.93 -26.68 14.15
N ARG C 391 -20.29 -26.33 15.27
CA ARG C 391 -18.97 -25.68 15.31
C ARG C 391 -17.87 -26.50 14.68
N LEU C 392 -17.78 -27.80 14.99
CA LEU C 392 -16.80 -28.69 14.39
C LEU C 392 -17.05 -28.85 12.88
N ASP C 393 -18.29 -29.10 12.48
CA ASP C 393 -18.68 -29.23 11.07
C ASP C 393 -18.30 -27.99 10.24
N LEU C 394 -18.60 -26.79 10.74
CA LEU C 394 -18.24 -25.56 10.05
C LEU C 394 -16.72 -25.38 10.03
N ALA C 395 -16.00 -25.56 11.14
CA ALA C 395 -14.54 -25.44 11.19
C ALA C 395 -13.88 -26.35 10.13
N GLN C 396 -14.28 -27.62 10.07
CA GLN C 396 -13.78 -28.56 9.07
C GLN C 396 -14.12 -28.08 7.65
N TYR C 397 -15.35 -27.64 7.39
CA TYR C 397 -15.74 -27.11 6.08
C TYR C 397 -14.87 -25.92 5.68
N ARG C 398 -14.55 -24.97 6.58
CA ARG C 398 -13.66 -23.82 6.32
C ARG C 398 -12.25 -24.27 5.94
N GLU C 399 -11.74 -25.33 6.56
CA GLU C 399 -10.44 -25.92 6.23
C GLU C 399 -10.47 -26.50 4.79
N LEU C 400 -11.48 -27.30 4.45
CA LEU C 400 -11.68 -27.90 3.13
C LEU C 400 -12.01 -26.92 2.00
N GLN C 401 -12.76 -25.83 2.23
CA GLN C 401 -13.21 -24.93 1.15
C GLN C 401 -12.07 -24.15 0.47
N ALA C 402 -10.91 -24.00 1.11
CA ALA C 402 -9.75 -23.33 0.50
C ALA C 402 -9.37 -24.02 -0.83
N PHE C 403 -9.47 -25.35 -0.89
CA PHE C 403 -9.23 -26.18 -2.07
C PHE C 403 -10.49 -26.92 -2.58
N ALA C 404 -11.67 -26.36 -2.30
CA ALA C 404 -12.93 -26.97 -2.78
C ALA C 404 -13.15 -26.64 -4.26
N GLN C 405 -12.25 -25.87 -4.87
CA GLN C 405 -12.42 -25.42 -6.28
C GLN C 405 -12.72 -26.65 -7.15
N PHE C 406 -11.97 -27.74 -6.95
CA PHE C 406 -12.23 -29.00 -7.70
C PHE C 406 -13.00 -29.95 -6.78
N ALA C 407 -14.06 -30.58 -7.28
CA ALA C 407 -14.89 -31.47 -6.43
C ALA C 407 -15.05 -32.84 -7.08
N SER C 408 -15.01 -32.90 -8.42
CA SER C 408 -15.10 -34.20 -9.13
C SER C 408 -13.83 -35.01 -8.89
N ASP C 409 -12.76 -34.35 -8.43
CA ASP C 409 -11.47 -35.04 -8.19
C ASP C 409 -11.32 -35.32 -6.69
N LEU C 410 -11.97 -34.51 -5.83
CA LEU C 410 -11.82 -34.69 -4.37
C LEU C 410 -12.29 -36.08 -3.96
N ASP C 411 -11.66 -36.67 -2.95
CA ASP C 411 -12.04 -38.03 -2.47
C ASP C 411 -13.47 -37.99 -1.96
N GLU C 412 -14.19 -39.11 -2.06
CA GLU C 412 -15.60 -39.17 -1.61
C GLU C 412 -15.69 -38.74 -0.14
N ALA C 413 -14.68 -39.11 0.65
CA ALA C 413 -14.65 -38.72 2.08
C ALA C 413 -14.63 -37.20 2.20
N THR C 414 -13.79 -36.52 1.42
CA THR C 414 -13.76 -35.04 1.43
C THR C 414 -15.15 -34.51 1.09
N ARG C 415 -15.81 -35.13 0.11
CA ARG C 415 -17.18 -34.72 -0.26
C ARG C 415 -18.14 -34.75 0.92
N ALA C 416 -18.06 -35.74 1.81
CA ALA C 416 -18.92 -35.79 2.99
C ALA C 416 -18.76 -34.50 3.82
N GLN C 417 -17.51 -34.06 4.01
CA GLN C 417 -17.20 -32.80 4.70
C GLN C 417 -17.75 -31.57 3.96
N LEU C 418 -17.64 -31.52 2.62
CA LEU C 418 -18.14 -30.43 1.79
C LEU C 418 -19.68 -30.35 1.84
N GLU C 419 -20.36 -31.46 1.58
CA GLU C 419 -21.82 -31.57 1.60
C GLU C 419 -22.43 -31.15 2.94
N ARG C 420 -21.92 -31.68 4.06
CA ARG C 420 -22.40 -31.32 5.41
C ARG C 420 -22.24 -29.81 5.62
N GLY C 421 -21.07 -29.26 5.32
CA GLY C 421 -20.79 -27.84 5.48
C GLY C 421 -21.72 -26.93 4.66
N GLN C 422 -22.01 -27.31 3.41
CA GLN C 422 -22.93 -26.52 2.57
C GLN C 422 -24.33 -26.46 3.22
N ARG C 423 -24.84 -27.58 3.73
CA ARG C 423 -26.15 -27.71 4.41
C ARG C 423 -26.22 -26.96 5.73
N MET C 424 -25.20 -27.03 6.57
CA MET C 424 -25.19 -26.26 7.82
C MET C 424 -25.21 -24.76 7.55
N THR C 425 -24.60 -24.30 6.44
CA THR C 425 -24.58 -22.88 6.01
C THR C 425 -26.00 -22.38 5.70
N GLU C 426 -26.78 -23.21 5.03
CA GLU C 426 -28.18 -22.99 4.61
C GLU C 426 -29.11 -22.81 5.81
N ILE C 427 -28.97 -23.64 6.85
CA ILE C 427 -29.76 -23.50 8.08
C ILE C 427 -29.54 -22.13 8.68
N LEU C 428 -28.32 -21.60 8.68
CA LEU C 428 -28.03 -20.27 9.20
C LEU C 428 -28.71 -19.12 8.42
N LYS C 429 -29.03 -19.28 7.12
CA LYS C 429 -29.75 -18.27 6.29
C LYS C 429 -31.15 -18.00 6.85
N GLN C 430 -31.52 -16.74 7.06
CA GLN C 430 -32.81 -16.36 7.65
C GLN C 430 -33.33 -15.01 7.10
N PRO C 431 -34.61 -14.88 6.73
CA PRO C 431 -35.18 -13.61 6.26
C PRO C 431 -35.25 -12.54 7.37
N GLN C 432 -35.21 -11.27 7.01
CA GLN C 432 -35.22 -10.15 7.96
C GLN C 432 -36.49 -10.20 8.83
N TYR C 433 -36.51 -9.73 10.10
CA TYR C 433 -37.82 -9.69 10.83
C TYR C 433 -38.41 -11.10 10.89
N SER C 434 -37.56 -12.11 11.09
CA SER C 434 -38.05 -13.51 11.20
C SER C 434 -37.30 -14.24 12.33
N PRO C 435 -37.35 -13.75 13.59
CA PRO C 435 -36.68 -14.43 14.71
C PRO C 435 -37.27 -15.84 14.93
N MET C 436 -36.47 -16.88 15.03
CA MET C 436 -36.93 -18.24 15.27
C MET C 436 -36.84 -18.47 16.78
N PRO C 437 -37.84 -19.06 17.43
CA PRO C 437 -37.81 -19.30 18.89
C PRO C 437 -36.72 -20.33 19.24
N VAL C 438 -36.07 -20.17 20.40
CA VAL C 438 -34.93 -21.02 20.80
C VAL C 438 -35.20 -22.52 20.70
N GLU C 439 -36.35 -23.03 21.13
CA GLU C 439 -36.67 -24.46 21.00
C GLU C 439 -36.64 -24.93 19.53
N LYS C 440 -37.11 -24.11 18.58
CA LYS C 440 -37.11 -24.44 17.15
C LYS C 440 -35.68 -24.41 16.54
N GLN C 441 -34.82 -23.46 16.94
CA GLN C 441 -33.41 -23.31 16.54
C GLN C 441 -32.64 -24.56 16.98
N VAL C 442 -32.91 -25.03 18.21
CA VAL C 442 -32.39 -26.27 18.79
C VAL C 442 -32.85 -27.46 17.96
N VAL C 443 -34.16 -27.59 17.72
CA VAL C 443 -34.77 -28.67 16.94
C VAL C 443 -34.20 -28.74 15.51
N ILE C 444 -33.97 -27.63 14.82
CA ILE C 444 -33.38 -27.63 13.47
C ILE C 444 -31.86 -27.87 13.48
N ILE C 445 -31.07 -27.20 14.34
CA ILE C 445 -29.60 -27.42 14.40
C ILE C 445 -29.37 -28.89 14.77
N TYR C 446 -30.17 -29.47 15.67
CA TYR C 446 -30.08 -30.87 16.08
C TYR C 446 -30.21 -31.78 14.86
N ALA C 447 -31.21 -31.52 14.04
CA ALA C 447 -31.43 -32.26 12.82
C ALA C 447 -30.26 -32.14 11.83
N GLY C 448 -29.70 -30.94 11.61
CA GLY C 448 -28.58 -30.80 10.68
C GLY C 448 -27.31 -31.48 11.18
N THR C 449 -26.96 -31.24 12.45
CA THR C 449 -25.77 -31.81 13.09
C THR C 449 -25.80 -33.33 13.20
N ASN C 450 -26.96 -33.96 13.46
CA ASN C 450 -27.06 -35.42 13.53
C ASN C 450 -27.23 -36.10 12.16
N GLY C 451 -27.11 -35.33 11.08
CA GLY C 451 -27.21 -35.79 9.70
C GLY C 451 -28.62 -35.94 9.12
N TYR C 452 -29.69 -35.61 9.86
CA TYR C 452 -31.07 -35.71 9.37
C TYR C 452 -31.43 -34.72 8.24
N LEU C 453 -30.67 -33.63 8.06
CA LEU C 453 -30.84 -32.69 6.94
C LEU C 453 -29.81 -32.95 5.84
N ASP C 454 -28.78 -33.75 6.14
CA ASP C 454 -27.73 -34.16 5.18
C ASP C 454 -28.29 -34.85 3.96
N ASP C 455 -29.20 -35.78 4.16
CA ASP C 455 -29.80 -36.51 3.01
C ASP C 455 -30.66 -35.58 2.12
N ILE C 456 -31.29 -34.53 2.64
CA ILE C 456 -32.08 -33.57 1.83
C ILE C 456 -31.21 -32.77 0.83
N PRO C 457 -31.64 -32.54 -0.44
CA PRO C 457 -30.88 -31.74 -1.42
C PRO C 457 -30.63 -30.29 -0.96
N VAL C 458 -29.46 -29.73 -1.27
CA VAL C 458 -29.03 -28.39 -0.85
C VAL C 458 -30.08 -27.30 -1.11
N GLU C 459 -30.65 -27.20 -2.32
CA GLU C 459 -31.70 -26.21 -2.61
C GLU C 459 -33.01 -26.46 -1.84
N LYS C 460 -33.39 -27.73 -1.64
CA LYS C 460 -34.61 -28.15 -0.93
C LYS C 460 -34.53 -28.00 0.60
N VAL C 461 -33.34 -27.83 1.18
CA VAL C 461 -33.15 -27.69 2.64
C VAL C 461 -33.98 -26.54 3.23
N LYS C 462 -34.00 -25.36 2.58
CA LYS C 462 -34.73 -24.21 3.11
C LYS C 462 -36.24 -24.50 3.19
N GLU C 463 -36.80 -25.14 2.18
CA GLU C 463 -38.21 -25.57 2.15
C GLU C 463 -38.50 -26.60 3.25
N PHE C 464 -37.62 -27.61 3.38
CA PHE C 464 -37.75 -28.69 4.36
C PHE C 464 -37.75 -28.14 5.80
N GLU C 465 -36.94 -27.12 6.09
CA GLU C 465 -36.85 -26.47 7.40
C GLU C 465 -38.24 -25.96 7.86
N ASP C 466 -38.90 -25.10 7.07
CA ASP C 466 -40.22 -24.58 7.41
C ASP C 466 -41.26 -25.70 7.56
N GLY C 467 -41.34 -26.61 6.59
CA GLY C 467 -42.26 -27.75 6.64
C GLY C 467 -42.09 -28.61 7.91
N PHE C 468 -40.85 -28.88 8.32
CA PHE C 468 -40.58 -29.67 9.53
C PHE C 468 -41.04 -28.92 10.78
N LEU C 469 -40.75 -27.63 10.89
CA LEU C 469 -41.18 -26.82 12.03
C LEU C 469 -42.72 -26.71 12.11
N GLU C 470 -43.43 -26.59 10.99
CA GLU C 470 -44.91 -26.57 10.99
C GLU C 470 -45.45 -27.95 11.42
N TYR C 471 -44.82 -29.05 10.98
CA TYR C 471 -45.20 -30.41 11.36
C TYR C 471 -45.03 -30.66 12.88
N ILE C 472 -43.87 -30.31 13.46
CA ILE C 472 -43.61 -30.49 14.89
C ILE C 472 -44.58 -29.66 15.76
N GLU C 473 -44.92 -28.43 15.37
CA GLU C 473 -45.88 -27.64 16.14
C GLU C 473 -47.35 -28.10 15.95
N SER C 474 -47.77 -28.42 14.72
CA SER C 474 -49.15 -28.83 14.41
C SER C 474 -49.58 -30.16 15.05
N LYS C 475 -48.72 -31.19 15.07
CA LYS C 475 -49.02 -32.50 15.70
C LYS C 475 -47.88 -32.89 16.64
N HIS C 476 -48.23 -33.51 17.76
CA HIS C 476 -47.32 -33.84 18.86
C HIS C 476 -46.42 -32.63 19.28
N PRO C 477 -47.03 -31.54 19.80
CA PRO C 477 -46.35 -30.33 20.27
C PRO C 477 -45.60 -30.51 21.59
N ASP C 478 -45.65 -31.71 22.18
CA ASP C 478 -44.99 -32.05 23.45
C ASP C 478 -43.47 -31.83 23.37
N ILE C 479 -42.81 -32.06 22.22
CA ILE C 479 -41.37 -31.82 22.07
C ILE C 479 -41.03 -30.34 22.33
N LEU C 480 -41.80 -29.41 21.72
CA LEU C 480 -41.59 -27.97 21.91
C LEU C 480 -41.93 -27.55 23.34
N GLU C 481 -42.93 -28.15 23.98
CA GLU C 481 -43.29 -27.84 25.37
C GLU C 481 -42.22 -28.30 26.38
N GLU C 482 -41.68 -29.52 26.24
CA GLU C 482 -40.64 -30.04 27.14
C GLU C 482 -39.36 -29.21 27.08
N ILE C 483 -38.88 -28.83 25.88
CA ILE C 483 -37.67 -28.02 25.74
C ILE C 483 -37.84 -26.65 26.42
N ARG C 484 -39.03 -26.04 26.41
CA ARG C 484 -39.25 -24.74 27.09
C ARG C 484 -39.14 -24.83 28.62
N GLU C 485 -39.65 -25.91 29.21
CA GLU C 485 -39.64 -26.15 30.66
C GLU C 485 -38.29 -26.62 31.21
N LYS C 486 -37.83 -27.82 30.83
CA LYS C 486 -36.54 -28.36 31.29
C LYS C 486 -35.30 -27.64 30.76
N LYS C 487 -35.30 -27.22 29.49
CA LYS C 487 -34.19 -26.51 28.79
C LYS C 487 -32.91 -27.35 28.63
N ALA C 488 -33.01 -28.67 28.76
CA ALA C 488 -31.88 -29.61 28.73
C ALA C 488 -31.97 -30.85 27.81
N LEU C 489 -33.00 -31.01 27.00
CA LEU C 489 -33.18 -32.20 26.13
C LEU C 489 -33.22 -33.51 26.97
N ASP C 490 -32.40 -34.51 26.62
CA ASP C 490 -32.28 -35.85 27.22
C ASP C 490 -33.45 -36.80 26.82
N ASP C 491 -34.48 -36.29 26.12
CA ASP C 491 -35.66 -37.02 25.60
C ASP C 491 -35.59 -37.20 24.07
N GLU C 492 -34.54 -37.71 23.35
CA GLU C 492 -34.27 -37.69 21.85
C GLU C 492 -34.89 -38.87 21.09
N LEU C 493 -35.13 -40.02 21.75
CA LEU C 493 -35.75 -41.19 21.16
C LEU C 493 -37.08 -40.81 20.50
N GLU C 494 -37.93 -40.06 21.20
CA GLU C 494 -39.18 -39.59 20.59
C GLU C 494 -38.89 -38.59 19.48
N GLU C 495 -38.04 -37.58 19.68
CA GLU C 495 -37.72 -36.62 18.60
C GLU C 495 -37.26 -37.31 17.30
N LYS C 496 -36.45 -38.37 17.40
CA LYS C 496 -36.00 -39.18 16.27
C LYS C 496 -37.18 -39.89 15.62
N LEU C 497 -37.90 -40.74 16.37
CA LEU C 497 -39.06 -41.45 15.85
C LEU C 497 -40.13 -40.50 15.28
N LYS C 498 -40.45 -39.39 15.97
CA LYS C 498 -41.43 -38.41 15.50
C LYS C 498 -40.96 -37.72 14.22
N LYS C 499 -39.64 -37.51 14.05
CA LYS C 499 -39.05 -36.97 12.82
C LYS C 499 -39.16 -37.95 11.64
N ALA C 500 -38.94 -39.26 11.85
CA ALA C 500 -39.01 -40.25 10.78
C ALA C 500 -40.41 -40.29 10.10
N ILE C 501 -41.46 -39.97 10.84
CA ILE C 501 -42.84 -39.92 10.32
C ILE C 501 -43.02 -38.78 9.31
N LYS C 502 -42.27 -37.67 9.42
CA LYS C 502 -42.28 -36.52 8.50
C LYS C 502 -41.48 -36.84 7.23
N GLU C 503 -40.25 -37.30 7.41
CA GLU C 503 -39.34 -37.66 6.31
C GLU C 503 -39.80 -38.87 5.48
N PHE C 504 -40.77 -39.65 5.97
CA PHE C 504 -41.35 -40.80 5.26
C PHE C 504 -42.02 -40.42 3.92
N LYS C 505 -42.56 -39.20 3.80
CA LYS C 505 -43.26 -38.74 2.58
C LYS C 505 -43.21 -37.24 2.25
N ALA C 506 -42.57 -36.38 3.04
CA ALA C 506 -42.49 -34.93 2.76
C ALA C 506 -41.07 -34.35 2.96
N THR D 13 6.54 22.18 47.88
CA THR D 13 5.60 22.97 48.71
C THR D 13 4.19 22.89 48.10
N ARG D 14 3.41 23.99 48.02
CA ARG D 14 2.05 24.06 47.47
C ARG D 14 1.97 24.84 46.16
N GLY D 15 1.31 24.28 45.15
CA GLY D 15 1.10 24.88 43.82
C GLY D 15 -0.37 25.12 43.51
N ARG D 16 -0.71 25.59 42.30
CA ARG D 16 -2.10 25.88 41.88
C ARG D 16 -2.40 25.43 40.45
N VAL D 17 -3.59 24.90 40.21
CA VAL D 17 -4.07 24.45 38.88
C VAL D 17 -4.19 25.66 37.93
N ILE D 18 -3.59 25.57 36.74
CA ILE D 18 -3.57 26.64 35.71
C ILE D 18 -4.36 26.29 34.46
N GLN D 19 -4.36 25.04 34.00
CA GLN D 19 -5.12 24.59 32.84
C GLN D 19 -5.66 23.18 33.01
N VAL D 20 -6.77 22.88 32.35
CA VAL D 20 -7.42 21.55 32.34
C VAL D 20 -7.93 21.25 30.94
N MET D 21 -7.45 20.18 30.32
CA MET D 21 -7.83 19.71 28.98
C MET D 21 -7.86 18.18 28.97
N GLY D 22 -9.02 17.59 29.23
CA GLY D 22 -9.17 16.13 29.31
C GLY D 22 -8.28 15.59 30.45
N PRO D 23 -7.58 14.46 30.26
CA PRO D 23 -6.67 13.90 31.25
C PRO D 23 -5.40 14.71 31.56
N VAL D 24 -5.16 15.86 30.93
CA VAL D 24 -3.94 16.69 31.10
C VAL D 24 -4.23 17.90 31.96
N VAL D 25 -3.37 18.16 32.94
CA VAL D 25 -3.49 19.29 33.86
C VAL D 25 -2.14 20.01 34.00
N ASP D 26 -2.14 21.34 33.97
CA ASP D 26 -0.94 22.17 34.15
C ASP D 26 -0.98 22.85 35.52
N VAL D 27 0.13 22.83 36.26
CA VAL D 27 0.26 23.36 37.63
C VAL D 27 1.45 24.32 37.77
N LYS D 28 1.26 25.44 38.48
CA LYS D 28 2.28 26.46 38.76
C LYS D 28 2.67 26.41 40.24
N PHE D 29 3.96 26.39 40.53
CA PHE D 29 4.50 26.26 41.89
C PHE D 29 5.11 27.52 42.51
N GLU D 30 5.58 28.50 41.75
CA GLU D 30 6.16 29.74 42.28
C GLU D 30 7.28 29.57 43.33
N ASN D 31 7.06 30.03 44.57
CA ASN D 31 8.02 30.01 45.68
C ASN D 31 8.47 28.59 46.11
N GLY D 32 9.59 28.52 46.81
CA GLY D 32 10.17 27.26 47.27
C GLY D 32 10.86 26.55 46.10
N HIS D 33 10.29 25.44 45.62
CA HIS D 33 10.83 24.68 44.49
C HIS D 33 9.76 23.89 43.76
N LEU D 34 10.06 23.55 42.51
CA LEU D 34 9.20 22.75 41.63
C LEU D 34 9.42 21.26 41.90
N PRO D 35 8.40 20.40 41.70
CA PRO D 35 8.52 18.96 41.87
C PRO D 35 9.39 18.34 40.76
N ALA D 36 9.92 17.15 40.99
CA ALA D 36 10.73 16.43 40.02
C ALA D 36 9.87 15.72 38.96
N ILE D 37 10.46 15.20 37.89
CA ILE D 37 9.70 14.46 36.88
C ILE D 37 9.30 13.12 37.50
N TYR D 38 8.11 12.58 37.16
CA TYR D 38 7.51 11.34 37.69
C TYR D 38 7.07 11.41 39.16
N ASN D 39 7.24 12.53 39.80
CA ASN D 39 6.84 12.82 41.16
C ASN D 39 5.30 12.87 41.27
N ALA D 40 4.69 12.35 42.35
CA ALA D 40 3.24 12.37 42.52
C ALA D 40 2.75 13.64 43.23
N LEU D 41 1.63 14.18 42.77
CA LEU D 41 0.97 15.37 43.32
C LEU D 41 -0.45 14.98 43.75
N LYS D 42 -0.97 15.66 44.78
CA LYS D 42 -2.31 15.43 45.35
C LYS D 42 -3.22 16.66 45.36
N ILE D 43 -4.48 16.46 44.98
CA ILE D 43 -5.57 17.46 45.05
C ILE D 43 -6.63 16.88 45.99
N GLN D 44 -6.88 17.60 47.09
CA GLN D 44 -7.86 17.29 48.13
C GLN D 44 -8.64 18.57 48.36
N HIS D 45 -9.87 18.63 47.86
CA HIS D 45 -10.72 19.82 47.99
C HIS D 45 -12.14 19.43 48.41
N LYS D 46 -12.65 20.17 49.39
CA LYS D 46 -14.00 20.13 49.93
C LYS D 46 -14.78 21.31 49.38
N ALA D 47 -16.00 21.05 48.87
CA ALA D 47 -16.92 22.03 48.27
C ALA D 47 -17.13 23.18 49.26
N ARG D 48 -16.76 24.40 48.84
CA ARG D 48 -16.88 25.63 49.66
C ARG D 48 -18.31 26.14 49.71
N ASN D 49 -19.10 25.78 48.70
CA ASN D 49 -20.51 26.09 48.53
C ASN D 49 -21.17 25.04 47.62
N GLU D 50 -22.50 25.01 47.61
CA GLU D 50 -23.35 24.07 46.85
C GLU D 50 -23.14 24.04 45.34
N ASN D 51 -22.44 25.00 44.73
CA ASN D 51 -22.19 25.01 43.28
C ASN D 51 -20.95 24.18 42.88
N GLU D 52 -20.13 23.76 43.85
CA GLU D 52 -18.91 22.96 43.66
C GLU D 52 -19.14 21.47 44.00
N VAL D 53 -18.17 20.63 43.66
CA VAL D 53 -18.18 19.18 43.95
C VAL D 53 -16.86 18.81 44.66
N ASP D 54 -16.91 17.92 45.65
CA ASP D 54 -15.71 17.40 46.32
C ASP D 54 -14.82 16.63 45.34
N ILE D 55 -13.50 16.78 45.46
CA ILE D 55 -12.54 16.12 44.57
C ILE D 55 -11.36 15.54 45.34
N ASP D 56 -10.96 14.35 44.92
CA ASP D 56 -9.83 13.57 45.43
C ASP D 56 -9.09 13.04 44.21
N LEU D 57 -7.98 13.69 43.81
CA LEU D 57 -7.24 13.35 42.60
C LEU D 57 -5.74 13.31 42.80
N THR D 58 -5.07 12.38 42.10
CA THR D 58 -3.61 12.19 42.07
C THR D 58 -3.11 12.46 40.65
N LEU D 59 -2.01 13.21 40.51
CA LEU D 59 -1.40 13.55 39.23
C LEU D 59 0.07 13.14 39.18
N GLU D 60 0.58 12.74 38.02
CA GLU D 60 2.00 12.40 37.83
C GLU D 60 2.67 13.46 36.96
N VAL D 61 3.79 14.05 37.43
CA VAL D 61 4.53 15.05 36.67
C VAL D 61 5.20 14.44 35.44
N ALA D 62 5.04 15.05 34.26
CA ALA D 62 5.62 14.56 33.01
C ALA D 62 6.69 15.50 32.43
N LEU D 63 6.55 16.83 32.49
CA LEU D 63 7.56 17.75 31.95
C LEU D 63 7.51 19.17 32.50
N HIS D 64 8.67 19.84 32.51
CA HIS D 64 8.83 21.22 32.94
C HIS D 64 8.61 22.15 31.74
N LEU D 65 7.94 23.29 31.92
CA LEU D 65 7.60 24.19 30.82
C LEU D 65 8.15 25.62 30.90
N GLY D 66 8.64 26.06 32.04
CA GLY D 66 9.07 27.45 32.25
C GLY D 66 8.02 28.17 33.11
N ASP D 67 8.21 29.46 33.40
CA ASP D 67 7.27 30.27 34.23
C ASP D 67 6.81 29.53 35.51
N ASP D 68 7.73 28.82 36.16
CA ASP D 68 7.52 28.03 37.38
C ASP D 68 6.32 27.09 37.23
N THR D 69 6.19 26.45 36.06
CA THR D 69 5.04 25.62 35.68
C THR D 69 5.45 24.26 35.13
N VAL D 70 4.59 23.30 35.43
CA VAL D 70 4.73 21.87 35.13
C VAL D 70 3.47 21.29 34.49
N ARG D 71 3.63 20.37 33.54
CA ARG D 71 2.54 19.64 32.90
C ARG D 71 2.43 18.25 33.51
N THR D 72 1.20 17.81 33.75
CA THR D 72 0.93 16.53 34.43
C THR D 72 -0.18 15.70 33.79
N ILE D 73 -0.11 14.39 33.99
CA ILE D 73 -1.10 13.42 33.55
C ILE D 73 -1.93 12.96 34.77
N ALA D 74 -3.25 13.14 34.70
CA ALA D 74 -4.17 12.78 35.77
C ALA D 74 -4.39 11.26 35.89
N MET D 75 -4.43 10.75 37.13
CA MET D 75 -4.61 9.31 37.41
C MET D 75 -6.08 8.88 37.52
N ALA D 76 -7.00 9.84 37.62
CA ALA D 76 -8.45 9.67 37.65
C ALA D 76 -9.10 10.83 36.91
N SER D 77 -10.43 10.86 36.86
CA SER D 77 -11.20 11.89 36.15
C SER D 77 -10.94 13.32 36.58
N THR D 78 -10.80 14.22 35.61
CA THR D 78 -10.59 15.66 35.82
C THR D 78 -11.89 16.46 35.89
N ASP D 79 -13.07 15.82 35.79
CA ASP D 79 -14.37 16.51 35.88
C ASP D 79 -14.52 17.17 37.27
N GLY D 80 -15.01 18.40 37.28
CA GLY D 80 -15.18 19.15 38.52
C GLY D 80 -13.97 19.96 38.95
N LEU D 81 -12.81 19.87 38.28
CA LEU D 81 -11.64 20.68 38.62
C LEU D 81 -11.91 22.15 38.31
N ILE D 82 -11.27 23.04 39.04
CA ILE D 82 -11.38 24.50 38.93
C ILE D 82 -9.99 25.14 38.95
N ARG D 83 -9.75 26.16 38.12
CA ARG D 83 -8.49 26.89 38.06
C ARG D 83 -8.26 27.64 39.36
N GLY D 84 -7.09 27.53 39.97
CA GLY D 84 -6.77 28.14 41.26
C GLY D 84 -6.85 27.16 42.43
N MET D 85 -7.28 25.91 42.22
CA MET D 85 -7.33 24.88 43.26
C MET D 85 -5.91 24.61 43.76
N GLU D 86 -5.74 24.39 45.06
CA GLU D 86 -4.43 24.10 45.66
C GLU D 86 -3.98 22.67 45.34
N VAL D 87 -2.68 22.49 45.11
CA VAL D 87 -2.05 21.19 44.80
C VAL D 87 -0.86 20.98 45.75
N ILE D 88 -0.68 19.75 46.24
CA ILE D 88 0.40 19.39 47.18
C ILE D 88 1.37 18.40 46.54
N ASP D 89 2.66 18.63 46.77
CA ASP D 89 3.79 17.81 46.32
C ASP D 89 4.15 16.74 47.36
N THR D 90 4.07 15.46 47.00
CA THR D 90 4.41 14.41 47.96
C THR D 90 5.92 14.23 48.14
N GLY D 91 6.77 14.82 47.29
CA GLY D 91 8.23 14.69 47.39
C GLY D 91 8.82 13.38 46.82
N ALA D 92 8.01 12.50 46.23
CA ALA D 92 8.43 11.23 45.66
C ALA D 92 7.44 10.72 44.60
N PRO D 93 7.77 9.70 43.80
CA PRO D 93 6.83 9.09 42.87
C PRO D 93 5.67 8.38 43.59
N ILE D 94 4.73 7.84 42.81
CA ILE D 94 3.62 7.05 43.36
C ILE D 94 4.26 5.94 44.21
N SER D 95 3.83 5.79 45.46
CA SER D 95 4.38 4.81 46.39
C SER D 95 3.31 3.82 46.81
N VAL D 96 3.61 2.52 46.72
CA VAL D 96 2.67 1.43 46.99
C VAL D 96 3.12 0.49 48.12
N PRO D 97 2.19 -0.06 48.94
CA PRO D 97 2.51 -1.01 50.01
C PRO D 97 3.25 -2.25 49.48
N VAL D 98 4.22 -2.77 50.24
CA VAL D 98 5.01 -3.98 49.90
C VAL D 98 5.11 -4.88 51.13
N GLY D 99 5.23 -6.20 50.93
CA GLY D 99 5.30 -7.13 52.03
C GLY D 99 4.32 -8.28 51.99
N PRO D 100 4.40 -9.22 52.96
CA PRO D 100 3.49 -10.39 52.98
C PRO D 100 2.00 -10.05 53.17
N GLU D 101 1.69 -8.87 53.73
CA GLU D 101 0.36 -8.30 53.95
C GLU D 101 -0.38 -7.98 52.66
N THR D 102 0.35 -7.88 51.55
CA THR D 102 -0.17 -7.61 50.21
C THR D 102 -0.69 -8.90 49.57
N LEU D 103 -0.42 -10.08 50.15
CA LEU D 103 -0.90 -11.35 49.60
C LEU D 103 -2.41 -11.48 49.85
N GLY D 104 -3.14 -11.96 48.85
CA GLY D 104 -4.59 -12.18 48.90
C GLY D 104 -5.44 -10.91 48.89
N ARG D 105 -4.93 -9.82 48.32
CA ARG D 105 -5.57 -8.50 48.21
C ARG D 105 -5.64 -7.99 46.77
N MET D 106 -6.69 -7.23 46.44
CA MET D 106 -6.91 -6.57 45.15
C MET D 106 -6.54 -5.09 45.23
N PHE D 107 -5.80 -4.58 44.25
CA PHE D 107 -5.30 -3.20 44.25
C PHE D 107 -5.58 -2.37 42.99
N ASP D 108 -5.60 -1.08 43.24
CA ASP D 108 -5.73 0.02 42.29
C ASP D 108 -4.30 0.45 41.84
N VAL D 109 -4.15 1.26 40.78
CA VAL D 109 -2.83 1.72 40.27
C VAL D 109 -2.03 2.48 41.34
N LEU D 110 -2.71 3.18 42.23
CA LEU D 110 -2.11 3.96 43.32
C LEU D 110 -1.81 3.12 44.58
N GLY D 111 -2.03 1.79 44.53
CA GLY D 111 -1.79 0.86 45.61
C GLY D 111 -2.84 0.86 46.71
N GLU D 112 -3.95 1.58 46.55
CA GLU D 112 -5.06 1.55 47.52
C GLU D 112 -5.89 0.28 47.28
N PRO D 113 -6.42 -0.35 48.34
CA PRO D 113 -7.13 -1.60 48.19
C PRO D 113 -8.48 -1.29 47.59
N ILE D 114 -8.92 -2.18 46.69
CA ILE D 114 -10.23 -2.13 46.02
C ILE D 114 -11.26 -2.87 46.86
N ASP D 115 -10.89 -4.05 47.37
CA ASP D 115 -11.74 -4.92 48.19
C ASP D 115 -12.16 -4.28 49.53
N GLU D 116 -13.33 -4.65 50.06
CA GLU D 116 -13.83 -4.10 51.34
C GLU D 116 -13.20 -4.74 52.58
N LYS D 117 -12.08 -5.47 52.46
CA LYS D 117 -11.57 -6.26 53.57
C LYS D 117 -10.89 -5.35 54.61
N GLY D 118 -10.61 -4.08 54.25
CA GLY D 118 -9.99 -3.16 55.13
C GLY D 118 -8.65 -2.67 54.66
N PRO D 119 -8.01 -1.85 55.52
CA PRO D 119 -6.71 -1.28 55.20
C PRO D 119 -5.70 -2.43 55.25
N VAL D 120 -4.70 -2.36 54.38
CA VAL D 120 -3.63 -3.36 54.30
C VAL D 120 -2.66 -3.27 55.48
N LYS D 121 -2.44 -2.06 56.01
CA LYS D 121 -1.53 -1.78 57.15
C LYS D 121 -0.08 -2.26 57.04
N ALA D 122 0.49 -2.28 55.83
CA ALA D 122 1.85 -2.77 55.59
C ALA D 122 2.91 -1.88 56.26
N LYS D 123 4.09 -2.45 56.56
CA LYS D 123 5.18 -1.74 57.26
C LYS D 123 6.01 -0.78 56.38
N LYS D 124 6.00 -0.93 55.06
CA LYS D 124 6.79 -0.09 54.11
C LYS D 124 6.03 0.19 52.80
N ARG D 125 6.38 1.30 52.17
CA ARG D 125 5.85 1.78 50.88
C ARG D 125 6.99 2.04 49.90
N TRP D 126 7.02 1.37 48.75
CA TRP D 126 8.07 1.55 47.74
C TRP D 126 7.61 2.38 46.53
N PRO D 127 8.49 3.25 45.98
CA PRO D 127 8.15 4.03 44.80
C PRO D 127 8.13 3.16 43.55
N ILE D 128 7.24 3.49 42.61
CA ILE D 128 7.01 2.80 41.33
C ILE D 128 8.13 2.98 40.28
N HIS D 129 8.96 4.03 40.41
CA HIS D 129 10.07 4.36 39.51
C HIS D 129 11.42 4.20 40.23
N ARG D 130 12.07 3.05 40.03
CA ARG D 130 13.39 2.69 40.61
C ARG D 130 14.33 2.16 39.51
N PRO D 131 15.67 2.27 39.62
CA PRO D 131 16.61 1.76 38.62
C PRO D 131 16.66 0.22 38.56
N PRO D 132 16.82 -0.41 37.38
CA PRO D 132 16.95 -1.86 37.25
C PRO D 132 18.26 -2.40 37.83
N PRO D 133 18.44 -3.74 37.93
CA PRO D 133 19.70 -4.33 38.39
C PRO D 133 20.84 -4.07 37.40
N SER D 134 22.07 -3.93 37.88
CA SER D 134 23.30 -3.60 37.08
C SER D 134 23.87 -4.83 36.39
N LEU D 135 24.83 -4.66 35.47
CA LEU D 135 25.42 -5.80 34.71
C LEU D 135 26.15 -6.71 35.69
N SER D 136 26.71 -6.14 36.76
CA SER D 136 27.39 -6.92 37.83
C SER D 136 26.39 -7.79 38.58
N GLU D 137 25.16 -7.32 38.77
CA GLU D 137 24.17 -8.04 39.59
C GLU D 137 23.43 -9.06 38.75
N GLN D 138 23.79 -9.19 37.48
CA GLN D 138 23.16 -10.18 36.59
C GLN D 138 23.69 -11.58 36.88
N SER D 139 22.81 -12.59 36.83
CA SER D 139 23.26 -13.99 37.03
C SER D 139 23.13 -14.74 35.70
N THR D 140 23.88 -15.82 35.51
CA THR D 140 23.87 -16.54 34.22
C THR D 140 23.58 -18.03 34.42
N GLU D 141 23.05 -18.41 35.58
CA GLU D 141 22.77 -19.84 35.88
C GLU D 141 21.46 -20.25 35.20
N ASP D 142 21.40 -20.37 33.88
CA ASP D 142 20.18 -20.79 33.22
C ASP D 142 19.75 -22.23 33.58
N GLU D 143 18.44 -22.42 33.75
CA GLU D 143 17.77 -23.69 34.05
C GLU D 143 16.31 -23.61 33.57
N ILE D 144 15.49 -24.62 33.83
CA ILE D 144 14.09 -24.71 33.38
C ILE D 144 13.08 -24.69 34.51
N LEU D 145 12.02 -23.90 34.32
CA LEU D 145 10.88 -23.78 35.24
C LEU D 145 9.77 -24.70 34.69
N GLU D 146 9.48 -25.78 35.40
CA GLU D 146 8.47 -26.76 35.03
C GLU D 146 7.06 -26.19 35.24
N THR D 147 6.27 -26.08 34.16
CA THR D 147 4.89 -25.56 34.22
C THR D 147 3.83 -26.64 34.40
N GLY D 148 4.14 -27.87 34.01
CA GLY D 148 3.22 -28.99 34.03
C GLY D 148 2.30 -29.01 32.80
N ILE D 149 2.51 -28.10 31.85
CA ILE D 149 1.75 -27.97 30.61
C ILE D 149 2.60 -28.58 29.49
N LYS D 150 2.12 -29.69 28.96
CA LYS D 150 2.77 -30.54 27.97
C LYS D 150 3.24 -29.88 26.66
N VAL D 151 2.66 -28.77 26.20
CA VAL D 151 3.15 -28.07 24.98
C VAL D 151 4.29 -27.10 25.26
N ILE D 152 4.24 -26.38 26.38
CA ILE D 152 5.26 -25.39 26.75
C ILE D 152 6.54 -26.08 27.21
N ASP D 153 6.42 -27.08 28.09
CA ASP D 153 7.57 -27.77 28.66
C ASP D 153 8.41 -28.55 27.64
N LEU D 154 7.85 -28.90 26.46
CA LEU D 154 8.57 -29.58 25.38
C LEU D 154 9.09 -28.64 24.28
N LEU D 155 8.20 -27.92 23.60
CA LEU D 155 8.56 -27.07 22.46
C LEU D 155 9.07 -25.67 22.79
N ALA D 156 8.75 -25.11 23.95
CA ALA D 156 9.21 -23.77 24.29
C ALA D 156 9.48 -23.60 25.81
N PRO D 157 10.46 -24.36 26.37
CA PRO D 157 10.76 -24.31 27.80
C PRO D 157 10.96 -22.90 28.35
N ILE D 158 10.50 -22.65 29.57
CA ILE D 158 10.59 -21.34 30.25
C ILE D 158 11.87 -21.25 31.09
N PRO D 159 12.79 -20.32 30.84
CA PRO D 159 13.97 -20.14 31.68
C PRO D 159 13.61 -19.47 33.01
N LYS D 160 14.16 -19.92 34.14
CA LYS D 160 13.95 -19.18 35.41
C LYS D 160 14.58 -17.81 35.23
N GLY D 161 13.95 -16.75 35.70
CA GLY D 161 14.41 -15.38 35.50
C GLY D 161 14.19 -14.83 34.10
N GLY D 162 13.56 -15.60 33.20
CA GLY D 162 13.26 -15.22 31.81
C GLY D 162 11.81 -14.82 31.55
N LYS D 163 11.58 -14.27 30.35
CA LYS D 163 10.28 -13.78 29.85
C LYS D 163 9.70 -14.63 28.72
N ILE D 164 8.44 -15.03 28.85
CA ILE D 164 7.67 -15.81 27.88
C ILE D 164 6.43 -15.01 27.43
N GLY D 165 6.25 -14.88 26.11
CA GLY D 165 5.17 -14.18 25.46
C GLY D 165 4.19 -15.10 24.75
N LEU D 166 2.90 -14.83 24.93
CA LEU D 166 1.77 -15.54 24.31
C LEU D 166 1.14 -14.61 23.27
N PHE D 167 1.27 -14.89 21.98
CA PHE D 167 0.76 -14.05 20.88
C PHE D 167 -0.50 -14.65 20.24
N GLY D 168 -1.50 -13.80 19.98
CA GLY D 168 -2.70 -14.26 19.29
C GLY D 168 -3.80 -13.22 19.16
N GLY D 169 -4.84 -13.57 18.42
CA GLY D 169 -6.03 -12.74 18.26
C GLY D 169 -7.01 -12.91 19.43
N ALA D 170 -8.27 -12.54 19.22
CA ALA D 170 -9.35 -12.64 20.21
C ALA D 170 -9.98 -14.05 20.26
N GLY D 171 -10.29 -14.54 21.46
CA GLY D 171 -10.90 -15.84 21.72
C GLY D 171 -10.03 -17.08 21.52
N VAL D 172 -8.69 -16.96 21.51
CA VAL D 172 -7.78 -18.11 21.30
C VAL D 172 -7.46 -18.90 22.58
N GLY D 173 -7.49 -18.28 23.77
CA GLY D 173 -7.26 -18.94 25.07
C GLY D 173 -6.16 -18.37 25.99
N LYS D 174 -5.68 -17.15 25.71
CA LYS D 174 -4.60 -16.47 26.45
C LYS D 174 -4.89 -16.33 27.94
N THR D 175 -6.04 -15.81 28.36
CA THR D 175 -6.33 -15.60 29.79
C THR D 175 -6.53 -16.92 30.53
N VAL D 176 -7.19 -17.92 29.96
CA VAL D 176 -7.34 -19.25 30.58
C VAL D 176 -5.98 -19.93 30.75
N LEU D 177 -5.07 -19.80 29.78
CA LEU D 177 -3.72 -20.37 29.91
C LEU D 177 -2.93 -19.67 31.02
N ILE D 178 -3.11 -18.36 31.20
CA ILE D 178 -2.49 -17.60 32.29
C ILE D 178 -3.06 -18.04 33.67
N MET D 179 -4.37 -18.24 33.78
CA MET D 179 -5.03 -18.67 35.01
C MET D 179 -4.62 -20.08 35.43
N GLU D 180 -4.40 -20.99 34.48
CA GLU D 180 -3.93 -22.33 34.79
C GLU D 180 -2.46 -22.30 35.26
N LEU D 181 -1.62 -21.46 34.65
CA LEU D 181 -0.22 -21.31 35.08
C LEU D 181 -0.15 -20.74 36.50
N ILE D 182 -0.99 -19.76 36.87
CA ILE D 182 -1.02 -19.22 38.24
C ILE D 182 -1.33 -20.33 39.26
N ARG D 183 -2.30 -21.19 38.98
CA ARG D 183 -2.68 -22.34 39.82
C ARG D 183 -1.54 -23.33 40.02
N ASN D 184 -0.92 -23.78 38.95
CA ASN D 184 0.16 -24.77 38.99
C ASN D 184 1.37 -24.33 39.83
N ILE D 185 1.73 -23.04 39.81
CA ILE D 185 2.83 -22.51 40.61
C ILE D 185 2.47 -22.53 42.10
N ALA D 186 1.22 -22.21 42.43
CA ALA D 186 0.72 -22.26 43.81
C ALA D 186 0.50 -23.69 44.30
N TYR D 187 0.38 -24.67 43.41
CA TYR D 187 0.16 -26.09 43.74
C TYR D 187 1.45 -26.81 44.14
N GLU D 188 2.44 -26.89 43.25
CA GLU D 188 3.68 -27.64 43.52
C GLU D 188 4.92 -26.78 43.76
N HIS D 189 5.06 -25.63 43.10
CA HIS D 189 6.21 -24.75 43.34
C HIS D 189 6.06 -23.96 44.65
N LYS D 190 4.82 -23.81 45.17
CA LYS D 190 4.48 -23.05 46.41
C LYS D 190 5.05 -21.63 46.47
N GLY D 191 5.17 -21.00 45.31
CA GLY D 191 5.70 -19.64 45.16
C GLY D 191 4.64 -18.55 45.26
N PHE D 192 5.08 -17.30 45.24
CA PHE D 192 4.21 -16.13 45.28
C PHE D 192 4.10 -15.58 43.86
N SER D 193 2.88 -15.25 43.44
CA SER D 193 2.58 -14.76 42.10
C SER D 193 1.95 -13.38 42.11
N VAL D 194 2.17 -12.63 41.04
CA VAL D 194 1.55 -11.32 40.87
C VAL D 194 0.90 -11.29 39.49
N PHE D 195 -0.36 -10.86 39.43
CA PHE D 195 -1.08 -10.66 38.17
C PHE D 195 -1.38 -9.16 38.01
N ALA D 196 -0.92 -8.59 36.90
CA ALA D 196 -1.14 -7.21 36.54
C ALA D 196 -2.13 -7.16 35.36
N GLY D 197 -3.36 -6.71 35.65
CA GLY D 197 -4.44 -6.56 34.68
C GLY D 197 -4.34 -5.20 34.00
N VAL D 198 -3.37 -5.02 33.09
CA VAL D 198 -3.17 -3.75 32.39
C VAL D 198 -4.32 -3.49 31.41
N GLY D 199 -5.17 -2.51 31.74
CA GLY D 199 -6.37 -2.17 30.97
C GLY D 199 -7.37 -3.33 30.99
N GLU D 200 -7.61 -3.91 32.17
CA GLU D 200 -8.50 -5.05 32.35
C GLU D 200 -9.99 -4.73 32.21
N ARG D 201 -10.72 -5.61 31.51
CA ARG D 201 -12.18 -5.53 31.37
C ARG D 201 -12.77 -5.90 32.73
N SER D 202 -13.60 -5.07 33.37
CA SER D 202 -14.17 -5.34 34.70
C SER D 202 -14.94 -6.67 34.78
N ARG D 203 -15.42 -7.22 33.66
CA ARG D 203 -16.11 -8.52 33.62
C ARG D 203 -15.15 -9.67 33.87
N GLU D 204 -13.89 -9.53 33.45
CA GLU D 204 -12.82 -10.51 33.58
C GLU D 204 -12.12 -10.44 34.96
N GLY D 205 -11.97 -9.25 35.56
CA GLY D 205 -11.39 -9.10 36.90
C GLY D 205 -12.23 -9.82 37.97
N ASN D 206 -13.55 -9.84 37.78
CA ASN D 206 -14.55 -10.55 38.58
C ASN D 206 -14.35 -12.07 38.43
N GLU D 207 -14.16 -12.58 37.21
CA GLU D 207 -13.92 -14.01 36.99
C GLU D 207 -12.54 -14.48 37.52
N LEU D 208 -11.49 -13.66 37.44
CA LEU D 208 -10.20 -14.02 38.00
C LEU D 208 -10.30 -14.04 39.53
N TRP D 209 -10.92 -13.02 40.14
CA TRP D 209 -11.07 -12.94 41.59
C TRP D 209 -11.89 -14.09 42.18
N LEU D 210 -12.96 -14.51 41.51
CA LEU D 210 -13.81 -15.63 41.93
C LEU D 210 -13.08 -16.98 41.76
N GLU D 211 -12.30 -17.21 40.72
CA GLU D 211 -11.64 -18.51 40.55
C GLU D 211 -10.59 -18.71 41.65
N MET D 212 -9.81 -17.66 41.90
CA MET D 212 -8.77 -17.66 42.92
C MET D 212 -9.32 -17.69 44.36
N LYS D 213 -10.42 -17.00 44.67
CA LYS D 213 -11.02 -17.01 46.03
C LYS D 213 -11.64 -18.39 46.38
N GLU D 214 -12.16 -19.14 45.40
CA GLU D 214 -12.74 -20.47 45.63
C GLU D 214 -11.72 -21.59 45.52
N SER D 215 -10.73 -21.50 44.64
CA SER D 215 -9.68 -22.52 44.53
C SER D 215 -8.59 -22.35 45.59
N GLY D 216 -8.63 -21.29 46.40
CA GLY D 216 -7.64 -21.07 47.44
C GLY D 216 -6.32 -20.47 47.00
N VAL D 217 -6.04 -20.41 45.69
CA VAL D 217 -4.83 -19.86 45.07
C VAL D 217 -4.61 -18.37 45.41
N LEU D 218 -5.69 -17.63 45.73
CA LEU D 218 -5.66 -16.20 46.07
C LEU D 218 -4.76 -15.88 47.27
N ASP D 219 -4.68 -16.75 48.29
CA ASP D 219 -3.84 -16.47 49.47
C ASP D 219 -2.34 -16.31 49.19
N ASN D 220 -1.87 -16.82 48.05
CA ASN D 220 -0.47 -16.74 47.63
C ASN D 220 -0.31 -15.77 46.46
N THR D 221 -1.36 -15.06 46.03
CA THR D 221 -1.31 -14.19 44.85
C THR D 221 -1.67 -12.74 45.16
N VAL D 222 -1.10 -11.83 44.39
CA VAL D 222 -1.38 -10.39 44.46
C VAL D 222 -2.11 -10.01 43.18
N LEU D 223 -3.23 -9.28 43.28
CA LEU D 223 -4.00 -8.81 42.14
C LEU D 223 -3.92 -7.28 42.03
N VAL D 224 -3.45 -6.77 40.91
CA VAL D 224 -3.40 -5.34 40.62
C VAL D 224 -4.24 -5.14 39.35
N PHE D 225 -5.25 -4.28 39.36
CA PHE D 225 -6.13 -4.11 38.19
C PHE D 225 -6.32 -2.68 37.67
N GLY D 226 -6.81 -1.75 38.50
CA GLY D 226 -7.26 -0.45 37.95
C GLY D 226 -8.50 -0.81 37.09
N GLN D 227 -8.78 -0.15 35.96
CA GLN D 227 -9.91 -0.53 35.08
C GLN D 227 -9.68 -0.09 33.63
N MET D 228 -10.24 -0.79 32.64
CA MET D 228 -10.17 -0.36 31.23
C MET D 228 -10.91 0.98 30.99
N ASN D 229 -11.84 1.37 31.87
CA ASN D 229 -12.58 2.63 31.84
C ASN D 229 -11.86 3.81 32.52
N GLU D 230 -10.67 3.62 33.11
CA GLU D 230 -9.89 4.70 33.72
C GLU D 230 -9.13 5.48 32.64
N PRO D 231 -8.70 6.73 32.91
CA PRO D 231 -7.94 7.51 31.93
C PRO D 231 -6.61 6.82 31.55
N PRO D 232 -6.00 7.19 30.40
CA PRO D 232 -4.79 6.55 29.89
C PRO D 232 -3.58 6.60 30.83
N GLY D 233 -3.43 7.64 31.66
CA GLY D 233 -2.32 7.73 32.63
C GLY D 233 -2.30 6.58 33.65
N ALA D 234 -3.48 6.09 34.04
CA ALA D 234 -3.65 4.97 34.94
C ALA D 234 -3.36 3.65 34.22
N ARG D 235 -3.87 3.46 32.99
CA ARG D 235 -3.64 2.24 32.19
C ARG D 235 -2.14 2.04 31.85
N PHE D 236 -1.35 3.12 31.84
CA PHE D 236 0.07 3.16 31.52
C PHE D 236 0.96 2.80 32.72
N ARG D 237 0.71 3.34 33.92
CA ARG D 237 1.51 3.07 35.12
C ARG D 237 1.17 1.79 35.89
N VAL D 238 0.04 1.13 35.64
CA VAL D 238 -0.36 -0.09 36.37
C VAL D 238 0.58 -1.29 36.27
N ALA D 239 1.22 -1.56 35.12
CA ALA D 239 2.14 -2.71 35.02
C ALA D 239 3.37 -2.53 35.94
N LEU D 240 3.78 -1.30 36.23
CA LEU D 240 4.89 -0.99 37.14
C LEU D 240 4.51 -1.25 38.61
N THR D 241 3.23 -1.08 38.96
CA THR D 241 2.71 -1.32 40.32
C THR D 241 2.79 -2.81 40.65
N GLY D 242 2.41 -3.69 39.71
CA GLY D 242 2.50 -5.13 39.91
C GLY D 242 3.95 -5.58 40.03
N LEU D 243 4.82 -5.00 39.20
CA LEU D 243 6.26 -5.26 39.19
C LEU D 243 6.96 -4.78 40.46
N THR D 244 6.65 -3.60 40.99
CA THR D 244 7.22 -3.06 42.23
C THR D 244 6.83 -3.90 43.44
N MET D 245 5.67 -4.56 43.40
CA MET D 245 5.22 -5.49 44.43
C MET D 245 5.94 -6.84 44.27
N ALA D 246 6.24 -7.30 43.04
CA ALA D 246 6.97 -8.54 42.79
C ALA D 246 8.48 -8.40 43.12
N GLU D 247 9.07 -7.21 43.00
CA GLU D 247 10.48 -6.93 43.31
C GLU D 247 10.84 -7.15 44.78
N TYR D 248 9.95 -6.81 45.71
CA TYR D 248 10.19 -7.00 47.14
C TYR D 248 10.41 -8.48 47.50
N PHE D 249 9.67 -9.38 46.88
CA PHE D 249 9.81 -10.81 47.16
C PHE D 249 11.16 -11.36 46.67
N ARG D 250 11.74 -10.78 45.62
CA ARG D 250 13.05 -11.18 45.10
C ARG D 250 14.18 -10.54 45.88
N ASP D 251 14.14 -9.23 46.05
CA ASP D 251 15.20 -8.46 46.69
C ASP D 251 15.23 -8.59 48.22
N GLU D 252 14.11 -8.36 48.93
CA GLU D 252 14.08 -8.42 50.40
C GLU D 252 13.77 -9.80 50.97
N GLU D 253 13.12 -10.72 50.24
CA GLU D 253 12.87 -12.09 50.72
C GLU D 253 13.71 -13.17 50.01
N GLY D 254 14.43 -12.84 48.93
CA GLY D 254 15.29 -13.79 48.20
C GLY D 254 14.58 -14.96 47.52
N LYS D 255 13.28 -14.84 47.23
CA LYS D 255 12.47 -15.88 46.58
C LYS D 255 12.48 -15.80 45.06
N ASP D 256 11.97 -16.86 44.43
CA ASP D 256 11.75 -16.93 43.00
C ASP D 256 10.23 -16.75 42.76
N VAL D 257 9.81 -15.68 42.08
CA VAL D 257 8.40 -15.32 41.84
C VAL D 257 8.03 -15.16 40.37
N LEU D 258 6.75 -15.41 40.04
CA LEU D 258 6.24 -15.32 38.67
C LEU D 258 5.26 -14.13 38.52
N LEU D 259 5.54 -13.27 37.56
CA LEU D 259 4.77 -12.08 37.22
C LEU D 259 3.98 -12.30 35.93
N PHE D 260 2.66 -12.22 35.99
CA PHE D 260 1.79 -12.38 34.84
C PHE D 260 1.26 -11.02 34.39
N ILE D 261 1.45 -10.66 33.13
CA ILE D 261 0.95 -9.40 32.57
C ILE D 261 0.00 -9.73 31.42
N ASP D 262 -1.29 -9.48 31.59
CA ASP D 262 -2.26 -9.76 30.53
C ASP D 262 -2.43 -8.51 29.64
N ASN D 263 -2.01 -8.68 28.39
CA ASN D 263 -2.04 -7.72 27.29
C ASN D 263 -1.25 -6.42 27.44
N ILE D 264 0.07 -6.52 27.19
CA ILE D 264 0.97 -5.37 27.07
C ILE D 264 0.62 -4.50 25.86
N PHE D 265 -0.23 -5.00 24.94
CA PHE D 265 -0.77 -4.22 23.85
C PHE D 265 -1.51 -2.99 24.43
N ARG D 266 -2.30 -3.17 25.50
CA ARG D 266 -3.01 -2.06 26.17
C ARG D 266 -2.01 -1.09 26.80
N PHE D 267 -0.86 -1.59 27.29
CA PHE D 267 0.24 -0.77 27.83
C PHE D 267 0.84 0.12 26.73
N ALA D 268 1.09 -0.43 25.54
CA ALA D 268 1.63 0.30 24.40
C ALA D 268 0.63 1.36 23.89
N GLN D 269 -0.65 1.00 23.75
CA GLN D 269 -1.71 1.93 23.34
C GLN D 269 -1.90 3.05 24.37
N ALA D 270 -1.70 2.80 25.66
CA ALA D 270 -1.83 3.82 26.68
C ALA D 270 -0.65 4.81 26.66
N GLY D 271 0.60 4.38 26.39
CA GLY D 271 1.70 5.32 26.24
C GLY D 271 1.54 6.21 25.02
N SER D 272 0.93 5.68 23.95
CA SER D 272 0.64 6.40 22.71
C SER D 272 -0.35 7.53 22.98
N GLU D 273 -1.43 7.21 23.69
CA GLU D 273 -2.45 8.18 24.07
C GLU D 273 -1.89 9.27 24.97
N VAL D 274 -1.00 8.95 25.90
CA VAL D 274 -0.34 9.94 26.75
C VAL D 274 0.58 10.84 25.94
N SER D 275 1.36 10.29 25.01
CA SER D 275 2.27 11.08 24.16
C SER D 275 1.50 12.05 23.26
N ALA D 276 0.36 11.60 22.71
CA ALA D 276 -0.53 12.40 21.87
C ALA D 276 -1.17 13.51 22.70
N LEU D 277 -1.56 13.22 23.96
CA LEU D 277 -2.10 14.21 24.88
C LEU D 277 -1.06 15.27 25.24
N LEU D 278 0.21 14.89 25.44
CA LEU D 278 1.29 15.83 25.76
C LEU D 278 1.79 16.66 24.56
N GLY D 279 1.46 16.26 23.33
CA GLY D 279 1.81 16.97 22.08
C GLY D 279 3.03 16.51 21.28
N ARG D 280 3.51 15.27 21.48
CA ARG D 280 4.68 14.71 20.78
C ARG D 280 4.33 14.28 19.35
N MET D 281 5.28 14.37 18.40
CA MET D 281 5.01 13.99 17.01
C MET D 281 4.81 12.47 16.85
N PRO D 282 3.76 11.98 16.18
CA PRO D 282 3.56 10.55 15.99
C PRO D 282 4.69 9.89 15.18
N SER D 283 5.06 8.68 15.58
CA SER D 283 6.06 7.84 14.94
C SER D 283 5.39 6.89 13.94
N GLU D 284 6.03 5.77 13.64
CA GLU D 284 5.51 4.74 12.75
C GLU D 284 4.09 4.30 13.18
N VAL D 285 3.15 4.30 12.22
CA VAL D 285 1.72 3.97 12.37
C VAL D 285 1.03 4.65 13.56
N GLY D 286 1.45 5.87 13.90
CA GLY D 286 0.91 6.70 14.96
C GLY D 286 1.31 6.39 16.42
N TYR D 287 2.22 5.46 16.69
CA TYR D 287 2.69 5.20 18.06
C TYR D 287 3.59 6.34 18.58
N GLN D 288 3.86 6.36 19.88
CA GLN D 288 4.73 7.35 20.52
C GLN D 288 6.19 7.22 20.03
N PRO D 289 6.98 8.30 19.95
CA PRO D 289 8.38 8.22 19.52
C PRO D 289 9.28 7.46 20.52
N THR D 290 8.85 7.37 21.78
CA THR D 290 9.52 6.75 22.93
C THR D 290 9.13 5.29 23.23
N LEU D 291 8.48 4.59 22.30
CA LEU D 291 7.90 3.25 22.49
C LEU D 291 8.94 2.26 22.96
N ALA D 292 10.09 2.18 22.26
CA ALA D 292 11.14 1.24 22.64
C ALA D 292 11.73 1.56 24.01
N THR D 293 11.86 2.83 24.40
CA THR D 293 12.38 3.23 25.73
C THR D 293 11.44 2.85 26.86
N GLU D 294 10.14 3.09 26.67
CA GLU D 294 9.09 2.79 27.65
C GLU D 294 8.86 1.28 27.85
N MET D 295 8.91 0.47 26.79
CA MET D 295 8.75 -0.99 26.88
C MET D 295 9.86 -1.63 27.72
N ALA D 296 11.07 -1.15 27.50
CA ALA D 296 12.29 -1.56 28.13
C ALA D 296 12.40 -1.20 29.60
N GLU D 297 11.78 -0.09 30.02
CA GLU D 297 11.83 0.34 31.44
C GLU D 297 11.14 -0.71 32.32
N LEU D 298 10.20 -1.47 31.75
CA LEU D 298 9.41 -2.51 32.39
C LEU D 298 10.08 -3.87 32.21
N GLN D 299 10.49 -4.23 30.98
CA GLN D 299 11.11 -5.52 30.70
C GLN D 299 12.49 -5.73 31.35
N GLU D 300 13.29 -4.68 31.54
CA GLU D 300 14.67 -4.75 32.12
C GLU D 300 14.61 -5.06 33.62
N ARG D 301 13.62 -4.54 34.34
CA ARG D 301 13.55 -4.74 35.82
C ARG D 301 13.21 -6.20 36.14
N ILE D 302 12.82 -7.04 35.17
CA ILE D 302 12.47 -8.45 35.32
C ILE D 302 13.69 -9.31 34.97
N THR D 303 14.50 -9.74 35.96
CA THR D 303 15.73 -10.52 35.66
C THR D 303 16.16 -11.37 36.86
N SER D 304 16.95 -12.43 36.64
CA SER D 304 17.50 -13.22 37.74
C SER D 304 18.79 -12.57 38.20
N THR D 305 18.91 -12.36 39.51
CA THR D 305 20.09 -11.78 40.13
C THR D 305 20.68 -12.74 41.16
N ARG D 306 21.75 -12.28 41.85
CA ARG D 306 22.35 -13.11 42.90
C ARG D 306 21.49 -13.21 44.18
N ARG D 307 20.41 -12.41 44.32
CA ARG D 307 19.52 -12.42 45.47
C ARG D 307 18.39 -13.41 45.19
N GLY D 308 17.77 -13.33 44.03
CA GLY D 308 16.67 -14.19 43.62
C GLY D 308 16.29 -13.94 42.17
N SER D 309 15.11 -14.40 41.78
CA SER D 309 14.62 -14.32 40.41
C SER D 309 13.14 -13.92 40.23
N ILE D 310 12.84 -13.16 39.17
CA ILE D 310 11.48 -12.83 38.72
C ILE D 310 11.36 -13.34 37.29
N THR D 311 10.45 -14.26 37.03
CA THR D 311 10.14 -14.79 35.71
C THR D 311 8.81 -14.19 35.29
N SER D 312 8.50 -14.07 33.99
CA SER D 312 7.25 -13.45 33.58
C SER D 312 6.56 -14.07 32.36
N VAL D 313 5.24 -14.23 32.46
CA VAL D 313 4.36 -14.72 31.39
C VAL D 313 3.54 -13.52 30.95
N GLN D 314 3.55 -13.21 29.66
CA GLN D 314 2.89 -12.05 29.09
C GLN D 314 2.00 -12.40 27.90
N ALA D 315 0.79 -11.84 27.82
CA ALA D 315 -0.10 -12.06 26.69
C ALA D 315 -0.05 -10.85 25.77
N ILE D 316 -0.06 -11.07 24.46
CA ILE D 316 0.00 -10.00 23.45
C ILE D 316 -1.08 -10.21 22.39
N TYR D 317 -1.94 -9.21 22.25
CA TYR D 317 -2.98 -9.17 21.23
C TYR D 317 -2.35 -8.79 19.90
N VAL D 318 -2.63 -9.58 18.87
CA VAL D 318 -2.15 -9.36 17.51
C VAL D 318 -3.31 -8.72 16.72
N PRO D 319 -3.32 -7.40 16.50
CA PRO D 319 -4.40 -6.74 15.79
C PRO D 319 -4.41 -7.17 14.31
N ALA D 320 -5.58 -7.55 13.81
CA ALA D 320 -5.80 -7.92 12.42
C ALA D 320 -4.80 -8.95 11.84
N ASP D 321 -4.30 -9.86 12.68
CA ASP D 321 -3.31 -10.90 12.34
C ASP D 321 -1.93 -10.38 11.89
N ASP D 322 -1.63 -9.10 12.11
CA ASP D 322 -0.37 -8.46 11.71
C ASP D 322 0.69 -8.42 12.83
N LEU D 323 1.69 -9.31 12.77
CA LEU D 323 2.80 -9.35 13.73
C LEU D 323 3.83 -8.23 13.51
N THR D 324 3.73 -7.46 12.40
CA THR D 324 4.66 -6.36 12.09
C THR D 324 4.27 -5.02 12.72
N ASP D 325 3.14 -4.94 13.41
CA ASP D 325 2.69 -3.74 14.12
C ASP D 325 3.72 -3.38 15.23
N PRO D 326 4.06 -2.10 15.44
CA PRO D 326 5.06 -1.70 16.43
C PRO D 326 4.92 -2.34 17.81
N ALA D 327 3.71 -2.53 18.35
CA ALA D 327 3.54 -3.10 19.69
C ALA D 327 4.05 -4.55 19.78
N PRO D 328 3.57 -5.53 18.98
CA PRO D 328 4.14 -6.88 19.01
C PRO D 328 5.64 -6.88 18.65
N ALA D 329 6.06 -6.10 17.64
CA ALA D 329 7.45 -6.05 17.15
C ALA D 329 8.50 -5.59 18.18
N THR D 330 8.20 -4.58 19.01
CA THR D 330 9.08 -4.09 20.07
C THR D 330 9.16 -5.07 21.22
N THR D 331 8.12 -5.85 21.44
CA THR D 331 8.05 -6.86 22.51
C THR D 331 8.94 -8.05 22.22
N PHE D 332 8.99 -8.52 20.97
CA PHE D 332 9.75 -9.75 20.61
C PHE D 332 11.20 -9.67 21.10
N ALA D 333 11.80 -8.47 21.13
CA ALA D 333 13.23 -8.33 21.49
C ALA D 333 13.48 -8.82 22.92
N HIS D 334 12.55 -8.63 23.84
CA HIS D 334 12.78 -9.00 25.27
C HIS D 334 12.19 -10.37 25.60
N LEU D 335 11.97 -11.27 24.65
CA LEU D 335 11.35 -12.58 24.94
C LEU D 335 12.35 -13.71 24.81
N ASP D 336 12.54 -14.45 25.90
CA ASP D 336 13.42 -15.65 25.88
C ASP D 336 12.68 -16.76 25.12
N ALA D 337 11.35 -16.83 25.26
CA ALA D 337 10.55 -17.86 24.58
C ALA D 337 9.33 -17.21 23.92
N THR D 338 8.73 -17.88 22.93
CA THR D 338 7.57 -17.31 22.21
C THR D 338 6.51 -18.39 21.97
N ILE D 339 5.24 -18.05 22.19
CA ILE D 339 4.14 -18.98 21.97
C ILE D 339 3.18 -18.23 21.06
N VAL D 340 2.75 -18.84 19.96
CA VAL D 340 1.73 -18.27 19.07
C VAL D 340 0.50 -19.16 19.12
N LEU D 341 -0.67 -18.61 19.48
CA LEU D 341 -1.90 -19.38 19.58
C LEU D 341 -2.74 -19.17 18.32
N SER D 342 -3.11 -20.28 17.69
CA SER D 342 -3.83 -20.29 16.41
C SER D 342 -5.33 -20.54 16.59
N ARG D 343 -6.16 -19.61 16.11
CA ARG D 343 -7.64 -19.66 16.15
C ARG D 343 -8.17 -20.92 15.45
N GLU D 344 -7.48 -21.41 14.43
CA GLU D 344 -7.83 -22.65 13.73
C GLU D 344 -7.73 -23.89 14.64
N LEU D 345 -6.80 -23.93 15.59
CA LEU D 345 -6.69 -25.03 16.54
C LEU D 345 -7.78 -24.93 17.61
N ALA D 346 -8.05 -23.71 18.10
CA ALA D 346 -9.07 -23.48 19.13
C ALA D 346 -10.47 -23.94 18.69
N GLU D 347 -10.89 -23.62 17.47
CA GLU D 347 -12.20 -24.01 16.94
C GLU D 347 -12.30 -25.48 16.52
N LYS D 348 -11.18 -26.18 16.43
CA LYS D 348 -11.12 -27.62 16.12
C LYS D 348 -11.14 -28.45 17.41
N GLY D 349 -11.26 -27.79 18.57
CA GLY D 349 -11.33 -28.39 19.90
C GLY D 349 -9.99 -28.67 20.56
N ILE D 350 -8.85 -28.33 19.96
CA ILE D 350 -7.53 -28.59 20.55
C ILE D 350 -7.15 -27.43 21.46
N TYR D 351 -7.05 -27.68 22.77
CA TYR D 351 -6.64 -26.68 23.78
C TYR D 351 -5.39 -27.20 24.49
N PRO D 352 -4.43 -26.33 24.89
CA PRO D 352 -4.43 -24.86 24.82
C PRO D 352 -4.32 -24.12 23.47
N ALA D 353 -4.35 -24.77 22.30
CA ALA D 353 -4.34 -24.12 20.96
C ALA D 353 -3.03 -23.42 20.53
N VAL D 354 -1.91 -23.79 21.15
CA VAL D 354 -0.55 -23.31 20.81
C VAL D 354 -0.13 -23.93 19.48
N ASP D 355 0.38 -23.14 18.53
CA ASP D 355 0.89 -23.66 17.26
C ASP D 355 2.27 -24.33 17.46
N PRO D 356 2.39 -25.66 17.24
CA PRO D 356 3.65 -26.36 17.42
C PRO D 356 4.75 -25.88 16.49
N LEU D 357 4.42 -25.22 15.37
CA LEU D 357 5.41 -24.81 14.40
C LEU D 357 5.92 -23.37 14.52
N GLN D 358 5.28 -22.52 15.32
CA GLN D 358 5.68 -21.11 15.53
C GLN D 358 6.22 -20.82 16.94
N SER D 359 6.09 -21.75 17.88
CA SER D 359 6.56 -21.60 19.25
C SER D 359 8.04 -21.97 19.38
N THR D 360 8.84 -21.13 20.05
CA THR D 360 10.30 -21.28 20.20
C THR D 360 10.82 -20.67 21.51
N SER D 361 12.01 -21.07 21.96
CA SER D 361 12.70 -20.44 23.10
C SER D 361 14.21 -20.44 22.89
N ARG D 362 14.93 -19.60 23.63
CA ARG D 362 16.40 -19.47 23.53
C ARG D 362 17.11 -20.60 24.27
N ILE D 363 16.49 -21.10 25.33
CA ILE D 363 17.02 -22.16 26.19
C ILE D 363 16.93 -23.57 25.58
N MET D 364 16.40 -23.72 24.37
CA MET D 364 16.28 -24.97 23.62
C MET D 364 17.63 -25.41 22.99
N ASP D 365 18.67 -25.52 23.82
CA ASP D 365 20.05 -25.93 23.48
C ASP D 365 20.53 -27.11 24.36
N PRO D 366 21.31 -28.09 23.83
CA PRO D 366 21.79 -29.24 24.59
C PRO D 366 22.64 -28.88 25.82
N ARG D 367 23.22 -27.69 25.83
CA ARG D 367 24.04 -27.18 26.94
C ARG D 367 23.20 -26.68 28.11
N ILE D 368 21.88 -26.49 27.94
CA ILE D 368 20.98 -26.00 28.99
C ILE D 368 19.86 -27.00 29.34
N VAL D 369 19.51 -27.92 28.45
CA VAL D 369 18.50 -28.98 28.66
C VAL D 369 19.05 -30.31 28.15
N SER D 370 18.56 -31.42 28.69
CA SER D 370 19.02 -32.77 28.36
C SER D 370 19.06 -33.13 26.88
N GLU D 371 20.00 -34.00 26.51
CA GLU D 371 20.14 -34.52 25.14
C GLU D 371 18.84 -35.21 24.68
N GLU D 372 18.17 -35.93 25.58
CA GLU D 372 16.91 -36.62 25.29
C GLU D 372 15.77 -35.61 25.06
N HIS D 373 15.78 -34.49 25.77
CA HIS D 373 14.78 -33.42 25.63
C HIS D 373 14.97 -32.75 24.28
N TYR D 374 16.20 -32.35 23.96
CA TYR D 374 16.54 -31.72 22.69
C TYR D 374 16.23 -32.63 21.50
N GLU D 375 16.62 -33.91 21.55
CA GLU D 375 16.36 -34.84 20.46
C GLU D 375 14.86 -35.10 20.23
N VAL D 376 14.04 -35.22 21.28
CA VAL D 376 12.60 -35.49 21.12
C VAL D 376 11.87 -34.29 20.52
N ALA D 377 12.10 -33.11 21.05
CA ALA D 377 11.53 -31.85 20.58
C ALA D 377 11.88 -31.59 19.12
N ARG D 378 13.10 -31.98 18.69
CA ARG D 378 13.51 -31.88 17.28
C ARG D 378 12.71 -32.84 16.42
N ARG D 379 12.65 -34.12 16.79
CA ARG D 379 11.87 -35.12 16.06
C ARG D 379 10.39 -34.76 15.97
N VAL D 380 9.81 -34.10 16.99
CA VAL D 380 8.42 -33.63 16.96
C VAL D 380 8.24 -32.54 15.91
N ARG D 381 9.00 -31.44 15.97
CA ARG D 381 8.88 -30.36 14.96
C ARG D 381 9.07 -30.86 13.54
N GLU D 382 9.98 -31.79 13.31
CA GLU D 382 10.24 -32.38 12.00
C GLU D 382 9.06 -33.18 11.47
N ILE D 383 8.50 -34.13 12.24
CA ILE D 383 7.38 -34.96 11.74
C ILE D 383 6.13 -34.12 11.50
N LEU D 384 5.87 -33.09 12.33
CA LEU D 384 4.75 -32.18 12.14
C LEU D 384 4.93 -31.40 10.83
N GLN D 385 6.13 -30.86 10.57
CA GLN D 385 6.39 -30.15 9.33
C GLN D 385 6.22 -31.04 8.10
N ARG D 386 6.69 -32.30 8.16
CA ARG D 386 6.54 -33.28 7.07
C ARG D 386 5.08 -33.56 6.75
N TYR D 387 4.24 -33.64 7.80
CA TYR D 387 2.80 -33.84 7.61
C TYR D 387 2.16 -32.61 6.97
N LYS D 388 2.62 -31.40 7.33
CA LYS D 388 2.13 -30.15 6.76
C LYS D 388 2.45 -30.11 5.26
N ASP D 389 3.61 -30.62 4.86
CA ASP D 389 4.02 -30.67 3.46
C ASP D 389 3.24 -31.71 2.62
N LEU D 390 2.34 -32.53 3.22
CA LEU D 390 1.60 -33.55 2.53
C LEU D 390 0.10 -33.40 2.54
N GLN D 391 -0.52 -32.59 3.41
CA GLN D 391 -1.98 -32.45 3.47
C GLN D 391 -2.66 -31.95 2.18
N ASP D 392 -1.93 -31.33 1.25
CA ASP D 392 -2.53 -30.96 -0.06
C ASP D 392 -2.73 -32.26 -0.85
N ILE D 393 -1.68 -33.05 -1.00
CA ILE D 393 -1.71 -34.34 -1.71
C ILE D 393 -2.74 -35.29 -1.08
N ILE D 394 -2.86 -35.35 0.25
CA ILE D 394 -3.85 -36.22 0.90
C ILE D 394 -5.30 -35.81 0.58
N ALA D 395 -5.56 -34.53 0.25
CA ALA D 395 -6.91 -34.06 -0.07
C ALA D 395 -7.28 -34.21 -1.56
N ILE D 396 -6.39 -33.82 -2.48
CA ILE D 396 -6.66 -33.88 -3.93
C ILE D 396 -6.55 -35.31 -4.48
N LEU D 397 -5.57 -36.09 -4.03
CA LEU D 397 -5.36 -37.47 -4.48
C LEU D 397 -5.77 -38.41 -3.35
N GLY D 398 -6.10 -39.66 -3.67
CA GLY D 398 -6.52 -40.63 -2.65
C GLY D 398 -5.39 -40.89 -1.63
N MET D 399 -5.74 -41.13 -0.37
CA MET D 399 -4.73 -41.45 0.65
C MET D 399 -4.00 -42.77 0.33
N GLU D 400 -4.61 -43.60 -0.52
CA GLU D 400 -4.10 -44.87 -1.04
C GLU D 400 -2.90 -44.65 -2.00
N GLU D 401 -2.60 -43.40 -2.36
CA GLU D 401 -1.47 -43.05 -3.23
C GLU D 401 -0.19 -42.72 -2.45
N LEU D 402 -0.28 -42.57 -1.11
CA LEU D 402 0.85 -42.17 -0.28
C LEU D 402 1.69 -43.40 -0.01
N SER D 403 3.01 -43.25 0.04
CA SER D 403 3.89 -44.38 0.32
C SER D 403 3.76 -44.85 1.77
N GLU D 404 4.26 -46.09 2.01
CA GLU D 404 4.30 -46.76 3.31
C GLU D 404 4.93 -45.95 4.44
N GLU D 405 6.07 -45.29 4.16
CA GLU D 405 6.75 -44.44 5.11
C GLU D 405 5.94 -43.18 5.44
N ASP D 406 5.46 -42.49 4.40
CA ASP D 406 4.64 -41.29 4.54
C ASP D 406 3.31 -41.57 5.23
N LYS D 407 2.73 -42.76 4.97
CA LYS D 407 1.48 -43.20 5.60
C LYS D 407 1.65 -43.34 7.10
N LEU D 408 2.75 -43.94 7.56
CA LEU D 408 3.07 -44.05 8.99
C LEU D 408 3.43 -42.68 9.57
N ILE D 409 4.16 -41.84 8.83
CA ILE D 409 4.52 -40.50 9.27
C ILE D 409 3.26 -39.66 9.53
N VAL D 410 2.23 -39.79 8.65
CA VAL D 410 0.94 -39.11 8.82
C VAL D 410 0.20 -39.57 10.07
N GLN D 411 0.07 -40.89 10.28
CA GLN D 411 -0.57 -41.43 11.48
C GLN D 411 0.16 -40.97 12.75
N ARG D 412 1.50 -40.98 12.79
CA ARG D 412 2.22 -40.54 14.00
C ARG D 412 2.04 -39.05 14.21
N ALA D 413 2.09 -38.22 13.16
CA ALA D 413 1.83 -36.80 13.29
C ALA D 413 0.41 -36.56 13.82
N ARG D 414 -0.57 -37.35 13.36
CA ARG D 414 -1.97 -37.29 13.78
C ARG D 414 -2.11 -37.60 15.27
N LYS D 415 -1.38 -38.58 15.83
CA LYS D 415 -1.44 -38.91 17.28
C LYS D 415 -0.75 -37.81 18.08
N ILE D 416 0.42 -37.35 17.64
CA ILE D 416 1.21 -36.29 18.27
C ILE D 416 0.45 -34.95 18.31
N GLN D 417 -0.27 -34.61 17.25
CA GLN D 417 -1.01 -33.34 17.16
C GLN D 417 -2.02 -33.22 18.30
N ARG D 418 -2.81 -34.27 18.54
CA ARG D 418 -3.77 -34.30 19.66
C ARG D 418 -3.11 -34.60 21.00
N PHE D 419 -2.01 -35.37 21.05
CA PHE D 419 -1.33 -35.63 22.32
C PHE D 419 -0.82 -34.34 22.98
N LEU D 420 -0.64 -33.27 22.22
CA LEU D 420 -0.29 -31.94 22.72
C LEU D 420 -1.47 -31.30 23.50
N SER D 421 -2.71 -31.78 23.35
CA SER D 421 -3.90 -31.29 24.06
C SER D 421 -3.94 -31.76 25.53
N GLN D 422 -4.37 -30.89 26.44
CA GLN D 422 -4.43 -31.17 27.88
C GLN D 422 -5.62 -30.49 28.59
N PRO D 423 -6.40 -31.22 29.43
CA PRO D 423 -7.52 -30.64 30.17
C PRO D 423 -6.99 -29.84 31.37
N PHE D 424 -7.43 -28.59 31.51
CA PHE D 424 -7.02 -27.70 32.59
C PHE D 424 -7.96 -27.73 33.79
N HIS D 425 -7.45 -27.53 35.01
CA HIS D 425 -8.29 -27.45 36.22
C HIS D 425 -9.21 -26.24 36.19
N VAL D 426 -8.68 -25.08 35.78
CA VAL D 426 -9.48 -23.82 35.77
C VAL D 426 -10.60 -23.93 34.72
N ALA D 427 -10.54 -24.93 33.84
CA ALA D 427 -11.54 -25.05 32.75
C ALA D 427 -12.43 -26.28 32.96
N GLU D 428 -12.36 -26.90 34.13
CA GLU D 428 -13.14 -28.15 34.40
C GLU D 428 -14.63 -27.85 34.30
N HIS D 429 -15.06 -26.68 34.80
CA HIS D 429 -16.51 -26.34 34.82
C HIS D 429 -17.07 -26.30 33.39
N PHE D 430 -16.29 -25.81 32.42
CA PHE D 430 -16.80 -25.68 31.03
C PHE D 430 -17.12 -27.05 30.43
N THR D 431 -16.16 -27.98 30.41
CA THR D 431 -16.32 -29.31 29.79
C THR D 431 -16.62 -30.42 30.77
N GLY D 432 -16.26 -30.25 32.05
CA GLY D 432 -16.46 -31.32 33.05
C GLY D 432 -15.28 -32.26 33.12
N ARG D 433 -14.15 -31.99 32.45
CA ARG D 433 -12.96 -32.85 32.51
C ARG D 433 -12.12 -32.48 33.75
N PRO D 434 -11.82 -33.41 34.68
CA PRO D 434 -11.09 -33.17 35.95
C PRO D 434 -9.87 -32.25 35.99
N GLY D 435 -9.03 -32.20 34.95
CA GLY D 435 -7.80 -31.39 34.94
C GLY D 435 -6.56 -32.23 35.29
N LYS D 436 -5.45 -31.96 34.60
CA LYS D 436 -4.19 -32.71 34.72
C LYS D 436 -2.93 -31.84 34.73
N TYR D 437 -1.93 -32.30 35.47
CA TYR D 437 -0.57 -31.74 35.58
C TYR D 437 0.38 -32.86 35.13
N VAL D 438 1.23 -32.64 34.12
CA VAL D 438 2.17 -33.68 33.62
C VAL D 438 3.62 -33.27 33.88
N PRO D 439 4.45 -34.08 34.56
CA PRO D 439 5.85 -33.74 34.80
C PRO D 439 6.72 -33.90 33.54
N ILE D 440 7.83 -33.17 33.44
CA ILE D 440 8.75 -33.15 32.29
C ILE D 440 9.17 -34.54 31.85
N GLU D 441 9.49 -35.42 32.80
CA GLU D 441 9.92 -36.79 32.52
C GLU D 441 8.86 -37.58 31.74
N ASP D 442 7.57 -37.40 32.06
CA ASP D 442 6.47 -38.07 31.37
C ASP D 442 6.12 -37.38 30.05
N THR D 443 6.36 -36.08 29.90
CA THR D 443 6.11 -35.42 28.60
C THR D 443 7.11 -35.98 27.58
N ILE D 444 8.41 -35.99 27.92
CA ILE D 444 9.49 -36.51 27.09
C ILE D 444 9.27 -37.98 26.78
N ARG D 445 9.00 -38.80 27.82
CA ARG D 445 8.73 -40.24 27.67
C ARG D 445 7.51 -40.49 26.78
N GLY D 446 6.45 -39.71 26.91
CA GLY D 446 5.23 -39.84 26.11
C GLY D 446 5.50 -39.62 24.62
N PHE D 447 6.01 -38.45 24.24
CA PHE D 447 6.32 -38.18 22.83
C PHE D 447 7.38 -39.13 22.27
N LYS D 448 8.40 -39.51 23.04
CA LYS D 448 9.42 -40.49 22.62
C LYS D 448 8.77 -41.83 22.27
N GLU D 449 7.84 -42.32 23.08
CA GLU D 449 7.20 -43.62 22.81
C GLU D 449 6.35 -43.60 21.53
N ILE D 450 5.71 -42.46 21.21
CA ILE D 450 4.91 -42.29 19.99
C ILE D 450 5.86 -42.17 18.78
N LEU D 451 6.89 -41.32 18.87
CA LEU D 451 7.89 -41.12 17.82
C LEU D 451 8.65 -42.41 17.50
N ASP D 452 9.03 -43.20 18.50
CA ASP D 452 9.74 -44.46 18.32
C ASP D 452 8.85 -45.57 17.74
N GLY D 453 7.57 -45.30 17.52
CA GLY D 453 6.63 -46.23 16.91
C GLY D 453 6.26 -47.43 17.77
N LYS D 454 6.47 -47.35 19.10
CA LYS D 454 6.13 -48.45 20.01
C LYS D 454 4.61 -48.55 20.13
N LEU D 455 3.96 -47.41 20.39
CA LEU D 455 2.52 -47.27 20.55
C LEU D 455 1.83 -46.83 19.24
N ASP D 456 1.63 -47.76 18.30
CA ASP D 456 0.98 -47.51 17.00
C ASP D 456 -0.45 -48.08 16.90
N ASP D 457 -0.69 -49.29 17.41
CA ASP D 457 -1.98 -49.98 17.39
C ASP D 457 -2.93 -49.49 18.51
N VAL D 458 -3.07 -48.17 18.58
CA VAL D 458 -3.93 -47.40 19.49
C VAL D 458 -4.61 -46.30 18.66
N PRO D 459 -5.95 -46.14 18.71
CA PRO D 459 -6.70 -45.15 17.94
C PRO D 459 -6.40 -43.70 18.34
N GLU D 460 -6.33 -42.80 17.37
CA GLU D 460 -6.06 -41.37 17.53
C GLU D 460 -6.93 -40.70 18.60
N GLN D 461 -8.21 -41.07 18.70
CA GLN D 461 -9.16 -40.56 19.70
C GLN D 461 -8.67 -40.77 21.14
N ALA D 462 -7.85 -41.78 21.42
CA ALA D 462 -7.32 -42.07 22.75
C ALA D 462 -6.28 -41.04 23.23
N PHE D 463 -5.63 -40.31 22.33
CA PHE D 463 -4.61 -39.30 22.68
C PHE D 463 -5.18 -37.90 22.95
N TYR D 464 -6.45 -37.64 22.63
CA TYR D 464 -7.10 -36.35 22.86
C TYR D 464 -7.56 -36.20 24.32
N MET D 465 -7.15 -35.10 24.97
CA MET D 465 -7.48 -34.76 26.35
C MET D 465 -7.21 -35.89 27.38
N VAL D 466 -5.94 -36.24 27.66
CA VAL D 466 -5.61 -37.35 28.59
C VAL D 466 -4.52 -37.17 29.65
N GLY D 467 -3.67 -36.14 29.64
CA GLY D 467 -2.60 -36.03 30.64
C GLY D 467 -1.39 -36.90 30.28
N THR D 468 -1.04 -37.91 31.08
CA THR D 468 0.10 -38.82 30.80
C THR D 468 -0.25 -39.89 29.74
N ILE D 469 0.73 -40.63 29.20
CA ILE D 469 0.47 -41.65 28.16
C ILE D 469 -0.15 -42.96 28.67
N GLU D 470 0.03 -43.33 29.94
CA GLU D 470 -0.64 -44.51 30.53
C GLU D 470 -2.17 -44.31 30.54
N GLU D 471 -2.61 -43.08 30.77
CA GLU D 471 -4.00 -42.64 30.78
C GLU D 471 -4.63 -42.76 29.37
N ALA D 472 -3.81 -42.58 28.33
CA ALA D 472 -4.22 -42.74 26.94
C ALA D 472 -4.38 -44.24 26.62
N VAL D 473 -3.47 -45.06 27.15
CA VAL D 473 -3.48 -46.51 26.96
C VAL D 473 -4.69 -47.19 27.64
N GLU D 474 -5.08 -46.79 28.85
CA GLU D 474 -6.27 -47.29 29.54
C GLU D 474 -7.56 -46.82 28.85
N LYS D 475 -7.57 -45.56 28.36
CA LYS D 475 -8.65 -44.91 27.60
C LYS D 475 -8.93 -45.66 26.32
N ALA D 476 -7.91 -46.09 25.59
CA ALA D 476 -8.11 -46.94 24.42
C ALA D 476 -9.02 -48.13 24.81
N LYS D 477 -8.73 -48.75 25.97
CA LYS D 477 -9.51 -49.91 26.47
C LYS D 477 -10.89 -49.44 26.93
N LYS D 478 -10.96 -48.27 27.58
CA LYS D 478 -12.27 -47.72 28.04
C LYS D 478 -13.18 -47.53 26.82
N MET D 479 -12.63 -47.15 25.67
CA MET D 479 -13.41 -47.02 24.44
C MET D 479 -13.56 -48.41 23.80
N LYS D 480 -13.27 -49.52 24.54
CA LYS D 480 -13.41 -50.91 24.01
C LYS D 480 -12.50 -51.09 22.81
N LYS D 481 -11.24 -50.60 22.79
CA LYS D 481 -10.31 -50.76 21.65
C LYS D 481 -8.85 -50.55 22.06
N THR E 13 30.68 42.24 4.51
CA THR E 13 31.95 42.79 5.07
C THR E 13 32.35 42.00 6.31
N ARG E 14 31.66 42.22 7.43
CA ARG E 14 32.03 41.54 8.70
C ARG E 14 30.77 41.13 9.46
N GLY E 15 30.35 39.88 9.34
CA GLY E 15 29.19 39.39 10.08
C GLY E 15 29.62 38.74 11.39
N ARG E 16 28.65 38.25 12.15
CA ARG E 16 28.84 37.51 13.41
C ARG E 16 27.84 36.39 13.49
N VAL E 17 28.31 35.16 13.72
CA VAL E 17 27.44 33.99 13.90
C VAL E 17 26.42 34.28 15.01
N ILE E 18 25.13 34.08 14.77
CA ILE E 18 24.05 34.32 15.73
C ILE E 18 23.39 33.00 16.16
N GLN E 19 23.36 32.01 15.27
CA GLN E 19 22.82 30.69 15.54
C GLN E 19 23.58 29.58 14.82
N VAL E 20 23.55 28.37 15.37
CA VAL E 20 24.19 27.16 14.81
C VAL E 20 23.28 25.96 15.07
N MET E 21 22.89 25.22 14.02
CA MET E 21 22.01 24.05 14.06
C MET E 21 22.43 23.03 13.01
N GLY E 22 23.51 22.28 13.30
CA GLY E 22 24.02 21.31 12.34
C GLY E 22 24.64 22.08 11.18
N PRO E 23 24.41 21.68 9.92
CA PRO E 23 24.91 22.40 8.75
C PRO E 23 24.39 23.85 8.62
N VAL E 24 23.21 24.17 9.15
CA VAL E 24 22.61 25.50 9.07
C VAL E 24 23.26 26.49 10.04
N VAL E 25 23.65 27.67 9.56
CA VAL E 25 24.28 28.74 10.35
C VAL E 25 23.64 30.08 9.97
N ASP E 26 23.29 30.90 10.97
CA ASP E 26 22.68 32.22 10.78
C ASP E 26 23.69 33.32 11.13
N VAL E 27 23.85 34.29 10.24
CA VAL E 27 24.82 35.39 10.38
C VAL E 27 24.13 36.75 10.30
N LYS E 28 24.45 37.67 11.20
CA LYS E 28 23.92 39.05 11.20
C LYS E 28 24.99 40.01 10.74
N PHE E 29 24.63 40.92 9.84
CA PHE E 29 25.54 41.93 9.30
C PHE E 29 25.20 43.31 9.88
N GLU E 30 26.15 44.23 9.81
CA GLU E 30 26.08 45.60 10.35
C GLU E 30 27.17 46.47 9.68
N ASN E 31 27.08 47.80 9.74
CA ASN E 31 28.07 48.74 9.17
C ASN E 31 28.51 48.39 7.74
N GLY E 32 27.57 48.44 6.81
CA GLY E 32 27.75 48.14 5.39
C GLY E 32 26.44 47.63 4.79
N HIS E 33 26.50 46.51 4.08
CA HIS E 33 25.34 45.87 3.45
C HIS E 33 25.47 44.35 3.52
N LEU E 34 24.34 43.67 3.35
CA LEU E 34 24.21 42.22 3.38
C LEU E 34 24.73 41.56 2.08
N PRO E 35 25.15 40.29 2.12
CA PRO E 35 25.58 39.54 0.94
C PRO E 35 24.38 39.13 0.07
N ALA E 36 24.63 38.80 -1.19
CA ALA E 36 23.61 38.30 -2.11
C ALA E 36 23.27 36.82 -1.84
N ILE E 37 22.24 36.26 -2.47
CA ILE E 37 21.90 34.82 -2.31
C ILE E 37 22.91 33.94 -3.09
N TYR E 38 23.16 32.69 -2.68
CA TYR E 38 24.18 31.77 -3.27
C TYR E 38 25.65 32.15 -2.99
N ASN E 39 25.83 33.25 -2.28
CA ASN E 39 27.12 33.82 -1.94
C ASN E 39 27.80 32.98 -0.85
N ALA E 40 29.10 32.82 -0.97
CA ALA E 40 29.97 32.08 -0.06
C ALA E 40 30.53 32.95 1.07
N LEU E 41 30.55 32.46 2.28
CA LEU E 41 31.09 33.13 3.45
C LEU E 41 32.20 32.22 3.99
N LYS E 42 33.17 32.83 4.64
CA LYS E 42 34.40 32.24 5.20
C LYS E 42 34.59 32.53 6.69
N ILE E 43 34.88 31.49 7.46
CA ILE E 43 35.21 31.59 8.90
C ILE E 43 36.62 31.01 9.07
N GLN E 44 37.54 31.84 9.58
CA GLN E 44 38.95 31.55 9.84
C GLN E 44 39.21 31.97 11.28
N HIS E 45 39.31 31.01 12.20
CA HIS E 45 39.51 31.32 13.62
C HIS E 45 40.58 30.42 14.26
N LYS E 46 41.45 31.07 15.03
CA LYS E 46 42.56 30.53 15.78
C LYS E 46 42.18 30.48 17.25
N ALA E 47 42.42 29.32 17.90
CA ALA E 47 42.11 29.05 19.31
C ALA E 47 42.72 30.15 20.19
N ARG E 48 41.90 30.89 20.93
CA ARG E 48 42.37 31.96 21.83
C ARG E 48 42.94 31.40 23.12
N ASN E 49 42.56 30.18 23.50
CA ASN E 49 43.03 29.49 24.69
C ASN E 49 42.88 28.00 24.38
N GLU E 50 43.50 27.17 25.24
CA GLU E 50 43.54 25.69 25.18
C GLU E 50 42.19 24.98 25.22
N ASN E 51 41.09 25.69 25.57
CA ASN E 51 39.70 25.18 25.57
C ASN E 51 39.01 25.31 24.19
N GLU E 52 39.54 26.12 23.27
CA GLU E 52 39.00 26.32 21.91
C GLU E 52 39.70 25.41 20.89
N VAL E 53 39.17 25.31 19.67
CA VAL E 53 39.73 24.50 18.58
C VAL E 53 39.92 25.35 17.33
N ASP E 54 41.01 25.17 16.56
CA ASP E 54 41.12 25.93 15.31
C ASP E 54 40.08 25.48 14.29
N ILE E 55 39.51 26.41 13.54
CA ILE E 55 38.46 26.14 12.55
C ILE E 55 38.69 26.88 11.24
N ASP E 56 38.45 26.16 10.15
CA ASP E 56 38.53 26.65 8.77
C ASP E 56 37.29 26.11 8.06
N LEU E 57 36.34 27.00 7.77
CA LEU E 57 35.04 26.69 7.18
C LEU E 57 34.50 27.67 6.11
N THR E 58 33.72 27.16 5.15
CA THR E 58 33.03 27.91 4.08
C THR E 58 31.51 27.66 4.19
N LEU E 59 30.67 28.70 4.08
CA LEU E 59 29.20 28.67 4.14
C LEU E 59 28.55 29.25 2.88
N GLU E 60 27.42 28.76 2.37
CA GLU E 60 26.74 29.33 1.19
C GLU E 60 25.37 29.93 1.60
N VAL E 61 25.09 31.18 1.25
CA VAL E 61 23.84 31.89 1.58
C VAL E 61 22.64 31.25 0.90
N ALA E 62 21.59 30.97 1.67
CA ALA E 62 20.36 30.36 1.18
C ALA E 62 19.20 31.37 1.06
N LEU E 63 19.03 32.28 2.02
CA LEU E 63 17.94 33.26 2.04
C LEU E 63 18.14 34.41 3.04
N HIS E 64 17.44 35.52 2.83
CA HIS E 64 17.46 36.72 3.70
C HIS E 64 16.33 36.58 4.73
N LEU E 65 16.58 36.89 6.01
CA LEU E 65 15.59 36.70 7.09
C LEU E 65 14.97 37.97 7.69
N GLY E 66 15.51 39.15 7.44
CA GLY E 66 15.05 40.38 8.09
C GLY E 66 15.98 40.69 9.27
N ASP E 67 15.85 41.87 9.88
CA ASP E 67 16.72 42.30 11.00
C ASP E 67 18.23 42.14 10.68
N ASP E 68 18.62 42.52 9.46
CA ASP E 68 19.99 42.43 8.92
C ASP E 68 20.62 41.03 8.99
N THR E 69 19.80 39.98 9.09
CA THR E 69 20.24 38.59 9.24
C THR E 69 20.06 37.75 7.98
N VAL E 70 20.92 36.76 7.81
CA VAL E 70 20.98 35.87 6.64
C VAL E 70 21.16 34.42 7.09
N ARG E 71 20.54 33.47 6.39
CA ARG E 71 20.66 32.04 6.69
C ARG E 71 21.58 31.39 5.67
N THR E 72 22.48 30.53 6.12
CA THR E 72 23.48 29.88 5.28
C THR E 72 23.65 28.38 5.56
N ILE E 73 24.13 27.65 4.56
CA ILE E 73 24.40 26.20 4.63
C ILE E 73 25.93 26.01 4.63
N ALA E 74 26.47 25.34 5.64
CA ALA E 74 27.91 25.08 5.74
C ALA E 74 28.38 23.99 4.76
N MET E 75 29.57 24.18 4.20
CA MET E 75 30.20 23.26 3.24
C MET E 75 31.02 22.14 3.90
N ALA E 76 31.36 22.30 5.19
CA ALA E 76 32.09 21.33 5.99
C ALA E 76 31.52 21.29 7.43
N SER E 77 32.06 20.45 8.30
CA SER E 77 31.58 20.29 9.67
C SER E 77 31.59 21.60 10.47
N THR E 78 30.51 21.80 11.23
CA THR E 78 30.31 22.97 12.09
C THR E 78 30.76 22.72 13.53
N ASP E 79 31.33 21.56 13.88
CA ASP E 79 31.76 21.35 15.27
C ASP E 79 32.84 22.36 15.69
N GLY E 80 32.73 22.90 16.89
CA GLY E 80 33.66 23.91 17.40
C GLY E 80 33.27 25.36 17.14
N LEU E 81 32.20 25.64 16.38
CA LEU E 81 31.73 27.02 16.15
C LEU E 81 31.14 27.62 17.44
N ILE E 82 31.30 28.94 17.61
CA ILE E 82 30.83 29.69 18.79
C ILE E 82 30.02 30.92 18.36
N ARG E 83 28.90 31.20 19.01
CA ARG E 83 28.07 32.38 18.73
C ARG E 83 28.90 33.64 19.00
N GLY E 84 28.97 34.53 18.03
CA GLY E 84 29.77 35.75 18.11
C GLY E 84 31.09 35.69 17.31
N MET E 85 31.44 34.54 16.71
CA MET E 85 32.64 34.42 15.87
C MET E 85 32.54 35.33 14.64
N GLU E 86 33.64 35.92 14.21
CA GLU E 86 33.66 36.80 13.03
C GLU E 86 33.51 35.98 11.74
N VAL E 87 32.77 36.55 10.78
CA VAL E 87 32.49 35.95 9.46
C VAL E 87 32.89 36.94 8.38
N ILE E 88 33.52 36.46 7.31
CA ILE E 88 33.92 37.28 6.16
C ILE E 88 33.10 36.92 4.94
N ASP E 89 32.47 37.94 4.37
CA ASP E 89 31.67 37.87 3.16
C ASP E 89 32.58 37.89 1.93
N THR E 90 32.54 36.85 1.09
CA THR E 90 33.44 36.95 -0.06
C THR E 90 32.90 37.83 -1.19
N GLY E 91 31.64 38.27 -1.16
CA GLY E 91 31.08 39.11 -2.20
C GLY E 91 30.62 38.39 -3.48
N ALA E 92 30.70 37.05 -3.56
CA ALA E 92 30.31 36.34 -4.76
C ALA E 92 30.15 34.86 -4.38
N PRO E 93 29.53 33.96 -5.31
CA PRO E 93 29.47 32.50 -5.03
C PRO E 93 30.83 31.77 -4.94
N ILE E 94 30.79 30.45 -4.69
CA ILE E 94 31.96 29.58 -4.61
C ILE E 94 32.73 29.72 -5.93
N SER E 95 34.02 30.07 -5.88
CA SER E 95 34.80 30.29 -7.09
C SER E 95 35.87 29.22 -7.20
N VAL E 96 35.95 28.56 -8.36
CA VAL E 96 36.94 27.50 -8.58
C VAL E 96 37.85 27.82 -9.77
N PRO E 97 39.15 27.47 -9.70
CA PRO E 97 40.07 27.69 -10.83
C PRO E 97 39.64 27.06 -12.15
N VAL E 98 39.96 27.76 -13.25
CA VAL E 98 39.64 27.33 -14.61
C VAL E 98 40.87 27.53 -15.52
N GLY E 99 40.97 26.67 -16.54
CA GLY E 99 42.13 26.72 -17.45
C GLY E 99 42.54 25.31 -17.85
N PRO E 100 43.60 25.12 -18.66
CA PRO E 100 44.08 23.77 -19.00
C PRO E 100 44.96 23.19 -17.89
N GLU E 101 45.18 23.96 -16.82
CA GLU E 101 46.04 23.50 -15.69
C GLU E 101 45.20 22.66 -14.71
N THR E 102 43.99 22.30 -15.10
CA THR E 102 43.08 21.52 -14.21
C THR E 102 43.12 20.06 -14.63
N LEU E 103 43.65 19.77 -15.83
CA LEU E 103 43.68 18.37 -16.33
C LEU E 103 44.64 17.53 -15.49
N GLY E 104 44.35 16.24 -15.32
CA GLY E 104 45.19 15.35 -14.50
C GLY E 104 45.26 15.79 -13.05
N ARG E 105 44.15 16.29 -12.50
CA ARG E 105 44.17 16.80 -11.10
C ARG E 105 42.92 16.38 -10.33
N MET E 106 43.04 16.24 -9.01
CA MET E 106 41.91 15.88 -8.14
C MET E 106 41.53 17.10 -7.31
N PHE E 107 40.24 17.39 -7.29
CA PHE E 107 39.67 18.53 -6.54
C PHE E 107 38.53 18.23 -5.57
N ASP E 108 38.42 19.13 -4.61
CA ASP E 108 37.38 19.22 -3.57
C ASP E 108 36.21 20.09 -4.12
N VAL E 109 35.05 20.12 -3.46
CA VAL E 109 33.88 20.92 -3.86
C VAL E 109 34.20 22.42 -3.96
N LEU E 110 35.14 22.95 -3.16
CA LEU E 110 35.54 24.36 -3.19
C LEU E 110 36.67 24.70 -4.19
N GLY E 111 37.10 23.73 -4.99
CA GLY E 111 38.15 23.85 -5.99
C GLY E 111 39.56 23.76 -5.42
N GLU E 112 39.73 23.46 -4.14
CA GLU E 112 41.07 23.28 -3.61
C GLU E 112 41.65 21.95 -4.03
N PRO E 113 42.97 21.91 -4.33
CA PRO E 113 43.53 20.65 -4.80
C PRO E 113 43.61 19.72 -3.63
N ILE E 114 43.24 18.45 -3.89
CA ILE E 114 43.32 17.33 -2.93
C ILE E 114 44.72 16.74 -2.96
N ASP E 115 45.24 16.47 -4.15
CA ASP E 115 46.57 15.87 -4.33
C ASP E 115 47.71 16.82 -3.90
N GLU E 116 48.81 16.23 -3.42
CA GLU E 116 49.98 16.91 -2.84
C GLU E 116 50.95 17.50 -3.88
N LYS E 117 50.48 17.66 -5.11
CA LYS E 117 51.25 18.15 -6.26
C LYS E 117 51.54 19.65 -6.19
N GLY E 118 50.92 20.39 -5.26
CA GLY E 118 51.11 21.78 -5.10
C GLY E 118 49.93 22.61 -5.52
N PRO E 119 50.11 23.93 -5.42
CA PRO E 119 49.06 24.88 -5.78
C PRO E 119 48.92 24.81 -7.30
N VAL E 120 47.68 24.99 -7.77
CA VAL E 120 47.36 24.97 -9.20
C VAL E 120 47.85 26.24 -9.92
N LYS E 121 47.85 27.38 -9.22
CA LYS E 121 48.28 28.70 -9.74
C LYS E 121 47.61 29.21 -11.01
N ALA E 122 46.33 28.88 -11.22
CA ALA E 122 45.58 29.24 -12.43
C ALA E 122 45.37 30.76 -12.53
N LYS E 123 45.21 31.29 -13.74
CA LYS E 123 45.03 32.75 -13.93
C LYS E 123 43.64 33.28 -13.60
N LYS E 124 42.61 32.43 -13.58
CA LYS E 124 41.26 32.95 -13.32
C LYS E 124 40.43 31.95 -12.53
N ARG E 125 39.52 32.50 -11.73
CA ARG E 125 38.57 31.61 -11.04
C ARG E 125 37.22 31.86 -11.72
N TRP E 126 36.33 30.88 -11.76
CA TRP E 126 34.98 31.11 -12.35
C TRP E 126 33.87 30.80 -11.34
N PRO E 127 32.89 31.70 -11.10
CA PRO E 127 31.74 31.38 -10.23
C PRO E 127 31.04 30.06 -10.63
N ILE E 128 30.56 29.28 -9.67
CA ILE E 128 29.95 27.94 -9.95
C ILE E 128 28.47 28.08 -10.28
N HIS E 129 27.85 29.18 -9.85
CA HIS E 129 26.43 29.48 -10.18
C HIS E 129 26.43 30.51 -11.31
N ARG E 130 26.04 30.10 -12.52
CA ARG E 130 26.06 31.02 -13.70
C ARG E 130 24.86 30.71 -14.60
N PRO E 131 24.19 31.74 -15.19
CA PRO E 131 23.08 31.50 -16.15
C PRO E 131 23.33 30.49 -17.27
N PRO E 132 22.35 29.68 -17.73
CA PRO E 132 22.59 28.82 -18.88
C PRO E 132 22.51 29.58 -20.23
N PRO E 133 22.89 28.98 -21.37
CA PRO E 133 22.79 29.63 -22.68
C PRO E 133 21.34 29.97 -23.07
N SER E 134 21.09 31.12 -23.69
CA SER E 134 19.75 31.52 -24.15
C SER E 134 19.30 30.78 -25.41
N LEU E 135 18.01 30.85 -25.78
CA LEU E 135 17.41 30.19 -26.97
C LEU E 135 18.09 30.58 -28.30
N SER E 136 18.60 31.82 -28.37
CA SER E 136 19.30 32.40 -29.52
C SER E 136 20.74 31.89 -29.65
N GLU E 137 21.30 31.29 -28.60
CA GLU E 137 22.64 30.72 -28.59
C GLU E 137 22.64 29.22 -28.86
N GLN E 138 21.50 28.53 -28.81
CA GLN E 138 21.42 27.06 -28.97
C GLN E 138 21.86 26.58 -30.35
N SER E 139 21.93 25.27 -30.52
CA SER E 139 22.38 24.67 -31.81
C SER E 139 21.48 23.47 -32.14
N THR E 140 20.82 23.52 -33.29
CA THR E 140 19.87 22.50 -33.76
C THR E 140 20.51 21.54 -34.77
N GLU E 141 21.83 21.63 -34.94
CA GLU E 141 22.54 20.72 -35.88
C GLU E 141 22.81 19.39 -35.16
N ASP E 142 21.79 18.62 -34.75
CA ASP E 142 22.04 17.31 -34.10
C ASP E 142 22.93 16.38 -34.96
N GLU E 143 24.08 15.99 -34.43
CA GLU E 143 25.03 15.05 -35.06
C GLU E 143 25.36 13.95 -34.02
N ILE E 144 26.25 13.00 -34.33
CA ILE E 144 26.61 11.87 -33.45
C ILE E 144 28.10 11.92 -33.02
N LEU E 145 28.35 11.24 -31.91
CA LEU E 145 29.63 11.15 -31.24
C LEU E 145 30.05 9.68 -31.21
N GLU E 146 31.03 9.32 -32.02
CA GLU E 146 31.52 7.95 -32.13
C GLU E 146 32.23 7.59 -30.83
N THR E 147 31.70 6.60 -30.11
CA THR E 147 32.29 6.15 -28.85
C THR E 147 33.28 5.02 -29.09
N GLY E 148 33.12 4.33 -30.22
CA GLY E 148 33.91 3.16 -30.58
C GLY E 148 33.41 1.92 -29.85
N ILE E 149 32.32 2.02 -29.08
CA ILE E 149 31.71 0.92 -28.35
C ILE E 149 30.48 0.45 -29.14
N LYS E 150 30.62 -0.74 -29.71
CA LYS E 150 29.70 -1.43 -30.63
C LYS E 150 28.22 -1.52 -30.22
N VAL E 151 27.88 -1.56 -28.93
CA VAL E 151 26.46 -1.63 -28.50
C VAL E 151 25.83 -0.23 -28.38
N ILE E 152 26.63 0.76 -27.96
CA ILE E 152 26.20 2.15 -27.80
C ILE E 152 26.03 2.82 -29.16
N ASP E 153 27.02 2.67 -30.04
CA ASP E 153 27.07 3.30 -31.36
C ASP E 153 25.99 2.85 -32.36
N LEU E 154 25.37 1.67 -32.19
CA LEU E 154 24.30 1.19 -33.06
C LEU E 154 22.90 1.32 -32.46
N LEU E 155 22.67 0.70 -31.30
CA LEU E 155 21.34 0.62 -30.68
C LEU E 155 20.90 1.84 -29.85
N ALA E 156 21.82 2.66 -29.35
CA ALA E 156 21.46 3.87 -28.59
C ALA E 156 22.46 5.02 -28.80
N PRO E 157 22.54 5.60 -30.01
CA PRO E 157 23.46 6.69 -30.32
C PRO E 157 23.40 7.90 -29.37
N ILE E 158 24.57 8.48 -29.10
CA ILE E 158 24.76 9.64 -28.23
C ILE E 158 24.95 10.92 -29.06
N PRO E 159 24.09 11.93 -28.90
CA PRO E 159 24.22 13.19 -29.62
C PRO E 159 25.15 14.18 -28.95
N LYS E 160 25.89 14.96 -29.74
CA LYS E 160 26.74 16.01 -29.21
C LYS E 160 25.82 16.99 -28.47
N GLY E 161 26.18 17.34 -27.24
CA GLY E 161 25.39 18.21 -26.37
C GLY E 161 24.23 17.53 -25.62
N GLY E 162 24.09 16.20 -25.66
CA GLY E 162 23.01 15.49 -24.96
C GLY E 162 23.36 14.85 -23.61
N LYS E 163 22.31 14.35 -22.93
CA LYS E 163 22.30 13.70 -21.61
C LYS E 163 21.90 12.24 -21.70
N ILE E 164 22.74 11.33 -21.22
CA ILE E 164 22.58 9.88 -21.29
C ILE E 164 22.48 9.26 -19.89
N GLY E 165 21.55 8.34 -19.68
CA GLY E 165 21.35 7.69 -18.39
C GLY E 165 21.89 6.27 -18.37
N LEU E 166 22.72 5.96 -17.39
CA LEU E 166 23.36 4.66 -17.19
C LEU E 166 22.74 3.94 -15.99
N PHE E 167 22.17 2.75 -16.21
CA PHE E 167 21.48 1.96 -15.17
C PHE E 167 22.18 0.63 -14.93
N GLY E 168 22.27 0.21 -13.67
CA GLY E 168 22.90 -1.07 -13.29
C GLY E 168 23.25 -1.17 -11.81
N GLY E 169 23.13 -2.38 -11.24
CA GLY E 169 23.42 -2.65 -9.83
C GLY E 169 24.90 -2.56 -9.45
N ALA E 170 25.19 -2.66 -8.15
CA ALA E 170 26.55 -2.61 -7.62
C ALA E 170 27.37 -3.84 -8.05
N GLY E 171 28.33 -3.64 -8.97
CA GLY E 171 29.23 -4.68 -9.49
C GLY E 171 29.01 -5.13 -10.94
N VAL E 172 28.02 -4.59 -11.67
CA VAL E 172 27.75 -4.97 -13.07
C VAL E 172 28.73 -4.41 -14.11
N GLY E 173 29.70 -3.57 -13.72
CA GLY E 173 30.72 -3.03 -14.63
C GLY E 173 30.62 -1.53 -14.98
N LYS E 174 29.83 -0.73 -14.26
CA LYS E 174 29.71 0.72 -14.55
C LYS E 174 31.04 1.47 -14.52
N THR E 175 31.85 1.28 -13.48
CA THR E 175 33.16 1.95 -13.37
C THR E 175 34.08 1.55 -14.53
N VAL E 176 34.02 0.26 -14.93
CA VAL E 176 34.78 -0.31 -16.05
C VAL E 176 34.38 0.39 -17.35
N LEU E 177 33.07 0.51 -17.63
CA LEU E 177 32.57 1.19 -18.84
C LEU E 177 32.86 2.70 -18.84
N ILE E 178 32.74 3.38 -17.68
CA ILE E 178 33.02 4.81 -17.59
C ILE E 178 34.47 5.07 -17.97
N MET E 179 35.40 4.35 -17.35
CA MET E 179 36.82 4.48 -17.65
C MET E 179 37.10 4.12 -19.11
N GLU E 180 36.38 3.15 -19.68
CA GLU E 180 36.55 2.78 -21.08
C GLU E 180 36.15 3.94 -22.01
N LEU E 181 35.09 4.68 -21.69
CA LEU E 181 34.65 5.85 -22.48
C LEU E 181 35.63 7.02 -22.32
N ILE E 182 36.06 7.34 -21.09
CA ILE E 182 37.01 8.44 -20.82
C ILE E 182 38.30 8.16 -21.59
N ARG E 183 38.82 6.92 -21.49
CA ARG E 183 40.02 6.47 -22.20
C ARG E 183 39.85 6.59 -23.70
N ASN E 184 38.73 6.09 -24.23
CA ASN E 184 38.49 6.13 -25.68
C ASN E 184 38.44 7.56 -26.26
N ILE E 185 37.95 8.56 -25.53
CA ILE E 185 37.91 9.96 -25.97
C ILE E 185 39.33 10.52 -25.96
N ALA E 186 40.12 10.16 -24.95
CA ALA E 186 41.52 10.56 -24.81
C ALA E 186 42.45 9.84 -25.82
N TYR E 187 42.02 8.72 -26.41
CA TYR E 187 42.81 7.90 -27.35
C TYR E 187 42.77 8.43 -28.80
N GLU E 188 41.60 8.50 -29.44
CA GLU E 188 41.47 8.97 -30.83
C GLU E 188 40.78 10.35 -30.99
N HIS E 189 39.81 10.71 -30.14
CA HIS E 189 39.16 12.03 -30.21
C HIS E 189 40.06 13.15 -29.67
N LYS E 190 41.07 12.81 -28.84
CA LYS E 190 42.06 13.73 -28.21
C LYS E 190 41.46 14.95 -27.51
N GLY E 191 40.24 14.73 -27.01
CA GLY E 191 39.38 15.67 -26.29
C GLY E 191 39.55 15.58 -24.77
N PHE E 192 38.88 16.48 -24.06
CA PHE E 192 38.92 16.58 -22.60
C PHE E 192 37.66 16.01 -21.93
N SER E 193 37.85 15.32 -20.81
CA SER E 193 36.78 14.74 -19.99
C SER E 193 36.84 15.27 -18.56
N VAL E 194 35.71 15.33 -17.88
CA VAL E 194 35.57 15.75 -16.48
C VAL E 194 34.71 14.73 -15.73
N PHE E 195 35.14 14.20 -14.57
CA PHE E 195 34.36 13.24 -13.76
C PHE E 195 34.03 13.82 -12.38
N ALA E 196 32.74 13.86 -12.03
CA ALA E 196 32.32 14.35 -10.70
C ALA E 196 31.73 13.19 -9.88
N GLY E 197 32.11 13.08 -8.61
CA GLY E 197 31.59 12.01 -7.73
C GLY E 197 30.79 12.57 -6.57
N VAL E 198 29.53 12.15 -6.43
CA VAL E 198 28.64 12.64 -5.33
C VAL E 198 28.06 11.44 -4.59
N GLY E 199 28.03 11.49 -3.25
CA GLY E 199 27.49 10.36 -2.46
C GLY E 199 28.07 9.05 -2.94
N GLU E 200 29.41 8.93 -2.98
CA GLU E 200 30.05 7.72 -3.52
C GLU E 200 30.95 7.07 -2.47
N ARG E 201 31.20 5.76 -2.56
CA ARG E 201 32.14 5.10 -1.63
C ARG E 201 33.56 5.58 -1.94
N SER E 202 34.24 6.16 -0.94
CA SER E 202 35.62 6.65 -1.13
C SER E 202 36.52 5.50 -1.64
N ARG E 203 36.14 4.25 -1.33
CA ARG E 203 36.92 3.07 -1.80
C ARG E 203 36.85 2.97 -3.33
N GLU E 204 35.66 3.12 -3.91
CA GLU E 204 35.47 3.01 -5.38
C GLU E 204 36.27 4.11 -6.08
N GLY E 205 36.22 5.33 -5.54
CA GLY E 205 36.94 6.47 -6.13
C GLY E 205 38.45 6.19 -6.21
N ASN E 206 39.00 5.47 -5.23
CA ASN E 206 40.40 5.07 -5.17
C ASN E 206 40.69 3.99 -6.23
N GLU E 207 39.81 2.99 -6.38
CA GLU E 207 39.97 1.94 -7.39
C GLU E 207 39.94 2.54 -8.81
N LEU E 208 39.09 3.54 -9.07
CA LEU E 208 39.02 4.24 -10.35
C LEU E 208 40.30 5.07 -10.56
N TRP E 209 40.74 5.82 -9.56
CA TRP E 209 41.94 6.65 -9.67
C TRP E 209 43.20 5.84 -10.04
N LEU E 210 43.46 4.72 -9.37
CA LEU E 210 44.61 3.86 -9.70
C LEU E 210 44.46 3.27 -11.11
N GLU E 211 43.27 2.76 -11.47
CA GLU E 211 43.06 2.20 -12.81
C GLU E 211 43.25 3.24 -13.92
N MET E 212 42.93 4.51 -13.68
CA MET E 212 43.17 5.59 -14.63
C MET E 212 44.65 6.00 -14.65
N LYS E 213 45.29 6.05 -13.48
CA LYS E 213 46.70 6.43 -13.31
C LYS E 213 47.64 5.44 -14.01
N GLU E 214 47.24 4.17 -14.15
CA GLU E 214 48.00 3.14 -14.85
C GLU E 214 47.72 3.09 -16.35
N SER E 215 46.50 3.42 -16.79
CA SER E 215 46.12 3.45 -18.21
C SER E 215 46.45 4.78 -18.92
N GLY E 216 47.10 5.73 -18.23
CA GLY E 216 47.54 7.04 -18.75
C GLY E 216 46.46 8.08 -19.03
N VAL E 217 45.20 7.73 -18.85
CA VAL E 217 44.01 8.57 -19.07
C VAL E 217 43.95 9.83 -18.20
N LEU E 218 44.56 9.81 -17.02
CA LEU E 218 44.49 10.89 -16.05
C LEU E 218 44.99 12.24 -16.61
N ASP E 219 46.00 12.27 -17.48
CA ASP E 219 46.54 13.52 -18.06
C ASP E 219 45.53 14.32 -18.93
N ASN E 220 44.48 13.67 -19.41
CA ASN E 220 43.41 14.21 -20.25
C ASN E 220 42.08 14.35 -19.49
N THR E 221 42.07 14.11 -18.19
CA THR E 221 40.87 14.10 -17.34
C THR E 221 40.98 15.03 -16.14
N VAL E 222 39.83 15.49 -15.62
CA VAL E 222 39.71 16.26 -14.38
C VAL E 222 38.86 15.44 -13.43
N LEU E 223 39.24 15.38 -12.15
CA LEU E 223 38.50 14.66 -11.12
C LEU E 223 38.03 15.64 -10.04
N VAL E 224 36.79 15.54 -9.65
CA VAL E 224 36.19 16.31 -8.54
C VAL E 224 35.45 15.33 -7.64
N PHE E 225 35.58 15.38 -6.31
CA PHE E 225 34.90 14.45 -5.39
C PHE E 225 34.16 15.13 -4.23
N GLY E 226 32.97 14.59 -3.94
CA GLY E 226 32.13 14.90 -2.78
C GLY E 226 31.78 13.51 -2.29
N GLN E 227 32.27 13.11 -1.12
CA GLN E 227 32.11 11.72 -0.66
C GLN E 227 30.80 11.43 0.07
N MET E 228 30.45 10.14 0.15
CA MET E 228 29.30 9.60 0.87
C MET E 228 29.29 10.01 2.37
N ASN E 229 30.46 10.35 2.94
CA ASN E 229 30.67 10.78 4.31
C ASN E 229 30.72 12.31 4.54
N GLU E 230 30.65 13.12 3.47
CA GLU E 230 30.66 14.59 3.55
C GLU E 230 29.29 15.12 4.00
N PRO E 231 29.22 16.30 4.65
CA PRO E 231 27.95 16.89 5.06
C PRO E 231 27.07 17.20 3.83
N PRO E 232 25.75 17.34 3.99
CA PRO E 232 24.82 17.54 2.86
C PRO E 232 25.13 18.75 1.97
N GLY E 233 25.67 19.85 2.51
CA GLY E 233 26.03 21.05 1.72
C GLY E 233 27.04 20.76 0.62
N ALA E 234 28.04 19.89 0.86
CA ALA E 234 29.06 19.52 -0.12
C ALA E 234 28.54 18.55 -1.20
N ARG E 235 27.81 17.51 -0.80
CA ARG E 235 27.18 16.53 -1.71
C ARG E 235 26.17 17.18 -2.66
N PHE E 236 25.61 18.32 -2.28
CA PHE E 236 24.65 19.11 -3.04
C PHE E 236 25.32 19.95 -4.16
N ARG E 237 26.44 20.64 -3.88
CA ARG E 237 27.17 21.51 -4.83
C ARG E 237 28.28 20.90 -5.72
N VAL E 238 28.79 19.68 -5.49
CA VAL E 238 29.91 19.08 -6.25
C VAL E 238 29.73 18.90 -7.77
N ALA E 239 28.54 18.58 -8.29
CA ALA E 239 28.31 18.39 -9.73
C ALA E 239 28.45 19.69 -10.55
N LEU E 240 28.20 20.84 -9.91
CA LEU E 240 28.29 22.17 -10.44
C LEU E 240 29.75 22.57 -10.62
N THR E 241 30.64 22.06 -9.76
CA THR E 241 32.09 22.32 -9.80
C THR E 241 32.70 21.67 -11.04
N GLY E 242 32.33 20.44 -11.37
CA GLY E 242 32.80 19.76 -12.58
C GLY E 242 32.29 20.46 -13.84
N LEU E 243 31.03 20.89 -13.82
CA LEU E 243 30.37 21.60 -14.89
C LEU E 243 30.99 23.01 -15.13
N THR E 244 31.33 23.78 -14.10
CA THR E 244 31.97 25.10 -14.23
C THR E 244 33.37 25.00 -14.83
N MET E 245 34.07 23.89 -14.58
CA MET E 245 35.38 23.56 -15.12
C MET E 245 35.29 23.09 -16.59
N ALA E 246 34.21 22.40 -16.96
CA ALA E 246 33.93 21.92 -18.31
C ALA E 246 33.44 23.08 -19.21
N GLU E 247 32.75 24.08 -18.66
CA GLU E 247 32.27 25.25 -19.42
C GLU E 247 33.39 26.11 -20.00
N TYR E 248 34.50 26.30 -19.30
CA TYR E 248 35.62 27.11 -19.82
C TYR E 248 36.20 26.57 -21.11
N PHE E 249 36.23 25.23 -21.24
CA PHE E 249 36.68 24.50 -22.41
C PHE E 249 35.74 24.69 -23.61
N ARG E 250 34.46 24.97 -23.36
CA ARG E 250 33.43 25.21 -24.38
C ARG E 250 33.44 26.68 -24.84
N ASP E 251 33.41 27.57 -23.87
CA ASP E 251 33.22 29.01 -24.02
C ASP E 251 34.50 29.76 -24.37
N GLU E 252 35.57 29.59 -23.60
CA GLU E 252 36.80 30.33 -23.84
C GLU E 252 37.79 29.62 -24.78
N GLU E 253 37.69 28.28 -24.89
CA GLU E 253 38.50 27.42 -25.78
C GLU E 253 37.77 26.75 -26.98
N GLY E 254 36.43 26.77 -27.06
CA GLY E 254 35.66 26.21 -28.19
C GLY E 254 35.68 24.70 -28.44
N LYS E 255 36.03 23.86 -27.46
CA LYS E 255 36.12 22.39 -27.59
C LYS E 255 34.80 21.67 -27.32
N ASP E 256 34.75 20.39 -27.66
CA ASP E 256 33.65 19.48 -27.35
C ASP E 256 34.12 18.61 -26.18
N VAL E 257 33.47 18.72 -25.02
CA VAL E 257 33.90 18.02 -23.79
C VAL E 257 32.81 17.15 -23.17
N LEU E 258 33.23 16.09 -22.48
CA LEU E 258 32.35 15.09 -21.84
C LEU E 258 32.37 15.14 -20.30
N LEU E 259 31.20 15.30 -19.67
CA LEU E 259 31.02 15.35 -18.21
C LEU E 259 30.40 14.04 -17.70
N PHE E 260 31.07 13.34 -16.79
CA PHE E 260 30.57 12.12 -16.12
C PHE E 260 30.14 12.43 -14.69
N ILE E 261 28.98 11.96 -14.27
CA ILE E 261 28.50 12.13 -12.89
C ILE E 261 28.32 10.74 -12.27
N ASP E 262 29.07 10.43 -11.21
CA ASP E 262 29.10 9.12 -10.52
C ASP E 262 27.71 8.61 -10.19
N ASN E 263 26.90 9.44 -9.52
CA ASN E 263 25.53 9.05 -9.26
C ASN E 263 24.64 10.29 -9.06
N ILE E 264 23.93 10.74 -10.09
CA ILE E 264 22.99 11.88 -9.94
C ILE E 264 21.87 11.52 -8.96
N PHE E 265 21.76 10.26 -8.56
CA PHE E 265 20.81 9.93 -7.49
C PHE E 265 21.38 10.50 -6.19
N ARG E 266 22.68 10.46 -5.91
CA ARG E 266 23.13 11.16 -4.70
C ARG E 266 23.03 12.67 -4.89
N PHE E 267 23.06 13.22 -6.11
CA PHE E 267 22.76 14.63 -6.27
C PHE E 267 21.35 14.97 -5.80
N ALA E 268 20.39 14.11 -6.22
CA ALA E 268 18.99 14.25 -5.86
C ALA E 268 18.76 14.07 -4.38
N GLN E 269 19.33 13.02 -3.78
CA GLN E 269 19.20 12.76 -2.34
C GLN E 269 19.86 13.90 -1.56
N ALA E 270 21.04 14.39 -1.91
CA ALA E 270 21.65 15.50 -1.17
C ALA E 270 20.75 16.75 -1.17
N GLY E 271 20.05 17.04 -2.28
CA GLY E 271 19.14 18.18 -2.25
C GLY E 271 17.96 17.96 -1.31
N SER E 272 17.49 16.70 -1.22
CA SER E 272 16.40 16.31 -0.31
C SER E 272 16.80 16.50 1.14
N GLU E 273 18.04 16.16 1.53
CA GLU E 273 18.53 16.34 2.92
C GLU E 273 18.67 17.83 3.25
N VAL E 274 19.26 18.65 2.36
CA VAL E 274 19.39 20.11 2.58
C VAL E 274 18.00 20.74 2.72
N SER E 275 16.99 20.26 1.97
CA SER E 275 15.63 20.82 2.08
C SER E 275 14.96 20.50 3.41
N ALA E 276 15.18 19.27 3.89
CA ALA E 276 14.65 18.80 5.16
C ALA E 276 15.30 19.55 6.31
N LEU E 277 16.58 19.92 6.20
CA LEU E 277 17.32 20.72 7.19
C LEU E 277 16.87 22.18 7.19
N LEU E 278 16.58 22.74 6.02
CA LEU E 278 16.07 24.09 5.89
C LEU E 278 14.61 24.16 6.37
N GLY E 279 13.88 23.03 6.53
CA GLY E 279 12.53 23.21 7.13
C GLY E 279 11.40 23.55 6.16
N ARG E 280 11.59 23.31 4.87
CA ARG E 280 10.57 23.48 3.82
C ARG E 280 9.63 22.26 3.89
N MET E 281 8.37 22.44 3.56
CA MET E 281 7.41 21.34 3.61
C MET E 281 7.69 20.35 2.47
N PRO E 282 7.75 19.05 2.74
CA PRO E 282 8.02 18.03 1.74
C PRO E 282 6.82 17.77 0.80
N SER E 283 7.09 17.15 -0.34
CA SER E 283 6.10 16.77 -1.36
C SER E 283 5.91 15.24 -1.41
N GLU E 284 5.45 14.68 -2.53
CA GLU E 284 5.25 13.22 -2.67
C GLU E 284 6.54 12.39 -2.41
N VAL E 285 6.40 11.26 -1.70
CA VAL E 285 7.43 10.32 -1.23
C VAL E 285 8.61 11.00 -0.49
N GLY E 286 8.40 12.18 0.12
CA GLY E 286 9.43 12.90 0.88
C GLY E 286 10.59 13.57 0.11
N TYR E 287 10.75 13.50 -1.23
CA TYR E 287 11.72 14.35 -1.92
C TYR E 287 11.40 15.83 -1.75
N GLN E 288 12.39 16.67 -2.01
CA GLN E 288 12.26 18.11 -1.92
C GLN E 288 11.23 18.59 -2.96
N PRO E 289 10.53 19.70 -2.66
CA PRO E 289 9.52 20.31 -3.54
C PRO E 289 10.12 20.95 -4.80
N THR E 290 11.41 21.28 -4.73
CA THR E 290 12.26 21.92 -5.74
C THR E 290 13.05 20.93 -6.62
N LEU E 291 12.75 19.63 -6.62
CA LEU E 291 13.53 18.59 -7.28
C LEU E 291 13.68 18.87 -8.77
N ALA E 292 12.59 19.31 -9.39
CA ALA E 292 12.50 19.66 -10.82
C ALA E 292 13.31 20.91 -11.17
N THR E 293 13.29 21.93 -10.31
CA THR E 293 14.06 23.16 -10.50
C THR E 293 15.56 22.87 -10.37
N GLU E 294 15.94 22.07 -9.38
CA GLU E 294 17.33 21.74 -9.05
C GLU E 294 18.06 20.84 -10.05
N MET E 295 17.26 19.97 -10.65
CA MET E 295 17.67 19.09 -11.71
C MET E 295 17.90 19.95 -12.97
N ALA E 296 17.06 20.95 -13.25
CA ALA E 296 17.17 21.81 -14.43
C ALA E 296 18.41 22.71 -14.43
N GLU E 297 18.84 23.17 -13.27
CA GLU E 297 19.94 24.14 -13.09
C GLU E 297 21.29 23.53 -13.56
N LEU E 298 21.40 22.20 -13.48
CA LEU E 298 22.54 21.37 -13.83
C LEU E 298 22.41 20.88 -15.28
N GLN E 299 21.21 20.40 -15.63
CA GLN E 299 20.89 19.81 -16.92
C GLN E 299 20.80 20.79 -18.10
N GLU E 300 20.40 22.04 -17.94
CA GLU E 300 20.29 23.00 -19.08
C GLU E 300 21.61 23.64 -19.54
N ARG E 301 22.65 23.66 -18.70
CA ARG E 301 23.97 24.21 -18.98
C ARG E 301 24.76 23.27 -19.90
N ILE E 302 24.36 21.99 -19.87
CA ILE E 302 24.84 20.83 -20.64
C ILE E 302 24.11 20.85 -21.98
N THR E 303 24.59 21.70 -22.88
CA THR E 303 24.06 21.94 -24.24
C THR E 303 25.16 22.40 -25.20
N SER E 304 24.90 22.28 -26.51
CA SER E 304 25.77 22.68 -27.62
C SER E 304 25.44 24.09 -28.17
N THR E 305 26.43 24.95 -28.44
CA THR E 305 26.22 26.34 -28.85
C THR E 305 27.04 26.67 -30.08
N ARG E 306 26.98 27.94 -30.51
CA ARG E 306 27.78 28.36 -31.67
C ARG E 306 29.27 28.49 -31.36
N ARG E 307 29.70 28.41 -30.09
CA ARG E 307 31.11 28.49 -29.69
C ARG E 307 31.69 27.08 -29.66
N GLY E 308 31.02 26.14 -28.99
CA GLY E 308 31.42 24.74 -28.80
C GLY E 308 30.34 23.87 -28.12
N SER E 309 30.68 22.70 -27.52
CA SER E 309 29.69 21.76 -26.89
C SER E 309 30.09 21.00 -25.59
N ILE E 310 29.10 20.67 -24.73
CA ILE E 310 29.21 19.83 -23.50
C ILE E 310 28.17 18.71 -23.52
N THR E 311 28.59 17.45 -23.40
CA THR E 311 27.72 16.25 -23.34
C THR E 311 27.89 15.56 -21.98
N SER E 312 26.89 14.82 -21.48
CA SER E 312 27.00 14.19 -20.16
C SER E 312 26.44 12.78 -20.01
N VAL E 313 27.19 11.89 -19.36
CA VAL E 313 26.79 10.51 -19.04
C VAL E 313 26.59 10.50 -17.53
N GLN E 314 25.39 10.12 -17.09
CA GLN E 314 24.98 10.13 -15.70
C GLN E 314 24.48 8.77 -15.27
N ALA E 315 25.01 8.23 -14.17
CA ALA E 315 24.52 6.97 -13.67
C ALA E 315 23.40 7.25 -12.66
N ILE E 316 22.37 6.41 -12.71
CA ILE E 316 21.19 6.52 -11.86
C ILE E 316 21.08 5.25 -11.04
N TYR E 317 20.84 5.41 -9.75
CA TYR E 317 20.53 4.28 -8.88
C TYR E 317 19.01 4.29 -8.81
N VAL E 318 18.39 3.14 -9.08
CA VAL E 318 16.93 3.06 -9.01
C VAL E 318 16.62 2.52 -7.62
N PRO E 319 16.05 3.33 -6.71
CA PRO E 319 15.68 2.83 -5.39
C PRO E 319 14.58 1.76 -5.49
N ALA E 320 14.65 0.75 -4.64
CA ALA E 320 13.70 -0.37 -4.59
C ALA E 320 13.44 -1.07 -5.95
N ASP E 321 14.34 -0.90 -6.92
CA ASP E 321 14.25 -1.45 -8.28
C ASP E 321 12.94 -1.04 -9.02
N ASP E 322 12.39 0.15 -8.72
CA ASP E 322 11.16 0.69 -9.32
C ASP E 322 11.35 2.12 -9.89
N LEU E 323 11.22 2.24 -11.21
CA LEU E 323 11.38 3.50 -11.95
C LEU E 323 10.32 4.58 -11.67
N THR E 324 9.20 4.26 -11.01
CA THR E 324 8.13 5.25 -10.73
C THR E 324 8.51 6.27 -9.65
N ASP E 325 9.57 6.03 -8.90
CA ASP E 325 10.09 6.95 -7.88
C ASP E 325 10.39 8.35 -8.48
N PRO E 326 10.09 9.46 -7.77
CA PRO E 326 10.28 10.83 -8.25
C PRO E 326 11.66 11.21 -8.78
N ALA E 327 12.74 10.84 -8.09
CA ALA E 327 14.08 11.18 -8.55
C ALA E 327 14.28 10.59 -9.96
N PRO E 328 14.11 9.28 -10.21
CA PRO E 328 14.20 8.75 -11.57
C PRO E 328 13.20 9.45 -12.53
N ALA E 329 11.95 9.64 -12.12
CA ALA E 329 10.92 10.30 -12.95
C ALA E 329 11.23 11.77 -13.30
N THR E 330 11.89 12.52 -12.43
CA THR E 330 12.30 13.92 -12.62
C THR E 330 13.60 14.02 -13.41
N THR E 331 14.40 12.96 -13.36
CA THR E 331 15.64 12.84 -14.12
C THR E 331 15.29 12.52 -15.58
N PHE E 332 14.36 11.59 -15.83
CA PHE E 332 13.95 11.21 -17.19
C PHE E 332 13.34 12.34 -18.01
N ALA E 333 12.85 13.40 -17.36
CA ALA E 333 12.33 14.58 -18.04
C ALA E 333 13.44 15.38 -18.76
N HIS E 334 14.70 15.20 -18.36
CA HIS E 334 15.90 15.85 -18.92
C HIS E 334 16.76 14.96 -19.84
N LEU E 335 16.65 13.64 -19.75
CA LEU E 335 17.43 12.66 -20.51
C LEU E 335 17.03 12.47 -21.98
N ASP E 336 18.03 12.28 -22.83
CA ASP E 336 17.90 12.01 -24.27
C ASP E 336 18.08 10.54 -24.64
N ALA E 337 18.81 9.76 -23.83
CA ALA E 337 19.09 8.34 -24.08
C ALA E 337 19.27 7.50 -22.81
N THR E 338 19.11 6.18 -22.93
CA THR E 338 19.26 5.23 -21.82
C THR E 338 20.03 3.96 -22.19
N ILE E 339 21.00 3.60 -21.35
CA ILE E 339 21.86 2.42 -21.49
C ILE E 339 21.67 1.60 -20.21
N VAL E 340 21.25 0.33 -20.35
CA VAL E 340 20.97 -0.54 -19.19
C VAL E 340 21.94 -1.71 -19.11
N LEU E 341 22.75 -1.80 -18.05
CA LEU E 341 23.67 -2.90 -17.79
C LEU E 341 22.86 -3.94 -16.99
N SER E 342 22.61 -5.12 -17.57
CA SER E 342 21.76 -6.17 -16.98
C SER E 342 22.50 -7.27 -16.22
N ARG E 343 22.00 -7.59 -15.02
CA ARG E 343 22.52 -8.66 -14.15
C ARG E 343 22.45 -10.04 -14.82
N GLU E 344 21.40 -10.33 -15.58
CA GLU E 344 21.27 -11.61 -16.31
C GLU E 344 22.37 -11.76 -17.38
N LEU E 345 22.78 -10.66 -18.01
CA LEU E 345 23.86 -10.64 -19.01
C LEU E 345 25.20 -10.84 -18.29
N ALA E 346 25.38 -10.22 -17.12
CA ALA E 346 26.60 -10.32 -16.32
C ALA E 346 26.86 -11.78 -15.89
N GLU E 347 25.87 -12.49 -15.34
CA GLU E 347 26.03 -13.90 -14.94
C GLU E 347 26.31 -14.84 -16.11
N LYS E 348 25.82 -14.51 -17.31
CA LYS E 348 26.03 -15.27 -18.56
C LYS E 348 27.50 -15.17 -19.04
N GLY E 349 28.31 -14.32 -18.41
CA GLY E 349 29.72 -14.09 -18.76
C GLY E 349 29.94 -12.92 -19.72
N ILE E 350 28.88 -12.22 -20.15
CA ILE E 350 29.01 -11.07 -21.04
C ILE E 350 29.46 -9.87 -20.20
N TYR E 351 30.65 -9.34 -20.45
CA TYR E 351 31.24 -8.25 -19.64
C TYR E 351 30.74 -6.82 -19.86
N PRO E 352 30.40 -6.34 -21.09
CA PRO E 352 29.86 -4.98 -21.23
C PRO E 352 28.45 -4.88 -20.63
N ALA E 353 27.72 -6.00 -20.58
CA ALA E 353 26.40 -6.21 -20.01
C ALA E 353 25.24 -5.33 -20.50
N VAL E 354 25.41 -4.50 -21.53
CA VAL E 354 24.34 -3.61 -22.04
C VAL E 354 23.23 -4.42 -22.71
N ASP E 355 22.00 -4.30 -22.21
CA ASP E 355 20.81 -4.98 -22.74
C ASP E 355 20.42 -4.41 -24.12
N PRO E 356 20.46 -5.20 -25.22
CA PRO E 356 20.11 -4.72 -26.55
C PRO E 356 18.64 -4.34 -26.73
N LEU E 357 17.72 -4.88 -25.92
CA LEU E 357 16.28 -4.64 -26.03
C LEU E 357 15.77 -3.51 -25.11
N GLN E 358 16.47 -3.16 -24.03
CA GLN E 358 16.03 -2.07 -23.13
C GLN E 358 16.75 -0.73 -23.35
N SER E 359 17.82 -0.69 -24.14
CA SER E 359 18.56 0.55 -24.44
C SER E 359 17.92 1.30 -25.62
N THR E 360 17.74 2.63 -25.52
CA THR E 360 17.10 3.51 -26.55
C THR E 360 17.57 4.98 -26.50
N SER E 361 17.37 5.76 -27.56
CA SER E 361 17.68 7.20 -27.60
C SER E 361 16.77 8.02 -28.52
N ARG E 362 16.59 9.32 -28.24
CA ARG E 362 15.78 10.27 -29.03
C ARG E 362 16.25 10.38 -30.48
N ILE E 363 17.55 10.22 -30.68
CA ILE E 363 18.28 10.25 -31.97
C ILE E 363 17.95 9.05 -32.86
N MET E 364 17.42 7.95 -32.33
CA MET E 364 17.14 6.72 -33.07
C MET E 364 15.84 6.77 -33.89
N ASP E 365 15.71 7.80 -34.75
CA ASP E 365 14.60 8.05 -35.66
C ASP E 365 15.13 8.29 -37.10
N PRO E 366 14.43 7.82 -38.16
CA PRO E 366 14.87 7.97 -39.55
C PRO E 366 15.10 9.41 -40.04
N ARG E 367 14.63 10.43 -39.31
CA ARG E 367 14.77 11.86 -39.67
C ARG E 367 15.90 12.57 -38.92
N ILE E 368 16.73 11.82 -38.20
CA ILE E 368 17.91 12.31 -37.47
C ILE E 368 19.14 11.50 -37.91
N VAL E 369 19.07 10.17 -37.88
CA VAL E 369 20.12 9.26 -38.37
C VAL E 369 19.80 8.84 -39.81
N SER E 370 20.78 8.31 -40.55
CA SER E 370 20.59 7.86 -41.93
C SER E 370 19.60 6.70 -42.06
N GLU E 371 18.96 6.56 -43.22
CA GLU E 371 17.99 5.47 -43.50
C GLU E 371 18.61 4.08 -43.31
N GLU E 372 19.88 3.92 -43.71
CA GLU E 372 20.61 2.66 -43.58
C GLU E 372 20.91 2.31 -42.12
N HIS E 373 21.21 3.31 -41.29
CA HIS E 373 21.48 3.12 -39.87
C HIS E 373 20.21 2.66 -39.15
N TYR E 374 19.07 3.28 -39.46
CA TYR E 374 17.77 2.93 -38.89
C TYR E 374 17.34 1.51 -39.30
N GLU E 375 17.53 1.16 -40.58
CA GLU E 375 17.17 -0.16 -41.11
C GLU E 375 17.98 -1.27 -40.42
N VAL E 376 19.29 -1.11 -40.26
CA VAL E 376 20.12 -2.13 -39.58
C VAL E 376 19.72 -2.22 -38.11
N ALA E 377 19.59 -1.10 -37.39
CA ALA E 377 19.18 -1.14 -35.98
C ALA E 377 17.81 -1.83 -35.80
N ARG E 378 16.86 -1.59 -36.71
CA ARG E 378 15.53 -2.23 -36.70
C ARG E 378 15.66 -3.74 -36.89
N ARG E 379 16.38 -4.18 -37.92
CA ARG E 379 16.57 -5.61 -38.20
C ARG E 379 17.30 -6.32 -37.05
N VAL E 380 18.23 -5.64 -36.36
CA VAL E 380 18.94 -6.20 -35.21
C VAL E 380 17.99 -6.35 -34.02
N ARG E 381 17.24 -5.31 -33.62
CA ARG E 381 16.30 -5.41 -32.49
C ARG E 381 15.27 -6.51 -32.75
N GLU E 382 14.79 -6.62 -33.98
CA GLU E 382 13.80 -7.63 -34.37
C GLU E 382 14.37 -9.06 -34.32
N ILE E 383 15.57 -9.33 -34.86
CA ILE E 383 16.11 -10.70 -34.79
C ILE E 383 16.43 -11.10 -33.34
N LEU E 384 16.90 -10.17 -32.51
CA LEU E 384 17.17 -10.46 -31.09
C LEU E 384 15.89 -10.74 -30.30
N GLN E 385 14.81 -9.99 -30.55
CA GLN E 385 13.51 -10.26 -29.93
C GLN E 385 12.97 -11.61 -30.42
N ARG E 386 13.07 -11.89 -31.74
CA ARG E 386 12.60 -13.15 -32.33
C ARG E 386 13.35 -14.34 -31.73
N TYR E 387 14.65 -14.20 -31.48
CA TYR E 387 15.44 -15.24 -30.85
C TYR E 387 15.01 -15.44 -29.38
N LYS E 388 14.76 -14.35 -28.64
CA LYS E 388 14.27 -14.41 -27.26
C LYS E 388 12.88 -15.04 -27.17
N ASP E 389 12.02 -14.83 -28.16
CA ASP E 389 10.68 -15.45 -28.25
C ASP E 389 10.69 -16.95 -28.64
N LEU E 390 11.86 -17.54 -28.94
CA LEU E 390 11.98 -18.95 -29.36
C LEU E 390 12.84 -19.84 -28.45
N GLN E 391 13.63 -19.30 -27.52
CA GLN E 391 14.49 -20.13 -26.67
C GLN E 391 13.74 -21.17 -25.80
N ASP E 392 12.42 -21.03 -25.57
CA ASP E 392 11.66 -22.03 -24.81
C ASP E 392 11.56 -23.33 -25.61
N ILE E 393 11.13 -23.27 -26.88
CA ILE E 393 11.03 -24.46 -27.73
C ILE E 393 12.42 -25.11 -27.83
N ILE E 394 13.49 -24.30 -28.02
CA ILE E 394 14.87 -24.78 -28.12
C ILE E 394 15.41 -25.38 -26.81
N ALA E 395 14.93 -24.94 -25.63
CA ALA E 395 15.39 -25.46 -24.33
C ALA E 395 14.57 -26.64 -23.78
N ILE E 396 13.25 -26.60 -23.90
CA ILE E 396 12.31 -27.64 -23.46
C ILE E 396 12.22 -28.83 -24.44
N LEU E 397 12.25 -28.58 -25.76
CA LEU E 397 12.21 -29.61 -26.81
C LEU E 397 13.58 -29.69 -27.50
N GLY E 398 13.88 -30.78 -28.19
CA GLY E 398 15.16 -30.92 -28.90
C GLY E 398 15.32 -29.89 -30.02
N MET E 399 16.54 -29.40 -30.25
CA MET E 399 16.85 -28.39 -31.27
C MET E 399 16.58 -28.87 -32.72
N GLU E 400 16.49 -30.19 -32.93
CA GLU E 400 16.19 -30.82 -34.22
C GLU E 400 14.71 -30.65 -34.64
N GLU E 401 13.85 -30.14 -33.76
CA GLU E 401 12.40 -29.95 -34.04
C GLU E 401 12.05 -28.55 -34.62
N LEU E 402 12.98 -27.60 -34.61
CA LEU E 402 12.73 -26.24 -35.13
C LEU E 402 12.71 -26.25 -36.69
N SER E 403 11.82 -25.45 -37.28
CA SER E 403 11.69 -25.33 -38.75
C SER E 403 12.91 -24.65 -39.37
N GLU E 404 13.13 -24.81 -40.68
CA GLU E 404 14.27 -24.24 -41.41
C GLU E 404 14.42 -22.71 -41.26
N GLU E 405 13.31 -21.97 -41.37
CA GLU E 405 13.34 -20.50 -41.25
C GLU E 405 13.77 -20.07 -39.84
N ASP E 406 13.16 -20.65 -38.81
CA ASP E 406 13.53 -20.36 -37.42
C ASP E 406 14.97 -20.82 -37.12
N LYS E 407 15.41 -21.94 -37.69
CA LYS E 407 16.77 -22.47 -37.52
C LYS E 407 17.81 -21.50 -38.09
N LEU E 408 17.61 -20.98 -39.30
CA LEU E 408 18.54 -20.02 -39.90
C LEU E 408 18.51 -18.70 -39.11
N ILE E 409 17.33 -18.27 -38.64
CA ILE E 409 17.20 -17.06 -37.81
C ILE E 409 17.99 -17.27 -36.51
N VAL E 410 17.89 -18.46 -35.89
CA VAL E 410 18.62 -18.82 -34.67
C VAL E 410 20.12 -18.83 -34.94
N GLN E 411 20.61 -19.41 -36.03
CA GLN E 411 22.05 -19.40 -36.34
C GLN E 411 22.57 -17.96 -36.47
N ARG E 412 21.83 -17.07 -37.15
CA ARG E 412 22.24 -15.67 -37.29
C ARG E 412 22.19 -14.97 -35.94
N ALA E 413 21.15 -15.18 -35.15
CA ALA E 413 21.01 -14.61 -33.82
C ALA E 413 22.14 -15.08 -32.88
N ARG E 414 22.50 -16.37 -32.93
CA ARG E 414 23.57 -16.97 -32.12
C ARG E 414 24.91 -16.30 -32.39
N LYS E 415 25.23 -16.01 -33.66
CA LYS E 415 26.45 -15.26 -34.03
C LYS E 415 26.36 -13.79 -33.60
N ILE E 416 25.25 -13.12 -33.90
CA ILE E 416 25.00 -11.70 -33.58
C ILE E 416 25.04 -11.39 -32.08
N GLN E 417 24.41 -12.20 -31.22
CA GLN E 417 24.36 -12.00 -29.76
C GLN E 417 25.73 -11.79 -29.12
N ARG E 418 26.72 -12.58 -29.56
CA ARG E 418 28.11 -12.48 -29.09
C ARG E 418 28.94 -11.55 -29.99
N PHE E 419 28.60 -11.33 -31.26
CA PHE E 419 29.28 -10.34 -32.09
C PHE E 419 29.07 -8.91 -31.55
N LEU E 420 28.07 -8.67 -30.69
CA LEU E 420 27.85 -7.38 -30.02
C LEU E 420 28.92 -7.14 -28.92
N SER E 421 29.57 -8.21 -28.41
CA SER E 421 30.59 -8.11 -27.36
C SER E 421 31.90 -7.49 -27.87
N GLN E 422 32.64 -6.85 -26.96
CA GLN E 422 33.88 -6.14 -27.25
C GLN E 422 34.80 -6.13 -26.02
N PRO E 423 36.06 -6.57 -26.11
CA PRO E 423 36.98 -6.55 -24.97
C PRO E 423 37.43 -5.12 -24.72
N PHE E 424 37.35 -4.70 -23.46
CA PHE E 424 37.70 -3.34 -23.02
C PHE E 424 39.19 -3.17 -22.68
N HIS E 425 39.74 -2.00 -22.96
CA HIS E 425 41.15 -1.64 -22.69
C HIS E 425 41.45 -1.60 -21.18
N VAL E 426 40.48 -1.16 -20.37
CA VAL E 426 40.67 -1.08 -18.93
C VAL E 426 40.57 -2.45 -18.19
N ALA E 427 40.30 -3.54 -18.90
CA ALA E 427 40.14 -4.89 -18.33
C ALA E 427 41.38 -5.80 -18.42
N GLU E 428 42.56 -5.28 -18.82
CA GLU E 428 43.76 -6.13 -18.95
C GLU E 428 44.21 -6.73 -17.60
N HIS E 429 43.99 -6.08 -16.45
CA HIS E 429 44.35 -6.68 -15.15
C HIS E 429 43.42 -7.82 -14.74
N PHE E 430 42.19 -7.87 -15.26
CA PHE E 430 41.20 -8.92 -14.98
C PHE E 430 41.35 -10.15 -15.90
N THR E 431 41.24 -9.95 -17.22
CA THR E 431 41.30 -11.01 -18.25
C THR E 431 42.50 -10.99 -19.20
N GLY E 432 43.31 -9.93 -19.26
CA GLY E 432 44.50 -9.89 -20.11
C GLY E 432 44.29 -9.64 -21.61
N ARG E 433 43.04 -9.52 -22.07
CA ARG E 433 42.74 -9.29 -23.49
C ARG E 433 43.22 -7.89 -23.94
N PRO E 434 43.84 -7.75 -25.13
CA PRO E 434 44.37 -6.47 -25.62
C PRO E 434 43.43 -5.26 -25.67
N GLY E 435 42.12 -5.46 -25.77
CA GLY E 435 41.14 -4.38 -25.89
C GLY E 435 40.92 -4.01 -27.36
N LYS E 436 39.67 -3.70 -27.74
CA LYS E 436 39.33 -3.39 -29.15
C LYS E 436 38.50 -2.12 -29.29
N TYR E 437 38.68 -1.44 -30.41
CA TYR E 437 37.97 -0.23 -30.84
C TYR E 437 37.32 -0.55 -32.19
N VAL E 438 36.00 -0.34 -32.33
CA VAL E 438 35.27 -0.62 -33.59
C VAL E 438 34.67 0.68 -34.15
N PRO E 439 35.01 1.09 -35.38
CA PRO E 439 34.47 2.30 -35.99
C PRO E 439 33.04 2.10 -36.53
N ILE E 440 32.25 3.17 -36.69
CA ILE E 440 30.84 3.09 -37.10
C ILE E 440 30.64 2.29 -38.41
N GLU E 441 31.41 2.53 -39.46
CA GLU E 441 31.24 1.84 -40.73
C GLU E 441 31.37 0.31 -40.62
N ASP E 442 32.30 -0.18 -39.79
CA ASP E 442 32.48 -1.62 -39.61
C ASP E 442 31.40 -2.21 -38.69
N THR E 443 30.76 -1.42 -37.81
CA THR E 443 29.62 -1.92 -37.02
C THR E 443 28.43 -2.19 -37.95
N ILE E 444 28.10 -1.22 -38.82
CA ILE E 444 26.99 -1.31 -39.77
C ILE E 444 27.25 -2.44 -40.77
N ARG E 445 28.42 -2.45 -41.40
CA ARG E 445 28.85 -3.49 -42.35
C ARG E 445 28.85 -4.87 -41.71
N GLY E 446 29.33 -5.02 -40.48
CA GLY E 446 29.38 -6.28 -39.76
C GLY E 446 28.00 -6.90 -39.54
N PHE E 447 27.07 -6.16 -38.91
CA PHE E 447 25.72 -6.68 -38.69
C PHE E 447 24.99 -6.91 -40.01
N LYS E 448 25.14 -6.01 -40.99
CA LYS E 448 24.53 -6.18 -42.31
C LYS E 448 24.97 -7.49 -42.96
N GLU E 449 26.27 -7.79 -42.93
CA GLU E 449 26.86 -8.99 -43.56
C GLU E 449 26.30 -10.30 -42.99
N ILE E 450 26.04 -10.35 -41.67
CA ILE E 450 25.45 -11.54 -41.05
C ILE E 450 23.95 -11.59 -41.36
N LEU E 451 23.23 -10.47 -41.20
CA LEU E 451 21.79 -10.39 -41.47
C LEU E 451 21.41 -10.77 -42.91
N ASP E 452 22.20 -10.33 -43.90
CA ASP E 452 21.98 -10.62 -45.31
C ASP E 452 22.42 -12.05 -45.74
N GLY E 453 22.87 -12.89 -44.79
CA GLY E 453 23.23 -14.29 -45.04
C GLY E 453 24.51 -14.54 -45.83
N LYS E 454 25.41 -13.57 -45.93
CA LYS E 454 26.68 -13.69 -46.68
C LYS E 454 27.79 -14.42 -45.89
N LEU E 455 27.75 -14.38 -44.56
CA LEU E 455 28.76 -14.99 -43.68
C LEU E 455 28.17 -15.89 -42.57
N ASP E 456 27.64 -17.06 -42.94
CA ASP E 456 27.03 -18.01 -41.97
C ASP E 456 27.91 -19.25 -41.63
N ASP E 457 28.96 -19.55 -42.38
CA ASP E 457 29.87 -20.68 -42.14
C ASP E 457 30.73 -20.55 -40.86
N VAL E 458 31.23 -19.34 -40.56
CA VAL E 458 32.10 -19.05 -39.40
C VAL E 458 31.48 -19.54 -38.06
N PRO E 459 32.25 -20.25 -37.20
CA PRO E 459 31.77 -20.76 -35.93
C PRO E 459 31.45 -19.63 -34.92
N GLU E 460 30.42 -19.89 -34.11
CA GLU E 460 29.85 -19.01 -33.08
C GLU E 460 30.90 -18.48 -32.10
N GLN E 461 31.72 -19.36 -31.52
CA GLN E 461 32.77 -19.00 -30.56
C GLN E 461 33.75 -17.93 -31.08
N ALA E 462 33.93 -17.82 -32.40
CA ALA E 462 34.84 -16.85 -32.99
C ALA E 462 34.33 -15.40 -32.91
N PHE E 463 33.02 -15.17 -32.73
CA PHE E 463 32.46 -13.82 -32.63
C PHE E 463 32.51 -13.21 -31.23
N TYR E 464 32.78 -14.00 -30.17
CA TYR E 464 32.86 -13.51 -28.80
C TYR E 464 34.22 -12.83 -28.51
N MET E 465 34.18 -11.58 -28.04
CA MET E 465 35.34 -10.76 -27.68
C MET E 465 36.43 -10.61 -28.77
N VAL E 466 36.10 -10.06 -29.96
CA VAL E 466 37.05 -9.92 -31.08
C VAL E 466 37.16 -8.55 -31.78
N GLY E 467 36.29 -7.59 -31.51
CA GLY E 467 36.35 -6.29 -32.18
C GLY E 467 35.56 -6.28 -33.49
N THR E 468 36.21 -6.04 -34.64
CA THR E 468 35.56 -6.01 -35.96
C THR E 468 35.21 -7.42 -36.48
N ILE E 469 34.40 -7.53 -37.55
CA ILE E 469 33.97 -8.84 -38.10
C ILE E 469 35.10 -9.66 -38.74
N GLU E 470 36.08 -9.02 -39.37
CA GLU E 470 37.22 -9.69 -40.01
C GLU E 470 38.09 -10.43 -38.98
N GLU E 471 38.15 -9.90 -37.76
CA GLU E 471 38.90 -10.47 -36.62
C GLU E 471 38.26 -11.80 -36.19
N ALA E 472 36.94 -11.96 -36.36
CA ALA E 472 36.24 -13.21 -36.07
C ALA E 472 36.60 -14.26 -37.13
N VAL E 473 36.79 -13.83 -38.40
CA VAL E 473 37.15 -14.74 -39.51
C VAL E 473 38.56 -15.29 -39.29
N GLU E 474 39.54 -14.45 -38.92
CA GLU E 474 40.90 -14.94 -38.63
C GLU E 474 40.92 -15.77 -37.33
N LYS E 475 40.13 -15.41 -36.31
CA LYS E 475 40.08 -16.18 -35.05
C LYS E 475 39.58 -17.60 -35.32
N ALA E 476 38.61 -17.79 -36.21
CA ALA E 476 38.08 -19.10 -36.56
C ALA E 476 39.16 -19.99 -37.21
N LYS E 477 40.06 -19.41 -38.01
CA LYS E 477 41.18 -20.13 -38.66
C LYS E 477 42.33 -20.42 -37.71
N LYS E 478 42.60 -19.51 -36.77
CA LYS E 478 43.70 -19.59 -35.78
C LYS E 478 43.40 -20.42 -34.53
N MET E 479 42.14 -20.60 -34.12
CA MET E 479 41.79 -21.42 -32.95
C MET E 479 41.95 -22.94 -33.17
N LYS E 480 41.94 -23.40 -34.43
CA LYS E 480 42.08 -24.79 -34.90
C LYS E 480 40.80 -25.65 -34.79
N THR F 13 -22.55 52.08 11.58
CA THR F 13 -22.76 50.66 11.27
C THR F 13 -21.73 50.10 10.28
N ARG F 14 -21.12 50.97 9.46
CA ARG F 14 -20.13 50.62 8.44
C ARG F 14 -18.80 50.12 9.02
N GLY F 15 -17.97 49.50 8.18
CA GLY F 15 -16.64 49.00 8.56
C GLY F 15 -15.59 49.19 7.46
N ARG F 16 -14.39 48.62 7.65
CA ARG F 16 -13.26 48.70 6.70
C ARG F 16 -12.50 47.40 6.54
N VAL F 17 -12.04 47.13 5.32
CA VAL F 17 -11.24 45.95 4.97
C VAL F 17 -9.87 46.06 5.64
N ILE F 18 -9.45 45.03 6.38
CA ILE F 18 -8.17 45.00 7.09
C ILE F 18 -7.18 44.05 6.40
N GLN F 19 -7.65 42.93 5.83
CA GLN F 19 -6.79 41.95 5.16
C GLN F 19 -7.50 41.31 3.97
N VAL F 20 -6.72 40.84 3.01
CA VAL F 20 -7.18 40.16 1.80
C VAL F 20 -6.21 39.01 1.52
N MET F 21 -6.69 37.78 1.52
CA MET F 21 -5.91 36.57 1.32
C MET F 21 -6.67 35.64 0.37
N GLY F 22 -6.61 35.89 -0.93
CA GLY F 22 -7.32 35.05 -1.90
C GLY F 22 -8.85 35.19 -1.73
N PRO F 23 -9.61 34.09 -1.58
CA PRO F 23 -11.06 34.13 -1.36
C PRO F 23 -11.52 34.72 -0.02
N VAL F 24 -10.61 34.93 0.95
CA VAL F 24 -10.92 35.40 2.31
C VAL F 24 -10.52 36.85 2.55
N VAL F 25 -11.43 37.59 3.19
CA VAL F 25 -11.30 39.00 3.50
C VAL F 25 -11.68 39.24 4.96
N ASP F 26 -10.89 40.01 5.71
CA ASP F 26 -11.15 40.39 7.11
C ASP F 26 -11.62 41.83 7.16
N VAL F 27 -12.67 42.11 7.93
CA VAL F 27 -13.30 43.43 8.07
C VAL F 27 -13.47 43.81 9.53
N LYS F 28 -13.18 45.06 9.88
CA LYS F 28 -13.29 45.63 11.22
C LYS F 28 -14.43 46.66 11.28
N PHE F 29 -15.22 46.64 12.34
CA PHE F 29 -16.40 47.52 12.54
C PHE F 29 -16.32 48.42 13.77
N GLU F 30 -17.34 49.26 13.95
CA GLU F 30 -17.52 50.18 15.09
C GLU F 30 -17.95 49.44 16.38
N ASN F 31 -17.80 50.10 17.53
CA ASN F 31 -18.11 49.55 18.86
C ASN F 31 -19.52 48.93 18.97
N GLY F 32 -19.59 47.60 19.14
CA GLY F 32 -20.83 46.84 19.31
C GLY F 32 -21.74 46.70 18.08
N HIS F 33 -21.39 47.26 16.93
CA HIS F 33 -22.17 47.21 15.67
C HIS F 33 -21.79 46.04 14.75
N LEU F 34 -21.33 44.93 15.29
CA LEU F 34 -20.88 43.74 14.54
C LEU F 34 -22.02 42.95 13.87
N PRO F 35 -21.85 42.50 12.61
CA PRO F 35 -22.83 41.70 11.91
C PRO F 35 -22.85 40.25 12.42
N ALA F 36 -24.00 39.59 12.33
CA ALA F 36 -24.17 38.20 12.74
C ALA F 36 -23.53 37.20 11.77
N ILE F 37 -23.39 35.93 12.12
CA ILE F 37 -22.83 34.91 11.22
C ILE F 37 -23.82 34.66 10.06
N TYR F 38 -23.30 34.33 8.88
CA TYR F 38 -24.04 34.12 7.61
C TYR F 38 -24.62 35.40 6.98
N ASN F 39 -24.47 36.56 7.61
CA ASN F 39 -24.95 37.87 7.19
C ASN F 39 -24.17 38.37 5.94
N ALA F 40 -24.86 39.02 4.99
CA ALA F 40 -24.23 39.53 3.78
C ALA F 40 -23.75 41.00 3.93
N LEU F 41 -22.57 41.30 3.38
CA LEU F 41 -21.91 42.60 3.35
C LEU F 41 -21.67 43.04 1.90
N LYS F 42 -21.67 44.35 1.64
CA LYS F 42 -21.50 44.93 0.31
C LYS F 42 -20.33 45.89 0.14
N ILE F 43 -19.59 45.72 -0.95
CA ILE F 43 -18.49 46.56 -1.40
C ILE F 43 -18.89 47.13 -2.77
N GLN F 44 -19.01 48.46 -2.81
CA GLN F 44 -19.35 49.26 -3.98
C GLN F 44 -18.35 50.41 -3.96
N HIS F 45 -17.35 50.37 -4.82
CA HIS F 45 -16.32 51.42 -4.91
C HIS F 45 -16.00 51.75 -6.37
N LYS F 46 -15.90 53.05 -6.66
CA LYS F 46 -15.59 53.63 -7.97
C LYS F 46 -14.17 54.19 -7.92
N ALA F 47 -13.34 53.88 -8.92
CA ALA F 47 -11.96 54.32 -9.01
C ALA F 47 -11.83 55.84 -8.89
N ARG F 48 -11.06 56.31 -7.91
CA ARG F 48 -10.79 57.73 -7.63
C ARG F 48 -9.74 58.36 -8.57
N ASN F 49 -8.89 57.52 -9.15
CA ASN F 49 -7.80 57.86 -10.07
C ASN F 49 -7.44 56.63 -10.94
N GLU F 50 -6.65 56.83 -11.97
CA GLU F 50 -6.24 55.82 -12.95
C GLU F 50 -5.46 54.61 -12.39
N ASN F 51 -4.98 54.63 -11.14
CA ASN F 51 -4.26 53.50 -10.54
C ASN F 51 -5.22 52.47 -9.90
N GLU F 52 -6.49 52.82 -9.69
CA GLU F 52 -7.55 51.97 -9.09
C GLU F 52 -8.48 51.34 -10.14
N VAL F 53 -9.31 50.38 -9.73
CA VAL F 53 -10.31 49.70 -10.57
C VAL F 53 -11.68 49.70 -9.87
N ASP F 54 -12.78 49.83 -10.64
CA ASP F 54 -14.15 49.78 -10.09
C ASP F 54 -14.48 48.37 -9.56
N ILE F 55 -15.18 48.28 -8.44
CA ILE F 55 -15.56 47.00 -7.81
C ILE F 55 -17.00 46.99 -7.28
N ASP F 56 -17.66 45.86 -7.50
CA ASP F 56 -19.03 45.48 -7.10
C ASP F 56 -18.92 44.06 -6.55
N LEU F 57 -18.85 43.91 -5.21
CA LEU F 57 -18.62 42.62 -4.55
C LEU F 57 -19.47 42.40 -3.29
N THR F 58 -19.86 41.15 -3.07
CA THR F 58 -20.66 40.67 -1.94
C THR F 58 -19.82 39.70 -1.10
N LEU F 59 -19.81 39.89 0.22
CA LEU F 59 -19.08 39.06 1.17
C LEU F 59 -20.03 38.43 2.18
N GLU F 60 -19.76 37.21 2.61
CA GLU F 60 -20.56 36.50 3.62
C GLU F 60 -19.76 36.33 4.92
N VAL F 61 -20.34 36.73 6.06
CA VAL F 61 -19.69 36.60 7.37
C VAL F 61 -19.57 35.13 7.78
N ALA F 62 -18.35 34.69 8.12
CA ALA F 62 -18.05 33.32 8.52
C ALA F 62 -17.79 33.13 10.03
N LEU F 63 -17.07 34.05 10.70
CA LEU F 63 -16.77 33.95 12.14
C LEU F 63 -16.31 35.25 12.79
N HIS F 64 -16.48 35.34 14.10
CA HIS F 64 -16.06 36.46 14.93
C HIS F 64 -14.67 36.16 15.50
N LEU F 65 -13.75 37.13 15.45
CA LEU F 65 -12.35 36.95 15.87
C LEU F 65 -11.85 37.76 17.07
N GLY F 66 -12.56 38.79 17.51
CA GLY F 66 -12.09 39.69 18.54
C GLY F 66 -11.59 40.99 17.91
N ASP F 67 -11.30 42.02 18.71
CA ASP F 67 -10.81 43.32 18.22
C ASP F 67 -11.77 43.92 17.15
N ASP F 68 -13.09 43.78 17.39
CA ASP F 68 -14.18 44.23 16.52
C ASP F 68 -14.08 43.73 15.07
N THR F 69 -13.36 42.64 14.86
CA THR F 69 -13.05 42.08 13.55
C THR F 69 -13.81 40.80 13.26
N VAL F 70 -14.21 40.67 12.01
CA VAL F 70 -14.95 39.57 11.43
C VAL F 70 -14.22 39.05 10.20
N ARG F 71 -14.24 37.73 10.01
CA ARG F 71 -13.64 37.07 8.86
C ARG F 71 -14.76 36.66 7.90
N THR F 72 -14.55 36.88 6.61
CA THR F 72 -15.58 36.66 5.58
C THR F 72 -15.10 35.94 4.33
N ILE F 73 -16.05 35.37 3.59
CA ILE F 73 -15.81 34.71 2.30
C ILE F 73 -16.43 35.54 1.18
N ALA F 74 -15.62 35.87 0.17
CA ALA F 74 -16.05 36.65 -0.99
C ALA F 74 -16.79 35.80 -2.03
N MET F 75 -17.85 36.35 -2.62
CA MET F 75 -18.68 35.66 -3.63
C MET F 75 -18.17 35.77 -5.08
N ALA F 76 -17.25 36.68 -5.34
CA ALA F 76 -16.62 36.96 -6.63
C ALA F 76 -15.15 37.30 -6.43
N SER F 77 -14.38 37.49 -7.51
CA SER F 77 -12.94 37.78 -7.43
C SER F 77 -12.61 39.01 -6.59
N THR F 78 -11.59 38.85 -5.73
CA THR F 78 -11.07 39.89 -4.84
C THR F 78 -10.00 40.76 -5.50
N ASP F 79 -9.68 40.54 -6.79
CA ASP F 79 -8.70 41.35 -7.51
C ASP F 79 -9.12 42.82 -7.51
N GLY F 80 -8.18 43.71 -7.28
CA GLY F 80 -8.45 45.14 -7.22
C GLY F 80 -8.78 45.68 -5.84
N LEU F 81 -9.01 44.83 -4.83
CA LEU F 81 -9.28 45.31 -3.46
C LEU F 81 -8.03 45.94 -2.84
N ILE F 82 -8.25 46.95 -2.00
CA ILE F 82 -7.24 47.74 -1.29
C ILE F 82 -7.61 47.80 0.19
N ARG F 83 -6.62 47.71 1.08
CA ARG F 83 -6.83 47.78 2.53
C ARG F 83 -7.33 49.18 2.90
N GLY F 84 -8.37 49.28 3.72
CA GLY F 84 -8.98 50.57 4.07
C GLY F 84 -10.29 50.88 3.30
N MET F 85 -10.71 50.05 2.35
CA MET F 85 -11.98 50.25 1.62
C MET F 85 -13.19 50.14 2.56
N GLU F 86 -14.19 51.01 2.39
CA GLU F 86 -15.45 51.05 3.15
C GLU F 86 -16.35 49.85 2.81
N VAL F 87 -16.99 49.25 3.82
CA VAL F 87 -17.89 48.09 3.69
C VAL F 87 -19.22 48.37 4.38
N ILE F 88 -20.34 47.97 3.78
CA ILE F 88 -21.70 48.17 4.32
C ILE F 88 -22.37 46.84 4.68
N ASP F 89 -23.09 46.82 5.80
CA ASP F 89 -23.84 45.68 6.33
C ASP F 89 -25.30 45.69 5.83
N THR F 90 -25.76 44.60 5.21
CA THR F 90 -27.15 44.50 4.71
C THR F 90 -28.18 44.13 5.79
N GLY F 91 -27.77 43.69 6.97
CA GLY F 91 -28.65 43.33 8.08
C GLY F 91 -29.32 41.94 8.03
N ALA F 92 -29.05 41.12 7.02
CA ALA F 92 -29.63 39.78 6.86
C ALA F 92 -28.76 38.88 5.96
N PRO F 93 -28.98 37.55 5.91
CA PRO F 93 -28.23 36.68 5.01
C PRO F 93 -28.50 36.96 3.53
N ILE F 94 -27.79 36.25 2.64
CA ILE F 94 -28.01 36.35 1.19
C ILE F 94 -29.48 35.99 0.96
N SER F 95 -30.26 36.92 0.38
CA SER F 95 -31.69 36.75 0.16
C SER F 95 -32.01 36.70 -1.33
N VAL F 96 -32.74 35.69 -1.77
CA VAL F 96 -33.07 35.46 -3.18
C VAL F 96 -34.58 35.47 -3.47
N PRO F 97 -35.02 35.94 -4.65
CA PRO F 97 -36.43 35.95 -5.04
C PRO F 97 -37.08 34.55 -4.99
N VAL F 98 -38.35 34.46 -4.59
CA VAL F 98 -39.13 33.21 -4.55
C VAL F 98 -40.54 33.43 -5.11
N GLY F 99 -41.15 32.41 -5.69
CA GLY F 99 -42.50 32.51 -6.25
C GLY F 99 -42.63 32.08 -7.72
N PRO F 100 -43.85 32.12 -8.29
CA PRO F 100 -44.10 31.74 -9.68
C PRO F 100 -43.38 32.63 -10.70
N GLU F 101 -42.97 33.86 -10.36
CA GLU F 101 -42.23 34.75 -11.26
C GLU F 101 -40.83 34.22 -11.63
N THR F 102 -40.31 33.29 -10.82
CA THR F 102 -39.00 32.64 -10.95
C THR F 102 -39.02 31.46 -11.95
N LEU F 103 -40.19 30.98 -12.37
CA LEU F 103 -40.28 29.86 -13.33
C LEU F 103 -39.83 30.30 -14.75
N GLY F 104 -39.04 29.50 -15.46
CA GLY F 104 -38.53 29.87 -16.78
C GLY F 104 -37.39 30.90 -16.81
N ARG F 105 -36.68 31.10 -15.71
CA ARG F 105 -35.56 32.05 -15.54
C ARG F 105 -34.25 31.36 -15.13
N MET F 106 -33.11 31.92 -15.54
CA MET F 106 -31.75 31.48 -15.18
C MET F 106 -31.15 32.47 -14.17
N PHE F 107 -30.49 31.98 -13.12
CA PHE F 107 -29.97 32.79 -12.02
C PHE F 107 -28.50 32.54 -11.63
N ASP F 108 -27.91 33.56 -11.02
CA ASP F 108 -26.58 33.60 -10.43
C ASP F 108 -26.68 33.11 -8.96
N VAL F 109 -25.55 32.86 -8.26
CA VAL F 109 -25.56 32.44 -6.85
C VAL F 109 -26.31 33.42 -5.95
N LEU F 110 -26.19 34.73 -6.19
CA LEU F 110 -26.90 35.78 -5.45
C LEU F 110 -28.38 35.97 -5.85
N GLY F 111 -28.94 35.11 -6.70
CA GLY F 111 -30.34 35.20 -7.14
C GLY F 111 -30.62 36.29 -8.17
N GLU F 112 -29.59 36.83 -8.82
CA GLU F 112 -29.71 37.82 -9.91
C GLU F 112 -29.79 37.07 -11.26
N PRO F 113 -30.61 37.53 -12.23
CA PRO F 113 -30.80 36.82 -13.49
C PRO F 113 -29.66 36.85 -14.50
N ILE F 114 -29.32 35.68 -15.03
CA ILE F 114 -28.28 35.44 -16.06
C ILE F 114 -28.80 35.75 -17.46
N ASP F 115 -30.04 35.36 -17.76
CA ASP F 115 -30.70 35.60 -19.03
C ASP F 115 -30.90 37.11 -19.31
N GLU F 116 -31.04 37.50 -20.58
CA GLU F 116 -31.24 38.90 -20.98
C GLU F 116 -32.70 39.38 -20.82
N LYS F 117 -33.56 38.61 -20.15
CA LYS F 117 -35.01 38.85 -20.04
C LYS F 117 -35.50 40.01 -19.18
N GLY F 118 -34.68 40.62 -18.31
CA GLY F 118 -35.09 41.76 -17.47
C GLY F 118 -35.23 41.43 -15.99
N PRO F 119 -35.67 42.38 -15.14
CA PRO F 119 -35.82 42.14 -13.71
C PRO F 119 -36.98 41.18 -13.40
N VAL F 120 -36.85 40.35 -12.36
CA VAL F 120 -37.85 39.35 -11.97
C VAL F 120 -39.08 39.94 -11.25
N LYS F 121 -38.89 40.97 -10.42
CA LYS F 121 -39.97 41.67 -9.69
C LYS F 121 -40.89 40.75 -8.84
N ALA F 122 -40.33 39.69 -8.23
CA ALA F 122 -41.09 38.76 -7.39
C ALA F 122 -41.63 39.45 -6.12
N LYS F 123 -42.70 38.92 -5.51
CA LYS F 123 -43.33 39.55 -4.34
C LYS F 123 -42.59 39.40 -3.00
N LYS F 124 -41.72 38.39 -2.85
CA LYS F 124 -40.95 38.11 -1.62
C LYS F 124 -39.55 37.57 -1.91
N ARG F 125 -38.63 37.81 -0.97
CA ARG F 125 -37.22 37.36 -0.99
C ARG F 125 -36.95 36.51 0.25
N TRP F 126 -36.45 35.29 0.10
CA TRP F 126 -36.15 34.37 1.22
C TRP F 126 -34.65 34.23 1.50
N PRO F 127 -34.23 34.19 2.78
CA PRO F 127 -32.85 33.98 3.15
C PRO F 127 -32.38 32.56 2.79
N ILE F 128 -31.15 32.43 2.30
CA ILE F 128 -30.53 31.16 1.86
C ILE F 128 -30.37 30.10 2.96
N HIS F 129 -30.35 30.52 4.22
CA HIS F 129 -30.23 29.66 5.41
C HIS F 129 -31.55 29.59 6.17
N ARG F 130 -32.17 28.41 6.21
CA ARG F 130 -33.44 28.11 6.89
C ARG F 130 -33.37 26.78 7.65
N PRO F 131 -34.04 26.62 8.82
CA PRO F 131 -34.04 25.35 9.53
C PRO F 131 -34.83 24.28 8.74
N PRO F 132 -34.40 23.01 8.74
CA PRO F 132 -35.08 21.93 8.04
C PRO F 132 -36.39 21.49 8.75
N PRO F 133 -37.23 20.66 8.13
CA PRO F 133 -38.45 20.14 8.74
C PRO F 133 -38.17 19.28 10.00
N SER F 134 -39.01 19.36 11.03
CA SER F 134 -38.87 18.54 12.25
C SER F 134 -39.30 17.07 12.02
N LEU F 135 -39.02 16.16 12.96
CA LEU F 135 -39.37 14.72 12.85
C LEU F 135 -40.86 14.43 12.63
N SER F 136 -41.75 15.26 13.16
CA SER F 136 -43.19 15.09 13.03
C SER F 136 -43.74 15.53 11.65
N GLU F 137 -42.98 16.29 10.86
CA GLU F 137 -43.34 16.73 9.52
C GLU F 137 -42.91 15.77 8.40
N GLN F 138 -42.09 14.77 8.70
CA GLN F 138 -41.57 13.77 7.76
C GLN F 138 -42.68 12.90 7.18
N SER F 139 -42.40 12.27 6.04
CA SER F 139 -43.32 11.38 5.33
C SER F 139 -42.69 9.98 5.23
N THR F 140 -43.50 8.97 4.94
CA THR F 140 -43.09 7.55 4.88
C THR F 140 -43.66 6.81 3.68
N GLU F 141 -43.94 7.57 2.62
CA GLU F 141 -44.43 7.07 1.33
C GLU F 141 -43.43 6.07 0.72
N ASP F 142 -43.96 4.98 0.17
CA ASP F 142 -43.21 3.90 -0.48
C ASP F 142 -43.75 3.65 -1.90
N GLU F 143 -43.59 4.65 -2.78
CA GLU F 143 -44.04 4.60 -4.18
C GLU F 143 -42.86 4.59 -5.16
N ILE F 144 -42.89 3.65 -6.11
CA ILE F 144 -41.88 3.43 -7.16
C ILE F 144 -41.97 4.46 -8.29
N LEU F 145 -40.91 5.21 -8.58
CA LEU F 145 -40.86 6.13 -9.73
C LEU F 145 -40.21 5.39 -10.93
N GLU F 146 -40.96 5.04 -11.97
CA GLU F 146 -40.45 4.33 -13.16
C GLU F 146 -39.60 5.28 -14.05
N THR F 147 -38.33 4.95 -14.31
CA THR F 147 -37.41 5.78 -15.11
C THR F 147 -37.30 5.39 -16.58
N GLY F 148 -37.60 4.15 -16.93
CA GLY F 148 -37.45 3.61 -18.27
C GLY F 148 -36.02 3.13 -18.53
N ILE F 149 -35.12 3.22 -17.54
CA ILE F 149 -33.73 2.80 -17.62
C ILE F 149 -33.65 1.42 -16.96
N LYS F 150 -33.38 0.43 -17.79
CA LYS F 150 -33.35 -1.00 -17.49
C LYS F 150 -32.54 -1.47 -16.28
N VAL F 151 -31.47 -0.76 -15.87
CA VAL F 151 -30.64 -1.15 -14.71
C VAL F 151 -31.16 -0.56 -13.41
N ILE F 152 -31.62 0.70 -13.42
CA ILE F 152 -32.12 1.40 -12.22
C ILE F 152 -33.49 0.87 -11.82
N ASP F 153 -34.39 0.69 -12.80
CA ASP F 153 -35.74 0.17 -12.60
C ASP F 153 -35.78 -1.26 -12.02
N LEU F 154 -34.70 -2.03 -12.15
CA LEU F 154 -34.58 -3.39 -11.60
C LEU F 154 -33.81 -3.45 -10.26
N LEU F 155 -32.54 -3.05 -10.27
CA LEU F 155 -31.63 -3.16 -9.13
C LEU F 155 -31.65 -2.02 -8.11
N ALA F 156 -32.11 -0.84 -8.45
CA ALA F 156 -32.16 0.28 -7.52
C ALA F 156 -33.38 1.20 -7.76
N PRO F 157 -34.62 0.70 -7.64
CA PRO F 157 -35.82 1.49 -7.86
C PRO F 157 -35.78 2.82 -7.10
N ILE F 158 -36.26 3.88 -7.73
CA ILE F 158 -36.21 5.24 -7.19
C ILE F 158 -37.47 5.54 -6.38
N PRO F 159 -37.37 5.88 -5.08
CA PRO F 159 -38.56 6.23 -4.31
C PRO F 159 -39.04 7.66 -4.59
N LYS F 160 -40.36 7.86 -4.73
CA LYS F 160 -40.90 9.22 -4.84
C LYS F 160 -40.62 9.94 -3.51
N GLY F 161 -40.21 11.20 -3.57
CA GLY F 161 -39.87 12.01 -2.39
C GLY F 161 -38.52 11.70 -1.73
N GLY F 162 -37.73 10.74 -2.23
CA GLY F 162 -36.41 10.37 -1.71
C GLY F 162 -35.24 10.91 -2.54
N LYS F 163 -34.01 10.69 -2.05
CA LYS F 163 -32.76 11.11 -2.72
C LYS F 163 -32.07 9.93 -3.40
N ILE F 164 -31.77 10.06 -4.68
CA ILE F 164 -31.01 9.11 -5.52
C ILE F 164 -29.66 9.75 -5.88
N GLY F 165 -28.56 9.06 -5.56
CA GLY F 165 -27.18 9.51 -5.78
C GLY F 165 -26.38 8.71 -6.80
N LEU F 166 -25.80 9.40 -7.79
CA LEU F 166 -24.96 8.85 -8.86
C LEU F 166 -23.47 9.06 -8.51
N PHE F 167 -22.71 8.03 -8.14
CA PHE F 167 -21.28 8.12 -7.80
C PHE F 167 -20.39 7.63 -8.93
N GLY F 168 -19.38 8.43 -9.32
CA GLY F 168 -18.47 8.04 -10.39
C GLY F 168 -17.24 8.93 -10.52
N GLY F 169 -16.16 8.41 -11.10
CA GLY F 169 -14.94 9.18 -11.32
C GLY F 169 -15.10 10.18 -12.48
N ALA F 170 -14.00 10.50 -13.16
CA ALA F 170 -13.98 11.44 -14.30
C ALA F 170 -14.30 10.72 -15.63
N GLY F 171 -15.33 11.15 -16.35
CA GLY F 171 -15.70 10.62 -17.66
C GLY F 171 -16.35 9.24 -17.68
N VAL F 172 -16.99 8.80 -16.59
CA VAL F 172 -17.68 7.50 -16.54
C VAL F 172 -19.10 7.57 -17.09
N GLY F 173 -19.76 8.74 -17.08
CA GLY F 173 -21.12 8.92 -17.62
C GLY F 173 -22.17 9.57 -16.71
N LYS F 174 -21.77 10.27 -15.65
CA LYS F 174 -22.72 10.89 -14.72
C LYS F 174 -23.65 11.91 -15.39
N THR F 175 -23.14 12.81 -16.21
CA THR F 175 -23.97 13.84 -16.89
C THR F 175 -24.88 13.22 -17.94
N VAL F 176 -24.42 12.24 -18.70
CA VAL F 176 -25.25 11.55 -19.69
C VAL F 176 -26.40 10.81 -19.00
N LEU F 177 -26.15 10.20 -17.83
CA LEU F 177 -27.17 9.52 -17.04
C LEU F 177 -28.16 10.51 -16.40
N ILE F 178 -27.71 11.65 -15.86
CA ILE F 178 -28.64 12.66 -15.31
C ILE F 178 -29.57 13.19 -16.40
N MET F 179 -29.04 13.56 -17.55
CA MET F 179 -29.83 14.13 -18.62
C MET F 179 -30.83 13.15 -19.22
N GLU F 180 -30.57 11.84 -19.20
CA GLU F 180 -31.57 10.85 -19.64
C GLU F 180 -32.72 10.75 -18.62
N LEU F 181 -32.43 10.88 -17.31
CA LEU F 181 -33.44 10.90 -16.25
C LEU F 181 -34.30 12.17 -16.34
N ILE F 182 -33.71 13.35 -16.57
CA ILE F 182 -34.43 14.62 -16.74
C ILE F 182 -35.46 14.46 -17.88
N ARG F 183 -35.02 13.92 -19.01
CA ARG F 183 -35.86 13.71 -20.20
C ARG F 183 -37.03 12.78 -19.93
N ASN F 184 -36.78 11.59 -19.37
CA ASN F 184 -37.80 10.58 -19.10
C ASN F 184 -38.80 10.90 -17.97
N ILE F 185 -38.40 11.46 -16.82
CA ILE F 185 -39.34 11.73 -15.72
C ILE F 185 -40.16 13.01 -15.91
N ALA F 186 -39.54 14.13 -16.31
CA ALA F 186 -40.23 15.42 -16.47
C ALA F 186 -41.28 15.46 -17.61
N TYR F 187 -41.33 14.44 -18.45
CA TYR F 187 -42.23 14.26 -19.59
C TYR F 187 -43.70 14.03 -19.19
N GLU F 188 -43.99 13.13 -18.25
CA GLU F 188 -45.36 12.75 -17.85
C GLU F 188 -45.92 13.35 -16.54
N HIS F 189 -45.11 13.68 -15.53
CA HIS F 189 -45.65 14.20 -14.26
C HIS F 189 -46.13 15.66 -14.28
N LYS F 190 -45.63 16.51 -15.19
CA LYS F 190 -45.99 17.94 -15.34
C LYS F 190 -45.93 18.83 -14.07
N GLY F 191 -45.12 18.46 -13.07
CA GLY F 191 -44.89 19.25 -11.85
C GLY F 191 -43.82 20.32 -12.06
N PHE F 192 -43.49 21.13 -11.05
CA PHE F 192 -42.43 22.14 -11.16
C PHE F 192 -41.05 21.50 -11.04
N SER F 193 -40.08 21.93 -11.86
CA SER F 193 -38.71 21.39 -11.92
C SER F 193 -37.63 22.41 -11.56
N VAL F 194 -36.55 21.97 -10.93
CA VAL F 194 -35.41 22.80 -10.57
C VAL F 194 -34.10 22.06 -10.86
N PHE F 195 -33.14 22.75 -11.44
CA PHE F 195 -31.81 22.19 -11.71
C PHE F 195 -30.77 23.19 -11.17
N ALA F 196 -29.81 22.72 -10.38
CA ALA F 196 -28.83 23.59 -9.75
C ALA F 196 -27.52 23.72 -10.52
N GLY F 197 -26.99 22.65 -11.10
CA GLY F 197 -25.76 22.75 -11.91
C GLY F 197 -24.51 23.32 -11.19
N VAL F 198 -24.34 23.00 -9.90
CA VAL F 198 -23.25 23.40 -8.98
C VAL F 198 -21.83 23.27 -9.58
N GLY F 199 -21.62 22.24 -10.39
CA GLY F 199 -20.39 21.97 -11.15
C GLY F 199 -20.71 21.64 -12.61
N GLU F 200 -21.88 22.06 -13.09
CA GLU F 200 -22.36 21.81 -14.45
C GLU F 200 -21.56 22.57 -15.50
N ARG F 201 -21.30 21.92 -16.63
CA ARG F 201 -20.48 22.52 -17.71
C ARG F 201 -21.28 23.62 -18.41
N SER F 202 -20.65 24.76 -18.70
CA SER F 202 -21.33 25.86 -19.42
C SER F 202 -21.80 25.38 -20.80
N ARG F 203 -21.02 24.52 -21.46
CA ARG F 203 -21.40 23.97 -22.78
C ARG F 203 -22.64 23.09 -22.64
N GLU F 204 -22.65 22.19 -21.66
CA GLU F 204 -23.83 21.31 -21.41
C GLU F 204 -25.00 22.17 -20.92
N GLY F 205 -24.72 23.14 -20.04
CA GLY F 205 -25.76 24.02 -19.53
C GLY F 205 -26.45 24.79 -20.66
N ASN F 206 -25.72 25.14 -21.72
CA ASN F 206 -26.21 25.83 -22.90
C ASN F 206 -27.05 24.87 -23.75
N GLU F 207 -26.61 23.62 -23.91
CA GLU F 207 -27.33 22.59 -24.68
C GLU F 207 -28.68 22.27 -24.01
N LEU F 208 -28.71 22.25 -22.67
CA LEU F 208 -29.91 22.00 -21.87
C LEU F 208 -30.89 23.16 -22.03
N TRP F 209 -30.45 24.40 -21.80
CA TRP F 209 -31.29 25.59 -21.92
C TRP F 209 -31.95 25.73 -23.29
N LEU F 210 -31.23 25.49 -24.39
CA LEU F 210 -31.80 25.58 -25.74
C LEU F 210 -32.90 24.54 -25.97
N GLU F 211 -32.69 23.28 -25.59
CA GLU F 211 -33.71 22.23 -25.75
C GLU F 211 -34.96 22.55 -24.90
N MET F 212 -34.78 22.99 -23.65
CA MET F 212 -35.90 23.34 -22.80
C MET F 212 -36.68 24.57 -23.30
N LYS F 213 -35.99 25.56 -23.87
CA LYS F 213 -36.61 26.78 -24.41
C LYS F 213 -37.42 26.50 -25.69
N GLU F 214 -37.02 25.51 -26.49
CA GLU F 214 -37.73 25.13 -27.72
C GLU F 214 -38.86 24.11 -27.49
N SER F 215 -38.71 23.20 -26.53
CA SER F 215 -39.71 22.20 -26.13
C SER F 215 -40.78 22.74 -25.17
N GLY F 216 -40.66 23.97 -24.70
CA GLY F 216 -41.60 24.62 -23.77
C GLY F 216 -41.45 24.23 -22.30
N VAL F 217 -40.67 23.19 -21.98
CA VAL F 217 -40.45 22.70 -20.61
C VAL F 217 -39.81 23.77 -19.73
N LEU F 218 -39.10 24.73 -20.32
CA LEU F 218 -38.47 25.81 -19.58
C LEU F 218 -39.51 26.59 -18.76
N ASP F 219 -40.74 26.77 -19.25
CA ASP F 219 -41.79 27.53 -18.54
C ASP F 219 -42.15 27.00 -17.15
N ASN F 220 -41.81 25.75 -16.83
CA ASN F 220 -42.03 25.10 -15.53
C ASN F 220 -40.70 24.86 -14.77
N THR F 221 -39.56 25.33 -15.28
CA THR F 221 -38.22 25.06 -14.74
C THR F 221 -37.45 26.26 -14.21
N VAL F 222 -36.78 26.13 -13.06
CA VAL F 222 -35.88 27.14 -12.48
C VAL F 222 -34.44 26.64 -12.65
N LEU F 223 -33.47 27.49 -13.04
CA LEU F 223 -32.05 27.15 -13.24
C LEU F 223 -31.12 28.09 -12.46
N VAL F 224 -30.02 27.59 -11.85
CA VAL F 224 -29.09 28.44 -11.06
C VAL F 224 -27.58 28.32 -11.41
N PHE F 225 -27.12 27.29 -12.14
CA PHE F 225 -25.71 27.14 -12.56
C PHE F 225 -24.61 27.32 -11.47
N GLY F 226 -23.72 28.31 -11.60
CA GLY F 226 -22.57 28.46 -10.69
C GLY F 226 -21.44 27.57 -11.21
N GLN F 227 -20.85 28.00 -12.33
CA GLN F 227 -19.82 27.33 -13.14
C GLN F 227 -18.52 26.90 -12.41
N MET F 228 -17.73 26.00 -13.01
CA MET F 228 -16.45 25.51 -12.47
C MET F 228 -15.43 26.65 -12.25
N ASN F 229 -15.38 27.61 -13.16
CA ASN F 229 -14.43 28.73 -13.16
C ASN F 229 -14.64 29.79 -12.06
N GLU F 230 -15.72 29.72 -11.30
CA GLU F 230 -16.07 30.67 -10.24
C GLU F 230 -15.21 30.46 -8.97
N PRO F 231 -15.00 31.46 -8.11
CA PRO F 231 -14.27 31.31 -6.85
C PRO F 231 -15.01 30.40 -5.84
N PRO F 232 -14.40 29.96 -4.71
CA PRO F 232 -15.08 29.01 -3.82
C PRO F 232 -16.33 29.55 -3.14
N GLY F 233 -16.47 30.84 -2.86
CA GLY F 233 -17.69 31.38 -2.24
C GLY F 233 -18.94 31.09 -3.06
N ALA F 234 -18.86 31.23 -4.39
CA ALA F 234 -19.95 30.90 -5.30
C ALA F 234 -20.15 29.39 -5.39
N ARG F 235 -19.09 28.59 -5.55
CA ARG F 235 -19.19 27.12 -5.62
C ARG F 235 -19.72 26.50 -4.32
N PHE F 236 -19.55 27.18 -3.18
CA PHE F 236 -20.00 26.77 -1.86
C PHE F 236 -21.49 27.10 -1.61
N ARG F 237 -21.96 28.32 -1.93
CA ARG F 237 -23.36 28.71 -1.69
C ARG F 237 -24.36 28.42 -2.82
N VAL F 238 -23.95 28.11 -4.05
CA VAL F 238 -24.91 27.91 -5.16
C VAL F 238 -25.93 26.78 -5.00
N ALA F 239 -25.59 25.66 -4.35
CA ALA F 239 -26.53 24.55 -4.15
C ALA F 239 -27.71 24.98 -3.26
N LEU F 240 -27.48 25.91 -2.34
CA LEU F 240 -28.50 26.42 -1.42
C LEU F 240 -29.46 27.40 -2.11
N THR F 241 -29.06 28.11 -3.17
CA THR F 241 -29.92 29.03 -3.91
C THR F 241 -30.99 28.24 -4.66
N GLY F 242 -30.60 27.15 -5.34
CA GLY F 242 -31.54 26.29 -6.06
C GLY F 242 -32.51 25.58 -5.13
N LEU F 243 -31.99 25.10 -3.99
CA LEU F 243 -32.80 24.43 -2.96
C LEU F 243 -33.79 25.40 -2.30
N THR F 244 -33.37 26.62 -1.99
CA THR F 244 -34.28 27.65 -1.44
C THR F 244 -35.42 27.98 -2.40
N MET F 245 -35.21 27.90 -3.72
CA MET F 245 -36.26 28.13 -4.71
C MET F 245 -37.18 26.90 -4.83
N ALA F 246 -36.67 25.67 -4.72
CA ALA F 246 -37.48 24.44 -4.76
C ALA F 246 -38.32 24.26 -3.48
N GLU F 247 -37.84 24.75 -2.33
CA GLU F 247 -38.56 24.71 -1.05
C GLU F 247 -39.86 25.53 -1.08
N TYR F 248 -39.91 26.65 -1.82
CA TYR F 248 -41.11 27.48 -1.87
C TYR F 248 -42.30 26.74 -2.46
N PHE F 249 -42.07 25.94 -3.51
CA PHE F 249 -43.13 25.19 -4.16
C PHE F 249 -43.68 24.08 -3.26
N ARG F 250 -42.86 23.54 -2.34
CA ARG F 250 -43.27 22.50 -1.38
C ARG F 250 -44.01 23.12 -0.20
N ASP F 251 -43.40 24.12 0.44
CA ASP F 251 -43.91 24.78 1.64
C ASP F 251 -45.11 25.70 1.41
N GLU F 252 -45.03 26.68 0.52
CA GLU F 252 -46.11 27.66 0.32
C GLU F 252 -47.12 27.30 -0.76
N GLU F 253 -46.75 26.47 -1.75
CA GLU F 253 -47.67 26.05 -2.82
C GLU F 253 -48.12 24.58 -2.73
N GLY F 254 -47.54 23.74 -1.87
CA GLY F 254 -47.93 22.34 -1.70
C GLY F 254 -47.69 21.39 -2.89
N LYS F 255 -46.80 21.71 -3.83
CA LYS F 255 -46.54 20.92 -5.05
C LYS F 255 -45.47 19.83 -4.89
N ASP F 256 -45.45 18.90 -5.84
CA ASP F 256 -44.48 17.81 -5.99
C ASP F 256 -43.45 18.25 -7.04
N VAL F 257 -42.17 18.33 -6.66
CA VAL F 257 -41.07 18.85 -7.51
C VAL F 257 -39.84 17.96 -7.67
N LEU F 258 -39.13 18.17 -8.77
CA LEU F 258 -37.87 17.49 -9.09
C LEU F 258 -36.72 18.47 -8.91
N LEU F 259 -35.71 18.09 -8.13
CA LEU F 259 -34.50 18.89 -7.88
C LEU F 259 -33.28 18.12 -8.38
N PHE F 260 -32.63 18.61 -9.43
CA PHE F 260 -31.43 17.99 -10.01
C PHE F 260 -30.18 18.74 -9.61
N ILE F 261 -29.13 18.03 -9.19
CA ILE F 261 -27.84 18.63 -8.86
C ILE F 261 -26.72 17.84 -9.56
N ASP F 262 -26.05 18.40 -10.59
CA ASP F 262 -24.97 17.71 -11.31
C ASP F 262 -23.72 17.49 -10.45
N ASN F 263 -23.45 18.33 -9.43
CA ASN F 263 -22.31 18.01 -8.58
C ASN F 263 -22.32 18.57 -7.15
N ILE F 264 -22.49 17.70 -6.16
CA ILE F 264 -22.45 18.09 -4.73
C ILE F 264 -21.02 17.94 -4.17
N PHE F 265 -20.14 17.24 -4.88
CA PHE F 265 -18.73 17.12 -4.48
C PHE F 265 -18.05 18.50 -4.51
N ARG F 266 -18.38 19.33 -5.51
CA ARG F 266 -17.82 20.67 -5.68
C ARG F 266 -18.17 21.57 -4.49
N PHE F 267 -19.36 21.39 -3.93
CA PHE F 267 -19.82 22.08 -2.72
C PHE F 267 -18.91 21.73 -1.52
N ALA F 268 -18.49 20.46 -1.39
CA ALA F 268 -17.59 20.00 -0.35
C ALA F 268 -16.16 20.55 -0.53
N GLN F 269 -15.59 20.47 -1.74
CA GLN F 269 -14.26 21.03 -2.06
C GLN F 269 -14.20 22.53 -1.86
N ALA F 270 -15.25 23.27 -2.19
CA ALA F 270 -15.26 24.71 -1.96
C ALA F 270 -15.13 25.02 -0.47
N GLY F 271 -15.73 24.21 0.42
CA GLY F 271 -15.58 24.36 1.87
C GLY F 271 -14.16 23.99 2.31
N SER F 272 -13.53 23.00 1.66
CA SER F 272 -12.15 22.60 1.94
C SER F 272 -11.16 23.72 1.59
N GLU F 273 -11.28 24.32 0.40
CA GLU F 273 -10.42 25.44 -0.05
C GLU F 273 -10.47 26.62 0.92
N VAL F 274 -11.66 26.93 1.43
CA VAL F 274 -11.95 27.99 2.39
C VAL F 274 -11.39 27.77 3.80
N SER F 275 -11.45 26.54 4.32
CA SER F 275 -11.10 26.15 5.70
C SER F 275 -9.70 26.51 6.19
N ALA F 276 -8.66 26.36 5.36
CA ALA F 276 -7.30 26.70 5.77
C ALA F 276 -7.14 28.19 6.04
N LEU F 277 -7.71 29.03 5.16
CA LEU F 277 -7.68 30.48 5.24
C LEU F 277 -8.52 31.02 6.40
N LEU F 278 -9.56 30.29 6.84
CA LEU F 278 -10.36 30.69 8.00
C LEU F 278 -9.59 30.54 9.32
N GLY F 279 -8.55 29.68 9.36
CA GLY F 279 -7.70 29.39 10.52
C GLY F 279 -7.99 28.06 11.24
N ARG F 280 -8.68 27.12 10.59
CA ARG F 280 -9.02 25.80 11.12
C ARG F 280 -7.94 24.73 10.96
N MET F 281 -7.87 23.77 11.87
CA MET F 281 -7.00 22.60 11.77
C MET F 281 -7.55 21.62 10.75
N PRO F 282 -6.72 21.04 9.88
CA PRO F 282 -7.19 20.10 8.86
C PRO F 282 -7.51 18.73 9.44
N SER F 283 -8.30 17.93 8.75
CA SER F 283 -8.61 16.54 9.11
C SER F 283 -8.00 15.56 8.09
N GLU F 284 -8.54 14.35 7.98
CA GLU F 284 -8.09 13.33 7.03
C GLU F 284 -8.09 13.86 5.57
N VAL F 285 -7.07 13.53 4.79
CA VAL F 285 -6.80 13.95 3.41
C VAL F 285 -6.91 15.47 3.20
N GLY F 286 -6.59 16.29 4.21
CA GLY F 286 -6.66 17.75 4.15
C GLY F 286 -8.05 18.41 4.27
N TYR F 287 -9.14 17.67 4.42
CA TYR F 287 -10.50 18.23 4.52
C TYR F 287 -10.77 19.04 5.78
N GLN F 288 -11.86 19.82 5.78
CA GLN F 288 -12.29 20.64 6.91
C GLN F 288 -12.82 19.77 8.08
N PRO F 289 -12.69 20.21 9.35
CA PRO F 289 -13.18 19.43 10.49
C PRO F 289 -14.71 19.33 10.54
N THR F 290 -15.42 20.24 9.85
CA THR F 290 -16.87 20.37 9.77
C THR F 290 -17.55 19.67 8.58
N LEU F 291 -16.88 18.79 7.84
CA LEU F 291 -17.41 18.16 6.62
C LEU F 291 -18.79 17.48 6.73
N ALA F 292 -19.02 16.60 7.71
CA ALA F 292 -20.31 15.93 7.91
C ALA F 292 -21.45 16.88 8.30
N THR F 293 -21.15 17.92 9.08
CA THR F 293 -22.14 18.93 9.50
C THR F 293 -22.61 19.74 8.29
N GLU F 294 -21.67 20.18 7.43
CA GLU F 294 -21.96 20.96 6.22
C GLU F 294 -22.76 20.13 5.20
N MET F 295 -22.46 18.85 5.00
CA MET F 295 -23.25 18.02 4.10
C MET F 295 -24.68 17.80 4.63
N ALA F 296 -24.87 17.67 5.95
CA ALA F 296 -26.18 17.53 6.58
C ALA F 296 -27.01 18.82 6.52
N GLU F 297 -26.42 20.02 6.59
CA GLU F 297 -27.13 21.30 6.41
C GLU F 297 -27.81 21.38 5.02
N LEU F 298 -27.21 20.77 3.99
CA LEU F 298 -27.78 20.73 2.64
C LEU F 298 -28.76 19.57 2.49
N GLN F 299 -28.34 18.34 2.81
CA GLN F 299 -29.14 17.14 2.63
C GLN F 299 -30.38 16.97 3.53
N GLU F 300 -30.45 17.51 4.76
CA GLU F 300 -31.65 17.37 5.60
C GLU F 300 -32.86 18.20 5.15
N ARG F 301 -32.63 19.27 4.38
CA ARG F 301 -33.68 20.12 3.78
C ARG F 301 -34.35 19.50 2.55
N ILE F 302 -33.68 18.59 1.87
CA ILE F 302 -34.17 17.89 0.67
C ILE F 302 -34.99 16.66 1.12
N THR F 303 -36.23 16.89 1.57
CA THR F 303 -37.16 15.86 2.07
C THR F 303 -38.62 16.16 1.69
N SER F 304 -39.49 15.13 1.67
CA SER F 304 -40.92 15.27 1.45
C SER F 304 -41.63 15.38 2.81
N THR F 305 -42.61 16.28 2.92
CA THR F 305 -43.37 16.52 4.16
C THR F 305 -44.87 16.34 3.94
N ARG F 306 -45.71 16.63 4.95
CA ARG F 306 -47.17 16.52 4.82
C ARG F 306 -47.81 17.61 3.93
N ARG F 307 -47.05 18.63 3.54
CA ARG F 307 -47.47 19.77 2.69
C ARG F 307 -47.24 19.48 1.21
N GLY F 308 -46.08 18.91 0.87
CA GLY F 308 -45.70 18.56 -0.49
C GLY F 308 -44.45 17.68 -0.56
N SER F 309 -43.86 17.52 -1.74
CA SER F 309 -42.74 16.59 -1.95
C SER F 309 -41.59 17.10 -2.82
N ILE F 310 -40.35 16.77 -2.44
CA ILE F 310 -39.13 17.06 -3.20
C ILE F 310 -38.43 15.73 -3.50
N THR F 311 -38.33 15.34 -4.76
CA THR F 311 -37.58 14.15 -5.20
C THR F 311 -36.29 14.69 -5.82
N SER F 312 -35.13 14.07 -5.54
CA SER F 312 -33.86 14.61 -6.05
C SER F 312 -32.90 13.57 -6.62
N VAL F 313 -32.30 13.93 -7.75
CA VAL F 313 -31.28 13.18 -8.46
C VAL F 313 -30.01 14.01 -8.33
N GLN F 314 -28.95 13.40 -7.82
CA GLN F 314 -27.69 14.07 -7.56
C GLN F 314 -26.51 13.28 -8.13
N ALA F 315 -25.51 13.98 -8.65
CA ALA F 315 -24.27 13.37 -9.13
C ALA F 315 -23.13 13.75 -8.19
N ILE F 316 -22.27 12.77 -7.89
CA ILE F 316 -21.16 12.90 -6.96
C ILE F 316 -19.87 12.45 -7.64
N TYR F 317 -18.94 13.38 -7.82
CA TYR F 317 -17.64 13.07 -8.39
C TYR F 317 -16.78 12.35 -7.33
N VAL F 318 -16.12 11.25 -7.72
CA VAL F 318 -15.23 10.42 -6.90
C VAL F 318 -13.76 10.68 -7.32
N PRO F 319 -12.97 11.48 -6.59
CA PRO F 319 -11.58 11.77 -6.96
C PRO F 319 -10.67 10.55 -6.98
N ALA F 320 -9.79 10.46 -7.98
CA ALA F 320 -8.85 9.36 -8.13
C ALA F 320 -9.50 7.95 -8.06
N ASP F 321 -10.80 7.83 -8.36
CA ASP F 321 -11.61 6.60 -8.31
C ASP F 321 -11.72 5.92 -6.91
N ASP F 322 -11.34 6.60 -5.84
CA ASP F 322 -11.40 6.10 -4.46
C ASP F 322 -12.68 6.47 -3.68
N LEU F 323 -13.60 5.52 -3.48
CA LEU F 323 -14.83 5.74 -2.71
C LEU F 323 -14.60 5.98 -1.21
N THR F 324 -13.39 5.76 -0.68
CA THR F 324 -13.09 5.92 0.74
C THR F 324 -12.74 7.35 1.13
N ASP F 325 -12.67 8.25 0.15
CA ASP F 325 -12.41 9.66 0.31
C ASP F 325 -13.48 10.34 1.19
N PRO F 326 -13.11 11.18 2.17
CA PRO F 326 -14.06 11.85 3.04
C PRO F 326 -15.32 12.46 2.41
N ALA F 327 -15.25 13.11 1.24
CA ALA F 327 -16.44 13.70 0.60
C ALA F 327 -17.45 12.65 0.09
N PRO F 328 -17.11 11.69 -0.80
CA PRO F 328 -18.04 10.64 -1.18
C PRO F 328 -18.50 9.80 0.02
N ALA F 329 -17.59 9.48 0.97
CA ALA F 329 -17.88 8.66 2.15
C ALA F 329 -18.97 9.28 3.04
N THR F 330 -18.85 10.56 3.36
CA THR F 330 -19.81 11.36 4.13
C THR F 330 -21.21 11.42 3.51
N THR F 331 -21.30 11.39 2.17
CA THR F 331 -22.56 11.51 1.42
C THR F 331 -23.45 10.26 1.45
N PHE F 332 -22.90 9.04 1.47
CA PHE F 332 -23.71 7.81 1.42
C PHE F 332 -24.78 7.67 2.51
N ALA F 333 -24.56 8.21 3.72
CA ALA F 333 -25.51 8.18 4.82
C ALA F 333 -26.86 8.87 4.55
N HIS F 334 -26.90 9.83 3.63
CA HIS F 334 -28.06 10.66 3.31
C HIS F 334 -28.95 10.16 2.18
N LEU F 335 -28.50 9.21 1.36
CA LEU F 335 -29.22 8.73 0.17
C LEU F 335 -30.12 7.51 0.39
N ASP F 336 -31.29 7.51 -0.24
CA ASP F 336 -32.29 6.43 -0.27
C ASP F 336 -32.00 5.41 -1.38
N ALA F 337 -31.26 5.80 -2.40
CA ALA F 337 -30.80 4.95 -3.48
C ALA F 337 -29.40 5.44 -3.87
N THR F 338 -28.51 4.50 -4.17
CA THR F 338 -27.11 4.78 -4.52
C THR F 338 -26.71 3.97 -5.74
N ILE F 339 -26.26 4.66 -6.79
CA ILE F 339 -25.83 4.09 -8.05
C ILE F 339 -24.33 4.37 -8.16
N VAL F 340 -23.50 3.34 -8.33
CA VAL F 340 -22.04 3.47 -8.50
C VAL F 340 -21.66 3.09 -9.92
N LEU F 341 -20.89 3.93 -10.62
CA LEU F 341 -20.46 3.72 -12.01
C LEU F 341 -19.01 3.22 -12.04
N SER F 342 -18.74 2.13 -12.76
CA SER F 342 -17.42 1.50 -12.82
C SER F 342 -16.61 1.74 -14.11
N ARG F 343 -15.33 2.15 -14.04
CA ARG F 343 -14.50 2.31 -15.24
C ARG F 343 -14.33 1.00 -15.98
N GLU F 344 -14.26 -0.12 -15.28
CA GLU F 344 -14.11 -1.42 -15.91
C GLU F 344 -15.27 -1.72 -16.87
N LEU F 345 -16.48 -1.25 -16.54
CA LEU F 345 -17.63 -1.43 -17.44
C LEU F 345 -17.57 -0.43 -18.60
N ALA F 346 -17.23 0.83 -18.33
CA ALA F 346 -17.12 1.87 -19.34
C ALA F 346 -16.04 1.56 -20.39
N GLU F 347 -14.86 1.11 -19.96
CA GLU F 347 -13.73 0.74 -20.83
C GLU F 347 -14.03 -0.47 -21.70
N LYS F 348 -15.04 -1.25 -21.32
CA LYS F 348 -15.51 -2.43 -22.04
C LYS F 348 -16.69 -2.11 -22.96
N GLY F 349 -17.10 -0.83 -23.05
CA GLY F 349 -18.17 -0.34 -23.89
C GLY F 349 -19.60 -0.54 -23.36
N ILE F 350 -19.78 -1.05 -22.14
CA ILE F 350 -21.10 -1.25 -21.54
C ILE F 350 -21.54 0.04 -20.86
N TYR F 351 -22.57 0.68 -21.39
CA TYR F 351 -23.16 1.93 -20.89
C TYR F 351 -24.63 1.67 -20.53
N PRO F 352 -25.19 2.31 -19.48
CA PRO F 352 -24.64 3.36 -18.61
C PRO F 352 -23.49 3.04 -17.62
N ALA F 353 -22.89 1.85 -17.61
CA ALA F 353 -21.73 1.50 -16.75
C ALA F 353 -22.00 1.39 -15.23
N VAL F 354 -23.27 1.22 -14.85
CA VAL F 354 -23.68 1.05 -13.44
C VAL F 354 -23.20 -0.30 -12.94
N ASP F 355 -22.52 -0.34 -11.79
CA ASP F 355 -22.02 -1.55 -11.14
C ASP F 355 -23.17 -2.31 -10.46
N PRO F 356 -23.58 -3.50 -10.94
CA PRO F 356 -24.70 -4.24 -10.38
C PRO F 356 -24.52 -4.72 -8.94
N LEU F 357 -23.28 -4.88 -8.47
CA LEU F 357 -23.03 -5.39 -7.13
C LEU F 357 -22.88 -4.31 -6.07
N GLN F 358 -22.68 -3.05 -6.41
CA GLN F 358 -22.59 -1.96 -5.43
C GLN F 358 -23.79 -1.02 -5.45
N SER F 359 -24.64 -1.08 -6.47
CA SER F 359 -25.85 -0.24 -6.57
C SER F 359 -26.99 -0.85 -5.74
N THR F 360 -27.72 -0.05 -4.94
CA THR F 360 -28.82 -0.49 -4.05
C THR F 360 -29.88 0.60 -3.80
N SER F 361 -31.06 0.24 -3.29
CA SER F 361 -32.08 1.21 -2.85
C SER F 361 -32.92 0.70 -1.67
N ARG F 362 -33.46 1.63 -0.87
CA ARG F 362 -34.30 1.40 0.32
C ARG F 362 -35.56 0.60 -0.01
N ILE F 363 -36.06 0.81 -1.22
CA ILE F 363 -37.29 0.25 -1.77
C ILE F 363 -37.14 -1.21 -2.20
N MET F 364 -35.94 -1.77 -2.27
CA MET F 364 -35.72 -3.15 -2.69
C MET F 364 -36.09 -4.20 -1.59
N ASP F 365 -37.34 -4.18 -1.12
CA ASP F 365 -37.91 -5.05 -0.08
C ASP F 365 -39.11 -5.88 -0.59
N PRO F 366 -39.31 -7.13 -0.14
CA PRO F 366 -40.47 -7.94 -0.53
C PRO F 366 -41.83 -7.30 -0.20
N ARG F 367 -41.85 -6.35 0.74
CA ARG F 367 -43.04 -5.59 1.18
C ARG F 367 -43.40 -4.40 0.29
N ILE F 368 -42.48 -3.95 -0.58
CA ILE F 368 -42.62 -2.77 -1.45
C ILE F 368 -42.61 -3.10 -2.95
N VAL F 369 -42.09 -4.27 -3.35
CA VAL F 369 -42.10 -4.72 -4.75
C VAL F 369 -42.59 -6.16 -4.85
N SER F 370 -43.14 -6.50 -6.01
CA SER F 370 -43.69 -7.81 -6.34
C SER F 370 -42.73 -8.97 -6.12
N GLU F 371 -43.27 -10.16 -5.81
CA GLU F 371 -42.49 -11.39 -5.62
C GLU F 371 -41.61 -11.69 -6.86
N GLU F 372 -42.15 -11.49 -8.06
CA GLU F 372 -41.45 -11.74 -9.32
C GLU F 372 -40.28 -10.79 -9.56
N HIS F 373 -40.40 -9.53 -9.11
CA HIS F 373 -39.38 -8.51 -9.22
C HIS F 373 -38.25 -8.82 -8.25
N TYR F 374 -38.60 -9.11 -6.99
CA TYR F 374 -37.66 -9.42 -5.93
C TYR F 374 -36.82 -10.67 -6.30
N GLU F 375 -37.46 -11.74 -6.76
CA GLU F 375 -36.83 -12.98 -7.17
C GLU F 375 -35.91 -12.79 -8.38
N VAL F 376 -36.28 -11.97 -9.38
CA VAL F 376 -35.44 -11.77 -10.56
C VAL F 376 -34.19 -10.96 -10.20
N ALA F 377 -34.35 -9.87 -9.45
CA ALA F 377 -33.22 -9.07 -8.99
C ALA F 377 -32.25 -9.90 -8.12
N ARG F 378 -32.77 -10.77 -7.25
CA ARG F 378 -31.96 -11.65 -6.41
C ARG F 378 -31.11 -12.58 -7.26
N ARG F 379 -31.73 -13.25 -8.24
CA ARG F 379 -31.05 -14.16 -9.16
C ARG F 379 -30.01 -13.45 -10.03
N VAL F 380 -30.22 -12.20 -10.45
CA VAL F 380 -29.25 -11.41 -11.23
C VAL F 380 -28.01 -11.07 -10.40
N ARG F 381 -28.21 -10.52 -9.19
CA ARG F 381 -27.09 -10.14 -8.31
C ARG F 381 -26.24 -11.36 -7.95
N GLU F 382 -26.87 -12.49 -7.68
CA GLU F 382 -26.17 -13.73 -7.34
C GLU F 382 -25.35 -14.29 -8.50
N ILE F 383 -25.89 -14.36 -9.71
CA ILE F 383 -25.15 -14.92 -10.86
C ILE F 383 -23.95 -14.04 -11.21
N LEU F 384 -24.07 -12.73 -11.10
CA LEU F 384 -22.96 -11.81 -11.35
C LEU F 384 -21.89 -11.96 -10.26
N GLN F 385 -22.25 -12.15 -8.99
CA GLN F 385 -21.27 -12.37 -7.93
C GLN F 385 -20.53 -13.70 -8.16
N ARG F 386 -21.24 -14.76 -8.55
CA ARG F 386 -20.60 -16.06 -8.85
C ARG F 386 -19.63 -15.95 -10.02
N TYR F 387 -19.95 -15.16 -11.05
CA TYR F 387 -19.06 -14.89 -12.17
C TYR F 387 -17.83 -14.07 -11.73
N LYS F 388 -18.00 -13.09 -10.84
CA LYS F 388 -16.90 -12.30 -10.26
C LYS F 388 -15.95 -13.18 -9.44
N ASP F 389 -16.47 -14.16 -8.71
CA ASP F 389 -15.66 -15.10 -7.92
C ASP F 389 -14.89 -16.13 -8.77
N LEU F 390 -15.11 -16.21 -10.08
CA LEU F 390 -14.45 -17.19 -10.96
C LEU F 390 -13.44 -16.62 -11.93
N GLN F 391 -13.34 -15.31 -12.16
CA GLN F 391 -12.37 -14.80 -13.14
C GLN F 391 -10.90 -15.11 -12.80
N ASP F 392 -10.55 -15.42 -11.55
CA ASP F 392 -9.19 -15.88 -11.20
C ASP F 392 -9.00 -17.34 -11.64
N ILE F 393 -9.90 -18.24 -11.26
CA ILE F 393 -9.82 -19.65 -11.62
C ILE F 393 -9.77 -19.85 -13.13
N ILE F 394 -10.57 -19.07 -13.89
CA ILE F 394 -10.57 -19.11 -15.36
C ILE F 394 -9.25 -18.56 -15.94
N ALA F 395 -8.47 -17.77 -15.17
CA ALA F 395 -7.19 -17.23 -15.62
C ALA F 395 -6.05 -18.23 -15.35
N ILE F 396 -6.08 -18.91 -14.20
CA ILE F 396 -5.09 -19.91 -13.82
C ILE F 396 -5.27 -21.24 -14.55
N LEU F 397 -6.50 -21.74 -14.71
CA LEU F 397 -6.79 -23.00 -15.39
C LEU F 397 -7.61 -22.72 -16.67
N GLY F 398 -7.55 -23.62 -17.65
CA GLY F 398 -8.29 -23.47 -18.91
C GLY F 398 -9.82 -23.50 -18.70
N MET F 399 -10.60 -22.78 -19.50
CA MET F 399 -12.06 -22.79 -19.33
C MET F 399 -12.64 -24.22 -19.50
N GLU F 400 -11.95 -25.12 -20.20
CA GLU F 400 -12.38 -26.51 -20.37
C GLU F 400 -12.25 -27.35 -19.08
N GLU F 401 -11.71 -26.76 -17.99
CA GLU F 401 -11.53 -27.40 -16.69
C GLU F 401 -12.65 -27.04 -15.68
N LEU F 402 -13.49 -26.06 -15.99
CA LEU F 402 -14.65 -25.63 -15.18
C LEU F 402 -15.81 -26.62 -15.38
N SER F 403 -16.61 -26.86 -14.34
CA SER F 403 -17.77 -27.76 -14.40
C SER F 403 -18.89 -27.20 -15.29
N GLU F 404 -19.82 -28.05 -15.73
CA GLU F 404 -20.96 -27.66 -16.57
C GLU F 404 -21.80 -26.54 -15.95
N GLU F 405 -22.04 -26.58 -14.65
CA GLU F 405 -22.80 -25.56 -13.93
C GLU F 405 -22.08 -24.20 -14.00
N ASP F 406 -20.78 -24.17 -13.71
CA ASP F 406 -19.98 -22.95 -13.78
C ASP F 406 -19.87 -22.45 -15.24
N LYS F 407 -19.83 -23.37 -16.21
CA LYS F 407 -19.76 -23.06 -17.64
C LYS F 407 -21.03 -22.32 -18.06
N LEU F 408 -22.21 -22.77 -17.64
CA LEU F 408 -23.48 -22.12 -17.92
C LEU F 408 -23.59 -20.78 -17.18
N ILE F 409 -23.13 -20.73 -15.93
CA ILE F 409 -23.17 -19.52 -15.12
C ILE F 409 -22.34 -18.44 -15.81
N VAL F 410 -21.18 -18.77 -16.39
CA VAL F 410 -20.37 -17.78 -17.13
C VAL F 410 -21.15 -17.29 -18.35
N GLN F 411 -21.70 -18.18 -19.19
CA GLN F 411 -22.45 -17.75 -20.36
C GLN F 411 -23.67 -16.88 -20.01
N ARG F 412 -24.42 -17.22 -18.97
CA ARG F 412 -25.57 -16.41 -18.55
C ARG F 412 -25.12 -15.08 -17.98
N ALA F 413 -24.09 -15.03 -17.17
CA ALA F 413 -23.58 -13.77 -16.63
C ALA F 413 -23.08 -12.85 -17.76
N ARG F 414 -22.46 -13.42 -18.80
CA ARG F 414 -21.98 -12.69 -19.97
C ARG F 414 -23.17 -12.05 -20.68
N LYS F 415 -24.25 -12.80 -20.94
CA LYS F 415 -25.46 -12.27 -21.61
C LYS F 415 -26.13 -11.18 -20.76
N ILE F 416 -26.26 -11.39 -19.44
CA ILE F 416 -26.88 -10.45 -18.50
C ILE F 416 -26.13 -9.12 -18.39
N GLN F 417 -24.81 -9.11 -18.25
CA GLN F 417 -24.04 -7.87 -18.10
C GLN F 417 -24.23 -6.92 -19.29
N ARG F 418 -24.37 -7.45 -20.51
CA ARG F 418 -24.64 -6.63 -21.69
C ARG F 418 -26.12 -6.41 -21.94
N PHE F 419 -27.04 -7.26 -21.46
CA PHE F 419 -28.48 -6.98 -21.59
C PHE F 419 -28.91 -5.81 -20.69
N LEU F 420 -28.10 -5.50 -19.68
CA LEU F 420 -28.21 -4.33 -18.81
C LEU F 420 -27.83 -3.05 -19.60
N SER F 421 -27.16 -3.14 -20.76
CA SER F 421 -26.83 -1.97 -21.59
C SER F 421 -28.06 -1.48 -22.37
N GLN F 422 -28.16 -0.18 -22.65
CA GLN F 422 -29.30 0.42 -23.35
C GLN F 422 -28.90 1.71 -24.09
N PRO F 423 -29.36 1.95 -25.33
CA PRO F 423 -29.09 3.19 -26.04
C PRO F 423 -30.04 4.28 -25.55
N PHE F 424 -29.50 5.39 -25.10
CA PHE F 424 -30.26 6.53 -24.61
C PHE F 424 -30.62 7.52 -25.72
N HIS F 425 -31.73 8.27 -25.58
CA HIS F 425 -32.12 9.30 -26.55
C HIS F 425 -31.13 10.48 -26.52
N VAL F 426 -30.65 10.86 -25.33
CA VAL F 426 -29.70 11.97 -25.13
C VAL F 426 -28.26 11.66 -25.56
N ALA F 427 -27.98 10.44 -26.00
CA ALA F 427 -26.66 9.95 -26.40
C ALA F 427 -26.53 9.56 -27.88
N GLU F 428 -27.47 9.93 -28.77
CA GLU F 428 -27.43 9.58 -30.20
C GLU F 428 -26.14 9.99 -30.93
N HIS F 429 -25.42 11.01 -30.44
CA HIS F 429 -24.15 11.46 -31.00
C HIS F 429 -23.01 10.46 -30.71
N PHE F 430 -23.07 9.76 -29.58
CA PHE F 430 -22.06 8.79 -29.14
C PHE F 430 -22.36 7.34 -29.49
N THR F 431 -23.63 6.92 -29.43
CA THR F 431 -24.01 5.51 -29.65
C THR F 431 -24.32 5.11 -31.09
N GLY F 432 -24.63 6.06 -31.98
CA GLY F 432 -24.95 5.76 -33.39
C GLY F 432 -26.24 4.98 -33.60
N ARG F 433 -27.10 4.87 -32.57
CA ARG F 433 -28.38 4.16 -32.54
C ARG F 433 -29.51 5.12 -32.14
N PRO F 434 -30.76 4.87 -32.57
CA PRO F 434 -31.91 5.74 -32.31
C PRO F 434 -32.20 6.17 -30.86
N GLY F 435 -32.15 5.26 -29.90
CA GLY F 435 -32.50 5.51 -28.48
C GLY F 435 -33.78 4.75 -28.11
N LYS F 436 -33.86 4.16 -26.91
CA LYS F 436 -35.00 3.31 -26.47
C LYS F 436 -35.46 3.57 -25.03
N TYR F 437 -36.74 3.33 -24.77
CA TYR F 437 -37.41 3.43 -23.47
C TYR F 437 -38.03 2.06 -23.15
N VAL F 438 -37.70 1.47 -22.00
CA VAL F 438 -38.15 0.13 -21.61
C VAL F 438 -39.07 0.14 -20.39
N PRO F 439 -40.30 -0.41 -20.44
CA PRO F 439 -41.19 -0.47 -19.29
C PRO F 439 -40.77 -1.60 -18.31
N ILE F 440 -41.07 -1.45 -17.01
CA ILE F 440 -40.70 -2.41 -15.95
C ILE F 440 -41.10 -3.84 -16.29
N GLU F 441 -42.29 -4.05 -16.84
CA GLU F 441 -42.79 -5.38 -17.21
C GLU F 441 -41.85 -6.10 -18.18
N ASP F 442 -41.34 -5.41 -19.19
CA ASP F 442 -40.41 -5.99 -20.15
C ASP F 442 -39.00 -6.14 -19.57
N THR F 443 -38.61 -5.36 -18.56
CA THR F 443 -37.31 -5.58 -17.90
C THR F 443 -37.35 -6.90 -17.13
N ILE F 444 -38.36 -7.10 -16.28
CA ILE F 444 -38.52 -8.29 -15.46
C ILE F 444 -38.68 -9.52 -16.35
N ARG F 445 -39.55 -9.47 -17.34
CA ARG F 445 -39.78 -10.56 -18.30
C ARG F 445 -38.48 -10.91 -19.05
N GLY F 446 -37.71 -9.89 -19.45
CA GLY F 446 -36.45 -10.04 -20.14
C GLY F 446 -35.40 -10.81 -19.32
N PHE F 447 -35.06 -10.33 -18.12
CA PHE F 447 -34.09 -11.01 -17.28
C PHE F 447 -34.55 -12.41 -16.86
N LYS F 448 -35.83 -12.61 -16.53
CA LYS F 448 -36.36 -13.94 -16.20
C LYS F 448 -36.14 -14.92 -17.34
N GLU F 449 -36.35 -14.50 -18.58
CA GLU F 449 -36.20 -15.37 -19.74
C GLU F 449 -34.74 -15.81 -19.98
N ILE F 450 -33.75 -14.99 -19.63
CA ILE F 450 -32.31 -15.31 -19.72
C ILE F 450 -31.91 -16.21 -18.54
N LEU F 451 -32.30 -15.84 -17.31
CA LEU F 451 -32.02 -16.61 -16.09
C LEU F 451 -32.54 -18.03 -16.17
N ASP F 452 -33.75 -18.23 -16.72
CA ASP F 452 -34.38 -19.54 -16.88
C ASP F 452 -33.80 -20.37 -18.05
N GLY F 453 -32.81 -19.86 -18.78
CA GLY F 453 -32.13 -20.57 -19.87
C GLY F 453 -32.91 -20.78 -21.16
N LYS F 454 -33.97 -20.01 -21.43
CA LYS F 454 -34.74 -20.14 -22.69
C LYS F 454 -33.95 -19.63 -23.91
N LEU F 455 -32.99 -18.73 -23.67
CA LEU F 455 -32.15 -18.06 -24.65
C LEU F 455 -30.68 -18.51 -24.63
N ASP F 456 -30.39 -19.76 -24.27
CA ASP F 456 -29.00 -20.27 -24.25
C ASP F 456 -28.41 -20.33 -25.68
N ASP F 457 -29.22 -20.67 -26.69
CA ASP F 457 -28.81 -20.74 -28.11
C ASP F 457 -28.84 -19.39 -28.87
N VAL F 458 -28.48 -18.29 -28.21
CA VAL F 458 -28.44 -16.93 -28.78
C VAL F 458 -27.07 -16.30 -28.46
N PRO F 459 -26.36 -15.69 -29.42
CA PRO F 459 -25.03 -15.12 -29.19
C PRO F 459 -25.03 -13.94 -28.22
N GLU F 460 -23.97 -13.79 -27.41
CA GLU F 460 -23.86 -12.70 -26.44
C GLU F 460 -23.98 -11.32 -27.11
N GLN F 461 -23.44 -11.20 -28.32
CA GLN F 461 -23.43 -9.96 -29.10
C GLN F 461 -24.83 -9.45 -29.47
N ALA F 462 -25.84 -10.30 -29.48
CA ALA F 462 -27.23 -9.91 -29.77
C ALA F 462 -27.88 -9.14 -28.60
N PHE F 463 -27.38 -9.27 -27.37
CA PHE F 463 -27.91 -8.60 -26.17
C PHE F 463 -27.34 -7.21 -25.94
N TYR F 464 -26.29 -6.82 -26.66
CA TYR F 464 -25.67 -5.51 -26.52
C TYR F 464 -26.45 -4.42 -27.25
N MET F 465 -26.69 -3.28 -26.60
CA MET F 465 -27.37 -2.10 -27.15
C MET F 465 -28.80 -2.27 -27.69
N VAL F 466 -29.58 -3.21 -27.15
CA VAL F 466 -30.99 -3.44 -27.50
C VAL F 466 -31.87 -3.05 -26.32
N GLY F 467 -33.02 -2.40 -26.53
CA GLY F 467 -33.88 -1.99 -25.42
C GLY F 467 -34.66 -3.15 -24.78
N THR F 468 -35.23 -4.04 -25.58
CA THR F 468 -36.06 -5.15 -25.10
C THR F 468 -35.65 -6.50 -25.67
N ILE F 469 -36.15 -7.58 -25.08
CA ILE F 469 -35.80 -8.96 -25.44
C ILE F 469 -36.22 -9.37 -26.86
N GLU F 470 -37.37 -8.91 -27.36
CA GLU F 470 -37.83 -9.24 -28.71
C GLU F 470 -36.84 -8.69 -29.76
N GLU F 471 -36.22 -7.54 -29.48
CA GLU F 471 -35.21 -6.91 -30.31
C GLU F 471 -33.95 -7.77 -30.37
N ALA F 472 -33.52 -8.35 -29.25
CA ALA F 472 -32.33 -9.21 -29.20
C ALA F 472 -32.51 -10.38 -30.16
N VAL F 473 -33.71 -10.97 -30.18
CA VAL F 473 -34.03 -12.08 -31.07
C VAL F 473 -34.04 -11.66 -32.54
N GLU F 474 -34.50 -10.47 -32.94
CA GLU F 474 -34.39 -10.06 -34.35
C GLU F 474 -32.96 -9.63 -34.68
N LYS F 475 -32.20 -9.13 -33.71
CA LYS F 475 -30.80 -8.80 -33.89
C LYS F 475 -29.98 -10.06 -34.15
N ALA F 476 -30.39 -11.20 -33.60
CA ALA F 476 -29.79 -12.49 -33.91
C ALA F 476 -30.16 -12.91 -35.35
N LYS F 477 -31.40 -12.66 -35.81
CA LYS F 477 -31.84 -12.96 -37.20
C LYS F 477 -31.10 -12.11 -38.23
N LYS F 478 -30.74 -10.88 -37.89
CA LYS F 478 -30.02 -9.99 -38.84
C LYS F 478 -28.62 -10.53 -39.07
N MET F 479 -28.21 -11.68 -38.52
CA MET F 479 -26.85 -12.24 -38.64
C MET F 479 -26.93 -13.75 -38.89
N LYS F 480 -27.52 -14.16 -40.03
CA LYS F 480 -27.70 -15.56 -40.45
C LYS F 480 -27.89 -16.55 -39.29
N SER G 3 -9.71 -1.98 -2.85
CA SER G 3 -9.32 -2.03 -1.42
C SER G 3 -8.12 -2.94 -1.22
N LEU G 4 -7.22 -2.62 -0.27
CA LEU G 4 -6.01 -3.41 0.01
C LEU G 4 -6.36 -4.84 0.46
N ARG G 5 -7.45 -4.98 1.23
CA ARG G 5 -7.97 -6.27 1.75
C ARG G 5 -8.40 -7.20 0.63
N ASP G 6 -9.00 -6.68 -0.43
CA ASP G 6 -9.42 -7.48 -1.58
C ASP G 6 -8.18 -8.03 -2.29
N ILE G 7 -7.14 -7.21 -2.48
CA ILE G 7 -5.88 -7.62 -3.10
C ILE G 7 -5.20 -8.67 -2.22
N LYS G 8 -5.07 -8.43 -0.92
CA LYS G 8 -4.44 -9.35 0.05
C LYS G 8 -5.14 -10.70 0.13
N THR G 9 -6.46 -10.73 0.21
CA THR G 9 -7.22 -11.99 0.24
C THR G 9 -7.09 -12.73 -1.09
N ARG G 10 -7.02 -12.01 -2.21
CA ARG G 10 -6.78 -12.58 -3.55
C ARG G 10 -5.37 -13.16 -3.66
N ILE G 11 -4.38 -12.52 -3.03
CA ILE G 11 -2.99 -13.03 -2.98
C ILE G 11 -2.99 -14.36 -2.21
N ASN G 12 -3.57 -14.43 -1.02
CA ASN G 12 -3.60 -15.66 -0.23
C ASN G 12 -4.27 -16.80 -1.01
N ALA G 13 -5.39 -16.54 -1.67
CA ALA G 13 -6.10 -17.54 -2.47
C ALA G 13 -5.24 -18.02 -3.64
N THR G 14 -4.67 -17.11 -4.44
CA THR G 14 -3.82 -17.47 -5.57
C THR G 14 -2.58 -18.25 -5.11
N LYS G 15 -1.97 -17.88 -3.97
CA LYS G 15 -0.81 -18.61 -3.40
C LYS G 15 -1.22 -20.04 -3.07
N LYS G 16 -2.40 -20.24 -2.46
CA LYS G 16 -2.92 -21.59 -2.18
C LYS G 16 -3.07 -22.36 -3.50
N THR G 17 -3.60 -21.74 -4.57
CA THR G 17 -3.71 -22.44 -5.87
C THR G 17 -2.34 -22.80 -6.43
N SER G 18 -1.33 -21.91 -6.34
CA SER G 18 0.03 -22.19 -6.80
C SER G 18 0.64 -23.41 -6.10
N GLN G 19 0.44 -23.50 -4.77
CA GLN G 19 0.91 -24.62 -3.96
C GLN G 19 0.23 -25.92 -4.41
N ILE G 20 -1.08 -25.87 -4.61
CA ILE G 20 -1.90 -26.98 -5.09
C ILE G 20 -1.44 -27.46 -6.46
N THR G 21 -1.22 -26.56 -7.43
CA THR G 21 -0.78 -26.95 -8.77
C THR G 21 0.64 -27.53 -8.76
N LYS G 22 1.58 -26.95 -8.00
CA LYS G 22 2.96 -27.48 -7.93
C LYS G 22 3.00 -28.89 -7.34
N ALA G 23 2.21 -29.13 -6.28
CA ALA G 23 2.13 -30.44 -5.65
C ALA G 23 1.68 -31.51 -6.66
N MET G 24 0.62 -31.23 -7.43
CA MET G 24 0.13 -32.16 -8.45
C MET G 24 1.09 -32.32 -9.63
N GLU G 25 1.85 -31.29 -10.01
CA GLU G 25 2.82 -31.36 -11.12
C GLU G 25 3.97 -32.33 -10.79
N MET G 26 4.57 -32.23 -9.59
CA MET G 26 5.67 -33.10 -9.20
C MET G 26 5.24 -34.55 -9.06
N VAL G 27 4.09 -34.85 -8.44
CA VAL G 27 3.63 -36.25 -8.38
C VAL G 27 3.34 -36.78 -9.79
N SER G 28 2.87 -35.95 -10.71
CA SER G 28 2.62 -36.39 -12.09
C SER G 28 3.95 -36.58 -12.84
N THR G 29 4.97 -35.80 -12.52
CA THR G 29 6.31 -35.91 -13.12
C THR G 29 6.91 -37.26 -12.72
N SER G 30 6.80 -37.60 -11.44
CA SER G 30 7.26 -38.89 -10.90
C SER G 30 6.53 -40.05 -11.57
N LYS G 31 5.21 -39.92 -11.78
CA LYS G 31 4.38 -40.93 -12.47
C LYS G 31 4.76 -41.07 -13.93
N LEU G 32 5.07 -39.97 -14.62
CA LEU G 32 5.48 -40.00 -16.04
C LEU G 32 6.81 -40.72 -16.23
N ASN G 33 7.80 -40.43 -15.40
CA ASN G 33 9.13 -41.06 -15.49
C ASN G 33 9.03 -42.59 -15.49
N ARG G 34 8.14 -43.14 -14.65
CA ARG G 34 7.87 -44.57 -14.57
C ARG G 34 7.03 -45.05 -15.76
N ALA G 35 5.93 -44.37 -16.07
CA ALA G 35 5.03 -44.76 -17.16
C ALA G 35 5.73 -44.79 -18.53
N GLU G 36 6.62 -43.84 -18.82
CA GLU G 36 7.36 -43.80 -20.07
C GLU G 36 8.28 -45.04 -20.18
N GLN G 37 8.95 -45.40 -19.08
CA GLN G 37 9.81 -46.57 -19.00
C GLN G 37 8.96 -47.85 -19.08
N ASN G 38 7.80 -47.90 -18.42
CA ASN G 38 6.91 -49.05 -18.45
C ASN G 38 6.42 -49.31 -19.87
N ALA G 39 5.93 -48.28 -20.58
CA ALA G 39 5.45 -48.43 -21.95
C ALA G 39 6.57 -48.99 -22.86
N LYS G 40 7.79 -48.45 -22.71
CA LYS G 40 8.98 -48.90 -23.46
C LYS G 40 9.36 -50.34 -23.11
N SER G 41 9.21 -50.73 -21.84
CA SER G 41 9.54 -52.09 -21.36
C SER G 41 8.66 -53.18 -21.97
N PHE G 42 7.41 -52.87 -22.32
CA PHE G 42 6.51 -53.85 -22.94
C PHE G 42 6.68 -53.94 -24.47
N VAL G 43 7.40 -53.00 -25.12
CA VAL G 43 7.65 -53.03 -26.57
C VAL G 43 8.12 -54.40 -27.08
N PRO G 44 9.13 -55.07 -26.49
CA PRO G 44 9.55 -56.38 -26.99
C PRO G 44 8.45 -57.44 -26.92
N TYR G 45 7.59 -57.41 -25.89
CA TYR G 45 6.46 -58.35 -25.79
C TYR G 45 5.41 -58.01 -26.88
N MET G 46 5.07 -56.73 -27.03
CA MET G 46 4.11 -56.27 -28.03
C MET G 46 4.59 -56.61 -29.46
N GLU G 47 5.90 -56.52 -29.72
CA GLU G 47 6.48 -56.86 -31.02
C GLU G 47 6.45 -58.39 -31.21
N LYS G 48 6.90 -59.18 -30.22
CA LYS G 48 6.90 -60.65 -30.31
C LYS G 48 5.52 -61.24 -30.50
N ILE G 49 4.50 -60.73 -29.79
CA ILE G 49 3.14 -61.24 -29.95
C ILE G 49 2.60 -60.88 -31.34
N GLN G 50 2.81 -59.65 -31.81
CA GLN G 50 2.37 -59.25 -33.15
C GLN G 50 3.05 -60.10 -34.23
N GLU G 51 4.34 -60.39 -34.09
CA GLU G 51 5.05 -61.25 -35.05
C GLU G 51 4.50 -62.69 -35.05
N VAL G 52 4.28 -63.32 -33.89
CA VAL G 52 3.76 -64.70 -33.91
C VAL G 52 2.31 -64.76 -34.40
N VAL G 53 1.42 -63.84 -33.98
CA VAL G 53 0.02 -63.90 -34.47
C VAL G 53 -0.07 -63.58 -35.96
N ALA G 54 0.71 -62.62 -36.46
CA ALA G 54 0.67 -62.28 -37.87
C ALA G 54 1.26 -63.41 -38.73
N ASN G 55 2.47 -63.88 -38.44
CA ASN G 55 3.10 -64.93 -39.25
C ASN G 55 2.35 -66.27 -39.20
N VAL G 56 1.61 -66.57 -38.11
CA VAL G 56 0.78 -67.78 -37.99
C VAL G 56 -0.53 -67.61 -38.79
N ALA G 57 -1.17 -66.44 -38.72
CA ALA G 57 -2.43 -66.16 -39.44
C ALA G 57 -2.25 -65.92 -40.96
N LEU G 58 -1.25 -65.14 -41.35
CA LEU G 58 -0.94 -64.79 -42.75
C LEU G 58 -0.27 -65.92 -43.52
N GLY G 59 0.59 -66.72 -42.87
CA GLY G 59 1.28 -67.85 -43.50
C GLY G 59 0.37 -69.07 -43.66
N ALA G 60 -0.54 -69.01 -44.64
CA ALA G 60 -1.52 -70.06 -44.95
C ALA G 60 -2.40 -70.49 -43.75
N GLY G 61 -2.72 -69.57 -42.85
CA GLY G 61 -3.56 -69.81 -41.66
C GLY G 61 -5.08 -69.82 -41.91
N GLY G 62 -5.51 -69.77 -43.17
CA GLY G 62 -6.91 -69.77 -43.59
C GLY G 62 -7.51 -68.37 -43.69
N ALA G 63 -8.51 -68.20 -44.56
CA ALA G 63 -9.20 -66.92 -44.81
C ALA G 63 -10.67 -66.88 -44.35
N SER G 64 -11.28 -68.02 -44.03
CA SER G 64 -12.69 -68.10 -43.59
C SER G 64 -12.90 -67.96 -42.07
N HIS G 65 -11.83 -67.84 -41.28
CA HIS G 65 -11.92 -67.68 -39.81
C HIS G 65 -12.65 -66.39 -39.42
N PRO G 66 -13.61 -66.40 -38.46
CA PRO G 66 -14.39 -65.22 -38.06
C PRO G 66 -13.64 -63.91 -37.80
N MET G 67 -12.41 -63.93 -37.30
CA MET G 67 -11.62 -62.71 -37.05
C MET G 67 -10.86 -62.22 -38.28
N LEU G 68 -10.57 -63.10 -39.25
CA LEU G 68 -9.82 -62.82 -40.47
C LEU G 68 -10.70 -62.59 -41.72
N VAL G 69 -11.90 -63.17 -41.74
CA VAL G 69 -12.85 -63.10 -42.87
C VAL G 69 -13.61 -61.77 -42.94
N SER G 70 -13.93 -61.32 -44.14
CA SER G 70 -14.72 -60.10 -44.36
C SER G 70 -16.20 -60.35 -44.01
N ARG G 71 -16.86 -59.35 -43.42
CA ARG G 71 -18.25 -59.42 -42.94
C ARG G 71 -18.99 -58.09 -43.15
N PRO G 72 -20.27 -58.07 -43.59
CA PRO G 72 -21.05 -56.83 -43.72
C PRO G 72 -21.17 -56.11 -42.37
N VAL G 73 -21.12 -54.78 -42.35
CA VAL G 73 -21.18 -53.98 -41.11
C VAL G 73 -22.51 -53.24 -40.94
N LYS G 74 -23.16 -53.47 -39.78
CA LYS G 74 -24.41 -52.83 -39.36
C LYS G 74 -24.32 -52.33 -37.91
N LYS G 75 -23.74 -53.13 -36.99
CA LYS G 75 -23.53 -52.78 -35.57
C LYS G 75 -22.04 -52.62 -35.28
N THR G 76 -21.63 -51.45 -34.79
CA THR G 76 -20.22 -51.11 -34.52
C THR G 76 -19.95 -50.82 -33.03
N GLY G 77 -18.85 -51.36 -32.51
CA GLY G 77 -18.39 -51.16 -31.13
C GLY G 77 -17.35 -50.05 -31.00
N TYR G 78 -17.42 -49.23 -29.95
CA TYR G 78 -16.51 -48.11 -29.67
C TYR G 78 -15.90 -48.18 -28.27
N LEU G 79 -14.57 -48.14 -28.15
CA LEU G 79 -13.82 -48.14 -26.89
C LEU G 79 -13.20 -46.76 -26.68
N VAL G 80 -13.56 -46.07 -25.60
CA VAL G 80 -13.07 -44.73 -25.27
C VAL G 80 -12.20 -44.75 -24.01
N ILE G 81 -11.01 -44.15 -24.06
CA ILE G 81 -10.09 -44.10 -22.92
C ILE G 81 -9.99 -42.67 -22.35
N THR G 82 -10.26 -42.50 -21.06
CA THR G 82 -10.22 -41.22 -20.34
C THR G 82 -9.62 -41.37 -18.94
N SER G 83 -9.19 -40.27 -18.31
CA SER G 83 -8.61 -40.32 -16.98
C SER G 83 -9.67 -40.35 -15.87
N ASP G 84 -9.40 -41.06 -14.76
CA ASP G 84 -10.31 -41.16 -13.61
C ASP G 84 -10.43 -39.85 -12.80
N ARG G 85 -9.57 -38.87 -13.09
CA ARG G 85 -9.49 -37.55 -12.46
C ARG G 85 -9.10 -36.51 -13.52
N GLY G 86 -9.44 -35.25 -13.33
CA GLY G 86 -9.19 -34.18 -14.29
C GLY G 86 -7.83 -33.47 -14.18
N LEU G 87 -7.89 -32.13 -14.34
CA LEU G 87 -6.78 -31.18 -14.29
C LEU G 87 -5.65 -31.44 -15.32
N ALA G 88 -5.96 -32.16 -16.39
CA ALA G 88 -5.06 -32.54 -17.48
C ALA G 88 -5.34 -31.79 -18.80
N GLY G 89 -5.92 -30.59 -18.71
CA GLY G 89 -6.24 -29.77 -19.87
C GLY G 89 -7.22 -30.46 -20.83
N ALA G 90 -6.98 -30.27 -22.13
CA ALA G 90 -7.80 -30.82 -23.21
C ALA G 90 -7.66 -32.35 -23.45
N TYR G 91 -6.93 -33.10 -22.62
CA TYR G 91 -6.73 -34.54 -22.79
C TYR G 91 -8.05 -35.32 -22.97
N ASN G 92 -9.04 -35.06 -22.09
CA ASN G 92 -10.34 -35.73 -22.13
C ASN G 92 -11.32 -35.09 -23.13
N SER G 93 -11.39 -33.76 -23.17
CA SER G 93 -12.31 -33.04 -24.08
C SER G 93 -12.04 -33.38 -25.55
N ASN G 94 -10.79 -33.52 -25.97
CA ASN G 94 -10.46 -33.85 -27.35
C ASN G 94 -11.03 -35.22 -27.78
N VAL G 95 -10.77 -36.29 -27.02
CA VAL G 95 -11.24 -37.64 -27.37
C VAL G 95 -12.76 -37.77 -27.24
N LEU G 96 -13.38 -37.14 -26.24
CA LEU G 96 -14.83 -37.19 -26.05
C LEU G 96 -15.57 -36.43 -27.15
N ARG G 97 -15.03 -35.28 -27.60
CA ARG G 97 -15.61 -34.51 -28.70
C ARG G 97 -15.47 -35.25 -30.03
N LEU G 98 -14.28 -35.78 -30.33
CA LEU G 98 -14.08 -36.53 -31.58
C LEU G 98 -14.89 -37.81 -31.66
N VAL G 99 -15.02 -38.60 -30.58
CA VAL G 99 -15.85 -39.81 -30.64
C VAL G 99 -17.32 -39.44 -30.82
N TYR G 100 -17.81 -38.39 -30.14
CA TYR G 100 -19.20 -37.94 -30.28
C TYR G 100 -19.47 -37.44 -31.72
N GLN G 101 -18.62 -36.55 -32.24
CA GLN G 101 -18.80 -36.01 -33.59
C GLN G 101 -18.66 -37.08 -34.68
N THR G 102 -17.76 -38.07 -34.52
CA THR G 102 -17.62 -39.12 -35.54
C THR G 102 -18.87 -40.02 -35.59
N ILE G 103 -19.50 -40.38 -34.46
CA ILE G 103 -20.74 -41.17 -34.53
C ILE G 103 -21.89 -40.30 -35.04
N GLN G 104 -21.96 -39.01 -34.64
CA GLN G 104 -23.00 -38.08 -35.07
C GLN G 104 -23.00 -37.89 -36.61
N LYS G 105 -21.83 -38.00 -37.25
CA LYS G 105 -21.66 -37.88 -38.71
C LYS G 105 -22.21 -39.06 -39.53
N ARG G 106 -22.68 -40.13 -38.88
CA ARG G 106 -23.24 -41.33 -39.53
C ARG G 106 -24.57 -41.82 -38.92
N HIS G 107 -24.64 -41.95 -37.60
CA HIS G 107 -25.85 -42.36 -36.87
C HIS G 107 -25.73 -42.02 -35.37
N ALA G 108 -26.55 -41.11 -34.88
CA ALA G 108 -26.57 -40.69 -33.47
C ALA G 108 -27.45 -41.59 -32.57
N CYS G 109 -28.36 -42.38 -33.15
CA CYS G 109 -29.29 -43.27 -32.46
C CYS G 109 -28.58 -44.30 -31.54
N PRO G 110 -28.95 -44.41 -30.26
CA PRO G 110 -28.30 -45.30 -29.28
C PRO G 110 -28.51 -46.81 -29.50
N ASP G 111 -29.40 -47.23 -30.40
CA ASP G 111 -29.66 -48.64 -30.71
C ASP G 111 -28.78 -49.17 -31.87
N GLU G 112 -28.13 -48.30 -32.64
CA GLU G 112 -27.26 -48.70 -33.76
C GLU G 112 -25.87 -49.16 -33.29
N TYR G 113 -25.15 -48.30 -32.57
CA TYR G 113 -23.79 -48.54 -32.04
C TYR G 113 -23.76 -49.17 -30.62
N ALA G 114 -22.55 -49.50 -30.16
CA ALA G 114 -22.23 -50.04 -28.83
C ALA G 114 -21.05 -49.24 -28.26
N ILE G 115 -21.17 -48.68 -27.04
CA ILE G 115 -20.13 -47.86 -26.39
C ILE G 115 -19.54 -48.55 -25.16
N ILE G 116 -18.22 -48.44 -25.00
CA ILE G 116 -17.41 -48.94 -23.89
C ILE G 116 -16.51 -47.78 -23.45
N VAL G 117 -16.43 -47.54 -22.14
CA VAL G 117 -15.65 -46.34 -21.67
C VAL G 117 -14.71 -46.73 -20.54
N ILE G 118 -13.50 -46.18 -20.53
CA ILE G 118 -12.53 -46.43 -19.41
C ILE G 118 -12.20 -45.09 -18.77
N GLY G 119 -12.62 -44.87 -17.52
CA GLY G 119 -12.39 -43.58 -16.85
C GLY G 119 -13.69 -42.94 -16.41
N ARG G 120 -13.72 -42.38 -15.20
CA ARG G 120 -14.97 -41.78 -14.65
C ARG G 120 -15.39 -40.58 -15.51
N VAL G 121 -14.43 -39.75 -15.92
CA VAL G 121 -14.76 -38.52 -16.69
C VAL G 121 -15.46 -38.91 -18.00
N GLY G 122 -14.98 -39.97 -18.65
CA GLY G 122 -15.60 -40.42 -19.92
C GLY G 122 -17.05 -40.82 -19.72
N LEU G 123 -17.33 -41.59 -18.67
CA LEU G 123 -18.73 -42.01 -18.37
C LEU G 123 -19.57 -40.77 -18.03
N SER G 124 -19.14 -40.00 -17.03
CA SER G 124 -19.89 -38.81 -16.62
C SER G 124 -20.31 -37.99 -17.84
N PHE G 125 -19.43 -37.83 -18.83
CA PHE G 125 -19.74 -37.11 -20.06
C PHE G 125 -20.87 -37.83 -20.81
N PHE G 126 -20.73 -39.12 -21.13
CA PHE G 126 -21.78 -39.85 -21.85
C PHE G 126 -23.11 -39.87 -21.09
N ARG G 127 -23.11 -39.99 -19.76
CA ARG G 127 -24.35 -39.95 -18.96
C ARG G 127 -25.03 -38.58 -19.09
N LYS G 128 -24.30 -37.48 -18.99
CA LYS G 128 -24.84 -36.11 -19.16
C LYS G 128 -25.26 -35.85 -20.61
N ARG G 129 -24.63 -36.54 -21.58
CA ARG G 129 -24.91 -36.51 -23.02
C ARG G 129 -26.10 -37.41 -23.40
N ASN G 130 -26.71 -38.10 -22.42
CA ASN G 130 -27.82 -39.05 -22.57
C ASN G 130 -27.50 -40.27 -23.47
N MET G 131 -26.25 -40.72 -23.46
CA MET G 131 -25.75 -41.86 -24.24
C MET G 131 -25.46 -43.09 -23.34
N PRO G 132 -26.03 -44.27 -23.65
CA PRO G 132 -25.81 -45.50 -22.86
C PRO G 132 -24.46 -46.18 -23.16
N VAL G 133 -23.98 -47.00 -22.22
CA VAL G 133 -22.72 -47.77 -22.32
C VAL G 133 -22.96 -49.24 -21.95
N ILE G 134 -22.27 -50.17 -22.62
CA ILE G 134 -22.39 -51.62 -22.38
C ILE G 134 -21.43 -52.12 -21.29
N LEU G 135 -20.17 -51.69 -21.33
CA LEU G 135 -19.11 -52.05 -20.39
C LEU G 135 -18.48 -50.78 -19.79
N ASP G 136 -18.02 -50.88 -18.54
CA ASP G 136 -17.44 -49.78 -17.76
C ASP G 136 -16.32 -50.28 -16.82
N ILE G 137 -15.33 -49.43 -16.54
CA ILE G 137 -14.21 -49.69 -15.62
C ILE G 137 -13.66 -48.34 -15.14
N THR G 138 -13.52 -48.19 -13.82
CA THR G 138 -13.08 -46.95 -13.17
C THR G 138 -12.12 -47.20 -12.01
N ARG G 139 -11.47 -46.13 -11.54
CA ARG G 139 -10.50 -46.13 -10.44
C ARG G 139 -9.30 -47.06 -10.67
N LEU G 140 -8.85 -47.16 -11.92
CA LEU G 140 -7.69 -47.99 -12.27
C LEU G 140 -6.42 -47.36 -11.66
N PRO G 141 -5.43 -48.16 -11.23
CA PRO G 141 -4.21 -47.63 -10.64
C PRO G 141 -3.37 -46.87 -11.67
N ASP G 142 -2.62 -45.87 -11.23
CA ASP G 142 -1.76 -45.05 -12.11
C ASP G 142 -0.60 -45.85 -12.74
N GLN G 143 -0.36 -47.05 -12.23
CA GLN G 143 0.62 -48.06 -12.64
C GLN G 143 -0.14 -49.34 -13.02
N PRO G 144 -0.84 -49.37 -14.16
CA PRO G 144 -1.64 -50.52 -14.55
C PRO G 144 -0.82 -51.74 -14.95
N SER G 145 -1.28 -52.90 -14.51
CA SER G 145 -0.75 -54.22 -14.81
C SER G 145 -1.79 -54.96 -15.65
N PHE G 146 -1.38 -55.85 -16.55
CA PHE G 146 -2.33 -56.56 -17.44
C PHE G 146 -3.52 -57.19 -16.69
N ALA G 147 -3.28 -57.76 -15.50
CA ALA G 147 -4.31 -58.39 -14.67
C ALA G 147 -5.42 -57.41 -14.22
N ASP G 148 -5.17 -56.09 -14.22
CA ASP G 148 -6.15 -55.07 -13.84
C ASP G 148 -7.23 -54.85 -14.91
N ILE G 149 -6.89 -55.06 -16.18
CA ILE G 149 -7.81 -54.87 -17.32
C ILE G 149 -8.12 -56.16 -18.09
N LYS G 150 -7.56 -57.30 -17.67
CA LYS G 150 -7.77 -58.62 -18.28
C LYS G 150 -9.24 -58.98 -18.46
N GLU G 151 -10.10 -58.58 -17.52
CA GLU G 151 -11.55 -58.86 -17.58
C GLU G 151 -12.24 -58.06 -18.70
N ILE G 152 -12.10 -56.73 -18.74
CA ILE G 152 -12.72 -55.91 -19.79
C ILE G 152 -12.11 -56.21 -21.15
N ALA G 153 -10.81 -56.54 -21.21
CA ALA G 153 -10.14 -56.89 -22.45
C ALA G 153 -10.70 -58.23 -23.00
N ARG G 154 -10.81 -59.27 -22.16
CA ARG G 154 -11.37 -60.57 -22.57
C ARG G 154 -12.84 -60.42 -22.96
N LYS G 155 -13.63 -59.60 -22.25
CA LYS G 155 -15.04 -59.38 -22.56
C LYS G 155 -15.25 -58.58 -23.86
N THR G 156 -14.51 -57.50 -24.09
CA THR G 156 -14.63 -56.71 -25.33
C THR G 156 -14.31 -57.56 -26.55
N VAL G 157 -13.22 -58.34 -26.53
CA VAL G 157 -12.89 -59.22 -27.66
C VAL G 157 -13.94 -60.33 -27.77
N GLY G 158 -14.46 -60.82 -26.64
CA GLY G 158 -15.50 -61.85 -26.60
C GLY G 158 -16.80 -61.40 -27.27
N LEU G 159 -17.21 -60.13 -27.08
CA LEU G 159 -18.41 -59.60 -27.71
C LEU G 159 -18.29 -59.64 -29.25
N PHE G 160 -17.09 -59.44 -29.79
CA PHE G 160 -16.85 -59.55 -31.23
C PHE G 160 -16.82 -61.03 -31.65
N ALA G 161 -16.13 -61.89 -30.89
CA ALA G 161 -16.03 -63.33 -31.15
C ALA G 161 -17.41 -64.03 -31.15
N ASP G 162 -18.32 -63.56 -30.29
CA ASP G 162 -19.70 -64.05 -30.18
C ASP G 162 -20.62 -63.52 -31.31
N GLY G 163 -20.11 -62.66 -32.19
CA GLY G 163 -20.84 -62.08 -33.32
C GLY G 163 -21.77 -60.91 -32.96
N THR G 164 -21.66 -60.32 -31.77
CA THR G 164 -22.52 -59.19 -31.36
C THR G 164 -22.10 -57.86 -32.00
N PHE G 165 -20.84 -57.75 -32.44
CA PHE G 165 -20.27 -56.57 -33.12
C PHE G 165 -19.74 -56.98 -34.51
N ASP G 166 -19.96 -56.15 -35.53
CA ASP G 166 -19.45 -56.39 -36.88
C ASP G 166 -18.05 -55.78 -37.10
N GLU G 167 -17.75 -54.71 -36.36
CA GLU G 167 -16.48 -53.98 -36.37
C GLU G 167 -16.27 -53.31 -34.98
N LEU G 168 -15.02 -53.18 -34.52
CA LEU G 168 -14.69 -52.59 -33.21
C LEU G 168 -13.58 -51.53 -33.35
N TYR G 169 -13.83 -50.32 -32.82
CA TYR G 169 -12.92 -49.16 -32.88
C TYR G 169 -12.47 -48.67 -31.50
N MET G 170 -11.27 -48.09 -31.45
CA MET G 170 -10.62 -47.54 -30.26
C MET G 170 -10.30 -46.05 -30.47
N TYR G 171 -10.70 -45.21 -29.52
CA TYR G 171 -10.46 -43.77 -29.48
C TYR G 171 -9.63 -43.46 -28.22
N TYR G 172 -8.38 -43.05 -28.43
CA TYR G 172 -7.44 -42.75 -27.34
C TYR G 172 -6.31 -41.81 -27.78
N ASN G 173 -5.70 -41.09 -26.84
CA ASN G 173 -4.58 -40.20 -27.12
C ASN G 173 -3.25 -40.96 -27.21
N HIS G 174 -2.29 -40.46 -27.99
CA HIS G 174 -0.95 -41.07 -28.12
C HIS G 174 0.17 -40.08 -27.75
N TYR G 175 1.20 -40.59 -27.05
CA TYR G 175 2.37 -39.87 -26.56
C TYR G 175 3.41 -39.56 -27.67
N VAL G 176 2.98 -38.81 -28.68
CA VAL G 176 3.82 -38.42 -29.85
C VAL G 176 5.10 -37.70 -29.45
N SER G 177 5.05 -36.89 -28.39
CA SER G 177 6.17 -36.12 -27.84
C SER G 177 5.89 -35.74 -26.38
N ALA G 178 6.90 -35.26 -25.66
CA ALA G 178 6.78 -34.87 -24.26
C ALA G 178 5.82 -33.69 -23.99
N ILE G 179 5.45 -32.91 -25.01
CA ILE G 179 4.54 -31.75 -24.92
C ILE G 179 3.33 -31.84 -25.85
N GLN G 180 3.46 -32.38 -27.07
CA GLN G 180 2.34 -32.53 -27.99
C GLN G 180 1.91 -34.01 -28.07
N GLN G 181 0.61 -34.24 -27.85
CA GLN G 181 -0.08 -35.53 -27.92
C GLN G 181 -1.35 -35.31 -28.73
N GLU G 182 -1.81 -36.31 -29.49
CA GLU G 182 -2.99 -36.20 -30.34
C GLU G 182 -3.91 -37.41 -30.26
N VAL G 183 -5.19 -37.22 -30.56
CA VAL G 183 -6.20 -38.27 -30.56
C VAL G 183 -5.95 -39.21 -31.74
N THR G 184 -6.07 -40.51 -31.49
CA THR G 184 -5.87 -41.55 -32.51
C THR G 184 -7.10 -42.43 -32.58
N GLU G 185 -7.44 -42.84 -33.80
CA GLU G 185 -8.54 -43.75 -34.11
C GLU G 185 -7.98 -44.98 -34.84
N ARG G 186 -8.24 -46.17 -34.33
CA ARG G 186 -7.81 -47.47 -34.90
C ARG G 186 -8.88 -48.53 -34.65
N LYS G 187 -8.95 -49.56 -35.49
CA LYS G 187 -9.90 -50.66 -35.32
C LYS G 187 -9.20 -51.94 -34.84
N LEU G 188 -9.75 -52.55 -33.80
CA LEU G 188 -9.20 -53.74 -33.15
C LEU G 188 -9.52 -55.02 -33.95
N LEU G 189 -10.77 -55.18 -34.38
CA LEU G 189 -11.26 -56.31 -35.18
C LEU G 189 -12.30 -55.80 -36.22
N PRO G 190 -12.42 -56.45 -37.39
CA PRO G 190 -11.67 -57.63 -37.85
C PRO G 190 -10.22 -57.30 -38.22
N LEU G 191 -9.39 -58.33 -38.43
CA LEU G 191 -7.97 -58.18 -38.79
C LEU G 191 -7.86 -57.69 -40.25
N THR G 192 -7.26 -56.50 -40.45
CA THR G 192 -7.04 -55.88 -41.79
C THR G 192 -5.59 -55.48 -42.08
N ASP G 193 -4.74 -55.39 -41.06
CA ASP G 193 -3.34 -54.97 -41.17
C ASP G 193 -2.43 -56.14 -41.56
N LEU G 194 -2.63 -56.63 -42.79
CA LEU G 194 -1.88 -57.75 -43.40
C LEU G 194 -0.39 -57.44 -43.61
N ALA G 195 0.44 -58.47 -43.70
CA ALA G 195 1.89 -58.40 -43.92
C ALA G 195 2.39 -59.62 -44.73
N GLU G 196 3.53 -59.51 -45.41
CA GLU G 196 4.08 -60.57 -46.27
C GLU G 196 4.64 -61.78 -45.50
N ASN G 197 4.58 -62.96 -46.12
CA ASN G 197 5.08 -64.23 -45.57
C ASN G 197 6.61 -64.36 -45.72
N LYS G 198 7.36 -63.45 -45.07
CA LYS G 198 8.83 -63.35 -45.13
C LYS G 198 9.58 -64.46 -44.38
N GLN G 199 9.05 -64.93 -43.25
CA GLN G 199 9.62 -65.99 -42.40
C GLN G 199 8.53 -66.68 -41.56
N ARG G 200 8.80 -67.90 -41.07
CA ARG G 200 7.85 -68.67 -40.23
C ARG G 200 8.51 -69.20 -38.96
N THR G 201 7.83 -69.03 -37.83
CA THR G 201 8.27 -69.48 -36.49
C THR G 201 7.81 -70.93 -36.20
N VAL G 202 8.47 -71.61 -35.26
CA VAL G 202 8.17 -73.01 -34.87
C VAL G 202 6.82 -73.12 -34.12
N TYR G 203 6.03 -74.15 -34.43
CA TYR G 203 4.72 -74.39 -33.81
C TYR G 203 4.32 -75.89 -33.88
N GLU G 204 3.39 -76.31 -33.01
CA GLU G 204 2.90 -77.70 -32.94
C GLU G 204 2.04 -78.09 -34.17
N PHE G 205 2.19 -79.32 -34.67
CA PHE G 205 1.47 -79.81 -35.86
C PHE G 205 0.07 -80.41 -35.60
N GLU G 206 -0.23 -80.85 -34.37
CA GLU G 206 -1.52 -81.48 -34.02
C GLU G 206 -2.76 -80.56 -33.91
N PRO G 207 -2.71 -79.35 -33.31
CA PRO G 207 -3.90 -78.51 -33.15
C PRO G 207 -4.35 -77.82 -34.45
N SER G 208 -5.66 -77.71 -34.66
CA SER G 208 -6.27 -77.06 -35.83
C SER G 208 -6.06 -75.54 -35.77
N GLN G 209 -5.94 -74.91 -36.95
CA GLN G 209 -5.72 -73.46 -37.11
C GLN G 209 -6.77 -72.57 -36.44
N GLU G 210 -8.06 -72.96 -36.49
CA GLU G 210 -9.15 -72.19 -35.87
C GLU G 210 -9.04 -72.15 -34.35
N GLU G 211 -8.77 -73.29 -33.71
CA GLU G 211 -8.63 -73.40 -32.25
C GLU G 211 -7.41 -72.62 -31.75
N CYS G 212 -6.38 -72.46 -32.60
CA CYS G 212 -5.19 -71.68 -32.27
C CYS G 212 -5.51 -70.18 -32.36
N LEU G 213 -6.08 -69.73 -33.49
CA LEU G 213 -6.48 -68.34 -33.71
C LEU G 213 -7.44 -67.85 -32.63
N ASP G 214 -8.38 -68.69 -32.19
CA ASP G 214 -9.37 -68.39 -31.13
C ASP G 214 -8.73 -68.12 -29.74
N VAL G 215 -7.41 -68.28 -29.60
CA VAL G 215 -6.65 -68.06 -28.35
C VAL G 215 -5.55 -67.03 -28.57
N LEU G 216 -4.65 -67.27 -29.53
CA LEU G 216 -3.52 -66.36 -29.78
C LEU G 216 -3.94 -64.99 -30.32
N LEU G 217 -4.93 -64.90 -31.21
CA LEU G 217 -5.34 -63.60 -31.74
C LEU G 217 -6.04 -62.73 -30.67
N PRO G 218 -6.93 -63.25 -29.80
CA PRO G 218 -7.46 -62.50 -28.67
C PRO G 218 -6.35 -62.05 -27.71
N GLN G 219 -5.30 -62.86 -27.49
CA GLN G 219 -4.18 -62.44 -26.65
C GLN G 219 -3.50 -61.21 -27.27
N TYR G 220 -3.34 -61.18 -28.59
CA TYR G 220 -2.79 -60.00 -29.27
C TYR G 220 -3.69 -58.80 -29.05
N ALA G 221 -5.00 -58.93 -29.28
CA ALA G 221 -5.93 -57.82 -29.09
C ALA G 221 -5.90 -57.30 -27.64
N GLU G 222 -5.88 -58.21 -26.67
CA GLU G 222 -5.81 -57.86 -25.25
C GLU G 222 -4.49 -57.15 -24.94
N SER G 223 -3.38 -57.60 -25.54
CA SER G 223 -2.09 -56.95 -25.36
C SER G 223 -2.12 -55.56 -25.99
N LEU G 224 -2.79 -55.40 -27.15
CA LEU G 224 -2.90 -54.11 -27.81
C LEU G 224 -3.74 -53.14 -26.96
N ILE G 225 -4.79 -53.63 -26.29
CA ILE G 225 -5.59 -52.81 -25.37
C ILE G 225 -4.66 -52.32 -24.24
N TYR G 226 -3.80 -53.21 -23.71
CA TYR G 226 -2.85 -52.81 -22.67
C TYR G 226 -1.83 -51.79 -23.21
N GLY G 227 -1.38 -51.94 -24.46
CA GLY G 227 -0.46 -51.00 -25.09
C GLY G 227 -1.10 -49.62 -25.22
N ALA G 228 -2.35 -49.56 -25.68
CA ALA G 228 -3.09 -48.31 -25.78
C ALA G 228 -3.25 -47.68 -24.39
N LEU G 229 -3.53 -48.48 -23.36
CA LEU G 229 -3.66 -48.00 -21.99
C LEU G 229 -2.31 -47.46 -21.50
N LEU G 230 -1.20 -48.14 -21.75
CA LEU G 230 0.13 -47.67 -21.36
C LEU G 230 0.41 -46.31 -22.02
N ASP G 231 0.09 -46.15 -23.30
CA ASP G 231 0.28 -44.89 -24.01
C ASP G 231 -0.68 -43.82 -23.44
N ALA G 232 -1.89 -44.20 -23.05
CA ALA G 232 -2.86 -43.32 -22.43
C ALA G 232 -2.31 -42.85 -21.08
N LYS G 233 -1.74 -43.74 -20.26
CA LYS G 233 -1.17 -43.33 -18.97
C LYS G 233 -0.01 -42.38 -19.18
N ALA G 234 0.88 -42.65 -20.13
CA ALA G 234 2.01 -41.77 -20.42
C ALA G 234 1.51 -40.40 -20.87
N SER G 235 0.56 -40.35 -21.79
CA SER G 235 -0.01 -39.09 -22.27
C SER G 235 -0.81 -38.39 -21.16
N GLU G 236 -1.51 -39.10 -20.27
CA GLU G 236 -2.25 -38.49 -19.16
C GLU G 236 -1.32 -37.83 -18.17
N HIS G 237 -0.27 -38.53 -17.75
CA HIS G 237 0.71 -38.02 -16.80
C HIS G 237 1.47 -36.84 -17.42
N ALA G 238 1.78 -36.90 -18.71
CA ALA G 238 2.46 -35.81 -19.41
C ALA G 238 1.53 -34.61 -19.58
N ALA G 239 0.25 -34.84 -19.89
CA ALA G 239 -0.75 -33.80 -20.04
C ALA G 239 -1.00 -33.12 -18.69
N ARG G 240 -1.18 -33.87 -17.60
CA ARG G 240 -1.40 -33.30 -16.27
C ARG G 240 -0.19 -32.51 -15.80
N MET G 241 1.02 -33.00 -16.10
CA MET G 241 2.28 -32.33 -15.78
C MET G 241 2.41 -31.02 -16.56
N THR G 242 2.27 -31.05 -17.89
CA THR G 242 2.38 -29.83 -18.73
C THR G 242 1.26 -28.83 -18.44
N ALA G 243 0.02 -29.29 -18.21
CA ALA G 243 -1.09 -28.41 -17.87
C ALA G 243 -0.83 -27.76 -16.51
N MET G 244 -0.45 -28.53 -15.48
CA MET G 244 -0.18 -27.98 -14.15
C MET G 244 1.07 -27.09 -14.13
N LYS G 245 2.01 -27.26 -15.08
CA LYS G 245 3.18 -26.38 -15.23
C LYS G 245 2.70 -25.02 -15.73
N ASN G 246 1.86 -25.00 -16.76
CA ASN G 246 1.28 -23.75 -17.29
C ASN G 246 0.41 -23.08 -16.22
N ALA G 247 -0.39 -23.84 -15.48
CA ALA G 247 -1.23 -23.31 -14.40
C ALA G 247 -0.37 -22.69 -13.30
N THR G 248 0.74 -23.34 -12.92
CA THR G 248 1.67 -22.80 -11.92
C THR G 248 2.32 -21.52 -12.44
N ASP G 249 2.69 -21.48 -13.72
CA ASP G 249 3.27 -20.29 -14.34
C ASP G 249 2.27 -19.13 -14.34
N ASN G 250 1.00 -19.41 -14.69
CA ASN G 250 -0.10 -18.43 -14.70
C ASN G 250 -0.32 -17.89 -13.28
N ALA G 251 -0.33 -18.78 -12.29
CA ALA G 251 -0.51 -18.38 -10.90
C ALA G 251 0.60 -17.43 -10.45
N ASN G 252 1.84 -17.68 -10.85
CA ASN G 252 2.97 -16.83 -10.48
C ASN G 252 2.90 -15.44 -11.13
N GLU G 253 2.54 -15.29 -12.40
CA GLU G 253 2.43 -13.95 -12.99
C GLU G 253 1.26 -13.17 -12.32
N LEU G 254 0.19 -13.89 -11.98
CA LEU G 254 -0.94 -13.28 -11.29
C LEU G 254 -0.51 -12.85 -9.88
N ILE G 255 0.27 -13.66 -9.16
CA ILE G 255 0.79 -13.31 -7.84
C ILE G 255 1.74 -12.11 -7.96
N ARG G 256 2.61 -12.06 -8.98
CA ARG G 256 3.55 -10.94 -9.20
C ARG G 256 2.81 -9.63 -9.41
N THR G 257 1.89 -9.63 -10.37
CA THR G 257 1.09 -8.44 -10.70
C THR G 257 0.23 -7.98 -9.51
N LEU G 258 -0.45 -8.91 -8.82
CA LEU G 258 -1.24 -8.57 -7.63
C LEU G 258 -0.34 -7.98 -6.56
N THR G 259 0.84 -8.57 -6.30
CA THR G 259 1.79 -8.09 -5.28
C THR G 259 2.26 -6.66 -5.59
N LEU G 260 2.55 -6.32 -6.85
CA LEU G 260 2.92 -4.96 -7.22
C LEU G 260 1.76 -3.99 -6.94
N SER G 261 0.51 -4.39 -7.19
CA SER G 261 -0.65 -3.56 -6.88
C SER G 261 -0.85 -3.41 -5.37
N TYR G 262 -0.62 -4.47 -4.58
CA TYR G 262 -0.69 -4.45 -3.11
C TYR G 262 0.38 -3.49 -2.56
N ASN G 263 1.62 -3.62 -3.06
CA ASN G 263 2.72 -2.75 -2.67
C ASN G 263 2.40 -1.29 -3.04
N ARG G 264 1.93 -1.01 -4.26
CA ARG G 264 1.59 0.37 -4.65
C ARG G 264 0.46 0.95 -3.82
N ALA G 265 -0.62 0.18 -3.58
CA ALA G 265 -1.72 0.65 -2.75
C ALA G 265 -1.27 0.97 -1.31
N ARG G 266 -0.44 0.11 -0.70
CA ARG G 266 0.09 0.29 0.66
C ARG G 266 1.10 1.43 0.73
N GLN G 267 2.04 1.50 -0.22
CA GLN G 267 3.06 2.56 -0.28
C GLN G 267 2.44 3.93 -0.55
N ALA G 268 1.40 4.00 -1.39
CA ALA G 268 0.70 5.25 -1.67
C ALA G 268 0.00 5.78 -0.42
N ALA G 269 -0.62 4.89 0.36
CA ALA G 269 -1.30 5.25 1.59
C ALA G 269 -0.33 5.72 2.70
N ILE G 270 0.84 5.08 2.85
CA ILE G 270 1.84 5.46 3.86
C ILE G 270 2.36 6.89 3.67
N THR G 271 2.73 7.32 2.46
CA THR G 271 3.25 8.68 2.25
C THR G 271 2.18 9.75 2.54
N GLN G 272 0.88 9.43 2.42
CA GLN G 272 -0.18 10.38 2.74
C GLN G 272 -0.25 10.57 4.27
N GLU G 273 -0.18 9.50 5.06
CA GLU G 273 -0.21 9.57 6.54
C GLU G 273 0.96 10.44 7.04
N ILE G 274 2.14 10.28 6.44
CA ILE G 274 3.32 11.09 6.78
C ILE G 274 3.04 12.58 6.47
N THR G 275 2.33 12.86 5.37
CA THR G 275 1.95 14.23 4.97
C THR G 275 0.97 14.84 5.97
N GLU G 276 0.04 14.05 6.53
CA GLU G 276 -0.92 14.52 7.53
C GLU G 276 -0.23 14.89 8.85
N ILE G 277 0.82 14.15 9.24
CA ILE G 277 1.62 14.44 10.44
C ILE G 277 2.33 15.79 10.28
N VAL G 278 2.87 16.07 9.10
CA VAL G 278 3.55 17.32 8.79
C VAL G 278 2.57 18.49 8.86
N ALA G 279 1.45 18.40 8.14
CA ALA G 279 0.43 19.45 8.13
C ALA G 279 -0.17 19.67 9.52
N GLY G 280 -0.51 18.59 10.23
CA GLY G 280 -1.08 18.63 11.57
C GLY G 280 -0.15 19.30 12.57
N ALA G 281 1.14 18.95 12.58
CA ALA G 281 2.11 19.57 13.49
C ALA G 281 2.37 21.05 13.18
N ASN G 282 2.39 21.44 11.90
CA ASN G 282 2.59 22.82 11.47
C ASN G 282 1.36 23.71 11.77
N ALA G 283 0.18 23.13 11.97
CA ALA G 283 -1.08 23.83 12.23
C ALA G 283 -1.24 24.38 13.65
N LEU G 284 -0.49 23.89 14.66
CA LEU G 284 -0.59 24.30 16.08
C LEU G 284 -0.19 25.77 16.30
MG MG H . -28.33 2.14 9.53
PG ATP I . -26.63 1.38 6.69
O1G ATP I . -27.29 1.88 7.94
O2G ATP I . -26.97 2.32 5.60
O3G ATP I . -25.16 1.38 6.84
PB ATP I . -27.05 -1.28 7.27
O1B ATP I . -25.73 -1.96 7.20
O2B ATP I . -27.36 -0.97 8.68
O3B ATP I . -27.12 -0.05 6.29
PA ATP I . -29.64 -2.14 6.88
O1A ATP I . -30.22 -0.80 6.66
O2A ATP I . -30.02 -2.63 8.22
O3A ATP I . -28.10 -2.25 6.61
O5' ATP I . -30.10 -3.17 5.73
C5' ATP I . -29.75 -2.87 4.36
C4' ATP I . -30.64 -3.66 3.38
O4' ATP I . -30.49 -5.08 3.62
C3' ATP I . -32.15 -3.36 3.56
O3' ATP I . -32.79 -3.24 2.28
C2' ATP I . -32.67 -4.60 4.28
O2' ATP I . -34.06 -4.82 4.04
C1' ATP I . -31.77 -5.71 3.72
N9 ATP I . -31.64 -6.87 4.59
C8 ATP I . -31.07 -6.91 5.86
N7 ATP I . -31.11 -8.13 6.43
C5 ATP I . -31.76 -8.85 5.48
C6 ATP I . -32.13 -10.19 5.51
N6 ATP I . -31.85 -11.00 6.55
N1 ATP I . -32.82 -10.74 4.54
C2 ATP I . -33.09 -9.96 3.49
N3 ATP I . -32.73 -8.67 3.33
C4 ATP I . -32.09 -8.13 4.37
P PO4 J . -7.76 -9.94 24.38
O1 PO4 J . -8.62 -10.52 23.37
O2 PO4 J . -6.54 -10.73 24.25
O3 PO4 J . -8.47 -10.50 25.52
O4 PO4 J . -7.73 -8.47 24.43
MG MG K . -8.16 -12.06 24.43
PB ADP L . -8.27 -14.60 24.62
O1B ADP L . -7.10 -15.25 23.98
O2B ADP L . -7.79 -13.60 25.61
O3B ADP L . -8.88 -13.68 23.63
PA ADP L . -10.01 -15.61 26.50
O1A ADP L . -9.32 -16.31 27.59
O2A ADP L . -10.47 -14.24 26.89
O3A ADP L . -9.27 -15.68 25.12
O5' ADP L . -11.30 -16.44 26.02
C5' ADP L . -11.15 -17.81 25.68
C4' ADP L . -12.54 -18.50 25.60
O4' ADP L . -12.43 -19.72 24.82
C3' ADP L . -13.10 -18.95 26.98
O3' ADP L . -13.97 -18.01 27.57
C2' ADP L . -13.79 -20.27 26.68
O2' ADP L . -15.09 -20.03 26.13
C1' ADP L . -12.86 -20.87 25.58
N9 ADP L . -11.71 -21.62 26.09
C8 ADP L . -10.40 -21.19 26.33
N7 ADP L . -9.61 -22.14 26.87
C5 ADP L . -10.46 -23.21 26.89
C6 ADP L . -10.18 -24.51 27.28
N6 ADP L . -9.01 -24.90 27.80
N1 ADP L . -11.08 -25.47 27.20
C2 ADP L . -12.28 -25.10 26.70
N3 ADP L . -12.64 -23.87 26.31
C4 ADP L . -11.69 -22.94 26.42
PB ADP M . -18.80 12.47 -16.36
O1B ADP M . -18.97 11.26 -15.54
O2B ADP M . -19.80 13.47 -15.94
O3B ADP M . -17.50 13.08 -16.10
PA ADP M . -19.97 12.63 -18.83
O1A ADP M . -21.32 12.09 -18.62
O2A ADP M . -20.00 14.12 -18.72
O3A ADP M . -18.91 12.06 -17.85
O5' ADP M . -19.30 12.15 -20.17
C5' ADP M . -19.43 10.78 -20.52
C4' ADP M . -18.55 10.47 -21.73
O4' ADP M . -18.53 9.06 -22.01
C3' ADP M . -19.04 11.12 -23.04
O3' ADP M . -17.92 11.50 -23.82
C2' ADP M . -19.78 10.00 -23.78
O2' ADP M . -19.37 9.92 -25.15
C1' ADP M . -19.48 8.70 -23.03
N9 ADP M . -20.67 8.05 -22.46
C8 ADP M . -21.12 8.08 -21.14
N7 ADP M . -22.36 7.59 -21.01
C5 ADP M . -22.63 7.16 -22.27
C6 ADP M . -23.74 6.49 -22.75
N6 ADP M . -24.81 6.21 -21.99
N1 ADP M . -23.83 6.06 -23.99
C2 ADP M . -22.76 6.30 -24.75
N3 ADP M . -21.65 6.98 -24.40
C4 ADP M . -21.63 7.40 -23.14
MG MG N . -20.43 14.83 -17.00
#